data_9EHM
#
_entry.id   9EHM
#
_cell.length_a   1.00
_cell.length_b   1.00
_cell.length_c   1.00
_cell.angle_alpha   90.00
_cell.angle_beta   90.00
_cell.angle_gamma   90.00
#
_symmetry.space_group_name_H-M   'P 1'
#
loop_
_entity.id
_entity.type
_entity.pdbx_description
1 polymer 'HIV-1 BG505 SOSIP gp120,Envelope glycoprotein gp120'
2 polymer 'HIV-1 BG505 SOSIP gp41'
3 polymer 'IOMAmin5 Fab Heavy Chain'
4 polymer 'IOMAmin5 Fab Light Chain'
5 polymer '10-1074 Fab Heavy Chain'
6 polymer '10-1074 Fab Light Chain'
7 branched 2-acetamido-2-deoxy-beta-D-glucopyranose-(1-4)-2-acetamido-2-deoxy-beta-D-glucopyranose
8 branched beta-D-mannopyranose-(1-3)-alpha-D-mannopyranose-(1-4)-2-acetamido-2-deoxy-beta-D-glucopyranose-(1-4)-2-acetamido-2-deoxy-beta-D-glucopyranose
9 branched beta-D-mannopyranose-(1-3)-beta-D-mannopyranose-(1-4)-2-acetamido-2-deoxy-beta-D-glucopyranose-(1-4)-2-acetamido-2-deoxy-beta-D-glucopyranose
10 branched alpha-D-mannopyranose-(1-3)-beta-D-mannopyranose-(1-4)-2-acetamido-2-deoxy-beta-D-glucopyranose-(1-4)-2-acetamido-2-deoxy-beta-D-glucopyranose
11 branched alpha-D-mannopyranose-(1-4)-2-acetamido-2-deoxy-beta-D-glucopyranose-(1-4)-2-acetamido-2-deoxy-beta-D-glucopyranose
12 branched beta-D-mannopyranose-(1-2)-alpha-D-mannopyranose-(1-3)-[beta-D-mannopyranose-(1-6)]beta-D-mannopyranose-(1-4)-2-acetamido-2-deoxy-beta-D-glucopyranose-(1-4)-2-acetamido-2-deoxy-beta-D-glucopyranose
13 non-polymer 2-acetamido-2-deoxy-beta-D-glucopyranose
#
loop_
_entity_poly.entity_id
_entity_poly.type
_entity_poly.pdbx_seq_one_letter_code
_entity_poly.pdbx_strand_id
1 'polypeptide(L)'
;MDAMKRGLCCVLLLCGAVFVSPAGAGSNLWVTVYYGVPVWKDAETTLFCASDAKAYETEKHNVWATHACVPTDPNPQEIH
LENVTEEFNMWKNNMVEQMHTDIISLWDQSLKPCVKLTPLCVTLQCTNVTNNITDDMRGELKNCSFNMTTELRDKKQKVY
SLFYRLDVVQINENQGNRSNNSNKEYRLINCNTSAITQACPKVSFEPIPIHYCAPAGFAILKCKDKKFNGTGPCPSVSTV
QCTHGIKPVVSTQLLLNGSLAEEEVMIRSENITNNAKNILVQFNTPVQINCTRPNNNTRKSIRIGPGQAFYATGDIIGDI
RQAHCNVSKATWNETLGKVVKQLRKHFGNNTIIRFANSSGGDLEVTTHSFNCGGEFFYCNTSGLFNSTWISNTSVQGSNS
TGSNDSITLPCRIKQIINMWQRIGQAMYAPPIQGVIRCVSNITGLILTRDGGSTNSTTETFRPGGGDMRDNWRSELYKYK
VVKIEPLGVAPTRCKRRVVGRRRRRR
;
A,B,C
2 'polypeptide(L)'
;AVGIGAVFLGFLGAAGSTMGAASMTLTVQARNLLSGIVQQQSNLLRAPEAQQHLLKLTVWGIKQLQARVLAVERYLRDQQ
LLGIWGCSGKLICCTNVPWNSSWSNRNLSEIWDNMTWLQWDKEISNYTQIIYGLLEESQNQQEKNEQDLLALD
;
D,E,F
3 'polypeptide(L)'
;QVQLVQSGAQVKKPGASVTVSCTASGYTFTGYHMHWVRQAPGQGLEWMGWINPFRGAVKYAQKFRGRVSMTRDTSIEIFY
MELSRLRSDDTAVYYCAREMFDSSADWSPWRGMVAWGQGTLVTVSSAS
;
H,I
4 'polypeptide(L)'
;QSALTQPASVSGSPGQSITISCTGSSRDVGGFDLVSWYQQHPGKAPKLMIYEVSKRPSGVSNRFSASKSGNTASLTISGL
QAEDEADYYCYSYADGVAFGGGTKLTVLGQP
;
K,L
5 'polypeptide(L)'
;QVQLQESGPGLVKPSETLSVTCSVSGDSMNNYYWTWIRQSPGKGLEWIGYISDRESATYNPSLNSRVVISRDTSKNQLSL
KLNSVTPADTAVYYCATARRGQRIYGVVSFGEFFYYYSMDVWGKGTTVTVSSAS
;
M,N,O
6 'polypeptide(L)'
;YVRPLSVALGETARISCGRQALGSRAVQWYQHRPGQAPILLIYNNQDRPSGIPERFSGTPDINFGTRATLTISGVEAGDE
ADYYCHMWDSRSGFSWSFGGATRLTVLGQP
;
P,Q,R
#
loop_
_chem_comp.id
_chem_comp.type
_chem_comp.name
_chem_comp.formula
BMA D-saccharide, beta linking beta-D-mannopyranose 'C6 H12 O6'
MAN D-saccharide, alpha linking alpha-D-mannopyranose 'C6 H12 O6'
NAG D-saccharide, beta linking 2-acetamido-2-deoxy-beta-D-glucopyranose 'C8 H15 N O6'
#
# COMPACT_ATOMS: atom_id res chain seq x y z
N ASN A 28 8.50 -29.25 65.92
CA ASN A 28 8.32 -29.62 64.51
C ASN A 28 8.52 -28.41 63.61
N LEU A 29 8.66 -28.67 62.30
CA LEU A 29 8.81 -27.64 61.30
C LEU A 29 7.74 -27.80 60.23
N TRP A 30 7.26 -26.69 59.68
CA TRP A 30 6.16 -26.71 58.73
C TRP A 30 6.49 -25.81 57.56
N VAL A 31 5.97 -26.16 56.38
CA VAL A 31 6.28 -25.42 55.17
C VAL A 31 5.41 -24.17 55.07
N THR A 32 6.02 -23.07 54.61
CA THR A 32 5.32 -21.83 54.34
C THR A 32 5.90 -21.23 53.06
N VAL A 33 5.05 -20.68 52.22
CA VAL A 33 5.54 -20.04 51.00
C VAL A 33 5.50 -18.54 51.19
N TYR A 34 6.41 -17.85 50.52
CA TYR A 34 6.57 -16.40 50.67
C TYR A 34 6.37 -15.74 49.32
N TYR A 35 5.52 -14.72 49.30
CA TYR A 35 5.33 -13.91 48.10
C TYR A 35 6.22 -12.68 48.17
N GLY A 36 6.85 -12.36 47.05
CA GLY A 36 7.81 -11.28 47.02
C GLY A 36 9.23 -11.67 47.35
N VAL A 37 9.56 -12.96 47.25
CA VAL A 37 10.95 -13.37 47.50
C VAL A 37 11.84 -12.85 46.37
N PRO A 38 12.93 -12.17 46.70
CA PRO A 38 13.82 -11.61 45.65
C PRO A 38 14.73 -12.67 45.03
N VAL A 39 14.19 -13.37 44.03
CA VAL A 39 14.92 -14.40 43.30
C VAL A 39 14.92 -14.03 41.82
N TRP A 40 16.10 -14.09 41.21
CA TRP A 40 16.24 -13.87 39.78
C TRP A 40 16.64 -15.17 39.09
N LYS A 41 16.38 -15.21 37.78
CA LYS A 41 16.78 -16.34 36.96
C LYS A 41 17.02 -15.84 35.54
N ASP A 42 18.05 -16.39 34.90
CA ASP A 42 18.35 -16.01 33.53
C ASP A 42 17.20 -16.41 32.61
N ALA A 43 16.79 -15.48 31.76
CA ALA A 43 15.67 -15.72 30.85
C ALA A 43 15.75 -14.74 29.69
N GLU A 44 14.97 -15.04 28.65
CA GLU A 44 14.87 -14.18 27.47
C GLU A 44 13.49 -13.56 27.42
N THR A 45 13.44 -12.26 27.15
CA THR A 45 12.17 -11.56 27.03
C THR A 45 12.37 -10.33 26.16
N THR A 46 11.28 -9.86 25.58
CA THR A 46 11.32 -8.66 24.75
C THR A 46 11.51 -7.43 25.63
N LEU A 47 12.43 -6.56 25.25
CA LEU A 47 12.74 -5.35 26.00
C LEU A 47 12.31 -4.14 25.20
N PHE A 48 11.42 -3.33 25.77
CA PHE A 48 11.01 -2.09 25.14
C PHE A 48 12.06 -1.02 25.43
N CYS A 49 11.81 0.20 24.99
CA CYS A 49 12.80 1.26 25.04
C CYS A 49 12.31 2.42 25.91
N ALA A 50 13.22 3.33 26.21
CA ALA A 50 12.90 4.60 26.86
C ALA A 50 13.86 5.64 26.33
N SER A 51 13.34 6.82 25.99
CA SER A 51 14.16 7.88 25.42
C SER A 51 13.99 9.16 26.22
N ASP A 52 15.00 10.02 26.13
CA ASP A 52 14.90 11.35 26.71
C ASP A 52 13.79 12.14 26.03
N ALA A 53 12.99 12.82 26.84
CA ALA A 53 11.86 13.57 26.33
C ALA A 53 12.22 15.04 26.10
N THR A 58 13.11 17.76 20.91
CA THR A 58 11.65 17.83 21.15
C THR A 58 11.00 18.59 20.01
N GLU A 59 10.06 17.95 19.31
CA GLU A 59 9.35 18.60 18.18
C GLU A 59 10.40 19.28 17.26
N LYS A 60 11.52 18.61 17.02
CA LYS A 60 12.59 19.18 16.16
C LYS A 60 12.43 18.66 14.72
N HIS A 61 12.82 17.41 14.48
CA HIS A 61 12.71 16.81 13.11
C HIS A 61 12.67 15.28 13.24
N ASN A 62 12.47 14.61 12.10
CA ASN A 62 12.39 13.12 12.10
C ASN A 62 13.79 12.55 12.38
N VAL A 63 13.88 11.51 13.20
CA VAL A 63 15.19 10.85 13.50
C VAL A 63 15.07 9.36 13.19
N TRP A 64 16.11 8.78 12.58
CA TRP A 64 16.08 7.33 12.22
C TRP A 64 15.82 6.51 13.47
N ALA A 65 16.38 6.91 14.62
CA ALA A 65 16.23 6.15 15.87
C ALA A 65 15.04 6.70 16.68
N THR A 66 14.70 6.04 17.79
CA THR A 66 13.60 6.50 18.66
C THR A 66 12.35 6.73 17.84
N HIS A 67 11.88 5.70 17.14
CA HIS A 67 10.62 5.81 16.35
C HIS A 67 9.46 6.06 17.32
N ALA A 68 9.34 5.21 18.34
CA ALA A 68 8.24 5.36 19.34
C ALA A 68 8.74 4.84 20.69
N CYS A 69 9.39 5.70 21.47
CA CYS A 69 9.97 5.26 22.77
C CYS A 69 9.28 5.96 23.94
N VAL A 70 8.42 5.26 24.69
CA VAL A 70 7.84 5.88 25.92
C VAL A 70 8.93 6.69 26.64
N PRO A 71 8.65 7.95 27.05
CA PRO A 71 9.66 8.79 27.72
C PRO A 71 10.30 8.07 28.90
N THR A 72 11.59 8.35 29.10
CA THR A 72 12.33 7.71 30.17
C THR A 72 11.99 8.32 31.52
N ASP A 73 12.34 7.60 32.58
CA ASP A 73 12.19 8.14 33.92
C ASP A 73 13.16 9.29 34.12
N PRO A 74 12.70 10.44 34.62
CA PRO A 74 13.63 11.57 34.81
C PRO A 74 14.79 11.27 35.73
N ASN A 75 14.57 10.48 36.79
CA ASN A 75 15.60 10.17 37.77
C ASN A 75 15.64 8.68 38.04
N PRO A 76 16.16 7.88 37.12
CA PRO A 76 16.39 6.46 37.41
C PRO A 76 17.50 6.31 38.44
N GLN A 77 17.40 5.25 39.24
CA GLN A 77 18.39 4.98 40.28
C GLN A 77 18.97 3.59 40.08
N GLU A 78 20.28 3.48 40.26
CA GLU A 78 20.97 2.19 40.22
C GLU A 78 21.02 1.64 41.64
N ILE A 79 19.95 0.94 42.01
CA ILE A 79 19.86 0.39 43.36
C ILE A 79 20.96 -0.63 43.56
N HIS A 80 21.86 -0.35 44.50
CA HIS A 80 23.04 -1.16 44.73
C HIS A 80 22.71 -2.28 45.70
N LEU A 81 23.15 -3.49 45.36
CA LEU A 81 22.96 -4.67 46.20
C LEU A 81 24.25 -5.02 46.90
N GLU A 82 24.12 -5.66 48.06
CA GLU A 82 25.26 -6.11 48.84
C GLU A 82 25.06 -7.56 49.24
N ASN A 83 26.17 -8.30 49.40
CA ASN A 83 26.08 -9.77 49.60
C ASN A 83 25.50 -10.33 48.30
N VAL A 84 25.98 -9.82 47.16
CA VAL A 84 25.39 -10.22 45.88
C VAL A 84 26.50 -10.66 44.93
N THR A 85 26.22 -11.69 44.14
CA THR A 85 27.17 -12.22 43.17
C THR A 85 26.40 -12.91 42.06
N GLU A 86 26.75 -12.60 40.80
CA GLU A 86 26.05 -13.14 39.65
C GLU A 86 27.05 -13.55 38.57
N GLU A 87 26.76 -14.66 37.91
CA GLU A 87 27.60 -15.19 36.82
C GLU A 87 27.19 -14.51 35.52
N PHE A 88 28.01 -13.60 35.04
CA PHE A 88 27.72 -12.85 33.82
C PHE A 88 28.25 -13.56 32.58
N ASN A 89 27.77 -13.13 31.42
CA ASN A 89 28.27 -13.62 30.14
C ASN A 89 27.89 -12.59 29.08
N MET A 90 28.88 -11.90 28.52
CA MET A 90 28.63 -10.89 27.51
C MET A 90 28.73 -11.42 26.09
N TRP A 91 28.94 -12.72 25.92
CA TRP A 91 28.93 -13.35 24.61
C TRP A 91 27.65 -14.12 24.33
N LYS A 92 27.07 -14.74 25.36
CA LYS A 92 25.76 -15.36 25.27
C LYS A 92 24.66 -14.36 25.58
N ASN A 93 25.03 -13.11 25.82
CA ASN A 93 24.04 -12.07 26.14
C ASN A 93 23.04 -11.93 25.01
N ASN A 94 21.78 -12.25 25.31
CA ASN A 94 20.70 -12.12 24.34
C ASN A 94 20.28 -10.68 24.11
N MET A 95 20.77 -9.74 24.93
CA MET A 95 20.45 -8.33 24.73
C MET A 95 20.93 -7.82 23.38
N VAL A 96 22.16 -8.18 22.98
CA VAL A 96 22.72 -7.62 21.76
C VAL A 96 22.00 -8.14 20.53
N GLU A 97 21.60 -9.41 20.52
CA GLU A 97 20.84 -9.93 19.38
C GLU A 97 19.50 -9.20 19.25
N GLN A 98 18.81 -9.00 20.38
CA GLN A 98 17.55 -8.28 20.35
C GLN A 98 17.74 -6.87 19.84
N MET A 99 18.76 -6.16 20.32
CA MET A 99 18.96 -4.78 19.92
C MET A 99 19.37 -4.69 18.45
N HIS A 100 20.15 -5.66 17.97
CA HIS A 100 20.53 -5.68 16.56
C HIS A 100 19.30 -5.87 15.68
N THR A 101 18.45 -6.85 16.02
CA THR A 101 17.23 -7.05 15.25
C THR A 101 16.34 -5.82 15.30
N ASP A 102 16.29 -5.15 16.45
CA ASP A 102 15.45 -3.96 16.59
C ASP A 102 15.97 -2.82 15.71
N ILE A 103 17.28 -2.63 15.67
CA ILE A 103 17.84 -1.60 14.82
C ILE A 103 17.56 -1.92 13.35
N ILE A 104 17.70 -3.20 12.98
CA ILE A 104 17.39 -3.61 11.61
C ILE A 104 15.95 -3.26 11.26
N SER A 105 15.02 -3.61 12.15
CA SER A 105 13.61 -3.37 11.88
C SER A 105 13.30 -1.88 11.82
N LEU A 106 13.91 -1.09 12.71
CA LEU A 106 13.74 0.36 12.70
C LEU A 106 14.21 0.96 11.39
N TRP A 107 15.41 0.57 10.95
CA TRP A 107 15.94 1.05 9.68
C TRP A 107 15.01 0.69 8.53
N ASP A 108 14.53 -0.56 8.50
CA ASP A 108 13.61 -0.98 7.45
C ASP A 108 12.34 -0.13 7.46
N GLN A 109 11.70 0.01 8.63
CA GLN A 109 10.39 0.65 8.67
C GLN A 109 10.50 2.13 8.34
N SER A 110 11.61 2.77 8.68
CA SER A 110 11.73 4.17 8.33
C SER A 110 12.17 4.36 6.88
N LEU A 111 12.83 3.36 6.27
CA LEU A 111 13.18 3.46 4.86
C LEU A 111 11.96 3.29 3.96
N LYS A 112 10.90 2.65 4.46
CA LYS A 112 9.74 2.35 3.63
C LYS A 112 9.04 3.59 3.08
N PRO A 113 8.63 4.57 3.89
CA PRO A 113 7.76 5.64 3.36
C PRO A 113 8.46 6.62 2.43
N CYS A 114 9.79 6.64 2.41
CA CYS A 114 10.50 7.61 1.57
C CYS A 114 10.60 7.11 0.13
N VAL A 115 11.28 7.88 -0.71
CA VAL A 115 11.17 7.72 -2.16
C VAL A 115 11.98 6.53 -2.63
N LYS A 116 11.36 5.70 -3.46
CA LYS A 116 12.06 4.63 -4.16
C LYS A 116 12.72 5.20 -5.41
N LEU A 117 13.95 4.75 -5.69
CA LEU A 117 14.74 5.24 -6.81
C LEU A 117 14.88 4.22 -7.92
N THR A 118 13.82 3.48 -8.21
CA THR A 118 13.89 2.50 -9.29
C THR A 118 14.08 3.11 -10.67
N PRO A 119 13.67 4.35 -10.97
CA PRO A 119 13.99 4.90 -12.30
C PRO A 119 15.42 5.40 -12.44
N LEU A 120 16.18 5.50 -11.35
CA LEU A 120 17.57 5.95 -11.44
C LEU A 120 18.45 4.94 -12.17
N CYS A 121 18.05 3.68 -12.22
CA CYS A 121 18.80 2.69 -12.98
C CYS A 121 18.63 2.99 -14.47
N VAL A 122 19.66 3.60 -15.05
CA VAL A 122 19.65 3.98 -16.46
C VAL A 122 21.10 4.06 -16.90
N THR A 123 21.33 4.06 -18.20
CA THR A 123 22.68 4.18 -18.73
C THR A 123 23.22 5.58 -18.43
N LEU A 124 24.07 5.69 -17.42
CA LEU A 124 24.67 6.97 -17.05
C LEU A 124 25.82 7.27 -17.99
N GLN A 125 25.62 8.19 -18.92
CA GLN A 125 26.71 8.69 -19.76
C GLN A 125 27.55 9.61 -18.91
N CYS A 126 28.58 9.06 -18.28
CA CYS A 126 29.34 9.75 -17.24
C CYS A 126 30.77 10.00 -17.71
N THR A 127 31.24 11.21 -17.47
CA THR A 127 32.60 11.62 -17.79
C THR A 127 33.31 12.03 -16.50
N ASN A 128 34.64 12.19 -16.62
CA ASN A 128 35.45 12.61 -15.46
C ASN A 128 35.10 14.05 -15.08
N VAL A 129 34.90 14.31 -13.79
CA VAL A 129 34.61 15.66 -13.31
C VAL A 129 35.81 16.56 -13.58
N THR A 130 35.57 17.87 -13.57
CA THR A 130 36.65 18.82 -13.76
C THR A 130 37.64 18.73 -12.60
N ASN A 131 38.90 18.46 -12.95
CA ASN A 131 39.94 18.30 -11.94
C ASN A 131 41.34 18.52 -12.53
N GLY A 139 40.19 10.32 -9.45
CA GLY A 139 38.77 9.99 -9.49
C GLY A 139 38.00 10.57 -8.31
N GLU A 140 37.30 9.70 -7.59
CA GLU A 140 36.52 10.02 -6.40
C GLU A 140 35.37 10.98 -6.68
N LEU A 141 35.16 11.36 -7.94
CA LEU A 141 34.06 12.27 -8.27
C LEU A 141 33.79 12.13 -9.77
N LYS A 142 32.58 11.74 -10.12
CA LYS A 142 32.19 11.51 -11.50
C LYS A 142 30.98 12.36 -11.84
N ASN A 143 31.12 13.12 -12.94
CA ASN A 143 29.99 13.95 -13.44
C ASN A 143 29.23 13.11 -14.47
N CYS A 144 28.02 12.68 -14.12
CA CYS A 144 27.23 11.80 -14.97
C CYS A 144 26.00 12.55 -15.48
N SER A 145 25.77 12.49 -16.79
CA SER A 145 24.55 12.98 -17.40
C SER A 145 23.72 11.78 -17.87
N PHE A 146 22.44 11.78 -17.53
CA PHE A 146 21.60 10.62 -17.76
C PHE A 146 20.18 11.10 -18.08
N ASN A 147 19.27 10.12 -18.15
CA ASN A 147 17.86 10.45 -18.47
C ASN A 147 16.97 10.19 -17.27
N MET A 148 15.83 10.88 -17.20
CA MET A 148 14.88 10.75 -16.11
C MET A 148 13.48 10.98 -16.65
N THR A 149 12.51 10.28 -16.08
CA THR A 149 11.11 10.50 -16.44
C THR A 149 10.56 11.66 -15.62
N THR A 150 10.04 12.67 -16.31
CA THR A 150 9.52 13.86 -15.64
C THR A 150 8.12 13.55 -15.09
N GLU A 151 7.40 14.59 -14.68
CA GLU A 151 6.07 14.39 -14.14
C GLU A 151 5.15 13.73 -15.15
N LEU A 152 5.23 14.15 -16.41
CA LEU A 152 4.46 13.54 -17.49
C LEU A 152 5.26 12.39 -18.07
N ARG A 153 4.63 11.21 -18.14
CA ARG A 153 5.34 10.03 -18.62
C ARG A 153 5.78 10.17 -20.08
N ASP A 154 5.04 10.95 -20.88
CA ASP A 154 5.41 11.14 -22.28
C ASP A 154 6.78 11.81 -22.40
N LYS A 155 6.95 12.94 -21.71
CA LYS A 155 8.18 13.70 -21.85
C LYS A 155 9.28 13.12 -20.98
N LYS A 156 10.52 13.44 -21.36
CA LYS A 156 11.71 13.05 -20.60
C LYS A 156 12.64 14.25 -20.48
N GLN A 157 13.40 14.28 -19.40
CA GLN A 157 14.29 15.38 -19.11
C GLN A 157 15.73 14.88 -18.99
N LYS A 158 16.67 15.77 -19.30
CA LYS A 158 18.09 15.47 -19.26
C LYS A 158 18.70 16.19 -18.06
N VAL A 159 19.20 15.42 -17.10
CA VAL A 159 19.75 15.97 -15.87
C VAL A 159 21.12 15.36 -15.61
N TYR A 160 21.89 16.03 -14.76
CA TYR A 160 23.23 15.61 -14.43
C TYR A 160 23.43 15.62 -12.92
N SER A 161 24.37 14.78 -12.47
CA SER A 161 24.69 14.68 -11.05
C SER A 161 26.16 14.34 -10.89
N LEU A 162 26.69 14.62 -9.72
CA LEU A 162 28.09 14.35 -9.40
C LEU A 162 28.12 13.13 -8.48
N PHE A 163 28.13 11.94 -9.09
CA PHE A 163 28.28 10.72 -8.31
C PHE A 163 29.74 10.51 -7.93
N TYR A 164 29.96 9.53 -7.06
CA TYR A 164 31.31 9.19 -6.63
C TYR A 164 31.78 7.92 -7.32
N ARG A 165 33.11 7.74 -7.33
CA ARG A 165 33.69 6.59 -8.02
C ARG A 165 33.20 5.28 -7.43
N LEU A 166 33.14 5.19 -6.11
CA LEU A 166 32.66 3.98 -5.46
C LEU A 166 31.15 3.79 -5.62
N ASP A 167 30.44 4.80 -6.10
CA ASP A 167 28.99 4.72 -6.22
C ASP A 167 28.53 4.22 -7.59
N VAL A 168 29.39 4.24 -8.59
CA VAL A 168 29.03 3.81 -9.93
C VAL A 168 30.08 2.83 -10.44
N VAL A 169 29.66 1.98 -11.38
CA VAL A 169 30.55 1.05 -12.06
C VAL A 169 30.28 1.13 -13.55
N GLN A 170 31.30 0.81 -14.34
CA GLN A 170 31.21 0.93 -15.78
C GLN A 170 30.56 -0.32 -16.39
N ILE A 171 29.77 -0.10 -17.44
CA ILE A 171 29.16 -1.17 -18.20
C ILE A 171 29.76 -1.18 -19.60
N ASN A 172 30.13 -2.36 -20.08
CA ASN A 172 30.80 -2.47 -21.37
C ASN A 172 30.19 -3.58 -22.21
N SER A 182 33.12 6.50 -28.15
CA SER A 182 32.08 6.20 -27.17
C SER A 182 32.61 6.30 -25.75
N ASN A 183 31.98 7.13 -24.94
CA ASN A 183 32.39 7.30 -23.55
C ASN A 183 32.07 6.04 -22.75
N LYS A 184 32.52 6.02 -21.49
CA LYS A 184 32.30 4.88 -20.61
C LYS A 184 30.97 5.06 -19.91
N GLU A 185 29.94 4.36 -20.39
CA GLU A 185 28.63 4.41 -19.75
C GLU A 185 28.71 3.73 -18.39
N TYR A 186 28.16 4.39 -17.37
CA TYR A 186 28.15 3.85 -16.02
C TYR A 186 26.71 3.57 -15.58
N ARG A 187 26.61 2.95 -14.41
CA ARG A 187 25.35 2.75 -13.73
C ARG A 187 25.65 2.45 -12.27
N LEU A 188 24.61 2.53 -11.44
CA LEU A 188 24.81 2.44 -9.99
C LEU A 188 25.38 1.08 -9.61
N ILE A 189 26.21 1.07 -8.56
CA ILE A 189 26.87 -0.15 -8.14
C ILE A 189 25.85 -1.16 -7.61
N ASN A 190 24.86 -0.69 -6.86
CA ASN A 190 23.78 -1.54 -6.38
C ASN A 190 22.50 -1.36 -7.19
N CYS A 191 22.64 -0.95 -8.45
CA CYS A 191 21.51 -0.87 -9.37
C CYS A 191 20.76 -2.19 -9.51
N ASN A 192 21.47 -3.30 -9.38
CA ASN A 192 20.84 -4.63 -9.61
C ASN A 192 20.81 -5.43 -8.30
N THR A 193 21.91 -5.46 -7.56
CA THR A 193 21.94 -6.30 -6.37
C THR A 193 20.92 -5.88 -5.33
N SER A 194 20.34 -4.69 -5.47
CA SER A 194 19.34 -4.20 -4.54
C SER A 194 18.49 -3.16 -5.24
N ALA A 195 17.35 -2.84 -4.64
CA ALA A 195 16.48 -1.79 -5.11
C ALA A 195 16.85 -0.49 -4.41
N ILE A 196 17.23 0.52 -5.17
CA ILE A 196 17.70 1.77 -4.60
C ILE A 196 16.53 2.53 -4.01
N THR A 197 16.64 2.88 -2.74
CA THR A 197 15.64 3.67 -2.05
C THR A 197 16.31 4.88 -1.43
N GLN A 198 15.84 6.08 -1.78
CA GLN A 198 16.42 7.31 -1.28
C GLN A 198 15.85 7.59 0.10
N ALA A 199 16.72 7.70 1.10
CA ALA A 199 16.27 8.12 2.41
C ALA A 199 15.70 9.53 2.31
N CYS A 200 14.42 9.69 2.57
CA CYS A 200 13.80 11.00 2.47
C CYS A 200 14.41 11.94 3.50
N PRO A 201 14.92 13.11 3.08
CA PRO A 201 15.82 13.89 3.94
C PRO A 201 15.18 14.48 5.17
N LYS A 202 13.86 14.37 5.34
CA LYS A 202 13.24 14.87 6.56
C LYS A 202 13.75 14.11 7.77
N VAL A 203 14.21 12.88 7.57
CA VAL A 203 14.77 12.10 8.67
C VAL A 203 16.24 12.48 8.87
N SER A 204 16.71 12.28 10.10
CA SER A 204 18.12 12.46 10.43
C SER A 204 18.66 11.16 10.99
N PHE A 205 19.97 10.97 10.85
CA PHE A 205 20.64 9.74 11.25
C PHE A 205 21.36 9.88 12.59
N GLU A 206 21.02 10.91 13.35
CA GLU A 206 21.74 11.17 14.59
C GLU A 206 21.53 10.04 15.58
N PRO A 207 22.59 9.45 16.12
CA PRO A 207 22.41 8.41 17.15
C PRO A 207 21.91 9.01 18.45
N ILE A 208 20.64 8.78 18.76
CA ILE A 208 20.02 9.36 19.94
C ILE A 208 20.22 8.41 21.11
N PRO A 209 20.52 8.90 22.31
CA PRO A 209 20.59 8.01 23.48
C PRO A 209 19.27 7.27 23.70
N ILE A 210 19.36 5.95 23.77
CA ILE A 210 18.20 5.08 23.89
C ILE A 210 18.40 4.19 25.11
N HIS A 211 17.35 4.06 25.92
CA HIS A 211 17.40 3.28 27.15
C HIS A 211 16.56 2.03 26.92
N TYR A 212 17.21 0.86 26.91
CA TYR A 212 16.48 -0.40 26.76
C TYR A 212 16.03 -0.87 28.13
N CYS A 213 14.72 -0.83 28.38
CA CYS A 213 14.15 -1.09 29.69
C CYS A 213 13.30 -2.35 29.64
N ALA A 214 13.59 -3.29 30.55
CA ALA A 214 12.83 -4.53 30.61
C ALA A 214 11.41 -4.27 31.09
N PRO A 215 10.47 -5.14 30.74
CA PRO A 215 9.08 -4.94 31.17
C PRO A 215 8.92 -5.15 32.67
N ALA A 216 7.71 -4.90 33.14
CA ALA A 216 7.37 -5.13 34.53
C ALA A 216 7.54 -6.62 34.86
N GLY A 217 8.01 -6.89 36.08
CA GLY A 217 8.35 -8.24 36.45
C GLY A 217 9.73 -8.69 36.00
N PHE A 218 10.49 -7.80 35.37
CA PHE A 218 11.86 -8.09 34.94
C PHE A 218 12.78 -7.00 35.44
N ALA A 219 13.97 -7.39 35.88
CA ALA A 219 14.97 -6.46 36.38
C ALA A 219 16.24 -6.57 35.56
N ILE A 220 16.96 -5.45 35.46
CA ILE A 220 18.21 -5.39 34.70
C ILE A 220 19.36 -5.30 35.70
N LEU A 221 20.29 -6.25 35.60
CA LEU A 221 21.43 -6.32 36.50
C LEU A 221 22.62 -5.59 35.87
N LYS A 222 23.03 -4.48 36.49
CA LYS A 222 24.18 -3.72 36.03
C LYS A 222 25.39 -4.10 36.87
N CYS A 223 26.43 -4.61 36.21
CA CYS A 223 27.67 -4.98 36.90
C CYS A 223 28.55 -3.74 36.97
N LYS A 224 28.74 -3.21 38.17
CA LYS A 224 29.39 -1.93 38.38
C LYS A 224 30.78 -2.05 38.99
N ASP A 225 31.37 -3.25 38.97
CA ASP A 225 32.73 -3.41 39.46
C ASP A 225 33.73 -2.84 38.46
N LYS A 226 34.87 -2.38 38.97
CA LYS A 226 35.85 -1.71 38.14
C LYS A 226 36.62 -2.71 37.27
N LYS A 227 37.01 -3.85 37.84
CA LYS A 227 37.75 -4.87 37.11
C LYS A 227 36.80 -5.99 36.70
N PHE A 228 36.25 -5.85 35.50
CA PHE A 228 35.23 -6.76 34.99
C PHE A 228 35.68 -7.32 33.65
N ASN A 229 36.01 -8.62 33.60
CA ASN A 229 36.54 -9.20 32.34
C ASN A 229 35.39 -9.56 31.38
N GLY A 230 34.15 -9.60 31.87
CA GLY A 230 33.03 -9.91 31.01
C GLY A 230 32.37 -11.25 31.27
N THR A 231 33.05 -12.15 31.98
CA THR A 231 32.49 -13.44 32.32
C THR A 231 32.99 -13.85 33.70
N GLY A 232 32.07 -14.18 34.60
CA GLY A 232 32.43 -14.57 35.94
C GLY A 232 31.63 -13.82 36.99
N PRO A 233 31.95 -14.06 38.26
CA PRO A 233 31.22 -13.40 39.35
C PRO A 233 31.37 -11.88 39.28
N CYS A 234 30.30 -11.18 39.62
CA CYS A 234 30.30 -9.73 39.66
C CYS A 234 30.18 -9.26 41.10
N PRO A 235 31.26 -8.79 41.72
CA PRO A 235 31.17 -8.35 43.13
C PRO A 235 30.20 -7.21 43.34
N SER A 236 30.05 -6.31 42.37
CA SER A 236 29.23 -5.11 42.52
C SER A 236 28.10 -5.16 41.50
N VAL A 237 26.97 -5.76 41.90
CA VAL A 237 25.76 -5.81 41.09
C VAL A 237 24.80 -4.75 41.62
N SER A 238 24.39 -3.83 40.76
CA SER A 238 23.46 -2.78 41.13
C SER A 238 22.24 -2.84 40.23
N THR A 239 21.07 -3.03 40.82
CA THR A 239 19.84 -3.11 40.06
C THR A 239 19.38 -1.73 39.61
N VAL A 240 18.99 -1.64 38.35
CA VAL A 240 18.50 -0.40 37.76
C VAL A 240 17.28 -0.71 36.93
N GLN A 241 16.41 0.30 36.76
CA GLN A 241 15.28 0.15 35.85
C GLN A 241 15.77 -0.23 34.46
N CYS A 242 16.81 0.43 33.97
CA CYS A 242 17.40 0.13 32.68
C CYS A 242 18.67 0.96 32.49
N THR A 243 19.29 0.79 31.32
CA THR A 243 20.63 1.27 31.04
C THR A 243 20.66 2.80 30.97
N HIS A 244 21.86 3.32 30.68
CA HIS A 244 22.05 4.74 30.47
C HIS A 244 21.75 5.10 29.02
N GLY A 245 21.99 6.36 28.66
CA GLY A 245 21.76 6.80 27.31
C GLY A 245 22.74 6.18 26.32
N ILE A 246 22.24 5.32 25.44
CA ILE A 246 23.08 4.55 24.52
C ILE A 246 22.86 5.06 23.11
N LYS A 247 23.95 5.41 22.43
CA LYS A 247 23.89 5.90 21.06
C LYS A 247 24.07 4.74 20.11
N PRO A 248 23.09 4.39 19.29
CA PRO A 248 23.26 3.28 18.34
C PRO A 248 24.15 3.68 17.17
N VAL A 249 25.43 3.94 17.45
CA VAL A 249 26.35 4.39 16.42
C VAL A 249 26.63 3.27 15.44
N VAL A 250 26.85 3.63 14.19
CA VAL A 250 27.22 2.70 13.14
C VAL A 250 28.70 2.92 12.84
N SER A 251 29.52 1.92 13.16
CA SER A 251 30.95 2.06 12.96
C SER A 251 31.61 0.69 12.98
N THR A 252 32.68 0.56 12.20
CA THR A 252 33.50 -0.64 12.16
C THR A 252 34.95 -0.23 12.14
N GLN A 253 35.79 -0.98 12.86
CA GLN A 253 37.21 -0.77 13.11
C GLN A 253 37.46 0.32 14.15
N LEU A 254 36.44 1.04 14.58
CA LEU A 254 36.57 2.03 15.65
C LEU A 254 35.23 2.12 16.37
N LEU A 255 35.23 1.85 17.67
CA LEU A 255 34.00 1.85 18.46
C LEU A 255 33.74 3.27 18.96
N LEU A 256 33.23 4.10 18.05
CA LEU A 256 32.96 5.49 18.38
C LEU A 256 31.85 5.58 19.42
N ASN A 257 31.94 6.59 20.30
CA ASN A 257 30.84 6.89 21.26
C ASN A 257 30.45 5.73 22.19
N GLY A 258 31.27 4.69 22.32
CA GLY A 258 30.97 3.67 23.29
C GLY A 258 31.30 4.14 24.68
N SER A 259 30.84 3.36 25.66
CA SER A 259 31.16 3.66 27.05
C SER A 259 32.65 3.41 27.30
N LEU A 260 33.32 4.42 27.86
CA LEU A 260 34.74 4.31 28.14
C LEU A 260 34.96 3.53 29.43
N ALA A 261 36.10 2.82 29.49
CA ALA A 261 36.43 2.06 30.69
C ALA A 261 36.63 3.01 31.87
N GLU A 262 36.27 2.52 33.06
CA GLU A 262 36.32 3.36 34.25
C GLU A 262 37.75 3.76 34.58
N GLU A 263 38.66 2.79 34.63
CA GLU A 263 40.05 3.06 35.03
C GLU A 263 41.03 2.80 33.90
N GLU A 264 41.05 1.61 33.32
CA GLU A 264 42.08 1.21 32.38
C GLU A 264 41.46 0.49 31.19
N VAL A 265 42.10 0.63 30.02
CA VAL A 265 41.57 0.04 28.79
C VAL A 265 41.38 -1.46 28.97
N MET A 266 40.14 -1.90 28.85
CA MET A 266 39.78 -3.30 29.06
C MET A 266 39.72 -4.03 27.73
N ILE A 267 40.26 -5.25 27.71
CA ILE A 267 40.27 -6.10 26.53
C ILE A 267 39.49 -7.37 26.85
N ARG A 268 38.53 -7.70 25.99
CA ARG A 268 37.61 -8.80 26.25
C ARG A 268 37.50 -9.70 25.03
N SER A 269 37.23 -10.98 25.30
CA SER A 269 36.93 -11.97 24.26
C SER A 269 36.42 -13.22 24.94
N GLU A 270 35.92 -14.15 24.15
CA GLU A 270 35.43 -15.41 24.69
C GLU A 270 36.47 -16.53 24.58
N ASN A 271 37.32 -16.47 23.55
CA ASN A 271 38.45 -17.44 23.42
C ASN A 271 39.68 -16.66 22.99
N ILE A 272 40.52 -16.24 23.95
CA ILE A 272 41.68 -15.40 23.65
C ILE A 272 42.56 -16.07 22.61
N THR A 273 42.78 -17.38 22.76
CA THR A 273 43.69 -18.10 21.87
C THR A 273 43.16 -18.16 20.43
N ASN A 274 41.87 -18.36 20.25
CA ASN A 274 41.31 -18.56 18.92
C ASN A 274 41.36 -17.26 18.13
N ASN A 275 41.86 -17.34 16.90
CA ASN A 275 41.98 -16.17 16.04
C ASN A 275 40.72 -15.89 15.22
N ALA A 276 39.91 -16.92 14.94
CA ALA A 276 38.72 -16.72 14.14
C ALA A 276 37.67 -15.87 14.84
N LYS A 277 37.78 -15.71 16.15
CA LYS A 277 36.85 -14.90 16.93
C LYS A 277 37.54 -13.59 17.31
N ASN A 278 36.86 -12.48 17.05
CA ASN A 278 37.48 -11.16 17.17
C ASN A 278 37.73 -10.80 18.63
N ILE A 279 38.69 -9.90 18.84
CA ILE A 279 39.03 -9.40 20.17
C ILE A 279 38.32 -8.07 20.38
N LEU A 280 37.86 -7.84 21.60
CA LEU A 280 37.17 -6.60 21.95
C LEU A 280 38.06 -5.74 22.82
N VAL A 281 38.28 -4.50 22.39
CA VAL A 281 39.10 -3.54 23.12
C VAL A 281 38.25 -2.31 23.41
N GLN A 282 38.24 -1.86 24.66
CA GLN A 282 37.46 -0.72 25.09
C GLN A 282 38.38 0.28 25.79
N PHE A 283 38.51 1.47 25.20
CA PHE A 283 39.41 2.49 25.72
C PHE A 283 38.91 3.02 27.06
N ASN A 284 39.83 3.64 27.81
CA ASN A 284 39.51 4.37 29.02
C ASN A 284 39.52 5.87 28.81
N THR A 285 40.52 6.39 28.11
CA THR A 285 40.69 7.80 27.79
C THR A 285 40.16 8.08 26.40
N PRO A 286 39.28 9.06 26.24
CA PRO A 286 38.76 9.37 24.90
C PRO A 286 39.85 9.83 23.95
N VAL A 287 39.71 9.44 22.70
CA VAL A 287 40.68 9.75 21.64
C VAL A 287 39.97 10.65 20.65
N GLN A 288 40.09 11.96 20.82
CA GLN A 288 39.40 12.90 19.95
C GLN A 288 39.81 12.70 18.51
N ILE A 289 38.82 12.59 17.62
CA ILE A 289 39.06 12.39 16.20
C ILE A 289 38.33 13.47 15.43
N ASN A 290 39.07 14.20 14.57
CA ASN A 290 38.47 15.35 13.85
C ASN A 290 38.47 15.14 12.34
N CYS A 291 37.29 14.92 11.74
CA CYS A 291 37.18 14.83 10.30
C CYS A 291 35.89 15.42 9.77
N THR A 292 35.90 15.74 8.48
CA THR A 292 34.92 16.59 7.84
C THR A 292 34.72 16.12 6.41
N ARG A 293 33.80 16.78 5.71
CA ARG A 293 33.70 16.67 4.26
C ARG A 293 33.94 18.06 3.70
N PRO A 294 35.20 18.44 3.46
CA PRO A 294 35.49 19.84 3.11
C PRO A 294 34.86 20.29 1.80
N ASN A 295 34.47 19.38 0.92
CA ASN A 295 33.78 19.77 -0.30
C ASN A 295 32.46 20.43 0.04
N ASN A 296 32.22 21.58 -0.59
CA ASN A 296 30.93 22.32 -0.40
C ASN A 296 29.99 21.90 -1.52
N ASN A 297 29.15 20.89 -1.25
CA ASN A 297 28.23 20.36 -2.24
C ASN A 297 26.93 21.16 -2.27
N THR A 298 26.32 21.21 -3.45
CA THR A 298 25.03 21.84 -3.65
C THR A 298 24.02 20.77 -4.05
N ARG A 299 22.88 20.74 -3.36
CA ARG A 299 21.86 19.74 -3.60
C ARG A 299 20.87 20.24 -4.64
N LYS A 300 20.63 19.42 -5.66
CA LYS A 300 19.67 19.72 -6.72
C LYS A 300 18.53 18.72 -6.64
N SER A 301 17.30 19.23 -6.62
CA SER A 301 16.11 18.40 -6.48
C SER A 301 15.56 18.11 -7.88
N ILE A 302 15.84 16.91 -8.38
CA ILE A 302 15.36 16.50 -9.69
C ILE A 302 14.08 15.70 -9.53
N ARG A 303 13.01 16.15 -10.18
CA ARG A 303 11.74 15.45 -10.13
C ARG A 303 11.80 14.20 -11.00
N ILE A 304 11.33 13.08 -10.47
CA ILE A 304 11.38 11.81 -11.18
C ILE A 304 9.99 11.20 -11.34
N GLY A 305 8.93 11.96 -11.04
CA GLY A 305 7.59 11.46 -11.21
C GLY A 305 6.56 12.24 -10.43
N PRO A 306 5.35 11.70 -10.32
CA PRO A 306 4.27 12.40 -9.64
C PRO A 306 4.44 12.42 -8.13
N GLY A 307 5.27 13.34 -7.63
CA GLY A 307 5.47 13.48 -6.21
C GLY A 307 6.73 12.83 -5.66
N GLN A 308 7.48 12.13 -6.49
CA GLN A 308 8.73 11.52 -6.08
C GLN A 308 9.89 12.38 -6.53
N ALA A 309 10.79 12.70 -5.61
CA ALA A 309 11.93 13.56 -5.89
C ALA A 309 13.23 12.82 -5.56
N PHE A 310 14.19 12.90 -6.47
CA PHE A 310 15.51 12.31 -6.28
C PHE A 310 16.51 13.45 -6.13
N TYR A 311 17.18 13.50 -4.99
CA TYR A 311 18.10 14.59 -4.68
C TYR A 311 19.51 14.23 -5.11
N ALA A 312 20.12 15.09 -5.92
CA ALA A 312 21.43 14.84 -6.48
C ALA A 312 22.33 16.04 -6.24
N THR A 313 23.63 15.77 -6.20
CA THR A 313 24.62 16.82 -6.00
C THR A 313 24.73 17.69 -7.23
N GLY A 314 24.70 19.01 -7.03
CA GLY A 314 25.01 19.95 -8.08
C GLY A 314 26.50 20.19 -8.17
N ASP A 315 26.87 21.24 -8.88
CA ASP A 315 28.28 21.60 -9.01
C ASP A 315 28.85 21.96 -7.64
N ILE A 316 30.06 21.48 -7.36
CA ILE A 316 30.72 21.73 -6.09
C ILE A 316 31.25 23.17 -6.13
N ILE A 317 30.65 24.05 -5.33
CA ILE A 317 31.10 25.44 -5.25
C ILE A 317 32.32 25.49 -4.35
N GLY A 318 33.49 25.70 -4.94
CA GLY A 318 34.71 25.79 -4.17
C GLY A 318 35.78 24.83 -4.60
N ASP A 319 36.72 24.52 -3.69
CA ASP A 319 37.83 23.64 -3.99
C ASP A 319 37.39 22.18 -3.89
N ILE A 320 37.89 21.36 -4.80
CA ILE A 320 37.59 19.93 -4.79
C ILE A 320 38.53 19.25 -3.81
N ARG A 321 37.97 18.56 -2.82
CA ARG A 321 38.74 17.93 -1.75
C ARG A 321 38.13 16.57 -1.44
N GLN A 322 38.61 15.93 -0.38
CA GLN A 322 38.15 14.60 0.01
C GLN A 322 38.02 14.51 1.52
N ALA A 323 37.24 13.52 1.96
CA ALA A 323 37.09 13.28 3.40
C ALA A 323 38.30 12.53 3.94
N HIS A 324 38.62 12.81 5.21
CA HIS A 324 39.82 12.29 5.84
C HIS A 324 39.83 12.65 7.32
N CYS A 325 40.06 11.65 8.18
CA CYS A 325 39.98 11.87 9.64
C CYS A 325 41.38 12.10 10.24
N ASN A 326 41.51 13.09 11.12
CA ASN A 326 42.81 13.40 11.77
C ASN A 326 42.77 12.96 13.24
N VAL A 327 43.79 12.23 13.70
CA VAL A 327 43.86 11.79 15.12
C VAL A 327 45.19 12.26 15.71
N SER A 328 45.18 12.78 16.95
CA SER A 328 46.39 13.30 17.55
C SER A 328 47.40 12.18 17.76
N LYS A 329 48.64 12.41 17.31
CA LYS A 329 49.65 11.35 17.37
C LYS A 329 50.00 11.00 18.80
N ALA A 330 50.11 12.00 19.68
CA ALA A 330 50.53 11.73 21.05
C ALA A 330 49.45 10.97 21.83
N THR A 331 48.21 11.43 21.77
CA THR A 331 47.13 10.76 22.49
C THR A 331 46.90 9.36 21.94
N TRP A 332 46.90 9.22 20.62
CA TRP A 332 46.72 7.89 20.03
C TRP A 332 47.87 6.97 20.42
N ASN A 333 49.09 7.51 20.42
CA ASN A 333 50.28 6.69 20.78
C ASN A 333 50.13 6.21 22.23
N GLU A 334 49.80 7.12 23.15
CA GLU A 334 49.73 6.72 24.56
C GLU A 334 48.58 5.75 24.81
N THR A 335 47.45 5.93 24.12
CA THR A 335 46.38 4.95 24.23
C THR A 335 46.81 3.60 23.69
N LEU A 336 47.55 3.59 22.57
CA LEU A 336 48.07 2.34 22.04
C LEU A 336 49.06 1.70 23.01
N GLY A 337 49.86 2.52 23.69
CA GLY A 337 50.73 1.98 24.71
C GLY A 337 49.97 1.33 25.84
N LYS A 338 48.89 1.97 26.29
CA LYS A 338 48.06 1.36 27.33
C LYS A 338 47.46 0.05 26.85
N VAL A 339 46.94 0.02 25.63
CA VAL A 339 46.28 -1.20 25.16
C VAL A 339 47.30 -2.33 24.99
N VAL A 340 48.49 -2.02 24.48
CA VAL A 340 49.48 -3.08 24.30
C VAL A 340 49.99 -3.57 25.65
N LYS A 341 50.16 -2.66 26.62
CA LYS A 341 50.56 -3.08 27.95
C LYS A 341 49.53 -4.02 28.56
N GLN A 342 48.25 -3.70 28.40
CA GLN A 342 47.23 -4.55 29.00
C GLN A 342 47.04 -5.86 28.25
N LEU A 343 47.19 -5.88 26.92
CA LEU A 343 47.05 -7.12 26.18
C LEU A 343 48.28 -8.02 26.31
N ARG A 344 49.42 -7.47 26.74
CA ARG A 344 50.54 -8.34 27.09
C ARG A 344 50.20 -9.26 28.25
N LYS A 345 49.18 -8.92 29.05
CA LYS A 345 48.73 -9.80 30.12
C LYS A 345 48.02 -11.04 29.59
N HIS A 346 47.48 -10.98 28.37
CA HIS A 346 46.71 -12.08 27.81
C HIS A 346 47.55 -13.02 26.94
N PHE A 347 48.62 -12.52 26.32
CA PHE A 347 49.48 -13.33 25.46
C PHE A 347 50.90 -13.31 26.02
N GLY A 348 51.22 -14.33 26.81
CA GLY A 348 52.57 -14.47 27.34
C GLY A 348 52.90 -13.40 28.37
N ASN A 349 54.20 -13.26 28.63
CA ASN A 349 54.71 -12.24 29.53
C ASN A 349 55.28 -11.05 28.77
N ASN A 350 56.14 -11.31 27.78
CA ASN A 350 56.68 -10.25 26.93
C ASN A 350 56.75 -10.78 25.51
N THR A 351 56.24 -9.99 24.56
CA THR A 351 56.15 -10.43 23.18
C THR A 351 56.05 -9.21 22.27
N ILE A 352 56.40 -9.41 21.00
CA ILE A 352 56.30 -8.35 20.00
C ILE A 352 54.83 -8.24 19.57
N ILE A 353 54.29 -7.03 19.67
CA ILE A 353 52.92 -6.74 19.24
C ILE A 353 53.00 -5.76 18.09
N ARG A 354 52.60 -6.18 16.91
CA ARG A 354 52.69 -5.38 15.70
C ARG A 354 51.29 -5.00 15.23
N PHE A 355 50.98 -3.71 15.30
CA PHE A 355 49.73 -3.19 14.77
C PHE A 355 49.87 -2.99 13.26
N ALA A 356 48.92 -3.55 12.52
CA ALA A 356 48.91 -3.44 11.07
C ALA A 356 47.49 -3.10 10.61
N ASN A 357 47.41 -2.68 9.36
CA ASN A 357 46.09 -2.36 8.77
C ASN A 357 45.29 -3.66 8.67
N SER A 358 44.02 -3.56 8.29
CA SER A 358 43.14 -4.72 8.24
C SER A 358 43.61 -5.70 7.17
N SER A 359 43.02 -6.90 7.20
CA SER A 359 43.47 -7.97 6.31
C SER A 359 42.93 -7.79 4.90
N GLY A 360 41.62 -7.82 4.75
CA GLY A 360 41.01 -7.68 3.43
C GLY A 360 39.52 -7.84 3.51
N GLY A 361 38.87 -7.72 2.36
CA GLY A 361 37.44 -7.86 2.27
C GLY A 361 36.77 -6.75 1.47
N ASP A 362 35.54 -6.42 1.83
CA ASP A 362 34.82 -5.35 1.15
C ASP A 362 35.21 -3.99 1.73
N LEU A 363 34.80 -2.93 1.03
CA LEU A 363 35.12 -1.58 1.49
C LEU A 363 34.57 -1.32 2.89
N GLU A 364 33.44 -1.94 3.23
CA GLU A 364 32.88 -1.79 4.57
C GLU A 364 33.76 -2.43 5.64
N VAL A 365 34.50 -3.48 5.29
CA VAL A 365 35.38 -4.17 6.23
C VAL A 365 36.81 -3.66 6.13
N THR A 366 37.31 -3.47 4.90
CA THR A 366 38.67 -2.97 4.71
C THR A 366 38.85 -1.59 5.33
N THR A 367 37.86 -0.72 5.18
CA THR A 367 37.90 0.63 5.70
C THR A 367 37.02 0.75 6.94
N HIS A 368 37.04 1.93 7.54
CA HIS A 368 36.29 2.22 8.76
C HIS A 368 35.02 2.99 8.36
N SER A 369 33.89 2.28 8.32
CA SER A 369 32.62 2.87 7.96
C SER A 369 32.02 3.60 9.15
N PHE A 370 31.43 4.76 8.88
CA PHE A 370 30.72 5.52 9.91
C PHE A 370 30.01 6.70 9.24
N ASN A 371 29.18 7.38 10.03
CA ASN A 371 28.43 8.54 9.60
C ASN A 371 28.94 9.78 10.33
N CYS A 372 28.95 10.91 9.63
CA CYS A 372 29.41 12.16 10.22
C CYS A 372 28.29 13.18 10.36
N GLY A 373 27.64 13.55 9.26
CA GLY A 373 26.61 14.58 9.31
C GLY A 373 25.43 14.28 8.40
N GLY A 374 25.16 13.01 8.16
CA GLY A 374 24.07 12.59 7.30
C GLY A 374 24.48 11.67 6.17
N GLU A 375 25.76 11.63 5.82
CA GLU A 375 26.26 10.76 4.77
C GLU A 375 27.33 9.84 5.33
N PHE A 376 27.32 8.60 4.87
CA PHE A 376 28.27 7.59 5.32
C PHE A 376 29.51 7.61 4.41
N PHE A 377 30.69 7.61 5.02
CA PHE A 377 31.92 7.49 4.25
C PHE A 377 32.92 6.65 5.03
N TYR A 378 33.90 6.14 4.29
CA TYR A 378 34.75 5.03 4.72
C TYR A 378 36.20 5.48 4.79
N CYS A 379 36.93 4.99 5.79
CA CYS A 379 38.32 5.36 6.02
C CYS A 379 39.16 4.12 6.27
N ASN A 380 40.32 4.03 5.61
CA ASN A 380 41.24 2.87 5.79
C ASN A 380 41.81 2.84 7.21
N THR A 381 42.00 4.01 7.83
CA THR A 381 42.57 4.12 9.17
C THR A 381 43.85 3.29 9.31
N SER A 382 44.56 3.10 8.18
CA SER A 382 45.81 2.36 8.23
C SER A 382 46.86 3.08 9.05
N GLY A 383 46.81 4.41 9.07
CA GLY A 383 47.72 5.18 9.90
C GLY A 383 47.57 4.96 11.38
N LEU A 384 46.35 4.64 11.84
CA LEU A 384 46.15 4.30 13.23
C LEU A 384 46.78 2.98 13.62
N PHE A 385 46.89 2.07 12.65
CA PHE A 385 47.41 0.71 12.97
C PHE A 385 48.64 0.42 12.10
N ASN A 386 49.82 0.87 12.55
CA ASN A 386 51.07 0.63 11.80
C ASN A 386 52.25 0.63 12.79
N SER A 387 51.95 0.65 14.10
CA SER A 387 53.01 0.74 15.13
C SER A 387 53.40 -0.66 15.61
N THR A 388 54.70 -0.98 15.60
CA THR A 388 55.17 -2.30 16.09
C THR A 388 55.71 -2.11 17.50
N TRP A 389 55.30 -2.99 18.43
CA TRP A 389 55.75 -2.89 19.81
C TRP A 389 56.51 -4.17 20.14
N ILE A 390 57.84 -4.09 20.12
CA ILE A 390 58.66 -5.29 20.34
C ILE A 390 58.58 -5.72 21.81
N SER A 391 59.02 -4.86 22.72
CA SER A 391 58.84 -5.11 24.15
C SER A 391 58.45 -3.87 24.95
N ASN A 392 58.61 -2.67 24.42
CA ASN A 392 58.29 -1.44 25.15
C ASN A 392 57.79 -0.37 24.18
N ASN A 404 53.95 18.78 18.56
CA ASN A 404 52.49 18.62 18.57
C ASN A 404 51.90 18.61 17.17
N ASP A 405 51.40 17.46 16.75
CA ASP A 405 50.81 17.30 15.43
C ASP A 405 49.74 16.22 15.52
N SER A 406 49.25 15.78 14.36
CA SER A 406 48.23 14.74 14.30
C SER A 406 48.37 13.98 12.99
N ILE A 407 47.99 12.71 13.03
CA ILE A 407 48.04 11.84 11.85
C ILE A 407 46.72 11.95 11.11
N THR A 408 46.75 11.71 9.80
CA THR A 408 45.58 11.84 8.95
C THR A 408 45.36 10.57 8.16
N LEU A 409 44.08 10.16 8.06
CA LEU A 409 43.64 8.94 7.40
C LEU A 409 42.77 9.27 6.21
N PRO A 410 43.11 8.81 5.01
CA PRO A 410 42.27 9.10 3.83
C PRO A 410 40.91 8.43 3.97
N CYS A 411 39.85 9.17 3.67
CA CYS A 411 38.49 8.66 3.73
C CYS A 411 37.85 8.82 2.36
N ARG A 412 36.91 7.94 2.05
CA ARG A 412 36.24 7.95 0.75
C ARG A 412 34.73 8.05 0.96
N ILE A 413 34.11 8.99 0.24
CA ILE A 413 32.67 9.23 0.30
C ILE A 413 31.96 8.12 -0.47
N LYS A 414 30.81 7.69 0.04
CA LYS A 414 30.01 6.68 -0.64
C LYS A 414 28.55 6.93 -0.28
N GLN A 415 27.80 7.54 -1.20
CA GLN A 415 26.42 7.90 -0.92
C GLN A 415 25.52 6.67 -0.89
N ILE A 416 25.67 5.79 -1.88
CA ILE A 416 24.80 4.62 -1.99
C ILE A 416 25.27 3.56 -1.01
N ILE A 417 24.38 3.12 -0.13
CA ILE A 417 24.73 2.26 1.00
C ILE A 417 23.81 1.05 1.03
N ASN A 418 24.40 -0.12 1.20
CA ASN A 418 23.68 -1.37 1.40
C ASN A 418 24.17 -2.05 2.68
N MET A 419 24.24 -1.28 3.75
CA MET A 419 24.86 -1.74 4.99
C MET A 419 24.07 -2.89 5.60
N TRP A 420 24.68 -3.52 6.60
CA TRP A 420 24.17 -4.68 7.32
C TRP A 420 24.06 -5.91 6.45
N GLN A 421 24.66 -5.88 5.25
CA GLN A 421 24.64 -7.01 4.32
C GLN A 421 23.22 -7.40 3.94
N ARG A 422 22.29 -6.46 4.05
CA ARG A 422 20.90 -6.69 3.66
C ARG A 422 20.82 -6.57 2.14
N ILE A 423 21.25 -7.65 1.47
CA ILE A 423 21.25 -7.66 0.01
C ILE A 423 19.82 -7.62 -0.49
N GLY A 424 19.55 -6.74 -1.46
CA GLY A 424 18.21 -6.50 -1.92
C GLY A 424 17.58 -5.24 -1.37
N GLN A 425 18.28 -4.50 -0.51
CA GLN A 425 17.75 -3.26 0.05
C GLN A 425 18.93 -2.32 0.28
N ALA A 426 19.11 -1.37 -0.64
CA ALA A 426 20.20 -0.41 -0.55
C ALA A 426 19.65 1.01 -0.43
N MET A 427 20.19 1.76 0.52
CA MET A 427 19.80 3.15 0.75
C MET A 427 20.67 4.10 -0.05
N TYR A 428 20.04 5.11 -0.63
CA TYR A 428 20.72 6.21 -1.30
C TYR A 428 20.72 7.40 -0.34
N ALA A 429 21.83 7.61 0.34
CA ALA A 429 21.94 8.71 1.28
C ALA A 429 21.95 10.04 0.52
N PRO A 430 21.06 10.97 0.85
CA PRO A 430 20.99 12.22 0.10
C PRO A 430 22.21 13.08 0.36
N PRO A 431 22.58 13.95 -0.57
CA PRO A 431 23.62 14.92 -0.30
C PRO A 431 23.19 15.92 0.77
N ILE A 432 24.17 16.39 1.53
CA ILE A 432 23.94 17.39 2.56
C ILE A 432 24.61 18.69 2.12
N GLN A 433 23.84 19.77 2.13
CA GLN A 433 24.34 21.05 1.66
C GLN A 433 25.43 21.58 2.59
N GLY A 434 26.47 22.16 2.00
CA GLY A 434 27.55 22.75 2.76
C GLY A 434 28.56 21.74 3.26
N VAL A 435 29.54 22.25 4.00
CA VAL A 435 30.60 21.42 4.53
C VAL A 435 30.09 20.64 5.74
N ILE A 436 30.37 19.34 5.75
CA ILE A 436 30.03 18.46 6.85
C ILE A 436 31.20 18.46 7.83
N ARG A 437 30.90 18.63 9.12
CA ARG A 437 31.93 18.58 10.15
C ARG A 437 31.38 17.89 11.39
N CYS A 438 32.15 16.96 11.94
CA CYS A 438 31.78 16.30 13.18
C CYS A 438 33.06 15.83 13.87
N VAL A 439 33.08 15.95 15.20
CA VAL A 439 34.22 15.55 15.99
C VAL A 439 33.75 14.52 17.01
N SER A 440 34.46 13.40 17.08
CA SER A 440 34.17 12.33 18.03
C SER A 440 35.42 12.01 18.85
N ASN A 441 35.23 11.07 19.77
CA ASN A 441 36.35 10.57 20.61
C ASN A 441 36.27 9.04 20.62
N ILE A 442 37.31 8.37 20.11
CA ILE A 442 37.32 6.91 19.99
C ILE A 442 37.31 6.29 21.37
N THR A 443 36.44 5.30 21.57
CA THR A 443 36.31 4.62 22.84
C THR A 443 36.64 3.14 22.80
N GLY A 444 36.89 2.57 21.61
CA GLY A 444 37.19 1.15 21.53
C GLY A 444 37.68 0.76 20.16
N LEU A 445 38.21 -0.45 20.10
CA LEU A 445 38.75 -1.02 18.86
C LEU A 445 38.23 -2.44 18.69
N ILE A 446 37.60 -2.70 17.55
CA ILE A 446 37.24 -4.08 17.17
C ILE A 446 38.40 -4.62 16.33
N LEU A 447 39.40 -5.14 17.01
CA LEU A 447 40.56 -5.72 16.34
C LEU A 447 40.37 -7.22 16.17
N THR A 448 41.28 -7.82 15.41
CA THR A 448 41.34 -9.27 15.26
C THR A 448 42.81 -9.69 15.26
N ARG A 449 43.10 -10.81 15.92
CA ARG A 449 44.47 -11.27 15.98
C ARG A 449 44.80 -12.13 14.76
N ASP A 450 45.84 -11.76 14.04
CA ASP A 450 46.33 -12.61 12.97
C ASP A 450 46.96 -13.87 13.56
N GLY A 451 47.02 -14.92 12.76
CA GLY A 451 47.55 -16.18 13.23
C GLY A 451 48.98 -16.05 13.71
N GLY A 452 49.33 -16.87 14.71
CA GLY A 452 50.65 -16.82 15.29
C GLY A 452 51.70 -17.48 14.43
N SER A 453 52.68 -18.11 15.06
CA SER A 453 53.78 -18.77 14.35
C SER A 453 54.31 -19.89 15.23
N THR A 454 55.39 -20.53 14.77
CA THR A 454 56.03 -21.57 15.57
C THR A 454 56.56 -20.99 16.87
N ASN A 455 57.23 -19.84 16.80
CA ASN A 455 57.64 -19.08 17.98
C ASN A 455 56.90 -17.75 17.89
N SER A 456 55.70 -17.71 18.47
CA SER A 456 54.82 -16.54 18.34
C SER A 456 55.26 -15.45 19.30
N THR A 457 56.53 -15.06 19.16
CA THR A 457 57.02 -13.89 19.88
C THR A 457 56.53 -12.60 19.25
N THR A 458 56.14 -12.63 17.97
CA THR A 458 55.56 -11.48 17.29
C THR A 458 54.09 -11.78 17.04
N GLU A 459 53.22 -11.13 17.81
CA GLU A 459 51.77 -11.28 17.68
C GLU A 459 51.22 -10.02 17.03
N THR A 460 50.70 -10.16 15.82
CA THR A 460 50.20 -9.02 15.06
C THR A 460 48.69 -8.89 15.23
N PHE A 461 48.25 -7.69 15.59
CA PHE A 461 46.84 -7.38 15.77
C PHE A 461 46.37 -6.49 14.63
N ARG A 462 45.25 -6.85 14.02
CA ARG A 462 44.70 -6.15 12.87
C ARG A 462 43.24 -5.81 13.14
N PRO A 463 42.73 -4.75 12.52
CA PRO A 463 41.31 -4.41 12.70
C PRO A 463 40.41 -5.46 12.07
N GLY A 464 39.20 -5.54 12.60
CA GLY A 464 38.18 -6.45 12.09
C GLY A 464 36.84 -5.80 12.10
N GLY A 465 35.83 -6.53 12.56
CA GLY A 465 34.49 -5.99 12.67
C GLY A 465 33.52 -6.62 11.71
N GLY A 466 32.84 -5.81 10.90
CA GLY A 466 31.85 -6.31 9.97
C GLY A 466 30.56 -6.67 10.67
N ASP A 467 30.63 -7.66 11.58
CA ASP A 467 29.49 -8.03 12.39
C ASP A 467 29.15 -6.89 13.34
N MET A 468 28.00 -6.26 13.12
CA MET A 468 27.60 -5.12 13.95
C MET A 468 27.23 -5.52 15.37
N ARG A 469 27.11 -6.82 15.65
CA ARG A 469 26.79 -7.25 17.00
C ARG A 469 27.89 -6.84 17.98
N ASP A 470 29.14 -6.83 17.52
CA ASP A 470 30.24 -6.39 18.37
C ASP A 470 30.09 -4.92 18.76
N ASN A 471 29.51 -4.11 17.87
CA ASN A 471 29.26 -2.71 18.21
C ASN A 471 28.29 -2.60 19.38
N TRP A 472 27.23 -3.42 19.37
CA TRP A 472 26.29 -3.40 20.48
C TRP A 472 26.92 -3.97 21.75
N ARG A 473 27.79 -4.97 21.60
CA ARG A 473 28.44 -5.55 22.77
C ARG A 473 29.31 -4.54 23.49
N SER A 474 29.81 -3.52 22.78
CA SER A 474 30.62 -2.49 23.40
C SER A 474 29.80 -1.57 24.30
N GLU A 475 28.48 -1.64 24.24
CA GLU A 475 27.62 -0.79 25.07
C GLU A 475 26.80 -1.55 26.08
N LEU A 476 26.52 -2.83 25.86
CA LEU A 476 25.68 -3.62 26.75
C LEU A 476 26.47 -4.71 27.48
N TYR A 477 27.78 -4.55 27.58
CA TYR A 477 28.61 -5.55 28.24
C TYR A 477 28.29 -5.64 29.73
N LYS A 478 27.87 -4.53 30.34
CA LYS A 478 27.62 -4.47 31.78
C LYS A 478 26.13 -4.47 32.11
N TYR A 479 25.29 -4.97 31.21
CA TYR A 479 23.86 -5.04 31.45
C TYR A 479 23.34 -6.42 31.10
N LYS A 480 22.36 -6.87 31.88
CA LYS A 480 21.69 -8.13 31.62
C LYS A 480 20.35 -8.12 32.34
N VAL A 481 19.38 -8.84 31.79
CA VAL A 481 18.02 -8.86 32.32
C VAL A 481 17.80 -10.15 33.09
N VAL A 482 16.98 -10.06 34.13
CA VAL A 482 16.54 -11.22 34.90
C VAL A 482 15.05 -11.08 35.15
N LYS A 483 14.41 -12.22 35.41
CA LYS A 483 12.98 -12.24 35.73
C LYS A 483 12.78 -12.56 37.20
N ILE A 484 11.79 -11.91 37.80
CA ILE A 484 11.49 -12.07 39.21
C ILE A 484 10.56 -13.26 39.41
N GLU A 485 10.91 -14.13 40.35
CA GLU A 485 10.05 -15.23 40.77
C GLU A 485 9.68 -15.01 42.23
N PRO A 486 8.66 -14.17 42.49
CA PRO A 486 8.31 -13.85 43.87
C PRO A 486 7.68 -15.00 44.64
N LEU A 487 7.59 -16.19 44.06
CA LEU A 487 7.02 -17.35 44.73
C LEU A 487 8.14 -18.24 45.24
N GLY A 488 8.13 -18.53 46.53
CA GLY A 488 9.14 -19.39 47.12
C GLY A 488 8.70 -20.04 48.41
N VAL A 489 8.87 -21.36 48.50
CA VAL A 489 8.47 -22.11 49.68
C VAL A 489 9.49 -21.90 50.78
N ALA A 490 9.16 -22.32 52.01
CA ALA A 490 10.08 -22.22 53.14
C ALA A 490 9.54 -23.03 54.30
N PRO A 491 10.39 -23.74 55.05
CA PRO A 491 9.92 -24.39 56.28
C PRO A 491 10.13 -23.51 57.50
N THR A 492 9.10 -23.46 58.35
CA THR A 492 9.14 -22.69 59.59
C THR A 492 8.40 -23.47 60.67
N ARG A 493 8.28 -22.85 61.84
CA ARG A 493 7.48 -23.40 62.92
C ARG A 493 6.03 -22.93 62.87
N CYS A 494 5.68 -22.05 61.95
CA CYS A 494 4.30 -21.58 61.81
C CYS A 494 3.40 -22.71 61.32
N LYS A 495 2.11 -22.57 61.60
CA LYS A 495 1.14 -23.63 61.29
C LYS A 495 -0.24 -22.98 61.25
N ARG A 496 -0.88 -22.95 60.08
CA ARG A 496 -2.26 -22.49 60.08
C ARG A 496 -3.16 -23.51 60.74
N ARG A 497 -4.15 -22.98 61.46
CA ARG A 497 -5.13 -23.81 62.14
C ARG A 497 -6.02 -24.51 61.12
N VAL A 498 -6.55 -25.67 61.52
CA VAL A 498 -7.38 -26.46 60.65
C VAL A 498 -8.76 -25.83 60.49
N ASN B 28 -33.66 -26.47 55.95
CA ASN B 28 -33.74 -25.67 54.74
C ASN B 28 -32.62 -26.01 53.77
N LEU B 29 -32.26 -25.04 52.93
CA LEU B 29 -31.22 -25.23 51.93
C LEU B 29 -30.57 -23.89 51.63
N TRP B 30 -29.34 -23.93 51.13
CA TRP B 30 -28.54 -22.73 50.91
C TRP B 30 -27.69 -22.91 49.66
N VAL B 31 -27.49 -21.81 48.93
CA VAL B 31 -26.68 -21.88 47.72
C VAL B 31 -25.20 -21.76 48.08
N THR B 32 -24.37 -22.42 47.28
CA THR B 32 -22.92 -22.39 47.48
C THR B 32 -22.25 -22.58 46.13
N VAL B 33 -21.51 -21.57 45.68
CA VAL B 33 -20.93 -21.58 44.34
C VAL B 33 -19.55 -22.22 44.40
N TYR B 34 -19.23 -23.00 43.37
CA TYR B 34 -17.95 -23.69 43.26
C TYR B 34 -17.18 -23.08 42.09
N TYR B 35 -15.94 -22.68 42.35
CA TYR B 35 -15.08 -22.16 41.30
C TYR B 35 -14.19 -23.27 40.76
N GLY B 36 -14.17 -23.42 39.45
CA GLY B 36 -13.39 -24.48 38.83
C GLY B 36 -14.22 -25.72 38.53
N VAL B 37 -15.43 -25.50 38.02
CA VAL B 37 -16.36 -26.60 37.75
C VAL B 37 -16.13 -27.12 36.33
N PRO B 38 -16.18 -28.43 36.11
CA PRO B 38 -16.01 -28.97 34.74
C PRO B 38 -17.26 -28.76 33.88
N VAL B 39 -17.45 -27.53 33.42
CA VAL B 39 -18.59 -27.14 32.60
C VAL B 39 -18.06 -26.51 31.32
N TRP B 40 -18.57 -26.98 30.17
CA TRP B 40 -18.21 -26.43 28.89
C TRP B 40 -19.46 -26.06 28.12
N LYS B 41 -19.32 -25.10 27.20
CA LYS B 41 -20.40 -24.68 26.33
C LYS B 41 -19.83 -24.42 24.94
N ASP B 42 -20.66 -24.64 23.93
CA ASP B 42 -20.24 -24.40 22.55
C ASP B 42 -19.91 -22.93 22.36
N ALA B 43 -18.74 -22.66 21.78
CA ALA B 43 -18.28 -21.28 21.64
C ALA B 43 -17.24 -21.21 20.54
N GLU B 44 -16.86 -19.98 20.20
CA GLU B 44 -15.88 -19.72 19.16
C GLU B 44 -14.81 -18.77 19.68
N THR B 45 -13.56 -19.08 19.36
CA THR B 45 -12.44 -18.22 19.71
C THR B 45 -11.32 -18.45 18.70
N THR B 46 -10.42 -17.48 18.62
CA THR B 46 -9.28 -17.61 17.72
C THR B 46 -8.28 -18.58 18.31
N LEU B 47 -7.96 -19.64 17.57
CA LEU B 47 -7.06 -20.68 18.03
C LEU B 47 -5.68 -20.45 17.43
N PHE B 48 -4.67 -20.39 18.28
CA PHE B 48 -3.30 -20.24 17.82
C PHE B 48 -2.75 -21.60 17.39
N CYS B 49 -1.45 -21.66 17.14
CA CYS B 49 -0.83 -22.86 16.60
C CYS B 49 0.33 -23.29 17.49
N ALA B 50 0.79 -24.52 17.28
CA ALA B 50 2.02 -25.00 17.91
C ALA B 50 2.61 -26.06 16.98
N SER B 51 3.56 -25.65 16.14
CA SER B 51 4.20 -26.55 15.20
C SER B 51 5.39 -27.25 15.86
N ASP B 52 5.85 -28.32 15.22
CA ASP B 52 6.96 -29.10 15.76
C ASP B 52 8.27 -28.34 15.58
N ALA B 53 9.21 -28.61 16.49
CA ALA B 53 10.51 -27.96 16.49
C ALA B 53 11.53 -28.69 15.63
N LYS B 54 11.18 -29.83 15.04
CA LYS B 54 12.11 -30.52 14.17
C LYS B 54 12.38 -29.74 12.89
N ALA B 55 11.48 -28.83 12.53
CA ALA B 55 11.65 -27.97 11.37
C ALA B 55 12.46 -26.72 11.69
N TYR B 56 12.85 -26.53 12.94
CA TYR B 56 13.64 -25.36 13.31
C TYR B 56 15.06 -25.42 12.76
N GLU B 57 15.53 -26.60 12.37
CA GLU B 57 16.78 -26.74 11.65
C GLU B 57 16.57 -26.90 10.15
N THR B 58 15.33 -26.88 9.69
CA THR B 58 15.00 -26.90 8.26
C THR B 58 14.08 -25.74 7.92
N GLU B 59 14.46 -24.52 8.32
CA GLU B 59 13.63 -23.35 8.04
C GLU B 59 13.26 -23.28 6.57
N LYS B 60 14.21 -23.56 5.68
CA LYS B 60 14.04 -23.36 4.24
C LYS B 60 13.53 -21.95 3.96
N HIS B 61 14.16 -20.98 4.61
CA HIS B 61 13.85 -19.55 4.47
C HIS B 61 12.36 -19.29 4.66
N ASN B 62 11.91 -19.56 5.88
CA ASN B 62 10.55 -19.25 6.32
C ASN B 62 9.51 -19.96 5.43
N VAL B 63 9.48 -21.28 5.58
CA VAL B 63 8.56 -22.14 4.83
C VAL B 63 7.13 -21.63 5.00
N TRP B 64 6.28 -21.90 4.00
CA TRP B 64 4.99 -21.24 3.89
C TRP B 64 4.11 -21.49 5.13
N ALA B 65 4.04 -22.74 5.57
CA ALA B 65 3.07 -23.09 6.60
C ALA B 65 3.45 -22.51 7.96
N THR B 66 4.71 -22.60 8.34
CA THR B 66 5.16 -22.18 9.67
C THR B 66 6.25 -21.13 9.54
N HIS B 67 6.02 -19.96 10.11
CA HIS B 67 7.08 -18.95 10.22
C HIS B 67 7.37 -18.64 11.69
N ALA B 68 6.33 -18.29 12.44
CA ALA B 68 6.46 -17.90 13.84
C ALA B 68 5.68 -18.81 14.78
N CYS B 69 5.34 -20.01 14.34
CA CYS B 69 4.55 -20.91 15.18
C CYS B 69 5.39 -21.40 16.35
N VAL B 70 4.78 -21.41 17.55
CA VAL B 70 5.48 -21.79 18.77
C VAL B 70 5.75 -23.29 18.74
N PRO B 71 6.75 -23.79 19.49
CA PRO B 71 6.99 -25.23 19.51
C PRO B 71 5.80 -25.99 20.08
N THR B 72 5.60 -27.19 19.57
CA THR B 72 4.48 -28.02 20.01
C THR B 72 4.73 -28.56 21.42
N ASP B 73 3.68 -29.08 22.02
CA ASP B 73 3.80 -29.66 23.35
C ASP B 73 4.41 -31.06 23.25
N PRO B 74 5.49 -31.34 23.99
CA PRO B 74 6.13 -32.66 23.87
C PRO B 74 5.22 -33.81 24.24
N ASN B 75 4.32 -33.63 25.20
CA ASN B 75 3.44 -34.70 25.69
C ASN B 75 1.98 -34.23 25.73
N PRO B 76 1.34 -34.10 24.58
CA PRO B 76 -0.07 -33.68 24.56
C PRO B 76 -0.94 -34.66 25.34
N GLN B 77 -1.48 -34.19 26.46
CA GLN B 77 -2.25 -35.04 27.37
C GLN B 77 -3.69 -35.13 26.86
N GLU B 78 -4.03 -36.29 26.29
CA GLU B 78 -5.39 -36.55 25.82
C GLU B 78 -6.17 -37.26 26.93
N ILE B 79 -6.71 -36.45 27.84
CA ILE B 79 -7.45 -36.98 28.97
C ILE B 79 -8.75 -37.61 28.48
N HIS B 80 -8.86 -38.92 28.61
CA HIS B 80 -10.10 -39.60 28.26
C HIS B 80 -11.13 -39.41 29.35
N LEU B 81 -12.38 -39.21 28.93
CA LEU B 81 -13.47 -38.94 29.85
C LEU B 81 -14.53 -40.03 29.75
N GLU B 82 -15.10 -40.39 30.90
CA GLU B 82 -16.11 -41.43 30.99
C GLU B 82 -17.41 -40.83 31.49
N ASN B 83 -18.50 -41.58 31.28
CA ASN B 83 -19.85 -41.09 31.68
C ASN B 83 -20.05 -39.70 31.06
N VAL B 84 -19.78 -39.58 29.76
CA VAL B 84 -19.82 -38.27 29.11
C VAL B 84 -20.18 -38.45 27.65
N THR B 85 -20.91 -37.46 27.11
CA THR B 85 -21.27 -37.46 25.70
C THR B 85 -21.50 -36.02 25.27
N GLU B 86 -20.99 -35.67 24.09
CA GLU B 86 -21.10 -34.32 23.56
C GLU B 86 -21.67 -34.38 22.14
N GLU B 87 -22.51 -33.39 21.83
CA GLU B 87 -23.16 -33.30 20.53
C GLU B 87 -22.19 -32.64 19.55
N PHE B 88 -21.68 -33.43 18.62
CA PHE B 88 -20.71 -32.95 17.65
C PHE B 88 -21.38 -32.55 16.34
N ASN B 89 -20.68 -31.70 15.58
CA ASN B 89 -21.18 -31.26 14.28
C ASN B 89 -20.00 -30.77 13.47
N MET B 90 -19.69 -31.48 12.38
CA MET B 90 -18.54 -31.16 11.54
C MET B 90 -18.89 -30.25 10.37
N TRP B 91 -20.17 -29.97 10.15
CA TRP B 91 -20.58 -29.08 9.06
C TRP B 91 -20.91 -27.68 9.53
N LYS B 92 -21.52 -27.53 10.70
CA LYS B 92 -21.65 -26.23 11.33
C LYS B 92 -20.39 -25.84 12.09
N ASN B 93 -19.37 -26.70 12.06
CA ASN B 93 -18.12 -26.43 12.76
C ASN B 93 -17.45 -25.19 12.19
N ASN B 94 -17.02 -24.30 13.08
CA ASN B 94 -16.29 -23.10 12.72
C ASN B 94 -14.78 -23.28 12.77
N MET B 95 -14.30 -24.41 13.28
CA MET B 95 -12.88 -24.70 13.23
C MET B 95 -12.38 -24.76 11.80
N VAL B 96 -13.16 -25.39 10.92
CA VAL B 96 -12.77 -25.46 9.51
C VAL B 96 -12.80 -24.08 8.87
N GLU B 97 -13.74 -23.22 9.26
CA GLU B 97 -13.76 -21.87 8.72
C GLU B 97 -12.52 -21.10 9.16
N GLN B 98 -12.14 -21.23 10.43
CA GLN B 98 -10.91 -20.60 10.90
C GLN B 98 -9.69 -21.15 10.16
N MET B 99 -9.66 -22.46 9.94
CA MET B 99 -8.58 -23.07 9.17
C MET B 99 -8.49 -22.46 7.78
N HIS B 100 -9.64 -22.33 7.11
CA HIS B 100 -9.65 -21.83 5.73
C HIS B 100 -9.19 -20.38 5.67
N THR B 101 -9.75 -19.52 6.53
CA THR B 101 -9.35 -18.12 6.53
C THR B 101 -7.89 -17.96 6.92
N ASP B 102 -7.43 -18.75 7.89
CA ASP B 102 -6.04 -18.67 8.32
C ASP B 102 -5.09 -19.09 7.21
N ILE B 103 -5.43 -20.16 6.48
CA ILE B 103 -4.59 -20.58 5.37
C ILE B 103 -4.59 -19.52 4.27
N ILE B 104 -5.74 -18.91 4.00
CA ILE B 104 -5.80 -17.84 3.01
C ILE B 104 -4.87 -16.70 3.41
N SER B 105 -4.98 -16.25 4.66
CA SER B 105 -4.18 -15.13 5.11
C SER B 105 -2.69 -15.46 5.09
N LEU B 106 -2.34 -16.68 5.55
CA LEU B 106 -0.94 -17.09 5.56
C LEU B 106 -0.36 -17.17 4.15
N TRP B 107 -1.13 -17.73 3.22
CA TRP B 107 -0.67 -17.83 1.83
C TRP B 107 -0.49 -16.46 1.21
N ASP B 108 -1.43 -15.55 1.48
CA ASP B 108 -1.30 -14.19 0.95
C ASP B 108 -0.10 -13.48 1.55
N GLN B 109 0.12 -13.63 2.85
CA GLN B 109 1.24 -12.97 3.49
C GLN B 109 2.56 -13.50 2.98
N SER B 110 2.67 -14.83 2.80
CA SER B 110 3.90 -15.40 2.27
C SER B 110 4.13 -15.06 0.81
N LEU B 111 3.14 -14.52 0.12
CA LEU B 111 3.26 -14.14 -1.29
C LEU B 111 3.53 -12.67 -1.49
N LYS B 112 3.25 -11.84 -0.47
CA LYS B 112 3.44 -10.39 -0.61
C LYS B 112 4.89 -9.98 -0.86
N PRO B 113 5.89 -10.43 -0.09
CA PRO B 113 7.24 -9.88 -0.26
C PRO B 113 7.99 -10.41 -1.47
N CYS B 114 7.50 -11.45 -2.15
CA CYS B 114 8.26 -12.05 -3.23
C CYS B 114 8.18 -11.18 -4.48
N VAL B 115 8.77 -11.67 -5.57
CA VAL B 115 8.94 -10.89 -6.78
C VAL B 115 7.61 -10.74 -7.50
N LYS B 116 7.26 -9.50 -7.84
CA LYS B 116 6.09 -9.24 -8.67
C LYS B 116 6.49 -9.34 -10.14
N LEU B 117 5.58 -9.89 -10.95
CA LEU B 117 5.86 -10.19 -12.35
C LEU B 117 5.01 -9.35 -13.30
N THR B 118 4.87 -8.05 -13.00
CA THR B 118 4.15 -7.18 -13.92
C THR B 118 4.85 -6.96 -15.26
N PRO B 119 6.17 -7.07 -15.39
CA PRO B 119 6.77 -6.98 -16.73
C PRO B 119 6.62 -8.22 -17.57
N LEU B 120 6.08 -9.31 -17.02
CA LEU B 120 5.90 -10.53 -17.82
C LEU B 120 4.77 -10.37 -18.83
N CYS B 121 3.81 -9.49 -18.56
CA CYS B 121 2.79 -9.18 -19.56
C CYS B 121 3.46 -8.52 -20.75
N VAL B 122 3.56 -9.27 -21.86
CA VAL B 122 4.29 -8.82 -23.03
C VAL B 122 3.85 -9.70 -24.19
N THR B 123 4.07 -9.23 -25.41
CA THR B 123 3.73 -10.01 -26.59
C THR B 123 4.70 -11.18 -26.71
N LEU B 124 4.20 -12.40 -26.49
CA LEU B 124 5.02 -13.61 -26.54
C LEU B 124 5.06 -14.12 -27.96
N GLN B 125 6.19 -13.93 -28.64
CA GLN B 125 6.42 -14.58 -29.93
C GLN B 125 6.83 -16.02 -29.67
N CYS B 126 5.86 -16.94 -29.73
CA CYS B 126 6.02 -18.27 -29.17
C CYS B 126 5.86 -19.33 -30.26
N THR B 127 6.67 -20.39 -30.17
CA THR B 127 6.60 -21.48 -31.15
C THR B 127 6.38 -22.79 -30.42
N ASN B 128 6.58 -23.92 -31.10
CA ASN B 128 6.41 -25.26 -30.47
C ASN B 128 7.77 -25.80 -30.03
N VAL B 129 7.77 -26.96 -29.37
CA VAL B 129 9.06 -27.62 -28.97
C VAL B 129 9.07 -29.01 -29.62
N THR B 130 7.89 -29.61 -29.79
CA THR B 130 7.79 -30.93 -30.40
C THR B 130 8.18 -30.83 -31.87
N ASN B 131 9.34 -31.41 -32.22
CA ASN B 131 9.81 -31.34 -33.60
C ASN B 131 8.87 -32.06 -34.55
N ASN B 132 8.34 -33.20 -34.13
CA ASN B 132 7.45 -34.00 -34.96
C ASN B 132 6.21 -34.38 -34.17
N ILE B 133 5.40 -35.27 -34.76
CA ILE B 133 4.15 -35.70 -34.17
C ILE B 133 4.37 -36.32 -32.79
N GLY B 139 0.44 -29.44 -27.99
CA GLY B 139 1.23 -28.41 -27.33
C GLY B 139 1.86 -28.86 -26.05
N GLU B 140 1.38 -28.33 -24.93
CA GLU B 140 1.82 -28.64 -23.56
C GLU B 140 3.27 -28.24 -23.32
N LEU B 141 3.96 -27.71 -24.32
CA LEU B 141 5.31 -27.20 -24.12
C LEU B 141 5.54 -26.14 -25.19
N LYS B 142 5.45 -24.87 -24.78
CA LYS B 142 5.51 -23.74 -25.70
C LYS B 142 6.82 -23.02 -25.51
N ASN B 143 7.62 -22.97 -26.59
CA ASN B 143 8.89 -22.19 -26.57
C ASN B 143 8.53 -20.75 -26.91
N CYS B 144 8.45 -19.88 -25.90
CA CYS B 144 8.00 -18.51 -26.08
C CYS B 144 9.18 -17.57 -26.00
N SER B 145 9.39 -16.80 -27.06
CA SER B 145 10.39 -15.75 -27.10
C SER B 145 9.70 -14.40 -26.95
N PHE B 146 10.24 -13.55 -26.08
CA PHE B 146 9.58 -12.29 -25.79
C PHE B 146 10.63 -11.27 -25.35
N ASN B 147 10.15 -10.04 -25.17
CA ASN B 147 11.06 -8.94 -24.74
C ASN B 147 10.86 -8.71 -23.25
N MET B 148 11.90 -8.21 -22.59
CA MET B 148 11.89 -7.96 -21.15
C MET B 148 12.84 -6.82 -20.83
N THR B 149 12.45 -6.00 -19.87
CA THR B 149 13.32 -4.92 -19.41
C THR B 149 14.46 -5.52 -18.59
N THR B 150 15.69 -5.17 -18.94
CA THR B 150 16.84 -5.63 -18.18
C THR B 150 17.02 -4.79 -16.93
N GLU B 151 18.19 -4.93 -16.30
CA GLU B 151 18.51 -4.12 -15.13
C GLU B 151 18.43 -2.63 -15.46
N LEU B 152 19.07 -2.23 -16.55
CA LEU B 152 19.02 -0.85 -17.00
C LEU B 152 17.68 -0.60 -17.68
N ARG B 153 16.91 0.36 -17.17
CA ARG B 153 15.58 0.62 -17.73
C ARG B 153 15.69 1.08 -19.19
N ASP B 154 16.77 1.77 -19.53
CA ASP B 154 16.94 2.24 -20.90
C ASP B 154 17.06 1.08 -21.88
N LYS B 155 17.80 0.03 -21.51
CA LYS B 155 18.02 -1.10 -22.37
C LYS B 155 16.92 -2.14 -22.21
N LYS B 156 16.69 -2.91 -23.28
CA LYS B 156 15.72 -3.99 -23.28
C LYS B 156 16.34 -5.23 -23.89
N GLN B 157 15.97 -6.39 -23.36
CA GLN B 157 16.59 -7.64 -23.74
C GLN B 157 15.55 -8.57 -24.37
N LYS B 158 16.06 -9.56 -25.11
CA LYS B 158 15.24 -10.59 -25.75
C LYS B 158 15.58 -11.93 -25.11
N VAL B 159 14.60 -12.52 -24.42
CA VAL B 159 14.79 -13.79 -23.73
C VAL B 159 13.66 -14.74 -24.11
N TYR B 160 13.91 -16.02 -23.90
CA TYR B 160 12.96 -17.07 -24.25
C TYR B 160 12.73 -17.97 -23.04
N SER B 161 11.60 -18.67 -23.05
CA SER B 161 11.25 -19.57 -21.98
C SER B 161 10.32 -20.65 -22.51
N LEU B 162 10.17 -21.71 -21.73
CA LEU B 162 9.29 -22.84 -22.07
C LEU B 162 8.07 -22.79 -21.17
N PHE B 163 7.00 -22.17 -21.66
CA PHE B 163 5.74 -22.16 -20.94
C PHE B 163 4.88 -23.35 -21.38
N TYR B 164 3.92 -23.71 -20.53
CA TYR B 164 2.96 -24.74 -20.87
C TYR B 164 1.77 -24.14 -21.60
N ARG B 165 1.07 -24.98 -22.36
CA ARG B 165 -0.08 -24.51 -23.12
C ARG B 165 -1.15 -23.93 -22.20
N LEU B 166 -1.37 -24.57 -21.05
CA LEU B 166 -2.32 -24.07 -20.08
C LEU B 166 -1.93 -22.73 -19.49
N ASP B 167 -0.68 -22.31 -19.66
CA ASP B 167 -0.20 -21.08 -19.06
C ASP B 167 -0.38 -19.85 -19.95
N VAL B 168 -0.56 -20.04 -21.26
CA VAL B 168 -0.65 -18.94 -22.19
C VAL B 168 -1.94 -19.07 -23.01
N VAL B 169 -2.43 -17.93 -23.48
CA VAL B 169 -3.65 -17.88 -24.29
C VAL B 169 -3.35 -17.04 -25.52
N GLN B 170 -3.87 -17.48 -26.67
CA GLN B 170 -3.54 -16.86 -27.94
C GLN B 170 -4.32 -15.57 -28.14
N ILE B 171 -3.66 -14.56 -28.71
CA ILE B 171 -4.27 -13.29 -29.02
C ILE B 171 -4.29 -13.12 -30.53
N ASN B 172 -5.46 -12.79 -31.08
CA ASN B 172 -5.62 -12.64 -32.52
C ASN B 172 -6.23 -11.28 -32.85
N SER B 182 3.18 -14.10 -40.00
CA SER B 182 3.35 -13.78 -38.58
C SER B 182 3.02 -14.96 -37.69
N ASN B 183 3.96 -15.33 -36.83
CA ASN B 183 3.73 -16.41 -35.89
C ASN B 183 2.66 -16.01 -34.86
N LYS B 184 2.16 -17.00 -34.15
CA LYS B 184 1.04 -16.78 -33.23
C LYS B 184 1.55 -16.18 -31.93
N GLU B 185 1.15 -14.95 -31.65
CA GLU B 185 1.53 -14.27 -30.43
C GLU B 185 0.65 -14.74 -29.28
N TYR B 186 1.25 -14.99 -28.13
CA TYR B 186 0.54 -15.42 -26.94
C TYR B 186 0.76 -14.42 -25.81
N ARG B 187 0.04 -14.64 -24.71
CA ARG B 187 0.23 -13.88 -23.49
C ARG B 187 -0.28 -14.73 -22.33
N LEU B 188 0.17 -14.36 -21.13
CA LEU B 188 -0.12 -15.18 -19.96
C LEU B 188 -1.63 -15.23 -19.69
N ILE B 189 -2.07 -16.36 -19.15
CA ILE B 189 -3.51 -16.63 -19.03
C ILE B 189 -4.18 -15.64 -18.08
N ASN B 190 -3.48 -15.22 -17.03
CA ASN B 190 -4.05 -14.29 -16.06
C ASN B 190 -3.41 -12.90 -16.15
N CYS B 191 -2.96 -12.52 -17.34
CA CYS B 191 -2.40 -11.19 -17.53
C CYS B 191 -3.45 -10.11 -17.58
N ASN B 192 -4.65 -10.43 -18.08
CA ASN B 192 -5.72 -9.39 -18.25
C ASN B 192 -6.72 -9.43 -17.10
N THR B 193 -6.58 -10.38 -16.16
CA THR B 193 -7.55 -10.52 -15.09
C THR B 193 -6.95 -10.41 -13.69
N SER B 194 -5.62 -10.39 -13.58
CA SER B 194 -4.97 -10.34 -12.27
C SER B 194 -3.56 -9.78 -12.46
N ALA B 195 -2.83 -9.74 -11.36
CA ALA B 195 -1.41 -9.37 -11.36
C ALA B 195 -0.60 -10.59 -10.96
N ILE B 196 0.32 -11.01 -11.81
CA ILE B 196 1.06 -12.24 -11.59
C ILE B 196 2.22 -11.95 -10.64
N THR B 197 2.35 -12.78 -9.60
CA THR B 197 3.42 -12.65 -8.63
C THR B 197 4.17 -13.98 -8.55
N GLN B 198 5.48 -13.92 -8.72
CA GLN B 198 6.30 -15.12 -8.65
C GLN B 198 6.56 -15.46 -7.19
N ALA B 199 6.17 -16.67 -6.78
CA ALA B 199 6.49 -17.15 -5.44
C ALA B 199 8.00 -17.23 -5.31
N CYS B 200 8.58 -16.39 -4.47
CA CYS B 200 10.02 -16.33 -4.36
C CYS B 200 10.56 -17.69 -3.93
N PRO B 201 11.49 -18.29 -4.67
CA PRO B 201 11.81 -19.71 -4.48
C PRO B 201 12.51 -20.03 -3.18
N LYS B 202 12.84 -19.03 -2.36
CA LYS B 202 13.39 -19.32 -1.04
C LYS B 202 12.40 -20.10 -0.19
N VAL B 203 11.10 -19.88 -0.39
CA VAL B 203 10.09 -20.60 0.37
C VAL B 203 9.72 -21.89 -0.38
N SER B 204 9.20 -22.86 0.38
CA SER B 204 8.79 -24.14 -0.19
C SER B 204 7.35 -24.42 0.23
N PHE B 205 6.67 -25.25 -0.56
CA PHE B 205 5.25 -25.47 -0.42
C PHE B 205 4.91 -26.80 0.25
N GLU B 206 5.88 -27.49 0.83
CA GLU B 206 5.59 -28.78 1.44
C GLU B 206 4.63 -28.61 2.60
N PRO B 207 3.56 -29.42 2.69
CA PRO B 207 2.65 -29.31 3.83
C PRO B 207 3.30 -29.79 5.11
N ILE B 208 3.61 -28.85 6.01
CA ILE B 208 4.28 -29.17 7.26
C ILE B 208 3.23 -29.63 8.27
N PRO B 209 3.50 -30.66 9.08
CA PRO B 209 2.58 -31.01 10.16
C PRO B 209 2.33 -29.81 11.06
N ILE B 210 1.08 -29.36 11.08
CA ILE B 210 0.68 -28.15 11.76
C ILE B 210 -0.28 -28.53 12.88
N HIS B 211 -0.50 -27.61 13.81
CA HIS B 211 -1.39 -27.85 14.94
C HIS B 211 -2.20 -26.59 15.23
N TYR B 212 -3.45 -26.78 15.63
CA TYR B 212 -4.30 -25.71 16.15
C TYR B 212 -4.59 -26.00 17.61
N CYS B 213 -4.09 -25.13 18.50
CA CYS B 213 -4.21 -25.32 19.93
C CYS B 213 -5.09 -24.21 20.49
N ALA B 214 -6.13 -24.59 21.23
CA ALA B 214 -7.04 -23.62 21.81
C ALA B 214 -6.31 -22.80 22.87
N PRO B 215 -6.73 -21.55 23.08
CA PRO B 215 -6.10 -20.73 24.11
C PRO B 215 -6.44 -21.22 25.50
N ALA B 216 -5.85 -20.55 26.50
CA ALA B 216 -6.12 -20.89 27.88
C ALA B 216 -7.58 -20.69 28.21
N GLY B 217 -8.14 -21.60 29.01
CA GLY B 217 -9.54 -21.56 29.33
C GLY B 217 -10.45 -22.11 28.25
N PHE B 218 -9.90 -22.68 27.19
CA PHE B 218 -10.68 -23.31 26.13
C PHE B 218 -10.20 -24.74 25.93
N ALA B 219 -11.14 -25.65 25.72
CA ALA B 219 -10.83 -27.06 25.58
C ALA B 219 -11.23 -27.54 24.19
N ILE B 220 -10.44 -28.46 23.65
CA ILE B 220 -10.70 -29.07 22.35
C ILE B 220 -11.18 -30.50 22.62
N LEU B 221 -12.41 -30.79 22.23
CA LEU B 221 -12.99 -32.11 22.44
C LEU B 221 -12.69 -33.01 21.25
N LYS B 222 -12.24 -34.22 21.54
CA LYS B 222 -11.90 -35.21 20.52
C LYS B 222 -12.93 -36.31 20.54
N CYS B 223 -13.64 -36.48 19.42
CA CYS B 223 -14.64 -37.53 19.27
C CYS B 223 -13.90 -38.81 18.88
N LYS B 224 -13.36 -39.48 19.87
CA LYS B 224 -12.45 -40.61 19.67
C LYS B 224 -13.16 -41.92 19.35
N ASP B 225 -14.49 -41.94 19.41
CA ASP B 225 -15.22 -43.18 19.17
C ASP B 225 -14.97 -43.68 17.75
N LYS B 226 -15.04 -45.00 17.59
CA LYS B 226 -14.70 -45.61 16.31
C LYS B 226 -15.76 -45.32 15.25
N LYS B 227 -17.04 -45.48 15.59
CA LYS B 227 -18.13 -45.27 14.64
C LYS B 227 -18.71 -43.87 14.84
N PHE B 228 -18.21 -42.93 14.03
CA PHE B 228 -18.70 -41.57 14.04
C PHE B 228 -18.88 -41.09 12.60
N ASN B 229 -19.94 -40.30 12.37
CA ASN B 229 -20.27 -39.87 10.98
C ASN B 229 -20.28 -38.34 10.83
N GLY B 230 -20.24 -37.60 11.94
CA GLY B 230 -20.22 -36.15 11.86
C GLY B 230 -21.31 -35.47 12.65
N THR B 231 -22.46 -36.11 12.86
CA THR B 231 -23.58 -35.50 13.57
C THR B 231 -24.14 -36.52 14.54
N GLY B 232 -24.62 -36.03 15.69
CA GLY B 232 -25.20 -36.87 16.69
C GLY B 232 -24.30 -37.01 17.91
N PRO B 233 -24.83 -37.62 18.97
CA PRO B 233 -24.02 -37.80 20.18
C PRO B 233 -22.79 -38.65 19.92
N CYS B 234 -21.68 -38.26 20.54
CA CYS B 234 -20.43 -38.99 20.42
C CYS B 234 -20.13 -39.69 21.74
N PRO B 235 -20.19 -41.02 21.79
CA PRO B 235 -20.02 -41.71 23.09
C PRO B 235 -18.67 -41.49 23.73
N SER B 236 -17.58 -41.58 22.96
CA SER B 236 -16.22 -41.44 23.48
C SER B 236 -15.70 -40.06 23.09
N VAL B 237 -15.76 -39.12 24.03
CA VAL B 237 -15.24 -37.77 23.84
C VAL B 237 -14.10 -37.55 24.82
N SER B 238 -13.00 -36.99 24.33
CA SER B 238 -11.84 -36.72 25.16
C SER B 238 -11.34 -35.32 24.85
N THR B 239 -10.66 -34.72 25.83
CA THR B 239 -10.13 -33.37 25.70
C THR B 239 -8.64 -33.42 25.40
N VAL B 240 -8.17 -32.43 24.64
CA VAL B 240 -6.77 -32.32 24.28
C VAL B 240 -6.43 -30.85 24.08
N GLN B 241 -5.19 -30.49 24.38
CA GLN B 241 -4.74 -29.11 24.23
C GLN B 241 -4.51 -28.77 22.76
N CYS B 242 -3.80 -29.64 22.04
CA CYS B 242 -3.46 -29.32 20.63
C CYS B 242 -4.15 -30.31 19.68
N THR B 243 -4.32 -29.93 18.40
CA THR B 243 -5.05 -30.80 17.44
C THR B 243 -4.23 -32.04 17.11
N HIS B 244 -4.85 -33.03 16.49
CA HIS B 244 -4.15 -34.28 16.10
C HIS B 244 -2.94 -33.92 15.22
N GLY B 245 -3.12 -32.94 14.34
CA GLY B 245 -2.02 -32.52 13.45
C GLY B 245 -2.29 -32.95 12.02
N ILE B 246 -2.71 -32.01 11.18
CA ILE B 246 -3.00 -32.33 9.74
C ILE B 246 -2.20 -31.40 8.83
N LYS B 247 -1.39 -31.96 7.94
CA LYS B 247 -0.64 -31.12 6.97
C LYS B 247 -1.66 -30.30 6.16
N PRO B 248 -1.43 -28.99 5.92
CA PRO B 248 -2.35 -28.15 5.09
C PRO B 248 -2.21 -28.55 3.63
N VAL B 249 -2.74 -29.72 3.27
CA VAL B 249 -2.62 -30.22 1.86
C VAL B 249 -3.61 -29.48 0.97
N VAL B 250 -3.21 -29.10 -0.24
CA VAL B 250 -4.15 -28.50 -1.17
C VAL B 250 -4.46 -29.59 -2.19
N SER B 251 -5.71 -30.02 -2.25
CA SER B 251 -6.12 -31.08 -3.17
C SER B 251 -7.57 -30.94 -3.61
N THR B 252 -7.92 -31.55 -4.74
CA THR B 252 -9.29 -31.47 -5.25
C THR B 252 -10.12 -32.75 -5.22
N GLN B 253 -9.89 -33.64 -6.18
CA GLN B 253 -10.66 -34.88 -6.28
C GLN B 253 -10.53 -35.88 -5.13
N LEU B 254 -9.31 -36.07 -4.64
CA LEU B 254 -9.07 -37.02 -3.52
C LEU B 254 -8.45 -36.30 -2.31
N LEU B 255 -8.00 -37.05 -1.31
CA LEU B 255 -7.48 -36.45 -0.04
C LEU B 255 -6.11 -37.07 0.26
N LEU B 256 -5.03 -36.42 -0.16
CA LEU B 256 -3.67 -36.97 0.04
C LEU B 256 -3.21 -36.71 1.49
N ASN B 257 -2.40 -37.62 2.05
CA ASN B 257 -1.84 -37.43 3.42
C ASN B 257 -2.95 -37.10 4.42
N GLY B 258 -3.88 -38.02 4.65
CA GLY B 258 -4.94 -37.80 5.66
C GLY B 258 -4.87 -38.89 6.72
N SER B 259 -5.92 -39.03 7.53
CA SER B 259 -5.93 -40.05 8.62
C SER B 259 -7.37 -40.49 8.94
N LEU B 260 -7.63 -41.79 8.92
CA LEU B 260 -8.98 -42.31 9.30
C LEU B 260 -8.78 -43.59 10.13
N ALA B 261 -9.10 -43.53 11.43
CA ALA B 261 -8.96 -44.71 12.32
C ALA B 261 -10.13 -45.67 12.08
N GLU B 262 -11.23 -45.15 11.52
CA GLU B 262 -12.44 -45.99 11.27
C GLU B 262 -12.05 -47.14 10.33
N GLU B 263 -12.41 -48.38 10.69
CA GLU B 263 -12.04 -49.57 9.89
C GLU B 263 -12.79 -49.55 8.54
N GLU B 264 -13.93 -48.84 8.47
CA GLU B 264 -14.73 -48.80 7.23
C GLU B 264 -14.74 -47.38 6.66
N VAL B 265 -15.08 -47.24 5.37
CA VAL B 265 -15.17 -45.87 4.75
C VAL B 265 -16.32 -45.13 5.44
N MET B 266 -16.19 -43.83 5.74
CA MET B 266 -17.39 -43.14 6.28
C MET B 266 -18.06 -42.35 5.14
N ILE B 267 -19.38 -42.39 5.05
CA ILE B 267 -20.06 -41.52 4.04
C ILE B 267 -20.58 -40.31 4.84
N ARG B 268 -19.85 -39.19 4.78
CA ARG B 268 -20.23 -38.04 5.65
C ARG B 268 -20.79 -36.89 4.81
N SER B 269 -22.08 -36.60 4.98
CA SER B 269 -22.72 -35.47 4.27
C SER B 269 -23.96 -35.04 5.07
N GLU B 270 -24.25 -33.74 5.10
CA GLU B 270 -25.42 -33.24 5.89
C GLU B 270 -26.68 -33.95 5.38
N ASN B 271 -26.73 -34.31 4.10
CA ASN B 271 -27.91 -35.00 3.52
C ASN B 271 -27.48 -35.91 2.36
N ILE B 272 -27.30 -37.20 2.61
CA ILE B 272 -26.99 -38.14 1.50
C ILE B 272 -28.15 -38.08 0.51
N THR B 273 -29.37 -37.82 0.99
CA THR B 273 -30.56 -37.71 0.12
C THR B 273 -30.38 -36.52 -0.81
N ASN B 274 -29.66 -35.48 -0.37
CA ASN B 274 -29.38 -34.33 -1.28
C ASN B 274 -28.34 -34.77 -2.32
N ASN B 275 -28.71 -34.79 -3.60
CA ASN B 275 -27.77 -35.18 -4.68
C ASN B 275 -26.65 -34.14 -4.78
N ALA B 276 -27.01 -32.86 -4.77
CA ALA B 276 -26.00 -31.77 -4.88
C ALA B 276 -25.03 -31.85 -3.69
N LYS B 277 -25.54 -32.23 -2.52
CA LYS B 277 -24.68 -32.31 -1.30
C LYS B 277 -23.42 -33.12 -1.64
N ASN B 278 -22.25 -32.58 -1.30
CA ASN B 278 -20.97 -33.30 -1.54
C ASN B 278 -20.88 -34.46 -0.55
N ILE B 279 -20.91 -35.70 -1.05
CA ILE B 279 -20.83 -36.90 -0.17
C ILE B 279 -19.35 -37.14 0.18
N LEU B 280 -18.83 -36.43 1.19
CA LEU B 280 -17.40 -36.56 1.55
C LEU B 280 -17.10 -38.04 1.89
N VAL B 281 -16.01 -38.58 1.35
CA VAL B 281 -15.65 -40.01 1.58
C VAL B 281 -14.22 -40.07 2.12
N GLN B 282 -13.95 -40.99 3.04
CA GLN B 282 -12.56 -41.17 3.55
C GLN B 282 -12.18 -42.65 3.44
N PHE B 283 -11.24 -42.97 2.52
CA PHE B 283 -10.82 -44.38 2.33
C PHE B 283 -10.26 -44.92 3.64
N ASN B 284 -10.74 -46.09 4.06
CA ASN B 284 -10.20 -46.74 5.29
C ASN B 284 -8.74 -47.12 5.06
N THR B 285 -8.42 -47.60 3.85
CA THR B 285 -7.04 -48.04 3.53
C THR B 285 -6.34 -46.97 2.71
N PRO B 286 -5.14 -46.51 3.10
CA PRO B 286 -4.36 -45.53 2.29
C PRO B 286 -3.98 -46.13 0.95
N VAL B 287 -4.25 -45.38 -0.14
CA VAL B 287 -3.93 -45.90 -1.50
C VAL B 287 -2.63 -45.24 -1.99
N GLN B 288 -1.54 -46.00 -2.04
CA GLN B 288 -0.23 -45.40 -2.42
C GLN B 288 -0.31 -44.88 -3.86
N ILE B 289 0.08 -43.62 -4.09
CA ILE B 289 0.09 -43.05 -5.46
C ILE B 289 1.53 -42.63 -5.79
N ASN B 290 1.95 -42.83 -7.05
CA ASN B 290 3.34 -42.50 -7.45
C ASN B 290 3.31 -41.52 -8.62
N CYS B 291 3.03 -40.24 -8.32
CA CYS B 291 3.03 -39.19 -9.39
C CYS B 291 4.48 -38.76 -9.65
N THR B 292 4.94 -38.93 -10.90
CA THR B 292 6.34 -38.59 -11.23
C THR B 292 6.36 -37.59 -12.37
N ARG B 293 7.18 -36.54 -12.25
CA ARG B 293 7.32 -35.54 -13.36
C ARG B 293 8.68 -35.80 -14.03
N PRO B 294 8.77 -36.66 -15.07
CA PRO B 294 10.06 -37.04 -15.71
C PRO B 294 10.77 -35.83 -16.30
N ASN B 295 10.01 -34.84 -16.78
CA ASN B 295 10.65 -33.66 -17.44
C ASN B 295 11.77 -33.12 -16.56
N ASN B 296 12.98 -33.02 -17.12
CA ASN B 296 14.15 -32.47 -16.35
C ASN B 296 14.11 -30.95 -16.49
N ASN B 297 13.09 -30.31 -15.92
CA ASN B 297 12.95 -28.82 -16.00
C ASN B 297 14.14 -28.17 -15.27
N THR B 298 14.66 -27.08 -15.83
CA THR B 298 15.79 -26.36 -15.21
C THR B 298 15.38 -24.91 -14.97
N ARG B 299 15.57 -24.42 -13.75
CA ARG B 299 15.18 -23.02 -13.40
C ARG B 299 16.10 -22.04 -14.14
N LYS B 300 15.53 -21.02 -14.80
CA LYS B 300 16.35 -20.06 -15.57
C LYS B 300 16.04 -18.62 -15.11
N SER B 301 16.88 -18.07 -14.23
CA SER B 301 16.67 -16.69 -13.73
C SER B 301 16.69 -15.70 -14.92
N ILE B 302 15.68 -14.85 -15.03
CA ILE B 302 15.63 -13.83 -16.11
C ILE B 302 15.38 -12.45 -15.48
N ARG B 303 16.32 -11.51 -15.66
CA ARG B 303 16.19 -10.17 -15.02
C ARG B 303 14.99 -9.44 -15.65
N ILE B 304 14.07 -8.93 -14.81
CA ILE B 304 12.85 -8.24 -15.32
C ILE B 304 12.92 -6.75 -14.96
N GLY B 305 14.09 -6.28 -14.49
CA GLY B 305 14.25 -4.85 -14.17
C GLY B 305 15.30 -4.63 -13.10
N PRO B 306 15.52 -3.38 -12.64
CA PRO B 306 16.48 -3.09 -11.53
C PRO B 306 16.01 -3.77 -10.25
N GLY B 307 16.89 -4.54 -9.61
CA GLY B 307 16.51 -5.28 -8.40
C GLY B 307 15.31 -6.17 -8.67
N GLN B 308 15.13 -6.62 -9.92
CA GLN B 308 13.96 -7.44 -10.30
C GLN B 308 14.41 -8.59 -11.20
N ALA B 309 14.09 -9.83 -10.83
CA ALA B 309 14.45 -11.00 -11.67
C ALA B 309 13.36 -12.06 -11.55
N PHE B 310 13.01 -12.70 -12.68
CA PHE B 310 11.97 -13.76 -12.67
C PHE B 310 12.61 -15.08 -13.15
N TYR B 311 12.32 -16.17 -12.46
CA TYR B 311 12.93 -17.48 -12.82
C TYR B 311 12.11 -18.12 -13.95
N ALA B 312 12.63 -18.05 -15.17
CA ALA B 312 11.94 -18.67 -16.33
C ALA B 312 12.25 -20.17 -16.36
N THR B 313 11.69 -20.88 -17.34
CA THR B 313 11.92 -22.33 -17.47
C THR B 313 12.96 -22.56 -18.54
N GLY B 314 14.02 -23.32 -18.20
CA GLY B 314 15.09 -23.62 -19.18
C GLY B 314 14.72 -24.80 -20.05
N ASP B 315 15.64 -25.24 -20.92
CA ASP B 315 15.39 -26.39 -21.82
C ASP B 315 15.13 -27.64 -20.99
N ILE B 316 14.09 -28.40 -21.33
CA ILE B 316 13.81 -29.68 -20.60
C ILE B 316 14.84 -30.71 -21.06
N ILE B 317 15.84 -31.00 -20.22
CA ILE B 317 16.93 -31.94 -20.61
C ILE B 317 16.34 -33.35 -20.78
N GLY B 318 16.81 -34.09 -21.80
CA GLY B 318 16.29 -35.45 -22.06
C GLY B 318 15.08 -35.42 -22.96
N ASP B 319 14.37 -36.55 -23.07
CA ASP B 319 13.17 -36.63 -23.95
C ASP B 319 12.07 -35.73 -23.40
N ILE B 320 11.26 -35.14 -24.28
CA ILE B 320 10.10 -34.32 -23.80
C ILE B 320 9.00 -35.29 -23.36
N ARG B 321 8.74 -35.37 -22.06
CA ARG B 321 7.74 -36.33 -21.52
C ARG B 321 6.63 -35.56 -20.80
N GLN B 322 5.85 -36.26 -19.97
CA GLN B 322 4.73 -35.60 -19.24
C GLN B 322 4.59 -36.23 -17.84
N ALA B 323 4.12 -35.45 -16.85
CA ALA B 323 3.91 -36.00 -15.50
C ALA B 323 2.84 -37.10 -15.56
N HIS B 324 2.98 -38.13 -14.72
CA HIS B 324 2.00 -39.25 -14.72
C HIS B 324 1.86 -39.81 -13.30
N CYS B 325 0.62 -40.10 -12.89
CA CYS B 325 0.37 -40.67 -11.54
C CYS B 325 0.07 -42.17 -11.67
N ASN B 326 0.78 -43.00 -10.89
CA ASN B 326 0.57 -44.48 -10.97
C ASN B 326 -0.15 -44.96 -9.71
N VAL B 327 -1.35 -45.54 -9.88
CA VAL B 327 -2.10 -46.09 -8.72
C VAL B 327 -2.21 -47.61 -8.92
N SER B 328 -1.77 -48.40 -7.92
CA SER B 328 -1.90 -49.87 -8.02
C SER B 328 -3.37 -50.22 -8.29
N LYS B 329 -3.63 -50.92 -9.40
CA LYS B 329 -5.04 -51.26 -9.77
C LYS B 329 -5.68 -52.08 -8.63
N ALA B 330 -4.95 -53.06 -8.10
CA ALA B 330 -5.50 -53.94 -7.05
C ALA B 330 -5.91 -53.11 -5.83
N THR B 331 -5.02 -52.23 -5.36
CA THR B 331 -5.31 -51.41 -4.17
C THR B 331 -6.53 -50.54 -4.46
N TRP B 332 -6.55 -49.91 -5.62
CA TRP B 332 -7.67 -48.99 -5.94
C TRP B 332 -8.97 -49.78 -6.01
N ASN B 333 -8.95 -50.96 -6.65
CA ASN B 333 -10.18 -51.80 -6.78
C ASN B 333 -10.66 -52.18 -5.38
N GLU B 334 -9.75 -52.65 -4.51
CA GLU B 334 -10.18 -53.13 -3.16
C GLU B 334 -10.76 -51.94 -2.37
N THR B 335 -10.13 -50.76 -2.44
CA THR B 335 -10.62 -49.58 -1.71
C THR B 335 -11.95 -49.16 -2.29
N LEU B 336 -12.09 -49.21 -3.62
CA LEU B 336 -13.39 -48.90 -4.26
C LEU B 336 -14.44 -49.89 -3.74
N GLY B 337 -14.06 -51.17 -3.59
CA GLY B 337 -15.00 -52.15 -3.04
C GLY B 337 -15.45 -51.75 -1.65
N LYS B 338 -14.50 -51.34 -0.80
CA LYS B 338 -14.83 -50.91 0.59
C LYS B 338 -15.78 -49.70 0.53
N VAL B 339 -15.43 -48.70 -0.29
CA VAL B 339 -16.27 -47.45 -0.34
C VAL B 339 -17.65 -47.81 -0.90
N VAL B 340 -17.70 -48.59 -1.98
CA VAL B 340 -19.02 -48.91 -2.63
C VAL B 340 -19.86 -49.71 -1.62
N LYS B 341 -19.23 -50.56 -0.82
CA LYS B 341 -19.95 -51.34 0.21
C LYS B 341 -20.64 -50.35 1.17
N GLN B 342 -19.89 -49.39 1.71
CA GLN B 342 -20.45 -48.40 2.66
C GLN B 342 -21.47 -47.52 1.93
N LEU B 343 -21.18 -47.13 0.69
CA LEU B 343 -22.13 -46.31 -0.10
C LEU B 343 -23.45 -47.07 -0.24
N ARG B 344 -23.39 -48.36 -0.59
CA ARG B 344 -24.62 -49.19 -0.70
C ARG B 344 -25.31 -49.25 0.66
N LYS B 345 -24.54 -49.38 1.75
CA LYS B 345 -25.12 -49.40 3.11
C LYS B 345 -25.78 -48.03 3.40
N HIS B 346 -25.11 -46.94 3.01
CA HIS B 346 -25.66 -45.58 3.23
C HIS B 346 -26.90 -45.37 2.36
N PHE B 347 -26.78 -45.71 1.07
CA PHE B 347 -27.93 -45.52 0.13
C PHE B 347 -28.67 -46.84 -0.03
N GLY B 348 -29.68 -47.08 0.81
CA GLY B 348 -30.41 -48.36 0.77
C GLY B 348 -29.60 -49.48 1.39
N ASN B 349 -29.60 -50.66 0.76
CA ASN B 349 -28.78 -51.81 1.26
C ASN B 349 -27.77 -52.21 0.19
N ASN B 350 -28.24 -52.52 -1.02
CA ASN B 350 -27.33 -52.86 -2.15
C ASN B 350 -27.95 -52.32 -3.44
N THR B 351 -27.31 -51.32 -4.06
CA THR B 351 -27.90 -50.69 -5.27
C THR B 351 -26.84 -50.56 -6.33
N ILE B 352 -27.25 -50.42 -7.59
CA ILE B 352 -26.28 -50.25 -8.71
C ILE B 352 -25.55 -48.91 -8.51
N ILE B 353 -24.22 -48.96 -8.40
CA ILE B 353 -23.42 -47.71 -8.20
C ILE B 353 -22.32 -47.65 -9.28
N ARG B 354 -22.31 -46.57 -10.06
CA ARG B 354 -21.29 -46.40 -11.12
C ARG B 354 -20.34 -45.24 -10.75
N PHE B 355 -19.05 -45.53 -10.60
CA PHE B 355 -18.06 -44.44 -10.33
C PHE B 355 -17.76 -43.77 -11.66
N ALA B 356 -18.22 -42.53 -11.84
CA ALA B 356 -18.01 -41.83 -13.13
C ALA B 356 -17.03 -40.68 -12.95
N ASN B 357 -16.48 -40.17 -14.05
CA ASN B 357 -15.49 -39.06 -13.98
C ASN B 357 -16.19 -37.77 -13.55
N SER B 358 -15.43 -36.77 -13.08
CA SER B 358 -16.02 -35.50 -12.60
C SER B 358 -17.02 -34.97 -13.65
N SER B 359 -18.25 -34.67 -13.23
CA SER B 359 -19.29 -34.15 -14.17
C SER B 359 -18.83 -32.80 -14.74
N GLY B 360 -18.26 -31.94 -13.89
CA GLY B 360 -17.81 -30.61 -14.34
C GLY B 360 -16.92 -29.94 -13.31
N GLY B 361 -16.57 -28.68 -13.54
CA GLY B 361 -15.68 -27.94 -12.62
C GLY B 361 -14.57 -27.26 -13.39
N ASP B 362 -13.65 -26.58 -12.68
CA ASP B 362 -12.48 -25.97 -13.37
C ASP B 362 -11.41 -27.06 -13.54
N LEU B 363 -10.23 -26.68 -14.03
CA LEU B 363 -9.13 -27.67 -14.17
C LEU B 363 -8.87 -28.31 -12.79
N GLU B 364 -8.76 -27.48 -11.75
CA GLU B 364 -8.48 -28.00 -10.38
C GLU B 364 -9.58 -28.99 -9.97
N VAL B 365 -10.84 -28.70 -10.28
CA VAL B 365 -11.97 -29.58 -9.86
C VAL B 365 -12.02 -30.83 -10.76
N THR B 366 -12.08 -30.65 -12.08
CA THR B 366 -12.22 -31.81 -13.00
C THR B 366 -11.02 -32.71 -12.86
N THR B 367 -9.81 -32.14 -12.85
CA THR B 367 -8.59 -32.95 -12.77
C THR B 367 -7.97 -32.78 -11.40
N HIS B 368 -7.82 -33.87 -10.64
CA HIS B 368 -7.30 -33.78 -9.26
C HIS B 368 -6.03 -32.91 -9.24
N SER B 369 -5.98 -31.93 -8.34
CA SER B 369 -4.81 -31.01 -8.26
C SER B 369 -4.02 -31.28 -6.97
N PHE B 370 -2.71 -31.02 -6.99
CA PHE B 370 -1.87 -31.18 -5.76
C PHE B 370 -0.46 -30.65 -6.03
N ASN B 371 0.37 -30.56 -4.99
CA ASN B 371 1.77 -30.07 -5.15
C ASN B 371 2.73 -31.23 -4.91
N CYS B 372 3.50 -31.64 -5.92
CA CYS B 372 4.37 -32.80 -5.74
C CYS B 372 5.70 -32.42 -5.13
N GLY B 373 6.45 -31.51 -5.76
CA GLY B 373 7.74 -31.13 -5.24
C GLY B 373 8.04 -29.66 -5.38
N GLY B 374 6.99 -28.84 -5.37
CA GLY B 374 7.14 -27.40 -5.53
C GLY B 374 6.35 -26.79 -6.67
N GLU B 375 5.71 -27.61 -7.51
CA GLU B 375 4.89 -27.10 -8.59
C GLU B 375 3.56 -27.84 -8.63
N PHE B 376 2.53 -27.16 -9.12
CA PHE B 376 1.17 -27.67 -9.10
C PHE B 376 0.80 -28.24 -10.46
N PHE B 377 0.26 -29.45 -10.47
CA PHE B 377 -0.19 -30.05 -11.72
C PHE B 377 -1.41 -30.91 -11.46
N TYR B 378 -2.15 -31.18 -12.54
CA TYR B 378 -3.47 -31.80 -12.49
C TYR B 378 -3.47 -33.09 -13.30
N CYS B 379 -4.19 -34.09 -12.82
CA CYS B 379 -4.36 -35.36 -13.52
C CYS B 379 -5.85 -35.63 -13.65
N ASN B 380 -6.29 -36.08 -14.83
CA ASN B 380 -7.76 -36.22 -15.09
C ASN B 380 -8.40 -37.29 -14.21
N THR B 381 -7.62 -38.24 -13.68
CA THR B 381 -8.17 -39.26 -12.79
C THR B 381 -9.45 -39.88 -13.34
N SER B 382 -9.42 -40.25 -14.62
CA SER B 382 -10.58 -40.90 -15.22
C SER B 382 -10.42 -42.42 -15.21
N GLY B 383 -9.19 -42.92 -15.13
CA GLY B 383 -8.99 -44.33 -14.90
C GLY B 383 -9.28 -44.77 -13.48
N LEU B 384 -9.46 -43.79 -12.58
CA LEU B 384 -9.79 -44.10 -11.16
C LEU B 384 -11.30 -44.12 -10.97
N PHE B 385 -12.04 -43.39 -11.81
CA PHE B 385 -13.52 -43.30 -11.66
C PHE B 385 -14.19 -43.70 -12.98
N ASN B 386 -14.31 -45.01 -13.21
CA ASN B 386 -14.95 -45.52 -14.46
C ASN B 386 -15.53 -46.91 -14.20
N SER B 387 -15.70 -47.29 -12.92
CA SER B 387 -16.16 -48.66 -12.60
C SER B 387 -17.68 -48.71 -12.41
N THR B 388 -18.38 -49.48 -13.24
CA THR B 388 -19.82 -49.64 -13.10
C THR B 388 -20.07 -50.95 -12.38
N TRP B 389 -20.53 -50.88 -11.13
CA TRP B 389 -20.65 -52.04 -10.27
C TRP B 389 -22.13 -52.27 -9.93
N ILE B 390 -22.59 -53.49 -10.17
CA ILE B 390 -23.99 -53.83 -9.98
C ILE B 390 -24.21 -54.50 -8.62
N SER B 391 -23.53 -55.60 -8.37
CA SER B 391 -23.61 -56.29 -7.10
C SER B 391 -22.24 -56.67 -6.55
N ASN B 392 -21.29 -57.01 -7.40
CA ASN B 392 -19.97 -57.42 -6.96
C ASN B 392 -18.88 -56.81 -7.86
N ASN B 404 -0.74 -58.32 -11.85
CA ASN B 404 -0.73 -57.00 -11.21
C ASN B 404 -0.24 -55.91 -12.17
N ASP B 405 -0.79 -54.71 -12.01
CA ASP B 405 -0.43 -53.58 -12.87
C ASP B 405 -0.88 -52.30 -12.17
N SER B 406 -0.58 -51.17 -12.81
CA SER B 406 -0.90 -49.86 -12.25
C SER B 406 -1.59 -49.02 -13.32
N ILE B 407 -2.66 -48.34 -12.94
CA ILE B 407 -3.36 -47.43 -13.84
C ILE B 407 -2.58 -46.13 -13.90
N THR B 408 -2.27 -45.68 -15.11
CA THR B 408 -1.47 -44.48 -15.34
C THR B 408 -2.37 -43.34 -15.78
N LEU B 409 -2.29 -42.22 -15.08
CA LEU B 409 -3.16 -41.07 -15.34
C LEU B 409 -2.40 -39.96 -16.03
N PRO B 410 -2.91 -39.46 -17.16
CA PRO B 410 -2.29 -38.29 -17.79
C PRO B 410 -2.37 -37.09 -16.88
N CYS B 411 -1.24 -36.39 -16.70
CA CYS B 411 -1.15 -35.25 -15.80
C CYS B 411 -0.65 -34.04 -16.57
N ARG B 412 -1.32 -32.90 -16.36
CA ARG B 412 -0.98 -31.65 -17.02
C ARG B 412 -0.46 -30.65 -15.99
N ILE B 413 0.61 -29.96 -16.34
CA ILE B 413 1.27 -29.02 -15.45
C ILE B 413 0.84 -27.60 -15.80
N LYS B 414 0.52 -26.82 -14.77
CA LYS B 414 0.07 -25.44 -14.95
C LYS B 414 0.81 -24.59 -13.92
N GLN B 415 1.89 -23.95 -14.35
CA GLN B 415 2.74 -23.21 -13.42
C GLN B 415 2.01 -21.99 -12.85
N ILE B 416 1.42 -21.17 -13.72
CA ILE B 416 0.71 -19.98 -13.27
C ILE B 416 -0.65 -20.42 -12.72
N ILE B 417 -0.95 -20.02 -11.48
CA ILE B 417 -2.13 -20.51 -10.79
C ILE B 417 -2.68 -19.41 -9.90
N ASN B 418 -4.01 -19.36 -9.79
CA ASN B 418 -4.74 -18.42 -8.94
C ASN B 418 -5.67 -19.18 -8.01
N MET B 419 -5.14 -20.21 -7.35
CA MET B 419 -5.97 -21.09 -6.55
C MET B 419 -6.74 -20.30 -5.49
N TRP B 420 -7.80 -20.93 -4.98
CA TRP B 420 -8.79 -20.35 -4.07
C TRP B 420 -9.66 -19.29 -4.75
N GLN B 421 -9.57 -19.16 -6.08
CA GLN B 421 -10.41 -18.25 -6.84
C GLN B 421 -10.32 -16.81 -6.34
N ARG B 422 -9.19 -16.44 -5.76
CA ARG B 422 -8.96 -15.06 -5.32
C ARG B 422 -8.60 -14.26 -6.56
N ILE B 423 -9.64 -13.86 -7.29
CA ILE B 423 -9.44 -13.14 -8.55
C ILE B 423 -8.77 -11.80 -8.27
N GLY B 424 -7.77 -11.48 -9.08
CA GLY B 424 -6.95 -10.30 -8.88
C GLY B 424 -5.60 -10.59 -8.26
N GLN B 425 -5.34 -11.83 -7.85
CA GLN B 425 -4.07 -12.21 -7.26
C GLN B 425 -3.74 -13.62 -7.73
N ALA B 426 -2.90 -13.72 -8.76
CA ALA B 426 -2.48 -15.00 -9.32
C ALA B 426 -0.98 -15.20 -9.08
N MET B 427 -0.60 -16.43 -8.79
CA MET B 427 0.78 -16.76 -8.46
C MET B 427 1.44 -17.46 -9.64
N TYR B 428 2.73 -17.18 -9.82
CA TYR B 428 3.56 -17.87 -10.82
C TYR B 428 4.49 -18.81 -10.07
N ALA B 429 4.24 -20.10 -10.19
CA ALA B 429 5.09 -21.09 -9.53
C ALA B 429 6.40 -21.23 -10.31
N PRO B 430 7.56 -21.03 -9.68
CA PRO B 430 8.81 -21.14 -10.41
C PRO B 430 9.09 -22.59 -10.78
N PRO B 431 9.87 -22.83 -11.83
CA PRO B 431 10.28 -24.19 -12.14
C PRO B 431 11.17 -24.76 -11.06
N ILE B 432 11.09 -26.08 -10.89
CA ILE B 432 11.91 -26.80 -9.92
C ILE B 432 12.92 -27.64 -10.69
N GLN B 433 14.20 -27.49 -10.35
CA GLN B 433 15.25 -28.18 -11.08
C GLN B 433 15.13 -29.70 -10.91
N GLY B 434 15.43 -30.42 -11.98
CA GLY B 434 15.48 -31.86 -11.93
C GLY B 434 14.12 -32.52 -11.98
N VAL B 435 14.15 -33.85 -11.98
CA VAL B 435 12.91 -34.63 -12.00
C VAL B 435 12.20 -34.51 -10.66
N ILE B 436 10.88 -34.32 -10.71
CA ILE B 436 10.06 -34.17 -9.53
C ILE B 436 9.33 -35.47 -9.27
N ARG B 437 9.50 -36.01 -8.07
CA ARG B 437 8.85 -37.25 -7.67
C ARG B 437 8.38 -37.13 -6.24
N CYS B 438 7.14 -37.56 -5.99
CA CYS B 438 6.61 -37.62 -4.64
C CYS B 438 5.62 -38.77 -4.57
N VAL B 439 5.63 -39.48 -3.44
CA VAL B 439 4.76 -40.62 -3.22
C VAL B 439 3.86 -40.30 -2.03
N SER B 440 2.55 -40.39 -2.25
CA SER B 440 1.56 -40.19 -1.21
C SER B 440 0.66 -41.41 -1.12
N ASN B 441 -0.24 -41.39 -0.14
CA ASN B 441 -1.22 -42.49 0.05
C ASN B 441 -2.60 -41.87 0.29
N ILE B 442 -3.49 -41.94 -0.70
CA ILE B 442 -4.82 -41.33 -0.60
C ILE B 442 -5.54 -41.89 0.61
N THR B 443 -6.19 -41.00 1.36
CA THR B 443 -7.03 -41.41 2.48
C THR B 443 -8.49 -41.00 2.31
N GLY B 444 -8.82 -40.17 1.34
CA GLY B 444 -10.17 -39.66 1.22
C GLY B 444 -10.57 -39.37 -0.21
N LEU B 445 -11.88 -39.30 -0.42
CA LEU B 445 -12.48 -39.06 -1.72
C LEU B 445 -13.56 -38.01 -1.59
N ILE B 446 -13.55 -37.00 -2.46
CA ILE B 446 -14.62 -36.00 -2.50
C ILE B 446 -15.56 -36.42 -3.62
N LEU B 447 -16.56 -37.22 -3.25
CA LEU B 447 -17.56 -37.68 -4.21
C LEU B 447 -18.84 -36.85 -4.10
N THR B 448 -19.54 -36.74 -5.22
CA THR B 448 -20.85 -36.10 -5.28
C THR B 448 -21.80 -37.01 -6.03
N ARG B 449 -22.99 -37.22 -5.46
CA ARG B 449 -23.97 -38.10 -6.08
C ARG B 449 -24.68 -37.38 -7.22
N ASP B 450 -24.98 -38.13 -8.28
CA ASP B 450 -25.75 -37.58 -9.38
C ASP B 450 -27.24 -37.66 -9.08
N GLY B 451 -28.01 -36.90 -9.87
CA GLY B 451 -29.46 -36.92 -9.74
C GLY B 451 -30.08 -38.23 -10.19
N THR B 457 -32.58 -47.08 -9.63
CA THR B 457 -31.78 -48.11 -8.99
C THR B 457 -30.29 -47.89 -9.24
N THR B 458 -29.96 -46.99 -10.15
CA THR B 458 -28.58 -46.69 -10.51
C THR B 458 -28.22 -45.32 -9.95
N GLU B 459 -27.39 -45.32 -8.92
CA GLU B 459 -26.91 -44.09 -8.28
C GLU B 459 -25.44 -43.94 -8.67
N THR B 460 -25.16 -42.97 -9.54
CA THR B 460 -23.82 -42.76 -10.06
C THR B 460 -23.11 -41.68 -9.26
N PHE B 461 -21.90 -41.96 -8.81
CA PHE B 461 -21.09 -41.04 -8.03
C PHE B 461 -19.99 -40.45 -8.90
N ARG B 462 -19.73 -39.17 -8.72
CA ARG B 462 -18.69 -38.48 -9.45
C ARG B 462 -17.85 -37.66 -8.49
N PRO B 463 -16.58 -37.45 -8.78
CA PRO B 463 -15.73 -36.63 -7.92
C PRO B 463 -16.15 -35.16 -8.00
N GLY B 464 -15.87 -34.45 -6.91
CA GLY B 464 -16.18 -33.04 -6.85
C GLY B 464 -15.09 -32.25 -6.18
N GLY B 465 -15.45 -31.40 -5.23
CA GLY B 465 -14.47 -30.63 -4.48
C GLY B 465 -14.45 -29.17 -4.87
N GLY B 466 -13.27 -28.67 -5.21
CA GLY B 466 -13.12 -27.26 -5.53
C GLY B 466 -13.10 -26.41 -4.28
N ASP B 467 -14.21 -26.42 -3.54
CA ASP B 467 -14.24 -25.75 -2.26
C ASP B 467 -13.24 -26.41 -1.31
N MET B 468 -12.41 -25.58 -0.68
CA MET B 468 -11.31 -26.10 0.12
C MET B 468 -11.69 -26.32 1.58
N ARG B 469 -12.88 -25.91 2.00
CA ARG B 469 -13.33 -26.26 3.35
C ARG B 469 -13.46 -27.76 3.51
N ASP B 470 -13.83 -28.47 2.44
CA ASP B 470 -13.95 -29.91 2.52
C ASP B 470 -12.60 -30.58 2.73
N ASN B 471 -11.52 -29.97 2.24
CA ASN B 471 -10.19 -30.54 2.47
C ASN B 471 -9.86 -30.60 3.95
N TRP B 472 -10.17 -29.53 4.69
CA TRP B 472 -9.92 -29.52 6.12
C TRP B 472 -10.95 -30.35 6.87
N ARG B 473 -12.21 -30.33 6.42
CA ARG B 473 -13.26 -31.05 7.13
C ARG B 473 -12.99 -32.54 7.21
N SER B 474 -12.23 -33.10 6.26
CA SER B 474 -11.92 -34.52 6.30
C SER B 474 -11.05 -34.89 7.50
N GLU B 475 -10.46 -33.91 8.17
CA GLU B 475 -9.59 -34.18 9.30
C GLU B 475 -10.02 -33.49 10.58
N LEU B 476 -10.60 -32.29 10.50
CA LEU B 476 -11.18 -31.62 11.65
C LEU B 476 -12.59 -32.11 11.95
N TYR B 477 -12.98 -33.25 11.37
CA TYR B 477 -14.33 -33.76 11.58
C TYR B 477 -14.56 -34.16 13.03
N LYS B 478 -13.55 -34.70 13.69
CA LYS B 478 -13.71 -35.28 15.01
C LYS B 478 -13.39 -34.30 16.14
N TYR B 479 -13.09 -33.05 15.83
CA TYR B 479 -12.70 -32.08 16.85
C TYR B 479 -13.73 -30.97 16.95
N LYS B 480 -13.76 -30.33 18.12
CA LYS B 480 -14.60 -29.17 18.36
C LYS B 480 -14.01 -28.40 19.54
N VAL B 481 -14.36 -27.13 19.63
CA VAL B 481 -13.84 -26.23 20.65
C VAL B 481 -14.95 -25.84 21.61
N VAL B 482 -14.66 -25.90 22.91
CA VAL B 482 -15.61 -25.54 23.95
C VAL B 482 -14.88 -24.70 24.99
N LYS B 483 -15.56 -23.68 25.49
CA LYS B 483 -15.00 -22.81 26.52
C LYS B 483 -15.40 -23.29 27.90
N ILE B 484 -14.62 -22.89 28.90
CA ILE B 484 -14.82 -23.30 30.28
C ILE B 484 -15.57 -22.20 31.01
N GLU B 485 -16.51 -22.61 31.86
CA GLU B 485 -17.26 -21.70 32.73
C GLU B 485 -17.08 -22.19 34.16
N PRO B 486 -15.93 -21.91 34.76
CA PRO B 486 -15.60 -22.51 36.08
C PRO B 486 -16.50 -22.05 37.21
N LEU B 487 -17.48 -21.19 36.97
CA LEU B 487 -18.40 -20.76 38.01
C LEU B 487 -19.68 -21.58 37.92
N GLY B 488 -20.10 -22.12 39.06
CA GLY B 488 -21.30 -22.93 39.11
C GLY B 488 -21.98 -22.89 40.46
N VAL B 489 -23.29 -22.67 40.46
CA VAL B 489 -24.04 -22.59 41.70
C VAL B 489 -24.49 -23.99 42.13
N ALA B 490 -24.44 -24.24 43.44
CA ALA B 490 -24.84 -25.53 43.96
C ALA B 490 -25.54 -25.33 45.30
N PRO B 491 -26.53 -26.16 45.62
CA PRO B 491 -27.18 -26.07 46.92
C PRO B 491 -26.41 -26.86 47.97
N THR B 492 -26.18 -26.24 49.12
CA THR B 492 -25.38 -26.85 50.18
C THR B 492 -25.93 -26.40 51.54
N ARG B 493 -25.90 -27.31 52.51
CA ARG B 493 -26.34 -26.98 53.86
C ARG B 493 -25.39 -26.03 54.59
N CYS B 494 -24.23 -25.73 54.00
CA CYS B 494 -23.26 -24.85 54.65
C CYS B 494 -23.84 -23.46 54.88
N LYS B 495 -23.23 -22.73 55.80
CA LYS B 495 -23.71 -21.42 56.21
C LYS B 495 -22.55 -20.66 56.86
N ARG B 496 -22.16 -19.55 56.26
CA ARG B 496 -21.07 -18.75 56.81
C ARG B 496 -21.49 -18.07 58.11
N ARG B 497 -20.51 -17.49 58.79
CA ARG B 497 -20.72 -16.79 60.05
C ARG B 497 -20.80 -15.29 59.80
N VAL B 498 -21.58 -14.62 60.63
CA VAL B 498 -21.78 -13.19 60.51
C VAL B 498 -20.48 -12.43 60.79
N VAL C 31 -8.84 4.85 59.26
CA VAL C 31 -9.38 5.20 57.95
C VAL C 31 -10.10 4.00 57.36
N THR C 32 -10.53 4.11 56.10
CA THR C 32 -11.19 3.00 55.42
C THR C 32 -11.22 3.31 53.93
N VAL C 33 -10.73 2.38 53.11
CA VAL C 33 -10.79 2.53 51.67
C VAL C 33 -12.04 1.81 51.17
N TYR C 34 -12.63 2.35 50.11
CA TYR C 34 -13.78 1.73 49.46
C TYR C 34 -13.40 1.40 48.03
N TYR C 35 -13.85 0.24 47.55
CA TYR C 35 -13.60 -0.18 46.18
C TYR C 35 -14.90 -0.05 45.39
N GLY C 36 -14.85 0.77 44.34
CA GLY C 36 -16.05 1.07 43.58
C GLY C 36 -16.68 2.38 44.01
N VAL C 37 -15.84 3.36 44.33
CA VAL C 37 -16.29 4.67 44.77
C VAL C 37 -16.64 5.51 43.54
N PRO C 38 -17.76 6.25 43.54
CA PRO C 38 -18.17 6.96 42.32
C PRO C 38 -17.27 8.13 42.00
N VAL C 39 -16.12 7.84 41.41
CA VAL C 39 -15.08 8.83 41.13
C VAL C 39 -14.78 8.83 39.64
N TRP C 40 -14.78 10.00 39.03
CA TRP C 40 -14.28 10.18 37.67
C TRP C 40 -13.36 11.39 37.64
N LYS C 41 -12.38 11.33 36.74
CA LYS C 41 -11.47 12.43 36.52
C LYS C 41 -11.28 12.62 35.01
N ASP C 42 -11.07 13.86 34.61
CA ASP C 42 -10.84 14.16 33.21
C ASP C 42 -9.59 13.44 32.72
N ALA C 43 -9.73 12.69 31.63
CA ALA C 43 -8.60 11.92 31.10
C ALA C 43 -8.87 11.61 29.64
N GLU C 44 -7.81 11.18 28.96
CA GLU C 44 -7.86 10.84 27.55
C GLU C 44 -7.48 9.39 27.35
N THR C 45 -8.21 8.70 26.48
CA THR C 45 -7.93 7.30 26.20
C THR C 45 -8.42 6.97 24.81
N THR C 46 -7.93 5.84 24.29
CA THR C 46 -8.35 5.37 22.98
C THR C 46 -9.77 4.83 23.06
N LEU C 47 -10.63 5.29 22.16
CA LEU C 47 -12.02 4.88 22.13
C LEU C 47 -12.27 4.01 20.91
N PHE C 48 -12.76 2.80 21.13
CA PHE C 48 -13.16 1.92 20.04
C PHE C 48 -14.54 2.33 19.56
N CYS C 49 -15.15 1.52 18.71
CA CYS C 49 -16.38 1.88 18.01
C CYS C 49 -17.48 0.88 18.30
N ALA C 50 -18.66 1.15 17.75
CA ALA C 50 -19.77 0.22 17.75
C ALA C 50 -20.76 0.70 16.69
N SER C 51 -21.18 -0.20 15.82
CA SER C 51 -22.05 0.15 14.71
C SER C 51 -23.25 -0.79 14.64
N ASP C 52 -24.28 -0.34 13.95
CA ASP C 52 -25.49 -1.13 13.77
C ASP C 52 -25.23 -2.34 12.89
N ALA C 53 -26.02 -3.38 13.09
CA ALA C 53 -25.88 -4.62 12.32
C ALA C 53 -26.64 -4.57 11.01
N LYS C 54 -27.36 -3.49 10.73
CA LYS C 54 -28.10 -3.36 9.49
C LYS C 54 -27.16 -3.15 8.31
N THR C 58 -25.86 -5.61 4.41
CA THR C 58 -25.51 -4.48 3.56
C THR C 58 -24.03 -4.14 3.68
N GLU C 59 -23.18 -5.16 3.55
CA GLU C 59 -21.74 -4.96 3.69
C GLU C 59 -21.18 -4.06 2.59
N LYS C 60 -21.66 -4.24 1.35
CA LYS C 60 -21.24 -3.43 0.22
C LYS C 60 -19.71 -3.38 0.11
N HIS C 61 -19.08 -4.54 0.28
CA HIS C 61 -17.63 -4.71 0.13
C HIS C 61 -16.88 -3.73 1.05
N ASN C 62 -17.11 -3.90 2.35
CA ASN C 62 -16.40 -3.15 3.38
C ASN C 62 -16.58 -1.64 3.20
N VAL C 63 -17.82 -1.20 3.44
CA VAL C 63 -18.17 0.22 3.44
C VAL C 63 -17.12 1.01 4.22
N TRP C 64 -16.79 2.20 3.73
CA TRP C 64 -15.73 3.01 4.31
C TRP C 64 -15.84 3.13 5.82
N ALA C 65 -17.04 3.40 6.33
CA ALA C 65 -17.20 3.71 7.75
C ALA C 65 -16.98 2.48 8.61
N THR C 66 -17.80 1.45 8.44
CA THR C 66 -17.82 0.29 9.32
C THR C 66 -17.51 -0.97 8.53
N HIS C 67 -16.33 -1.54 8.77
CA HIS C 67 -16.00 -2.88 8.27
C HIS C 67 -15.75 -3.85 9.41
N ALA C 68 -14.79 -3.58 10.28
CA ALA C 68 -14.48 -4.43 11.42
C ALA C 68 -15.04 -3.89 12.72
N CYS C 69 -15.92 -2.90 12.65
CA CYS C 69 -16.48 -2.31 13.85
C CYS C 69 -17.40 -3.31 14.55
N VAL C 70 -17.28 -3.41 15.86
CA VAL C 70 -18.04 -4.38 16.64
C VAL C 70 -19.52 -3.98 16.63
N PRO C 71 -20.45 -4.94 16.76
CA PRO C 71 -21.87 -4.58 16.77
C PRO C 71 -22.19 -3.66 17.93
N THR C 72 -23.11 -2.73 17.68
CA THR C 72 -23.52 -1.79 18.71
C THR C 72 -24.28 -2.50 19.81
N ASP C 73 -24.48 -1.79 20.91
CA ASP C 73 -25.30 -2.32 21.99
C ASP C 73 -26.76 -2.34 21.53
N PRO C 74 -27.43 -3.51 21.54
CA PRO C 74 -28.81 -3.54 21.05
C PRO C 74 -29.75 -2.64 21.82
N ASN C 75 -29.55 -2.50 23.12
CA ASN C 75 -30.40 -1.66 23.97
C ASN C 75 -29.56 -0.59 24.68
N PRO C 76 -29.45 0.60 24.11
CA PRO C 76 -28.58 1.63 24.70
C PRO C 76 -29.06 2.18 26.03
N GLN C 77 -28.73 1.50 27.13
CA GLN C 77 -29.07 2.03 28.44
C GLN C 77 -28.44 3.40 28.64
N GLU C 78 -29.27 4.44 28.69
CA GLU C 78 -28.81 5.80 28.95
C GLU C 78 -29.19 6.13 30.39
N ILE C 79 -28.18 6.29 31.24
CA ILE C 79 -28.38 6.43 32.68
C ILE C 79 -28.35 7.91 33.02
N HIS C 80 -29.40 8.40 33.69
CA HIS C 80 -29.47 9.80 34.07
C HIS C 80 -28.95 9.97 35.49
N LEU C 81 -28.50 11.18 35.80
CA LEU C 81 -27.86 11.47 37.07
C LEU C 81 -28.43 12.76 37.65
N GLU C 82 -28.36 12.88 38.98
CA GLU C 82 -28.82 14.06 39.69
C GLU C 82 -27.77 14.46 40.72
N ASN C 83 -27.79 15.75 41.11
CA ASN C 83 -26.74 16.27 42.04
C ASN C 83 -25.39 16.08 41.35
N VAL C 84 -25.35 16.26 40.03
CA VAL C 84 -24.13 16.02 39.28
C VAL C 84 -23.76 17.30 38.54
N THR C 85 -22.48 17.69 38.61
CA THR C 85 -22.01 18.89 37.96
C THR C 85 -20.62 18.64 37.42
N GLU C 86 -20.45 18.75 36.10
CA GLU C 86 -19.19 18.47 35.45
C GLU C 86 -18.77 19.65 34.59
N GLU C 87 -17.48 19.95 34.59
CA GLU C 87 -16.92 21.07 33.84
C GLU C 87 -16.67 20.61 32.41
N PHE C 88 -17.66 20.86 31.54
CA PHE C 88 -17.55 20.49 30.14
C PHE C 88 -16.75 21.52 29.36
N ASN C 89 -15.99 21.05 28.39
CA ASN C 89 -15.22 21.93 27.52
C ASN C 89 -15.06 21.23 26.17
N MET C 90 -15.90 21.62 25.21
CA MET C 90 -15.88 20.98 23.91
C MET C 90 -14.73 21.43 23.03
N TRP C 91 -14.06 22.54 23.37
CA TRP C 91 -12.93 23.02 22.60
C TRP C 91 -11.60 22.48 23.09
N LYS C 92 -11.48 22.21 24.38
CA LYS C 92 -10.32 21.50 24.91
C LYS C 92 -10.54 20.00 24.93
N ASN C 93 -11.69 19.53 24.43
CA ASN C 93 -11.96 18.10 24.36
C ASN C 93 -10.96 17.42 23.43
N ASN C 94 -10.41 16.31 23.89
CA ASN C 94 -9.47 15.52 23.10
C ASN C 94 -10.14 14.42 22.30
N MET C 95 -11.46 14.23 22.48
CA MET C 95 -12.18 13.25 21.68
C MET C 95 -12.18 13.63 20.20
N VAL C 96 -12.35 14.91 19.90
CA VAL C 96 -12.45 15.35 18.51
C VAL C 96 -11.14 15.11 17.77
N GLU C 97 -10.01 15.32 18.44
CA GLU C 97 -8.72 15.02 17.81
C GLU C 97 -8.60 13.54 17.51
N GLN C 98 -9.05 12.69 18.44
CA GLN C 98 -9.01 11.26 18.21
C GLN C 98 -9.86 10.87 17.01
N MET C 99 -11.07 11.43 16.91
CA MET C 99 -11.91 11.07 15.78
C MET C 99 -11.35 11.61 14.46
N HIS C 100 -10.74 12.80 14.49
CA HIS C 100 -10.14 13.33 13.26
C HIS C 100 -9.01 12.44 12.78
N THR C 101 -8.09 12.08 13.68
CA THR C 101 -6.99 11.20 13.29
C THR C 101 -7.51 9.83 12.88
N ASP C 102 -8.55 9.33 13.55
CA ASP C 102 -9.14 8.05 13.19
C ASP C 102 -9.73 8.09 11.79
N ILE C 103 -10.42 9.17 11.44
CA ILE C 103 -10.99 9.28 10.10
C ILE C 103 -9.88 9.37 9.06
N ILE C 104 -8.82 10.12 9.37
CA ILE C 104 -7.69 10.19 8.44
C ILE C 104 -7.13 8.79 8.18
N SER C 105 -6.87 8.04 9.26
CA SER C 105 -6.28 6.72 9.11
C SER C 105 -7.24 5.77 8.40
N LEU C 106 -8.53 5.85 8.70
CA LEU C 106 -9.50 4.98 8.05
C LEU C 106 -9.60 5.27 6.57
N TRP C 107 -9.58 6.55 6.19
CA TRP C 107 -9.61 6.92 4.78
C TRP C 107 -8.37 6.40 4.07
N ASP C 108 -7.20 6.58 4.67
CA ASP C 108 -5.97 6.10 4.05
C ASP C 108 -5.99 4.58 3.91
N GLN C 109 -6.50 3.88 4.93
CA GLN C 109 -6.52 2.43 4.90
C GLN C 109 -7.49 1.91 3.84
N SER C 110 -8.68 2.49 3.77
CA SER C 110 -9.65 2.06 2.76
C SER C 110 -9.22 2.48 1.35
N LEU C 111 -8.37 3.49 1.24
CA LEU C 111 -7.89 3.96 -0.04
C LEU C 111 -6.62 3.25 -0.50
N LYS C 112 -5.91 2.60 0.43
CA LYS C 112 -4.63 1.98 0.09
C LYS C 112 -4.74 0.85 -0.93
N PRO C 113 -5.61 -0.15 -0.76
CA PRO C 113 -5.57 -1.30 -1.68
C PRO C 113 -6.20 -1.05 -3.04
N CYS C 114 -6.80 0.11 -3.28
CA CYS C 114 -7.46 0.34 -4.56
C CYS C 114 -6.41 0.63 -5.64
N VAL C 115 -6.90 1.02 -6.82
CA VAL C 115 -6.06 1.13 -8.00
C VAL C 115 -5.17 2.36 -7.91
N LYS C 116 -3.87 2.17 -8.14
CA LYS C 116 -2.97 3.30 -8.31
C LYS C 116 -3.15 3.91 -9.69
N LEU C 117 -3.04 5.24 -9.77
CA LEU C 117 -3.24 5.97 -11.00
C LEU C 117 -1.99 6.74 -11.40
N THR C 118 -0.83 6.14 -11.20
CA THR C 118 0.41 6.76 -11.65
C THR C 118 0.55 6.82 -13.18
N PRO C 119 -0.05 5.94 -13.98
CA PRO C 119 0.10 6.08 -15.44
C PRO C 119 -0.78 7.15 -16.07
N LEU C 120 -1.68 7.77 -15.32
CA LEU C 120 -2.48 8.87 -15.88
C LEU C 120 -1.66 10.13 -16.13
N CYS C 121 -0.48 10.25 -15.53
CA CYS C 121 0.37 11.39 -15.82
C CYS C 121 0.88 11.24 -17.24
N VAL C 122 0.23 11.94 -18.17
CA VAL C 122 0.50 11.80 -19.59
C VAL C 122 -0.14 12.99 -20.29
N THR C 123 0.47 13.41 -21.39
CA THR C 123 -0.03 14.57 -22.12
C THR C 123 -1.44 14.31 -22.62
N LEU C 124 -2.36 15.20 -22.26
CA LEU C 124 -3.77 15.04 -22.62
C LEU C 124 -4.09 15.97 -23.79
N GLN C 125 -4.29 15.39 -24.97
CA GLN C 125 -4.81 16.15 -26.09
C GLN C 125 -6.30 16.37 -25.88
N CYS C 126 -6.67 17.56 -25.40
CA CYS C 126 -8.00 17.80 -24.87
C CYS C 126 -8.64 18.99 -25.57
N THR C 127 -9.93 18.87 -25.87
CA THR C 127 -10.65 19.87 -26.64
C THR C 127 -11.99 20.19 -25.97
N ASN C 128 -12.53 21.35 -26.34
CA ASN C 128 -13.84 21.76 -25.81
C ASN C 128 -14.93 20.87 -26.38
N VAL C 129 -16.03 20.72 -25.67
CA VAL C 129 -17.16 19.90 -26.09
C VAL C 129 -18.33 20.74 -26.58
N THR C 130 -18.43 21.98 -26.15
CA THR C 130 -19.66 22.77 -26.24
C THR C 130 -19.64 23.61 -27.50
N ASN C 131 -20.71 23.51 -28.30
CA ASN C 131 -20.82 24.30 -29.51
C ASN C 131 -21.32 25.71 -29.22
N ASN C 132 -22.52 25.82 -28.67
CA ASN C 132 -23.07 27.13 -28.33
C ASN C 132 -22.31 27.73 -27.16
N ILE C 133 -22.22 29.06 -27.14
CA ILE C 133 -21.48 29.72 -26.07
C ILE C 133 -22.23 29.55 -24.75
N THR C 134 -21.52 29.02 -23.75
CA THR C 134 -22.03 28.84 -22.39
C THR C 134 -23.32 28.02 -22.40
N ASP C 135 -23.36 26.98 -23.24
CA ASP C 135 -24.43 25.99 -23.12
C ASP C 135 -24.29 25.20 -21.83
N ASP C 136 -23.06 24.87 -21.45
CA ASP C 136 -22.78 24.20 -20.18
C ASP C 136 -23.10 25.13 -19.01
N GLY C 139 -15.80 25.38 -20.89
CA GLY C 139 -15.17 24.75 -19.75
C GLY C 139 -16.12 23.86 -18.97
N GLU C 140 -15.66 23.39 -17.81
CA GLU C 140 -16.43 22.55 -16.90
C GLU C 140 -16.75 21.19 -17.52
N LEU C 141 -16.28 20.97 -18.74
CA LEU C 141 -16.41 19.67 -19.39
C LEU C 141 -15.33 19.59 -20.47
N LYS C 142 -14.29 18.81 -20.22
CA LYS C 142 -13.15 18.73 -21.13
C LYS C 142 -13.04 17.31 -21.69
N ASN C 143 -13.05 17.23 -23.02
CA ASN C 143 -12.91 15.92 -23.73
C ASN C 143 -11.43 15.72 -24.03
N CYS C 144 -10.74 14.95 -23.21
CA CYS C 144 -9.30 14.75 -23.35
C CYS C 144 -9.02 13.37 -23.93
N SER C 145 -8.28 13.34 -25.02
CA SER C 145 -7.80 12.10 -25.63
C SER C 145 -6.31 11.96 -25.35
N PHE C 146 -5.92 10.80 -24.86
CA PHE C 146 -4.54 10.60 -24.41
C PHE C 146 -4.12 9.17 -24.68
N ASN C 147 -2.92 8.86 -24.17
CA ASN C 147 -2.38 7.49 -24.32
C ASN C 147 -2.46 6.79 -22.96
N MET C 148 -2.51 5.46 -22.97
CA MET C 148 -2.61 4.66 -21.76
C MET C 148 -2.09 3.26 -22.08
N THR C 149 -1.20 2.77 -21.24
CA THR C 149 -0.60 1.46 -21.49
C THR C 149 -1.61 0.36 -21.19
N THR C 150 -1.77 -0.57 -22.14
CA THR C 150 -2.78 -1.61 -22.05
C THR C 150 -2.23 -2.78 -21.22
N GLU C 151 -2.91 -3.93 -21.32
CA GLU C 151 -2.47 -5.10 -20.56
C GLU C 151 -1.06 -5.51 -20.97
N LEU C 152 -0.78 -5.51 -22.27
CA LEU C 152 0.54 -5.85 -22.79
C LEU C 152 1.36 -4.58 -22.88
N ARG C 153 2.52 -4.58 -22.23
CA ARG C 153 3.36 -3.39 -22.21
C ARG C 153 3.87 -3.01 -23.60
N ASP C 154 3.96 -3.97 -24.51
CA ASP C 154 4.43 -3.65 -25.86
C ASP C 154 3.47 -2.69 -26.57
N LYS C 155 2.18 -2.93 -26.46
CA LYS C 155 1.19 -2.13 -27.15
C LYS C 155 0.72 -0.97 -26.28
N LYS C 156 0.23 0.07 -26.96
CA LYS C 156 -0.35 1.23 -26.30
C LYS C 156 -1.66 1.56 -26.98
N GLN C 157 -2.61 2.06 -26.21
CA GLN C 157 -3.95 2.33 -26.71
C GLN C 157 -4.27 3.81 -26.61
N LYS C 158 -5.04 4.29 -27.58
CA LYS C 158 -5.50 5.68 -27.61
C LYS C 158 -6.94 5.71 -27.09
N VAL C 159 -7.14 6.40 -25.97
CA VAL C 159 -8.44 6.45 -25.32
C VAL C 159 -8.82 7.91 -25.09
N TYR C 160 -10.10 8.12 -24.80
CA TYR C 160 -10.65 9.44 -24.58
C TYR C 160 -11.51 9.43 -23.33
N SER C 161 -11.62 10.60 -22.69
CA SER C 161 -12.40 10.73 -21.48
C SER C 161 -12.93 12.15 -21.38
N LEU C 162 -13.96 12.32 -20.55
CA LEU C 162 -14.55 13.64 -20.30
C LEU C 162 -14.14 14.07 -18.89
N PHE C 163 -13.09 14.88 -18.81
CA PHE C 163 -12.67 15.45 -17.54
C PHE C 163 -13.40 16.78 -17.29
N TYR C 164 -13.23 17.30 -16.09
CA TYR C 164 -13.75 18.61 -15.74
C TYR C 164 -12.63 19.64 -15.74
N ARG C 165 -13.00 20.92 -15.86
CA ARG C 165 -12.00 21.97 -15.91
C ARG C 165 -11.20 22.03 -14.60
N LEU C 166 -11.88 21.87 -13.47
CA LEU C 166 -11.19 21.92 -12.19
C LEU C 166 -10.23 20.75 -11.98
N ASP C 167 -10.30 19.73 -12.83
CA ASP C 167 -9.48 18.54 -12.66
C ASP C 167 -8.19 18.54 -13.49
N VAL C 168 -8.10 19.39 -14.50
CA VAL C 168 -6.91 19.45 -15.36
C VAL C 168 -6.44 20.89 -15.47
N VAL C 169 -5.16 21.04 -15.77
CA VAL C 169 -4.56 22.36 -16.00
C VAL C 169 -3.79 22.29 -17.32
N GLN C 170 -3.61 23.44 -17.94
CA GLN C 170 -2.97 23.51 -19.24
C GLN C 170 -1.46 23.65 -19.09
N ILE C 171 -0.73 22.92 -19.92
CA ILE C 171 0.73 22.99 -19.96
C ILE C 171 1.13 23.53 -21.33
N ASN C 172 2.01 24.52 -21.33
CA ASN C 172 2.43 25.17 -22.57
C ASN C 172 3.94 25.08 -22.76
N LYS C 184 -4.47 22.90 -27.47
CA LYS C 184 -3.76 23.00 -26.20
C LYS C 184 -3.60 21.62 -25.56
N GLU C 185 -2.53 21.45 -24.79
CA GLU C 185 -2.27 20.22 -24.07
C GLU C 185 -2.54 20.42 -22.59
N TYR C 186 -3.33 19.54 -22.01
CA TYR C 186 -3.64 19.57 -20.58
C TYR C 186 -2.99 18.39 -19.88
N ARG C 187 -3.05 18.43 -18.55
CA ARG C 187 -2.60 17.33 -17.72
C ARG C 187 -3.29 17.44 -16.37
N LEU C 188 -3.28 16.33 -15.62
CA LEU C 188 -4.00 16.27 -14.37
C LEU C 188 -3.44 17.27 -13.36
N ILE C 189 -4.34 17.89 -12.58
CA ILE C 189 -3.95 18.98 -11.71
C ILE C 189 -2.99 18.50 -10.62
N ASN C 190 -3.20 17.28 -10.13
CA ASN C 190 -2.37 16.72 -9.06
C ASN C 190 -1.34 15.74 -9.59
N CYS C 191 -0.85 15.97 -10.79
CA CYS C 191 0.16 15.11 -11.42
C CYS C 191 1.58 15.47 -11.01
N ASN C 192 1.77 16.68 -10.45
CA ASN C 192 3.15 17.13 -10.13
C ASN C 192 3.35 17.29 -8.61
N THR C 193 2.30 17.08 -7.81
CA THR C 193 2.41 17.26 -6.38
C THR C 193 2.13 16.01 -5.56
N SER C 194 1.43 15.03 -6.13
CA SER C 194 1.09 13.81 -5.39
C SER C 194 0.95 12.67 -6.38
N ALA C 195 0.53 11.51 -5.86
CA ALA C 195 0.28 10.33 -6.67
C ALA C 195 -1.22 10.07 -6.66
N ILE C 196 -1.86 10.24 -7.81
CA ILE C 196 -3.30 10.03 -7.91
C ILE C 196 -3.63 8.57 -7.64
N THR C 197 -4.66 8.34 -6.83
CA THR C 197 -5.11 7.00 -6.50
C THR C 197 -6.62 6.94 -6.60
N GLN C 198 -7.12 6.10 -7.50
CA GLN C 198 -8.56 5.96 -7.68
C GLN C 198 -9.15 5.20 -6.50
N ALA C 199 -10.20 5.76 -5.90
CA ALA C 199 -10.97 5.02 -4.91
C ALA C 199 -11.69 3.89 -5.62
N CYS C 200 -11.35 2.65 -5.25
CA CYS C 200 -11.93 1.51 -5.95
C CYS C 200 -13.43 1.48 -5.74
N PRO C 201 -14.22 1.52 -6.83
CA PRO C 201 -15.66 1.84 -6.70
C PRO C 201 -16.48 0.75 -6.05
N LYS C 202 -15.85 -0.36 -5.66
CA LYS C 202 -16.57 -1.37 -4.90
C LYS C 202 -17.00 -0.83 -3.55
N VAL C 203 -16.15 0.00 -2.92
CA VAL C 203 -16.52 0.64 -1.68
C VAL C 203 -17.31 1.92 -1.97
N SER C 204 -18.19 2.27 -1.03
CA SER C 204 -19.00 3.47 -1.13
C SER C 204 -18.46 4.53 -0.18
N PHE C 205 -19.05 5.72 -0.25
CA PHE C 205 -18.66 6.83 0.60
C PHE C 205 -19.76 7.20 1.58
N GLU C 206 -20.59 6.25 1.96
CA GLU C 206 -21.74 6.53 2.80
C GLU C 206 -21.31 6.84 4.22
N PRO C 207 -21.70 7.99 4.78
CA PRO C 207 -21.47 8.21 6.22
C PRO C 207 -22.42 7.37 7.04
N ILE C 208 -21.90 6.29 7.64
CA ILE C 208 -22.72 5.39 8.46
C ILE C 208 -22.70 5.91 9.89
N PRO C 209 -23.80 5.83 10.63
CA PRO C 209 -23.76 6.20 12.04
C PRO C 209 -22.74 5.36 12.81
N ILE C 210 -21.88 6.04 13.57
CA ILE C 210 -20.81 5.41 14.32
C ILE C 210 -20.92 5.82 15.78
N HIS C 211 -20.75 4.86 16.68
CA HIS C 211 -20.73 5.10 18.12
C HIS C 211 -19.32 4.81 18.63
N TYR C 212 -18.68 5.80 19.23
CA TYR C 212 -17.38 5.60 19.87
C TYR C 212 -17.60 5.25 21.32
N CYS C 213 -17.29 4.01 21.70
CA CYS C 213 -17.60 3.51 23.03
C CYS C 213 -16.31 3.29 23.81
N ALA C 214 -16.24 3.94 24.97
CA ALA C 214 -15.04 3.88 25.79
C ALA C 214 -14.84 2.48 26.35
N PRO C 215 -13.60 2.08 26.62
CA PRO C 215 -13.32 0.75 27.15
C PRO C 215 -13.72 0.67 28.63
N ALA C 216 -13.41 -0.48 29.23
CA ALA C 216 -13.71 -0.69 30.63
C ALA C 216 -12.92 0.29 31.50
N GLY C 217 -13.56 0.78 32.56
CA GLY C 217 -12.96 1.77 33.41
C GLY C 217 -13.05 3.19 32.91
N PHE C 218 -13.65 3.41 31.75
CA PHE C 218 -13.84 4.73 31.19
C PHE C 218 -15.31 4.91 30.84
N ALA C 219 -15.90 6.01 31.27
CA ALA C 219 -17.30 6.31 31.01
C ALA C 219 -17.40 7.62 30.24
N ILE C 220 -18.44 7.70 29.40
CA ILE C 220 -18.67 8.87 28.55
C ILE C 220 -19.81 9.66 29.16
N LEU C 221 -19.56 10.94 29.44
CA LEU C 221 -20.55 11.80 30.06
C LEU C 221 -21.31 12.58 28.99
N LYS C 222 -22.63 12.60 29.12
CA LYS C 222 -23.50 13.31 28.18
C LYS C 222 -24.16 14.48 28.91
N CYS C 223 -23.99 15.68 28.36
CA CYS C 223 -24.60 16.89 28.92
C CYS C 223 -26.00 17.01 28.35
N LYS C 224 -26.98 16.49 29.06
CA LYS C 224 -28.34 16.36 28.56
C LYS C 224 -29.17 17.63 28.76
N ASP C 225 -28.63 18.64 29.43
CA ASP C 225 -29.38 19.88 29.61
C ASP C 225 -29.67 20.53 28.26
N LYS C 226 -30.71 21.36 28.24
CA LYS C 226 -31.15 21.94 26.97
C LYS C 226 -30.25 23.10 26.57
N LYS C 227 -30.18 24.13 27.41
CA LYS C 227 -29.36 25.31 27.12
C LYS C 227 -27.92 25.00 27.49
N PHE C 228 -27.16 24.50 26.52
CA PHE C 228 -25.75 24.18 26.70
C PHE C 228 -24.92 25.17 25.89
N ASN C 229 -24.01 25.88 26.55
CA ASN C 229 -23.23 26.93 25.84
C ASN C 229 -21.98 26.31 25.18
N GLY C 230 -21.32 25.37 25.85
CA GLY C 230 -20.09 24.80 25.34
C GLY C 230 -18.99 24.76 26.37
N THR C 231 -19.11 25.58 27.42
CA THR C 231 -18.11 25.64 28.46
C THR C 231 -18.79 25.99 29.78
N GLY C 232 -18.43 25.27 30.84
CA GLY C 232 -18.97 25.52 32.15
C GLY C 232 -19.72 24.34 32.71
N PRO C 233 -20.27 24.49 33.91
CA PRO C 233 -21.01 23.40 34.54
C PRO C 233 -22.24 23.03 33.74
N CYS C 234 -22.59 21.74 33.78
CA CYS C 234 -23.76 21.21 33.09
C CYS C 234 -24.77 20.75 34.14
N PRO C 235 -25.94 21.38 34.23
CA PRO C 235 -26.89 20.99 35.28
C PRO C 235 -27.37 19.54 35.16
N SER C 236 -27.53 19.05 33.94
CA SER C 236 -28.04 17.70 33.69
C SER C 236 -26.93 16.91 33.01
N VAL C 237 -26.10 16.25 33.81
CA VAL C 237 -25.05 15.36 33.31
C VAL C 237 -25.55 13.93 33.43
N SER C 238 -25.49 13.19 32.34
CA SER C 238 -25.92 11.80 32.33
C SER C 238 -24.87 10.95 31.64
N THR C 239 -24.65 9.76 32.17
CA THR C 239 -23.67 8.83 31.63
C THR C 239 -24.33 7.87 30.64
N VAL C 240 -23.50 7.32 29.75
CA VAL C 240 -23.96 6.36 28.76
C VAL C 240 -22.77 5.52 28.36
N GLN C 241 -23.03 4.33 27.83
CA GLN C 241 -21.94 3.52 27.30
C GLN C 241 -21.23 4.23 26.19
N CYS C 242 -21.98 4.86 25.27
CA CYS C 242 -21.38 5.62 24.19
C CYS C 242 -22.45 6.37 23.40
N THR C 243 -21.97 7.16 22.44
CA THR C 243 -22.73 8.23 21.83
C THR C 243 -23.79 7.70 20.87
N HIS C 244 -24.60 8.62 20.36
CA HIS C 244 -25.61 8.32 19.37
C HIS C 244 -24.95 8.04 18.02
N GLY C 245 -25.77 7.80 17.01
CA GLY C 245 -25.27 7.54 15.68
C GLY C 245 -24.67 8.78 15.05
N ILE C 246 -23.34 8.79 14.91
CA ILE C 246 -22.64 9.92 14.33
C ILE C 246 -22.41 9.66 12.86
N LYS C 247 -22.91 10.54 12.00
CA LYS C 247 -22.60 10.45 10.59
C LYS C 247 -21.35 11.27 10.30
N PRO C 248 -20.23 10.62 9.96
CA PRO C 248 -19.00 11.38 9.71
C PRO C 248 -19.02 12.03 8.34
N VAL C 249 -19.97 12.94 8.12
CA VAL C 249 -20.07 13.63 6.85
C VAL C 249 -18.89 14.59 6.69
N VAL C 250 -18.49 14.80 5.43
CA VAL C 250 -17.45 15.77 5.09
C VAL C 250 -18.14 16.95 4.41
N SER C 251 -18.08 18.11 5.05
CA SER C 251 -18.74 19.29 4.51
C SER C 251 -18.10 20.54 5.07
N THR C 252 -18.29 21.64 4.35
CA THR C 252 -17.83 22.95 4.78
C THR C 252 -18.95 23.98 4.54
N GLN C 253 -19.09 24.89 5.51
CA GLN C 253 -20.04 26.00 5.48
C GLN C 253 -21.48 25.55 5.69
N LEU C 254 -21.74 24.25 5.69
CA LEU C 254 -23.08 23.72 5.97
C LEU C 254 -22.92 22.32 6.54
N LEU C 255 -23.42 22.12 7.76
CA LEU C 255 -23.30 20.83 8.44
C LEU C 255 -24.44 19.93 7.98
N LEU C 256 -24.22 19.26 6.85
CA LEU C 256 -25.23 18.39 6.29
C LEU C 256 -25.47 17.17 7.18
N ASN C 257 -26.73 16.74 7.26
CA ASN C 257 -27.07 15.51 8.03
C ASN C 257 -26.42 15.53 9.42
N GLY C 258 -26.42 16.69 10.08
CA GLY C 258 -25.92 16.75 11.44
C GLY C 258 -26.99 16.50 12.47
N SER C 259 -26.59 16.61 13.73
CA SER C 259 -27.52 16.48 14.85
C SER C 259 -28.19 17.83 15.11
N LEU C 260 -29.52 17.84 15.09
CA LEU C 260 -30.30 19.05 15.27
C LEU C 260 -31.15 19.01 16.53
N ALA C 261 -30.79 18.15 17.50
CA ALA C 261 -31.58 18.03 18.72
C ALA C 261 -31.65 19.34 19.49
N GLU C 262 -30.68 20.23 19.23
CA GLU C 262 -30.67 21.55 19.91
C GLU C 262 -31.88 22.35 19.40
N GLU C 263 -32.97 22.39 20.16
CA GLU C 263 -34.22 23.08 19.72
C GLU C 263 -33.98 24.60 19.70
N GLU C 264 -32.78 25.03 20.11
CA GLU C 264 -32.44 26.48 20.05
C GLU C 264 -31.21 26.65 19.15
N VAL C 265 -31.10 27.79 18.46
CA VAL C 265 -29.89 28.05 17.62
C VAL C 265 -28.77 28.53 18.54
N MET C 266 -28.04 27.60 19.16
CA MET C 266 -26.96 27.98 20.10
C MET C 266 -25.68 28.31 19.32
N ILE C 267 -25.36 29.60 19.20
CA ILE C 267 -24.10 30.00 18.50
C ILE C 267 -22.92 29.61 19.40
N ARG C 268 -22.04 28.75 18.90
CA ARG C 268 -20.91 28.29 19.71
C ARG C 268 -19.60 28.72 19.08
N SER C 269 -18.60 28.92 19.94
CA SER C 269 -17.25 29.25 19.57
C SER C 269 -16.40 29.15 20.82
N GLU C 270 -15.10 28.93 20.66
CA GLU C 270 -14.27 28.85 21.86
C GLU C 270 -14.18 30.19 22.55
N ASN C 271 -14.39 31.28 21.82
CA ASN C 271 -14.41 32.65 22.42
C ASN C 271 -15.11 33.58 21.42
N ILE C 272 -16.18 34.24 21.83
CA ILE C 272 -16.93 35.03 20.85
C ILE C 272 -16.08 36.18 20.32
N THR C 273 -15.33 36.84 21.21
CA THR C 273 -14.64 38.08 20.83
C THR C 273 -13.56 37.86 19.79
N ASN C 274 -13.11 36.62 19.59
CA ASN C 274 -12.06 36.34 18.62
C ASN C 274 -12.68 36.09 17.25
N ASN C 275 -12.48 37.03 16.33
CA ASN C 275 -13.01 36.88 14.98
C ASN C 275 -12.36 35.72 14.24
N ALA C 276 -11.04 35.56 14.40
CA ALA C 276 -10.29 34.60 13.61
C ALA C 276 -10.62 33.15 13.95
N LYS C 277 -11.34 32.90 15.04
CA LYS C 277 -11.77 31.55 15.37
C LYS C 277 -13.18 31.34 14.84
N ASN C 278 -13.40 30.20 14.19
CA ASN C 278 -14.68 29.95 13.52
C ASN C 278 -15.82 29.95 14.52
N ILE C 279 -16.97 30.46 14.09
CA ILE C 279 -18.17 30.52 14.91
C ILE C 279 -19.04 29.32 14.53
N LEU C 280 -19.25 28.43 15.49
CA LEU C 280 -20.05 27.23 15.26
C LEU C 280 -21.53 27.55 15.52
N VAL C 281 -22.38 27.15 14.60
CA VAL C 281 -23.82 27.36 14.69
C VAL C 281 -24.50 26.02 14.50
N GLN C 282 -25.49 25.73 15.35
CA GLN C 282 -26.28 24.51 15.23
C GLN C 282 -27.76 24.86 15.20
N PHE C 283 -28.45 24.41 14.16
CA PHE C 283 -29.85 24.76 13.96
C PHE C 283 -30.76 23.91 14.84
N ASN C 284 -32.03 24.28 14.85
CA ASN C 284 -33.09 23.49 15.47
C ASN C 284 -34.04 22.89 14.44
N THR C 285 -34.40 23.67 13.42
CA THR C 285 -35.25 23.22 12.32
C THR C 285 -34.38 22.85 11.12
N PRO C 286 -34.47 21.62 10.62
CA PRO C 286 -33.68 21.24 9.46
C PRO C 286 -34.05 22.05 8.23
N VAL C 287 -33.08 22.27 7.37
CA VAL C 287 -33.27 22.92 6.08
C VAL C 287 -33.11 21.87 5.00
N GLN C 288 -34.16 21.67 4.20
CA GLN C 288 -34.07 20.71 3.12
C GLN C 288 -33.26 21.27 1.97
N ILE C 289 -32.52 20.38 1.30
CA ILE C 289 -31.69 20.76 0.15
C ILE C 289 -31.85 19.68 -0.92
N ASN C 290 -32.01 20.14 -2.17
CA ASN C 290 -32.14 19.20 -3.32
C ASN C 290 -30.88 19.28 -4.17
N CYS C 291 -29.90 18.42 -3.89
CA CYS C 291 -28.63 18.39 -4.61
C CYS C 291 -28.74 17.38 -5.73
N THR C 292 -28.53 17.82 -6.96
CA THR C 292 -28.67 16.97 -8.12
C THR C 292 -27.48 17.18 -9.05
N ARG C 293 -27.16 16.14 -9.82
CA ARG C 293 -26.18 16.20 -10.90
C ARG C 293 -26.89 15.77 -12.16
N PRO C 294 -27.55 16.71 -12.86
CA PRO C 294 -28.44 16.29 -13.97
C PRO C 294 -27.73 15.61 -15.13
N ASN C 295 -26.42 15.78 -15.25
CA ASN C 295 -25.70 15.10 -16.32
C ASN C 295 -25.78 13.59 -16.13
N ASN C 296 -26.12 12.90 -17.23
CA ASN C 296 -26.20 11.41 -17.21
C ASN C 296 -24.87 10.86 -17.73
N ASN C 297 -23.95 10.54 -16.84
CA ASN C 297 -22.63 10.03 -17.21
C ASN C 297 -22.65 8.52 -17.33
N THR C 298 -21.92 8.00 -18.31
CA THR C 298 -21.70 6.58 -18.45
C THR C 298 -20.24 6.28 -18.13
N ARG C 299 -20.01 5.17 -17.43
CA ARG C 299 -18.68 4.83 -16.95
C ARG C 299 -18.00 3.89 -17.93
N LYS C 300 -16.81 4.27 -18.39
CA LYS C 300 -16.03 3.49 -19.32
C LYS C 300 -14.82 2.93 -18.58
N SER C 301 -14.68 1.60 -18.59
CA SER C 301 -13.62 0.93 -17.83
C SER C 301 -12.38 0.83 -18.73
N ILE C 302 -11.65 1.93 -18.83
CA ILE C 302 -10.41 1.94 -19.58
C ILE C 302 -9.40 1.05 -18.88
N ARG C 303 -8.73 0.20 -19.63
CA ARG C 303 -7.85 -0.82 -19.08
C ARG C 303 -6.45 -0.26 -18.82
N ILE C 304 -6.03 -0.31 -17.57
CA ILE C 304 -4.66 -0.02 -17.17
C ILE C 304 -4.06 -1.28 -16.53
N GLY C 305 -4.48 -2.44 -17.02
CA GLY C 305 -3.97 -3.70 -16.54
C GLY C 305 -2.47 -3.83 -16.65
N PRO C 306 -1.91 -4.93 -16.14
CA PRO C 306 -2.56 -6.13 -15.59
C PRO C 306 -3.29 -5.91 -14.27
N GLY C 307 -4.56 -6.28 -14.21
CA GLY C 307 -5.29 -6.25 -12.95
C GLY C 307 -5.65 -4.88 -12.44
N GLN C 308 -5.48 -3.84 -13.25
CA GLN C 308 -5.78 -2.48 -12.84
C GLN C 308 -6.80 -1.88 -13.81
N ALA C 309 -7.77 -1.15 -13.27
CA ALA C 309 -8.81 -0.52 -14.07
C ALA C 309 -8.89 0.96 -13.76
N PHE C 310 -8.95 1.77 -14.82
CA PHE C 310 -9.13 3.21 -14.71
C PHE C 310 -10.49 3.56 -15.28
N TYR C 311 -11.43 3.91 -14.40
CA TYR C 311 -12.81 4.20 -14.80
C TYR C 311 -12.89 5.64 -15.28
N ALA C 312 -13.03 5.83 -16.58
CA ALA C 312 -13.13 7.14 -17.18
C ALA C 312 -14.55 7.41 -17.66
N THR C 313 -14.94 8.68 -17.62
CA THR C 313 -16.28 9.07 -18.03
C THR C 313 -16.43 8.92 -19.55
N GLY C 314 -17.50 8.25 -19.96
CA GLY C 314 -17.85 8.18 -21.36
C GLY C 314 -18.67 9.39 -21.77
N ASP C 315 -19.24 9.31 -22.96
CA ASP C 315 -20.08 10.40 -23.45
C ASP C 315 -21.28 10.60 -22.55
N ILE C 316 -21.62 11.86 -22.29
CA ILE C 316 -22.76 12.19 -21.46
C ILE C 316 -24.01 12.01 -22.31
N ILE C 317 -24.68 10.87 -22.15
CA ILE C 317 -25.87 10.58 -22.93
C ILE C 317 -27.01 11.46 -22.40
N GLY C 318 -27.33 12.51 -23.14
CA GLY C 318 -28.32 13.48 -22.72
C GLY C 318 -27.79 14.90 -22.84
N ASP C 319 -28.60 15.83 -22.36
CA ASP C 319 -28.23 17.24 -22.41
C ASP C 319 -27.09 17.53 -21.45
N ILE C 320 -26.18 18.40 -21.88
CA ILE C 320 -25.07 18.83 -21.03
C ILE C 320 -25.59 19.88 -20.07
N ARG C 321 -25.45 19.61 -18.78
CA ARG C 321 -25.95 20.52 -17.74
C ARG C 321 -24.91 20.64 -16.64
N GLN C 322 -25.13 21.57 -15.73
CA GLN C 322 -24.30 21.72 -14.55
C GLN C 322 -25.14 21.50 -13.30
N ALA C 323 -24.51 20.94 -12.28
CA ALA C 323 -25.21 20.63 -11.04
C ALA C 323 -25.71 21.91 -10.37
N HIS C 324 -26.91 21.83 -9.80
CA HIS C 324 -27.49 22.95 -9.08
C HIS C 324 -27.97 22.47 -7.72
N CYS C 325 -27.63 23.25 -6.70
CA CYS C 325 -27.96 22.87 -5.30
C CYS C 325 -29.09 23.79 -4.82
N ASN C 326 -30.34 23.33 -4.87
CA ASN C 326 -31.51 24.20 -4.54
C ASN C 326 -31.82 24.18 -3.05
N VAL C 327 -32.18 25.35 -2.49
CA VAL C 327 -32.58 25.45 -1.06
C VAL C 327 -33.84 26.33 -1.00
N SER C 328 -34.89 25.89 -0.29
CA SER C 328 -36.12 26.67 -0.25
C SER C 328 -35.83 28.06 0.29
N LYS C 329 -36.25 29.09 -0.45
CA LYS C 329 -35.95 30.46 -0.05
C LYS C 329 -36.61 30.80 1.28
N ALA C 330 -37.87 30.41 1.46
CA ALA C 330 -38.59 30.73 2.69
C ALA C 330 -37.90 30.11 3.90
N THR C 331 -37.89 28.77 3.98
CA THR C 331 -37.37 28.09 5.15
C THR C 331 -35.96 28.57 5.48
N TRP C 332 -35.14 28.78 4.46
CA TRP C 332 -33.81 29.34 4.68
C TRP C 332 -33.90 30.73 5.28
N ASN C 333 -34.85 31.53 4.80
CA ASN C 333 -35.03 32.90 5.34
C ASN C 333 -35.32 32.78 6.84
N GLU C 334 -36.38 32.05 7.23
CA GLU C 334 -36.71 32.01 8.67
C GLU C 334 -35.58 31.38 9.50
N THR C 335 -34.85 30.41 8.96
CA THR C 335 -33.72 29.88 9.71
C THR C 335 -32.66 30.96 9.93
N LEU C 336 -32.38 31.76 8.90
CA LEU C 336 -31.47 32.88 9.08
C LEU C 336 -32.03 33.89 10.08
N GLY C 337 -33.33 34.11 10.07
CA GLY C 337 -33.92 35.00 11.05
C GLY C 337 -33.70 34.52 12.47
N LYS C 338 -33.92 33.23 12.71
CA LYS C 338 -33.67 32.66 14.03
C LYS C 338 -32.20 32.81 14.42
N VAL C 339 -31.29 32.49 13.48
CA VAL C 339 -29.87 32.50 13.82
C VAL C 339 -29.40 33.92 14.08
N VAL C 340 -29.94 34.91 13.35
CA VAL C 340 -29.54 36.29 13.61
C VAL C 340 -30.14 36.81 14.90
N LYS C 341 -31.36 36.37 15.24
CA LYS C 341 -31.95 36.75 16.52
C LYS C 341 -31.09 36.23 17.66
N GLN C 342 -30.57 35.02 17.52
CA GLN C 342 -29.68 34.49 18.55
C GLN C 342 -28.30 35.11 18.50
N LEU C 343 -27.84 35.54 17.31
CA LEU C 343 -26.55 36.21 17.19
C LEU C 343 -26.56 37.56 17.88
N ARG C 344 -27.70 38.24 17.85
CA ARG C 344 -27.80 39.54 18.51
C ARG C 344 -27.60 39.45 20.01
N LYS C 345 -27.69 38.26 20.60
CA LYS C 345 -27.42 38.07 22.02
C LYS C 345 -25.93 38.03 22.33
N HIS C 346 -25.07 37.90 21.32
CA HIS C 346 -23.63 37.88 21.53
C HIS C 346 -22.92 39.16 21.12
N PHE C 347 -23.62 40.07 20.43
CA PHE C 347 -23.02 41.34 19.98
C PHE C 347 -24.04 42.44 20.19
N GLY C 348 -23.92 43.15 21.31
CA GLY C 348 -24.78 44.28 21.59
C GLY C 348 -26.22 43.87 21.82
N ASN C 349 -27.11 44.87 21.73
CA ASN C 349 -28.54 44.63 21.84
C ASN C 349 -29.25 44.72 20.50
N ASN C 350 -28.80 45.63 19.63
CA ASN C 350 -29.36 45.76 18.29
C ASN C 350 -28.27 46.32 17.38
N THR C 351 -27.78 45.48 16.48
CA THR C 351 -26.70 45.88 15.57
C THR C 351 -26.95 45.27 14.20
N ILE C 352 -26.32 45.85 13.20
CA ILE C 352 -26.47 45.38 11.83
C ILE C 352 -25.68 44.10 11.65
N ILE C 353 -26.35 43.05 11.17
CA ILE C 353 -25.71 41.78 10.86
C ILE C 353 -25.78 41.58 9.36
N ARG C 354 -24.63 41.46 8.72
CA ARG C 354 -24.53 41.34 7.28
C ARG C 354 -23.94 39.99 6.90
N PHE C 355 -24.56 39.33 5.92
CA PHE C 355 -24.06 38.08 5.38
C PHE C 355 -23.50 38.31 3.99
N ALA C 356 -22.31 37.77 3.73
CA ALA C 356 -21.67 37.96 2.41
C ALA C 356 -21.05 36.63 1.94
N ASN C 357 -20.71 36.54 0.66
CA ASN C 357 -20.14 35.28 0.12
C ASN C 357 -18.74 35.07 0.70
N SER C 358 -18.23 33.83 0.63
CA SER C 358 -16.91 33.51 1.22
C SER C 358 -15.84 34.53 0.76
N SER C 359 -14.96 34.94 1.68
CA SER C 359 -13.93 35.92 1.36
C SER C 359 -13.00 35.42 0.27
N GLY C 360 -12.30 34.32 0.53
CA GLY C 360 -11.39 33.77 -0.46
C GLY C 360 -10.67 32.56 0.10
N GLY C 361 -9.87 31.95 -0.77
CA GLY C 361 -9.10 30.78 -0.39
C GLY C 361 -9.21 29.64 -1.39
N ASP C 362 -8.99 28.42 -0.91
CA ASP C 362 -9.08 27.26 -1.78
C ASP C 362 -10.53 26.99 -2.16
N LEU C 363 -10.70 26.24 -3.25
CA LEU C 363 -12.05 25.90 -3.73
C LEU C 363 -12.84 25.15 -2.66
N GLU C 364 -12.17 24.36 -1.83
CA GLU C 364 -12.82 23.60 -0.78
C GLU C 364 -13.24 24.46 0.40
N VAL C 365 -12.88 25.75 0.41
CA VAL C 365 -13.27 26.67 1.46
C VAL C 365 -14.20 27.76 0.96
N THR C 366 -13.93 28.30 -0.23
CA THR C 366 -14.80 29.33 -0.79
C THR C 366 -16.18 28.79 -1.15
N THR C 367 -16.34 27.48 -1.21
CA THR C 367 -17.59 26.85 -1.62
C THR C 367 -18.03 25.83 -0.58
N HIS C 368 -19.05 25.05 -0.93
CA HIS C 368 -19.61 24.00 -0.08
C HIS C 368 -19.16 22.63 -0.58
N SER C 369 -18.09 22.11 0.01
CA SER C 369 -17.66 20.76 -0.30
C SER C 369 -18.54 19.73 0.39
N PHE C 370 -18.85 18.66 -0.34
CA PHE C 370 -19.58 17.52 0.21
C PHE C 370 -19.70 16.42 -0.82
N ASN C 371 -20.28 15.28 -0.43
CA ASN C 371 -20.58 14.20 -1.35
C ASN C 371 -22.09 13.97 -1.36
N CYS C 372 -22.61 13.62 -2.54
CA CYS C 372 -24.04 13.44 -2.74
C CYS C 372 -24.40 11.96 -2.92
N GLY C 373 -23.81 11.30 -3.91
CA GLY C 373 -24.13 9.91 -4.17
C GLY C 373 -22.91 9.11 -4.61
N GLY C 374 -21.72 9.63 -4.35
CA GLY C 374 -20.49 8.96 -4.74
C GLY C 374 -19.43 9.84 -5.37
N GLU C 375 -19.68 11.13 -5.62
CA GLU C 375 -18.64 12.01 -6.11
C GLU C 375 -18.68 13.33 -5.33
N PHE C 376 -17.54 14.01 -5.32
CA PHE C 376 -17.40 15.26 -4.58
C PHE C 376 -17.68 16.43 -5.48
N PHE C 377 -18.46 17.39 -4.99
CA PHE C 377 -18.67 18.63 -5.73
C PHE C 377 -19.07 19.74 -4.77
N TYR C 378 -19.03 20.97 -5.28
CA TYR C 378 -19.08 22.17 -4.47
C TYR C 378 -20.17 23.11 -4.95
N CYS C 379 -20.89 23.70 -4.00
CA CYS C 379 -21.96 24.70 -4.34
C CYS C 379 -21.51 26.04 -3.73
N ASN C 380 -21.24 27.06 -4.55
CA ASN C 380 -20.66 28.33 -4.04
C ASN C 380 -21.56 29.02 -2.99
N THR C 381 -22.82 28.62 -2.87
CA THR C 381 -23.73 29.18 -1.82
C THR C 381 -23.47 30.66 -1.66
N SER C 382 -23.33 31.39 -2.79
CA SER C 382 -23.10 32.85 -2.78
C SER C 382 -24.46 33.55 -2.58
N GLY C 383 -25.56 32.83 -2.82
CA GLY C 383 -26.89 33.36 -2.66
C GLY C 383 -27.49 33.12 -1.30
N LEU C 384 -26.98 32.13 -0.56
CA LEU C 384 -27.44 31.89 0.79
C LEU C 384 -26.84 32.88 1.80
N PHE C 385 -25.77 33.58 1.42
CA PHE C 385 -25.16 34.59 2.28
C PHE C 385 -25.03 35.87 1.46
N ASN C 386 -26.10 36.67 1.48
CA ASN C 386 -26.08 37.98 0.76
C ASN C 386 -27.03 38.95 1.51
N SER C 387 -27.69 38.48 2.58
CA SER C 387 -28.63 39.32 3.29
C SER C 387 -27.92 40.19 4.32
N THR C 388 -28.42 41.41 4.49
CA THR C 388 -27.96 42.32 5.53
C THR C 388 -29.17 42.74 6.34
N TRP C 389 -29.11 42.52 7.65
CA TRP C 389 -30.24 42.75 8.54
C TRP C 389 -29.82 43.72 9.64
N ILE C 390 -30.56 44.83 9.74
CA ILE C 390 -30.23 45.91 10.66
C ILE C 390 -30.90 45.68 12.01
N SER C 391 -32.22 45.67 12.03
CA SER C 391 -32.95 45.50 13.27
C SER C 391 -33.94 44.34 13.16
N ASN C 392 -34.50 44.13 11.96
CA ASN C 392 -35.47 43.08 11.74
C ASN C 392 -35.31 42.48 10.35
N ASN C 404 -43.76 31.53 -3.64
CA ASN C 404 -42.99 30.40 -3.13
C ASN C 404 -42.03 29.89 -4.20
N ASP C 405 -40.75 29.82 -3.86
CA ASP C 405 -39.71 29.39 -4.78
C ASP C 405 -38.54 28.83 -3.97
N SER C 406 -37.42 28.62 -4.65
CA SER C 406 -36.22 28.10 -4.01
C SER C 406 -34.99 28.72 -4.65
N ILE C 407 -34.02 29.09 -3.84
CA ILE C 407 -32.78 29.68 -4.35
C ILE C 407 -31.92 28.57 -4.95
N THR C 408 -31.33 28.85 -6.10
CA THR C 408 -30.54 27.88 -6.85
C THR C 408 -29.08 28.29 -6.83
N LEU C 409 -28.18 27.33 -6.59
CA LEU C 409 -26.76 27.59 -6.48
C LEU C 409 -25.99 26.82 -7.54
N PRO C 410 -25.06 27.46 -8.26
CA PRO C 410 -24.20 26.71 -9.18
C PRO C 410 -23.37 25.70 -8.41
N CYS C 411 -23.19 24.52 -8.99
CA CYS C 411 -22.46 23.43 -8.34
C CYS C 411 -21.52 22.78 -9.34
N ARG C 412 -20.24 22.73 -8.97
CA ARG C 412 -19.17 22.31 -9.87
C ARG C 412 -18.62 20.96 -9.43
N ILE C 413 -18.58 20.02 -10.36
CA ILE C 413 -18.06 18.68 -10.08
C ILE C 413 -16.54 18.73 -10.07
N LYS C 414 -15.92 17.87 -9.26
CA LYS C 414 -14.46 17.78 -9.19
C LYS C 414 -14.11 16.35 -8.82
N GLN C 415 -13.78 15.54 -9.81
CA GLN C 415 -13.49 14.13 -9.56
C GLN C 415 -12.23 13.95 -8.73
N ILE C 416 -11.13 14.57 -9.15
CA ILE C 416 -9.87 14.43 -8.43
C ILE C 416 -9.90 15.33 -7.21
N ILE C 417 -9.61 14.75 -6.04
CA ILE C 417 -9.76 15.46 -4.78
C ILE C 417 -8.55 15.16 -3.90
N ASN C 418 -8.04 16.20 -3.24
CA ASN C 418 -6.93 16.10 -2.30
C ASN C 418 -7.39 16.58 -0.93
N MET C 419 -8.55 16.11 -0.51
CA MET C 419 -9.15 16.55 0.75
C MET C 419 -8.23 16.22 1.92
N TRP C 420 -8.37 17.03 2.98
CA TRP C 420 -7.53 17.04 4.17
C TRP C 420 -6.14 17.59 3.91
N GLN C 421 -5.84 17.98 2.66
CA GLN C 421 -4.60 18.70 2.33
C GLN C 421 -3.35 17.91 2.70
N ARG C 422 -3.44 16.58 2.63
CA ARG C 422 -2.25 15.73 2.76
C ARG C 422 -1.63 15.60 1.37
N ILE C 423 -0.53 16.33 1.15
CA ILE C 423 0.12 16.33 -0.15
C ILE C 423 0.67 14.95 -0.49
N GLY C 424 0.88 14.10 0.52
CA GLY C 424 1.48 12.80 0.28
C GLY C 424 0.60 11.86 -0.53
N GLN C 425 -0.70 12.16 -0.63
CA GLN C 425 -1.61 11.29 -1.37
C GLN C 425 -2.77 12.10 -1.91
N ALA C 426 -3.09 11.90 -3.19
CA ALA C 426 -4.26 12.49 -3.81
C ALA C 426 -5.34 11.42 -3.95
N MET C 427 -6.45 11.76 -4.61
CA MET C 427 -7.52 10.80 -4.83
C MET C 427 -8.27 11.16 -6.09
N TYR C 428 -8.86 10.15 -6.72
CA TYR C 428 -9.66 10.32 -7.94
C TYR C 428 -11.00 9.65 -7.69
N ALA C 429 -12.03 10.45 -7.49
CA ALA C 429 -13.37 9.91 -7.30
C ALA C 429 -13.89 9.35 -8.62
N PRO C 430 -14.31 8.09 -8.69
CA PRO C 430 -14.76 7.54 -9.96
C PRO C 430 -16.09 8.17 -10.37
N PRO C 431 -16.39 8.20 -11.66
CA PRO C 431 -17.72 8.65 -12.09
C PRO C 431 -18.80 7.71 -11.62
N ILE C 432 -20.00 8.27 -11.40
CA ILE C 432 -21.16 7.50 -10.98
C ILE C 432 -22.15 7.49 -12.14
N GLN C 433 -22.57 6.29 -12.53
CA GLN C 433 -23.46 6.15 -13.68
C GLN C 433 -24.83 6.75 -13.39
N GLY C 434 -25.39 7.42 -14.39
CA GLY C 434 -26.73 7.97 -14.28
C GLY C 434 -26.78 9.29 -13.55
N VAL C 435 -28.00 9.80 -13.41
CA VAL C 435 -28.22 11.05 -12.72
C VAL C 435 -28.12 10.85 -11.21
N ILE C 436 -27.36 11.69 -10.54
CA ILE C 436 -27.18 11.62 -9.10
C ILE C 436 -28.15 12.61 -8.45
N ARG C 437 -28.98 12.12 -7.54
CA ARG C 437 -29.90 12.97 -6.79
C ARG C 437 -29.84 12.57 -5.33
N CYS C 438 -29.72 13.57 -4.45
CA CYS C 438 -29.75 13.32 -3.02
C CYS C 438 -30.39 14.51 -2.33
N VAL C 439 -31.03 14.23 -1.20
CA VAL C 439 -31.62 15.27 -0.35
C VAL C 439 -31.00 15.15 1.03
N SER C 440 -30.42 16.25 1.51
CA SER C 440 -29.81 16.32 2.83
C SER C 440 -30.55 17.35 3.67
N ASN C 441 -30.25 17.33 4.98
CA ASN C 441 -30.84 18.35 5.88
C ASN C 441 -29.69 19.15 6.49
N ILE C 442 -29.84 20.46 6.54
CA ILE C 442 -28.80 21.35 7.07
C ILE C 442 -29.11 21.65 8.53
N THR C 443 -28.14 21.40 9.41
CA THR C 443 -28.31 21.61 10.82
C THR C 443 -27.35 22.64 11.41
N GLY C 444 -26.42 23.18 10.63
CA GLY C 444 -25.47 24.11 11.19
C GLY C 444 -24.71 24.89 10.14
N LEU C 445 -24.12 26.00 10.60
CA LEU C 445 -23.30 26.87 9.76
C LEU C 445 -21.94 27.03 10.42
N ILE C 446 -20.88 26.84 9.65
CA ILE C 446 -19.53 27.19 10.10
C ILE C 446 -19.26 28.59 9.60
N LEU C 447 -19.69 29.57 10.39
CA LEU C 447 -19.49 30.97 10.05
C LEU C 447 -18.23 31.51 10.72
N THR C 448 -17.63 32.50 10.09
CA THR C 448 -16.49 33.21 10.67
C THR C 448 -16.82 34.69 10.68
N ARG C 449 -16.44 35.38 11.75
CA ARG C 449 -16.73 36.80 11.86
C ARG C 449 -15.62 37.62 11.22
N ASP C 450 -16.01 38.57 10.38
CA ASP C 450 -15.05 39.50 9.81
C ASP C 450 -14.57 40.49 10.86
N GLY C 451 -13.39 41.04 10.63
CA GLY C 451 -12.82 41.99 11.57
C GLY C 451 -13.68 43.23 11.70
N GLY C 452 -13.74 43.76 12.92
CA GLY C 452 -14.52 44.94 13.19
C GLY C 452 -13.81 46.22 12.84
N SER C 453 -14.14 47.30 13.53
CA SER C 453 -13.54 48.61 13.28
C SER C 453 -13.57 49.40 14.59
N THR C 454 -13.24 50.69 14.50
CA THR C 454 -13.30 51.55 15.69
C THR C 454 -14.72 51.66 16.22
N ASN C 455 -15.69 51.84 15.34
CA ASN C 455 -17.10 51.86 15.71
C ASN C 455 -17.81 50.78 14.91
N SER C 456 -17.97 49.61 15.53
CA SER C 456 -18.53 48.44 14.86
C SER C 456 -20.03 48.37 15.14
N THR C 457 -20.77 49.31 14.53
CA THR C 457 -22.23 49.23 14.55
C THR C 457 -22.74 48.14 13.61
N THR C 458 -21.94 47.73 12.63
CA THR C 458 -22.28 46.64 11.74
C THR C 458 -21.24 45.54 11.89
N GLU C 459 -21.71 44.29 11.95
CA GLU C 459 -20.83 43.12 12.05
C GLU C 459 -21.22 42.15 10.95
N THR C 460 -20.26 41.81 10.10
CA THR C 460 -20.52 40.98 8.94
C THR C 460 -20.00 39.57 9.19
N PHE C 461 -20.86 38.58 8.97
CA PHE C 461 -20.53 37.18 9.18
C PHE C 461 -20.37 36.48 7.84
N ARG C 462 -19.28 35.75 7.67
CA ARG C 462 -18.97 35.07 6.43
C ARG C 462 -18.75 33.59 6.70
N PRO C 463 -19.01 32.74 5.70
CA PRO C 463 -18.77 31.31 5.89
C PRO C 463 -17.29 31.00 6.00
N GLY C 464 -17.01 29.92 6.71
CA GLY C 464 -15.63 29.47 6.90
C GLY C 464 -15.55 27.97 6.86
N GLY C 465 -14.69 27.40 7.69
CA GLY C 465 -14.51 25.95 7.72
C GLY C 465 -13.08 25.54 7.43
N GLY C 466 -12.89 24.72 6.41
CA GLY C 466 -11.57 24.25 6.07
C GLY C 466 -11.07 23.18 7.03
N ASP C 467 -10.79 23.57 8.26
CA ASP C 467 -10.37 22.62 9.28
C ASP C 467 -11.56 21.73 9.64
N MET C 468 -11.45 20.44 9.34
CA MET C 468 -12.54 19.51 9.54
C MET C 468 -12.87 19.28 11.01
N ARG C 469 -11.98 19.67 11.94
CA ARG C 469 -12.26 19.47 13.35
C ARG C 469 -13.55 20.18 13.78
N ASP C 470 -13.88 21.29 13.13
CA ASP C 470 -15.13 21.98 13.44
C ASP C 470 -16.33 21.14 13.03
N ASN C 471 -16.21 20.41 11.91
CA ASN C 471 -17.28 19.50 11.50
C ASN C 471 -17.53 18.44 12.55
N TRP C 472 -16.46 17.87 13.12
CA TRP C 472 -16.60 16.84 14.14
C TRP C 472 -17.06 17.40 15.47
N ARG C 473 -16.66 18.62 15.82
CA ARG C 473 -17.09 19.19 17.09
C ARG C 473 -18.59 19.41 17.14
N SER C 474 -19.24 19.53 15.98
CA SER C 474 -20.68 19.74 15.94
C SER C 474 -21.46 18.52 16.39
N GLU C 475 -20.82 17.35 16.45
CA GLU C 475 -21.48 16.14 16.89
C GLU C 475 -20.96 15.62 18.22
N LEU C 476 -19.82 16.12 18.70
CA LEU C 476 -19.25 15.68 19.96
C LEU C 476 -19.19 16.81 20.99
N TYR C 477 -20.01 17.84 20.81
CA TYR C 477 -20.03 18.94 21.77
C TYR C 477 -20.53 18.47 23.14
N LYS C 478 -21.51 17.58 23.15
CA LYS C 478 -22.16 17.15 24.38
C LYS C 478 -21.66 15.81 24.88
N TYR C 479 -20.41 15.46 24.59
CA TYR C 479 -19.83 14.21 25.05
C TYR C 479 -18.41 14.46 25.55
N LYS C 480 -17.97 13.59 26.45
CA LYS C 480 -16.62 13.64 27.00
C LYS C 480 -16.36 12.34 27.75
N VAL C 481 -15.10 11.96 27.84
CA VAL C 481 -14.69 10.71 28.48
C VAL C 481 -14.03 11.01 29.81
N VAL C 482 -14.38 10.21 30.82
CA VAL C 482 -13.76 10.29 32.14
C VAL C 482 -13.41 8.89 32.60
N LYS C 483 -12.21 8.73 33.13
CA LYS C 483 -11.79 7.45 33.66
C LYS C 483 -12.27 7.30 35.10
N ILE C 484 -12.51 6.07 35.50
CA ILE C 484 -13.04 5.75 36.83
C ILE C 484 -11.88 5.44 37.74
N GLU C 485 -11.97 5.92 38.99
CA GLU C 485 -10.99 5.63 40.03
C GLU C 485 -11.75 5.05 41.21
N PRO C 486 -12.11 3.77 41.17
CA PRO C 486 -12.89 3.17 42.26
C PRO C 486 -12.11 2.97 43.55
N LEU C 487 -10.89 3.49 43.66
CA LEU C 487 -10.14 3.46 44.89
C LEU C 487 -10.27 4.80 45.62
N GLY C 488 -10.55 4.74 46.91
CA GLY C 488 -10.73 5.96 47.69
C GLY C 488 -10.84 5.72 49.18
N VAL C 489 -10.09 6.49 49.97
CA VAL C 489 -10.09 6.37 51.42
C VAL C 489 -11.33 7.04 51.99
N ALA C 490 -11.58 6.83 53.28
CA ALA C 490 -12.69 7.47 53.97
C ALA C 490 -12.47 7.33 55.47
N PRO C 491 -13.02 8.25 56.27
CA PRO C 491 -12.91 8.10 57.73
C PRO C 491 -14.07 7.29 58.32
N THR C 492 -13.75 6.28 59.11
CA THR C 492 -14.74 5.41 59.72
C THR C 492 -14.34 5.11 61.15
N ARG C 493 -15.31 4.63 61.93
CA ARG C 493 -15.07 4.23 63.30
C ARG C 493 -14.69 2.76 63.43
N CYS C 494 -14.63 2.02 62.33
CA CYS C 494 -14.30 0.61 62.40
C CYS C 494 -12.84 0.41 62.79
N LYS C 495 -12.48 -0.85 63.02
CA LYS C 495 -11.14 -1.19 63.47
C LYS C 495 -10.88 -2.66 63.18
N ARG C 496 -9.91 -2.95 62.31
CA ARG C 496 -9.54 -4.32 62.04
C ARG C 496 -8.87 -4.95 63.25
N ARG C 497 -9.13 -6.24 63.45
CA ARG C 497 -8.58 -6.95 64.59
C ARG C 497 -7.09 -7.22 64.36
N VAL C 498 -6.41 -7.58 65.45
CA VAL C 498 -4.99 -7.89 65.39
C VAL C 498 -4.80 -9.38 65.19
N LEU D 9 13.92 -1.62 49.75
CA LEU D 9 15.14 -1.11 49.14
C LEU D 9 15.02 -1.04 47.62
N GLY D 10 13.81 -0.74 47.15
CA GLY D 10 13.55 -0.74 45.73
C GLY D 10 13.31 -2.14 45.21
N PHE D 11 12.99 -2.22 43.91
CA PHE D 11 12.69 -3.51 43.29
C PHE D 11 13.91 -4.41 43.39
N LEU D 12 13.67 -5.66 43.80
CA LEU D 12 14.74 -6.64 44.05
C LEU D 12 15.84 -6.06 44.93
N GLY D 13 15.50 -5.08 45.78
CA GLY D 13 16.53 -4.31 46.47
C GLY D 13 17.24 -5.10 47.56
N ALA D 14 16.48 -5.68 48.48
CA ALA D 14 17.08 -6.47 49.55
C ALA D 14 17.20 -7.94 49.15
N ALA D 15 17.79 -8.18 47.96
CA ALA D 15 18.01 -9.54 47.52
C ALA D 15 19.14 -10.19 48.30
N GLY D 16 20.23 -9.46 48.52
CA GLY D 16 21.33 -9.95 49.32
C GLY D 16 21.11 -9.91 50.81
N SER D 17 20.03 -9.25 51.25
CA SER D 17 19.71 -9.20 52.67
C SER D 17 19.28 -10.59 53.16
N THR D 18 19.72 -10.95 54.35
CA THR D 18 19.32 -12.22 54.95
C THR D 18 17.83 -12.18 55.25
N MET D 19 17.20 -13.36 55.27
CA MET D 19 15.75 -13.45 55.41
C MET D 19 15.23 -12.80 56.68
N GLY D 20 16.07 -12.63 57.69
CA GLY D 20 15.64 -11.90 58.88
C GLY D 20 15.17 -10.50 58.57
N ALA D 21 15.88 -9.81 57.67
CA ALA D 21 15.46 -8.51 57.18
C ALA D 21 14.78 -8.57 55.83
N ALA D 22 15.13 -9.55 54.99
CA ALA D 22 14.49 -9.69 53.69
C ALA D 22 13.01 -10.05 53.80
N SER D 23 12.57 -10.54 54.96
CA SER D 23 11.14 -10.78 55.14
C SER D 23 10.35 -9.48 55.17
N MET D 24 11.01 -8.35 55.36
CA MET D 24 10.34 -7.06 55.48
C MET D 24 10.43 -6.22 54.21
N THR D 25 11.05 -6.74 53.15
CA THR D 25 11.09 -6.04 51.87
C THR D 25 10.14 -6.65 50.85
N LEU D 26 9.35 -7.64 51.26
CA LEU D 26 8.50 -8.35 50.31
C LEU D 26 7.47 -7.43 49.67
N THR D 27 6.92 -6.50 50.45
CA THR D 27 5.92 -5.58 49.92
C THR D 27 6.49 -4.69 48.83
N VAL D 28 7.81 -4.44 48.83
CA VAL D 28 8.38 -3.55 47.83
C VAL D 28 8.27 -4.17 46.44
N GLN D 29 8.77 -5.39 46.30
CA GLN D 29 8.66 -6.08 45.01
C GLN D 29 7.24 -6.56 44.73
N ALA D 30 6.40 -6.72 45.75
CA ALA D 30 4.99 -6.98 45.49
C ALA D 30 4.33 -5.76 44.85
N ARG D 31 4.70 -4.56 45.31
CA ARG D 31 4.12 -3.33 44.79
C ARG D 31 4.67 -3.01 43.40
N ASN D 32 5.96 -3.26 43.19
CA ASN D 32 6.59 -2.91 41.93
C ASN D 32 6.65 -4.08 40.95
N LEU D 33 5.99 -5.19 41.29
CA LEU D 33 6.08 -6.40 40.42
C LEU D 33 5.54 -6.04 39.03
N LEU D 34 4.28 -5.58 38.98
CA LEU D 34 3.68 -5.15 37.68
C LEU D 34 4.11 -3.69 37.41
N SER D 35 4.97 -3.14 38.27
CA SER D 35 5.51 -1.76 38.06
C SER D 35 4.41 -0.80 37.61
N GLY D 36 3.38 -0.60 38.45
CA GLY D 36 2.31 0.36 38.12
C GLY D 36 2.04 0.39 36.63
N THR D 58 2.34 -0.60 15.29
CA THR D 58 3.63 -0.21 14.74
C THR D 58 4.78 -0.91 15.47
N VAL D 59 5.88 -1.12 14.74
CA VAL D 59 7.08 -1.71 15.31
C VAL D 59 7.79 -0.62 16.10
N TRP D 60 8.52 -1.06 17.14
CA TRP D 60 9.15 -0.23 18.18
C TRP D 60 8.12 0.24 19.19
N GLY D 61 6.83 -0.02 18.95
CA GLY D 61 5.78 0.25 19.91
C GLY D 61 4.98 -1.01 20.16
N ILE D 62 5.09 -1.98 19.26
CA ILE D 62 4.45 -3.27 19.47
C ILE D 62 5.14 -4.01 20.62
N LYS D 63 6.44 -3.79 20.81
CA LYS D 63 7.13 -4.41 21.94
C LYS D 63 6.57 -3.92 23.26
N GLN D 64 6.18 -2.65 23.34
CA GLN D 64 5.58 -2.16 24.57
C GLN D 64 4.30 -2.93 24.90
N LEU D 65 3.44 -3.14 23.90
CA LEU D 65 2.20 -3.87 24.12
C LEU D 65 2.48 -5.33 24.50
N GLN D 66 3.40 -5.99 23.77
CA GLN D 66 3.70 -7.38 24.07
C GLN D 66 4.31 -7.52 25.46
N ALA D 67 5.21 -6.62 25.82
CA ALA D 67 5.83 -6.67 27.14
C ALA D 67 4.82 -6.43 28.25
N ARG D 68 3.90 -5.48 28.06
CA ARG D 68 2.92 -5.21 29.09
C ARG D 68 1.94 -6.37 29.25
N VAL D 69 1.54 -7.00 28.15
CA VAL D 69 0.63 -8.13 28.26
C VAL D 69 1.34 -9.32 28.88
N LEU D 70 2.63 -9.49 28.57
CA LEU D 70 3.40 -10.54 29.22
C LEU D 70 3.51 -10.31 30.72
N ALA D 71 3.73 -9.05 31.12
CA ALA D 71 3.80 -8.73 32.54
C ALA D 71 2.48 -9.03 33.24
N VAL D 72 1.36 -8.64 32.61
CA VAL D 72 0.05 -8.93 33.17
C VAL D 72 -0.15 -10.43 33.32
N GLU D 73 0.19 -11.19 32.28
CA GLU D 73 -0.03 -12.63 32.30
C GLU D 73 0.82 -13.29 33.38
N ARG D 74 2.09 -12.89 33.52
CA ARG D 74 2.94 -13.47 34.55
C ARG D 74 2.45 -13.10 35.95
N TYR D 75 2.05 -11.84 36.15
CA TYR D 75 1.57 -11.44 37.46
C TYR D 75 0.31 -12.22 37.84
N LEU D 76 -0.61 -12.40 36.89
CA LEU D 76 -1.81 -13.15 37.22
C LEU D 76 -1.54 -14.63 37.37
N ARG D 77 -0.54 -15.17 36.67
CA ARG D 77 -0.15 -16.56 36.94
C ARG D 77 0.37 -16.72 38.37
N ASP D 78 1.19 -15.77 38.82
CA ASP D 78 1.69 -15.83 40.18
C ASP D 78 0.57 -15.67 41.20
N GLN D 79 -0.37 -14.75 40.94
CA GLN D 79 -1.49 -14.57 41.84
C GLN D 79 -2.40 -15.79 41.86
N GLN D 80 -2.53 -16.46 40.71
CA GLN D 80 -3.30 -17.69 40.65
C GLN D 80 -2.63 -18.79 41.46
N LEU D 81 -1.31 -18.90 41.35
CA LEU D 81 -0.59 -19.88 42.17
C LEU D 81 -0.79 -19.59 43.66
N LEU D 82 -0.72 -18.31 44.04
CA LEU D 82 -1.04 -17.93 45.41
C LEU D 82 -2.49 -18.21 45.75
N GLY D 83 -3.37 -18.26 44.75
CA GLY D 83 -4.79 -18.48 45.00
C GLY D 83 -5.16 -19.94 45.09
N ILE D 84 -4.67 -20.75 44.15
CA ILE D 84 -4.93 -22.18 44.23
C ILE D 84 -4.24 -22.80 45.44
N TRP D 85 -3.26 -22.11 46.01
CA TRP D 85 -2.69 -22.53 47.28
C TRP D 85 -3.59 -22.06 48.43
N GLY D 86 -3.33 -22.61 49.61
CA GLY D 86 -4.10 -22.25 50.79
C GLY D 86 -3.58 -21.01 51.49
N CYS D 87 -3.31 -19.95 50.73
CA CYS D 87 -2.83 -18.70 51.29
C CYS D 87 -3.83 -17.56 51.13
N SER D 88 -4.24 -17.25 49.90
CA SER D 88 -5.17 -16.16 49.60
C SER D 88 -4.68 -14.82 50.16
N GLY D 89 -3.38 -14.65 50.33
CA GLY D 89 -2.84 -13.43 50.92
C GLY D 89 -1.44 -13.19 50.41
N LYS D 90 -0.80 -12.19 51.01
CA LYS D 90 0.52 -11.74 50.56
C LYS D 90 1.53 -11.86 51.69
N LEU D 91 2.78 -12.09 51.30
CA LEU D 91 3.95 -11.98 52.18
C LEU D 91 4.00 -13.09 53.23
N ILE D 92 2.93 -13.87 53.36
CA ILE D 92 2.86 -14.88 54.40
C ILE D 92 1.70 -15.82 54.12
N CYS D 93 1.90 -17.09 54.45
CA CYS D 93 0.86 -18.09 54.64
C CYS D 93 1.54 -19.35 55.12
N CYS D 94 0.84 -20.11 55.96
CA CYS D 94 1.34 -21.36 56.47
C CYS D 94 0.39 -22.45 56.00
N THR D 95 0.66 -23.69 56.38
CA THR D 95 -0.17 -24.79 55.92
C THR D 95 0.10 -26.02 56.77
N ASN D 96 -0.65 -27.08 56.48
CA ASN D 96 -0.64 -28.31 57.26
C ASN D 96 0.04 -29.46 56.53
N VAL D 97 0.47 -29.26 55.29
CA VAL D 97 1.12 -30.31 54.51
C VAL D 97 2.52 -30.51 55.06
N PRO D 98 3.03 -31.74 55.11
CA PRO D 98 4.34 -31.98 55.73
C PRO D 98 5.47 -31.49 54.85
N TRP D 99 6.63 -31.24 55.48
CA TRP D 99 7.83 -30.82 54.70
C TRP D 99 8.64 -32.08 54.37
N ASN D 100 9.39 -32.06 53.28
CA ASN D 100 10.12 -33.29 52.85
C ASN D 100 11.63 -33.11 53.05
N SER D 101 12.29 -34.13 53.60
CA SER D 101 13.77 -34.09 53.74
C SER D 101 14.39 -33.92 52.34
N SER D 102 13.80 -34.57 51.34
CA SER D 102 14.30 -34.41 49.94
C SER D 102 14.53 -32.91 49.67
N TRP D 103 13.68 -32.06 50.22
CA TRP D 103 13.81 -30.59 49.99
C TRP D 103 14.86 -30.01 50.92
N SER D 104 16.14 -30.11 50.56
CA SER D 104 17.24 -29.53 51.37
C SER D 104 17.06 -29.87 52.86
N ASN D 105 17.11 -31.16 53.21
CA ASN D 105 17.00 -31.57 54.64
C ASN D 105 18.06 -30.83 55.45
N ARG D 106 17.64 -29.97 56.38
CA ARG D 106 18.59 -29.22 57.24
C ARG D 106 17.79 -28.54 58.36
N ASN D 107 18.45 -28.13 59.45
CA ASN D 107 17.71 -27.54 60.60
C ASN D 107 17.39 -26.08 60.32
N LEU D 108 16.46 -25.49 61.08
CA LEU D 108 16.01 -24.11 60.85
C LEU D 108 17.18 -23.13 60.82
N SER D 109 18.12 -23.27 61.76
CA SER D 109 19.17 -22.26 61.90
C SER D 109 20.08 -22.24 60.68
N GLU D 110 20.48 -23.41 60.18
CA GLU D 110 21.41 -23.49 59.08
C GLU D 110 20.72 -23.43 57.71
N ILE D 111 19.44 -23.07 57.66
CA ILE D 111 18.81 -22.69 56.41
C ILE D 111 18.28 -21.26 56.44
N TRP D 112 18.05 -20.70 57.62
CA TRP D 112 17.60 -19.32 57.75
C TRP D 112 18.71 -18.36 58.12
N ASP D 113 19.87 -18.86 58.54
CA ASP D 113 21.00 -18.02 58.88
C ASP D 113 22.29 -18.42 58.19
N ASN D 114 22.34 -19.59 57.54
CA ASN D 114 23.54 -20.02 56.83
C ASN D 114 23.49 -19.73 55.34
N MET D 115 22.31 -19.69 54.73
CA MET D 115 22.16 -19.36 53.32
C MET D 115 21.13 -18.26 53.14
N THR D 116 21.08 -17.71 51.94
CA THR D 116 19.99 -16.87 51.50
C THR D 116 19.10 -17.66 50.55
N TRP D 117 18.02 -17.00 50.09
CA TRP D 117 17.12 -17.63 49.14
C TRP D 117 17.79 -18.00 47.83
N LEU D 118 18.88 -17.33 47.46
CA LEU D 118 19.50 -17.59 46.16
C LEU D 118 20.08 -19.00 46.10
N GLN D 119 21.04 -19.30 46.98
CA GLN D 119 21.67 -20.61 46.99
C GLN D 119 20.65 -21.70 47.31
N TRP D 120 19.75 -21.42 48.26
CA TRP D 120 18.74 -22.39 48.63
C TRP D 120 17.83 -22.72 47.46
N ASP D 121 17.38 -21.71 46.72
CA ASP D 121 16.58 -21.98 45.52
C ASP D 121 17.40 -22.77 44.50
N LYS D 122 18.67 -22.39 44.32
CA LYS D 122 19.53 -23.12 43.41
C LYS D 122 19.65 -24.58 43.79
N GLU D 123 19.49 -24.91 45.07
CA GLU D 123 19.53 -26.31 45.51
C GLU D 123 18.15 -26.92 45.67
N ILE D 124 17.06 -26.13 45.60
CA ILE D 124 15.71 -26.68 45.66
C ILE D 124 14.93 -26.43 44.38
N SER D 125 15.54 -25.83 43.35
CA SER D 125 14.83 -25.63 42.09
C SER D 125 14.88 -26.91 41.26
N ASN D 126 14.51 -28.03 41.91
CA ASN D 126 14.43 -29.34 41.22
C ASN D 126 13.15 -30.03 41.70
N TYR D 127 12.52 -29.50 42.76
CA TYR D 127 11.31 -30.07 43.32
C TYR D 127 10.13 -29.12 43.21
N THR D 128 10.32 -27.95 42.59
CA THR D 128 9.33 -26.88 42.68
C THR D 128 7.95 -27.34 42.23
N GLN D 129 7.89 -28.08 41.12
CA GLN D 129 6.60 -28.55 40.63
C GLN D 129 5.92 -29.46 41.64
N ILE D 130 6.65 -30.43 42.18
CA ILE D 130 6.03 -31.39 43.09
C ILE D 130 5.75 -30.74 44.44
N ILE D 131 6.59 -29.80 44.89
CA ILE D 131 6.29 -29.15 46.16
C ILE D 131 5.02 -28.31 46.03
N TYR D 132 4.88 -27.60 44.90
CA TYR D 132 3.67 -26.83 44.67
C TYR D 132 2.45 -27.75 44.61
N GLY D 133 2.57 -28.86 43.86
CA GLY D 133 1.45 -29.78 43.75
C GLY D 133 1.02 -30.35 45.08
N LEU D 134 1.99 -30.80 45.89
CA LEU D 134 1.67 -31.32 47.22
C LEU D 134 1.00 -30.26 48.08
N LEU D 135 1.64 -29.10 48.25
CA LEU D 135 1.07 -28.10 49.14
C LEU D 135 -0.20 -27.51 48.57
N GLU D 136 -0.52 -27.82 47.32
CA GLU D 136 -1.82 -27.45 46.79
C GLU D 136 -2.87 -28.51 47.08
N GLU D 137 -2.66 -29.73 46.59
CA GLU D 137 -3.74 -30.71 46.64
C GLU D 137 -3.95 -31.23 48.06
N SER D 138 -2.87 -31.50 48.80
CA SER D 138 -3.05 -32.18 50.09
C SER D 138 -3.78 -31.33 51.11
N GLN D 139 -3.93 -30.03 50.87
CA GLN D 139 -4.70 -29.17 51.76
C GLN D 139 -5.88 -28.48 51.07
N ASN D 140 -5.67 -27.82 49.93
CA ASN D 140 -6.83 -27.26 49.23
C ASN D 140 -7.84 -28.32 48.83
N GLN D 141 -7.39 -29.47 48.34
CA GLN D 141 -8.35 -30.55 48.11
C GLN D 141 -8.75 -31.26 49.40
N GLN D 142 -8.09 -30.97 50.52
CA GLN D 142 -8.52 -31.53 51.80
C GLN D 142 -9.01 -30.47 52.75
N GLU D 143 -8.17 -29.51 53.16
CA GLU D 143 -8.54 -28.72 54.34
C GLU D 143 -9.73 -27.83 54.08
N LYS D 144 -9.90 -27.32 52.86
CA LYS D 144 -11.12 -26.59 52.55
C LYS D 144 -12.31 -27.53 52.52
N ASN D 145 -12.09 -28.80 52.16
CA ASN D 145 -13.19 -29.76 52.14
C ASN D 145 -13.69 -30.08 53.56
N GLU D 146 -12.77 -30.37 54.50
CA GLU D 146 -13.25 -30.55 55.87
C GLU D 146 -13.71 -29.24 56.49
N GLN D 147 -13.22 -28.10 56.00
CA GLN D 147 -13.76 -26.82 56.46
C GLN D 147 -15.22 -26.68 56.07
N ASP D 148 -15.54 -26.99 54.81
CA ASP D 148 -16.93 -27.00 54.38
C ASP D 148 -17.75 -28.05 55.14
N LEU D 149 -17.14 -29.21 55.41
CA LEU D 149 -17.85 -30.26 56.12
C LEU D 149 -18.19 -29.86 57.55
N LEU D 150 -17.25 -29.19 58.23
CA LEU D 150 -17.50 -28.76 59.60
C LEU D 150 -18.43 -27.56 59.65
N ALA D 151 -18.44 -26.72 58.61
CA ALA D 151 -19.46 -25.69 58.51
C ALA D 151 -20.80 -26.26 58.09
N LEU D 152 -20.82 -27.50 57.59
CA LEU D 152 -22.05 -28.15 57.14
C LEU D 152 -22.85 -28.75 58.28
N ASP D 153 -22.24 -28.92 59.45
CA ASP D 153 -22.93 -29.52 60.59
C ASP D 153 -24.16 -28.73 61.04
N LEU E 9 -7.83 -35.80 37.72
CA LEU E 9 -7.89 -36.51 36.44
C LEU E 9 -7.47 -35.60 35.30
N GLY E 10 -6.76 -34.53 35.62
CA GLY E 10 -6.33 -33.57 34.62
C GLY E 10 -7.40 -32.54 34.29
N PHE E 11 -7.00 -31.58 33.47
CA PHE E 11 -7.89 -30.48 33.08
C PHE E 11 -9.17 -31.04 32.50
N LEU E 12 -10.29 -30.71 33.13
CA LEU E 12 -11.62 -31.16 32.72
C LEU E 12 -11.69 -32.68 32.73
N GLY E 13 -11.01 -33.31 33.68
CA GLY E 13 -10.94 -34.76 33.72
C GLY E 13 -12.25 -35.40 34.16
N ALA E 14 -12.69 -35.07 35.36
CA ALA E 14 -13.92 -35.67 35.91
C ALA E 14 -15.16 -34.84 35.54
N ALA E 15 -15.31 -34.57 34.24
CA ALA E 15 -16.48 -33.82 33.78
C ALA E 15 -17.74 -34.64 33.91
N GLY E 16 -17.70 -35.91 33.52
CA GLY E 16 -18.83 -36.80 33.62
C GLY E 16 -18.97 -37.49 34.95
N SER E 17 -18.09 -37.21 35.90
CA SER E 17 -18.16 -37.84 37.21
C SER E 17 -19.21 -37.16 38.08
N THR E 18 -19.61 -37.86 39.14
CA THR E 18 -20.59 -37.34 40.08
C THR E 18 -20.05 -36.09 40.76
N MET E 19 -20.96 -35.13 41.04
CA MET E 19 -20.54 -33.86 41.62
C MET E 19 -19.79 -34.05 42.94
N GLY E 20 -20.19 -35.06 43.74
CA GLY E 20 -19.45 -35.34 44.96
C GLY E 20 -18.00 -35.70 44.68
N ALA E 21 -17.77 -36.49 43.64
CA ALA E 21 -16.41 -36.76 43.19
C ALA E 21 -15.81 -35.59 42.42
N ALA E 22 -16.64 -34.84 41.70
CA ALA E 22 -16.16 -33.69 40.95
C ALA E 22 -15.63 -32.58 41.85
N SER E 23 -16.05 -32.55 43.10
CA SER E 23 -15.54 -31.53 44.02
C SER E 23 -14.06 -31.70 44.30
N MET E 24 -13.51 -32.90 44.08
CA MET E 24 -12.12 -33.17 44.37
C MET E 24 -11.19 -32.87 43.20
N THR E 25 -11.73 -32.47 42.05
CA THR E 25 -10.92 -32.22 40.86
C THR E 25 -11.03 -30.78 40.38
N LEU E 26 -11.57 -29.89 41.22
CA LEU E 26 -11.74 -28.50 40.82
C LEU E 26 -10.40 -27.82 40.58
N THR E 27 -9.41 -28.11 41.42
CA THR E 27 -8.15 -27.38 41.35
C THR E 27 -7.31 -27.77 40.16
N VAL E 28 -7.50 -28.97 39.60
CA VAL E 28 -6.65 -29.37 38.48
C VAL E 28 -6.99 -28.56 37.24
N GLN E 29 -8.21 -28.04 37.15
CA GLN E 29 -8.59 -27.15 36.07
C GLN E 29 -8.56 -25.68 36.46
N ALA E 30 -8.71 -25.37 37.76
CA ALA E 30 -8.45 -24.01 38.20
C ALA E 30 -6.98 -23.66 38.01
N ARG E 31 -6.10 -24.64 38.14
CA ARG E 31 -4.68 -24.43 37.89
C ARG E 31 -4.40 -24.14 36.42
N ASN E 32 -5.10 -24.84 35.53
CA ASN E 32 -4.85 -24.74 34.10
C ASN E 32 -5.74 -23.72 33.40
N LEU E 33 -6.24 -22.72 34.13
CA LEU E 33 -7.04 -21.68 33.51
C LEU E 33 -6.21 -20.56 32.91
N LEU E 34 -4.89 -20.56 33.13
CA LEU E 34 -3.99 -19.64 32.47
C LEU E 34 -3.04 -20.31 31.49
N SER E 35 -2.71 -21.59 31.71
CA SER E 35 -1.85 -22.35 30.80
C SER E 35 -0.53 -21.63 30.55
N GLY E 36 0.02 -21.04 31.60
CA GLY E 36 1.25 -20.27 31.48
C GLY E 36 0.99 -18.83 31.09
N THR E 58 3.03 -9.34 13.19
CA THR E 58 2.81 -10.23 12.06
C THR E 58 1.49 -10.97 12.17
N VAL E 59 1.03 -11.52 11.05
CA VAL E 59 -0.17 -12.34 11.04
C VAL E 59 0.24 -13.77 11.36
N TRP E 60 -0.76 -14.58 11.73
CA TRP E 60 -0.59 -15.98 12.10
C TRP E 60 0.15 -16.08 13.43
N GLY E 61 0.59 -14.94 13.95
CA GLY E 61 1.18 -14.85 15.28
C GLY E 61 0.41 -13.86 16.12
N ILE E 62 -0.27 -12.93 15.47
CA ILE E 62 -1.19 -12.03 16.17
C ILE E 62 -2.32 -12.83 16.79
N LYS E 63 -2.62 -14.00 16.24
CA LYS E 63 -3.63 -14.87 16.85
C LYS E 63 -3.22 -15.28 18.25
N GLN E 64 -1.92 -15.56 18.46
CA GLN E 64 -1.44 -15.90 19.79
C GLN E 64 -1.67 -14.75 20.77
N LEU E 65 -1.35 -13.53 20.36
CA LEU E 65 -1.54 -12.37 21.22
C LEU E 65 -3.00 -12.17 21.56
N GLN E 66 -3.86 -12.22 20.54
CA GLN E 66 -5.29 -12.03 20.76
C GLN E 66 -5.86 -13.12 21.67
N ALA E 67 -5.44 -14.37 21.45
CA ALA E 67 -5.94 -15.48 22.25
C ALA E 67 -5.49 -15.34 23.70
N ARG E 68 -4.23 -14.96 23.94
CA ARG E 68 -3.77 -14.81 25.31
C ARG E 68 -4.45 -13.63 26.00
N VAL E 69 -4.70 -12.54 25.27
CA VAL E 69 -5.45 -11.43 25.86
C VAL E 69 -6.86 -11.86 26.22
N LEU E 70 -7.51 -12.60 25.33
CA LEU E 70 -8.86 -13.09 25.63
C LEU E 70 -8.85 -13.99 26.84
N ALA E 71 -7.88 -14.89 26.93
CA ALA E 71 -7.82 -15.82 28.05
C ALA E 71 -7.61 -15.08 29.36
N VAL E 72 -6.68 -14.12 29.38
CA VAL E 72 -6.37 -13.43 30.62
C VAL E 72 -7.54 -12.55 31.04
N GLU E 73 -8.20 -11.89 30.08
CA GLU E 73 -9.36 -11.07 30.43
C GLU E 73 -10.52 -11.92 30.92
N ARG E 74 -10.73 -13.10 30.32
CA ARG E 74 -11.81 -13.97 30.79
C ARG E 74 -11.52 -14.50 32.18
N TYR E 75 -10.27 -14.85 32.46
CA TYR E 75 -9.92 -15.32 33.80
C TYR E 75 -10.10 -14.20 34.82
N LEU E 76 -9.73 -12.96 34.45
CA LEU E 76 -9.95 -11.86 35.38
C LEU E 76 -11.43 -11.56 35.56
N ARG E 77 -12.25 -11.73 34.53
CA ARG E 77 -13.69 -11.61 34.70
C ARG E 77 -14.20 -12.64 35.70
N ASP E 78 -13.73 -13.88 35.57
CA ASP E 78 -14.14 -14.93 36.50
C ASP E 78 -13.71 -14.61 37.92
N GLN E 79 -12.47 -14.13 38.09
CA GLN E 79 -11.99 -13.77 39.42
C GLN E 79 -12.76 -12.59 40.00
N GLN E 80 -13.10 -11.60 39.16
CA GLN E 80 -13.91 -10.48 39.61
C GLN E 80 -15.26 -10.95 40.10
N LEU E 81 -15.90 -11.86 39.34
CA LEU E 81 -17.17 -12.43 39.78
C LEU E 81 -17.00 -13.17 41.10
N LEU E 82 -15.95 -13.98 41.22
CA LEU E 82 -15.73 -14.78 42.41
C LEU E 82 -15.43 -13.93 43.64
N GLY E 83 -14.81 -12.77 43.46
CA GLY E 83 -14.48 -11.92 44.58
C GLY E 83 -15.60 -10.97 44.97
N ILE E 84 -16.34 -10.48 43.98
CA ILE E 84 -17.42 -9.54 44.27
C ILE E 84 -18.56 -10.24 44.98
N TRP E 85 -18.62 -11.57 44.87
CA TRP E 85 -19.71 -12.31 45.49
C TRP E 85 -19.58 -12.42 47.00
N GLY E 86 -18.48 -11.92 47.57
CA GLY E 86 -18.31 -11.86 49.00
C GLY E 86 -17.44 -12.93 49.61
N CYS E 87 -16.94 -13.88 48.83
CA CYS E 87 -16.03 -14.88 49.35
C CYS E 87 -14.57 -14.54 49.09
N SER E 88 -14.21 -14.30 47.83
CA SER E 88 -12.82 -14.04 47.41
C SER E 88 -11.95 -15.27 47.63
N GLY E 89 -12.55 -16.33 48.18
CA GLY E 89 -11.91 -17.62 48.27
C GLY E 89 -12.10 -18.42 47.00
N LYS E 90 -11.59 -19.64 47.01
CA LYS E 90 -11.57 -20.46 45.81
C LYS E 90 -12.12 -21.84 46.11
N LEU E 91 -12.81 -22.41 45.12
CA LEU E 91 -13.32 -23.78 45.06
C LEU E 91 -14.44 -24.03 46.05
N ILE E 92 -14.70 -23.12 46.98
CA ILE E 92 -15.77 -23.26 47.97
C ILE E 92 -16.21 -21.85 48.34
N CYS E 93 -17.52 -21.62 48.31
CA CYS E 93 -18.05 -20.31 48.66
C CYS E 93 -19.47 -20.41 49.22
N CYS E 94 -19.59 -20.43 50.53
CA CYS E 94 -20.88 -20.37 51.20
C CYS E 94 -21.33 -18.91 51.29
N THR E 95 -22.59 -18.72 51.65
CA THR E 95 -23.17 -17.38 51.64
C THR E 95 -24.34 -17.35 52.62
N ASN E 96 -25.04 -16.22 52.65
CA ASN E 96 -26.16 -16.01 53.57
C ASN E 96 -27.45 -15.67 52.83
N VAL E 97 -27.57 -16.09 51.57
CA VAL E 97 -28.76 -15.83 50.76
C VAL E 97 -29.54 -17.13 50.62
N PRO E 98 -30.87 -17.17 50.92
CA PRO E 98 -31.65 -18.44 50.94
C PRO E 98 -31.85 -18.98 49.52
N TRP E 99 -31.60 -20.27 49.33
CA TRP E 99 -31.86 -20.92 48.01
C TRP E 99 -33.29 -21.44 48.02
N ASN E 100 -34.22 -20.71 47.42
CA ASN E 100 -35.66 -21.12 47.46
C ASN E 100 -35.79 -22.50 46.82
N SER E 101 -36.69 -23.34 47.34
CA SER E 101 -36.84 -24.73 46.84
C SER E 101 -37.19 -24.74 45.35
N SER E 102 -37.96 -23.75 44.88
CA SER E 102 -38.40 -23.76 43.46
C SER E 102 -37.22 -24.03 42.52
N TRP E 103 -36.13 -23.26 42.62
CA TRP E 103 -35.00 -23.45 41.67
C TRP E 103 -34.51 -24.90 41.73
N SER E 104 -34.35 -25.45 42.93
CA SER E 104 -33.83 -26.84 43.08
C SER E 104 -34.91 -27.85 42.66
N ASN E 105 -36.07 -27.82 43.32
CA ASN E 105 -37.15 -28.80 43.03
C ASN E 105 -36.60 -30.23 43.19
N ARG E 106 -35.60 -30.40 44.05
CA ARG E 106 -34.99 -31.75 44.29
C ARG E 106 -34.51 -31.80 45.75
N ASN E 107 -33.70 -32.80 46.10
CA ASN E 107 -33.15 -32.89 47.47
C ASN E 107 -31.62 -33.01 47.41
N LEU E 108 -30.96 -33.08 48.57
CA LEU E 108 -29.51 -33.14 48.62
C LEU E 108 -28.97 -34.30 47.79
N SER E 109 -29.56 -35.48 47.97
CA SER E 109 -29.11 -36.65 47.21
C SER E 109 -29.50 -36.52 45.74
N GLU E 110 -30.67 -35.96 45.47
CA GLU E 110 -31.17 -35.83 44.10
C GLU E 110 -30.41 -34.79 43.29
N ILE E 111 -29.52 -34.02 43.89
CA ILE E 111 -28.69 -33.04 43.18
C ILE E 111 -27.22 -33.49 43.16
N TRP E 112 -26.69 -33.89 44.31
CA TRP E 112 -25.28 -34.20 44.41
C TRP E 112 -24.92 -35.60 43.92
N ASP E 113 -25.92 -36.43 43.59
CA ASP E 113 -25.63 -37.79 43.16
C ASP E 113 -26.33 -38.07 41.83
N ASN E 114 -27.55 -37.57 41.68
CA ASN E 114 -28.37 -37.97 40.53
C ASN E 114 -27.74 -37.54 39.21
N MET E 115 -27.27 -36.30 39.11
CA MET E 115 -26.74 -35.79 37.87
C MET E 115 -25.40 -35.10 38.10
N THR E 116 -24.60 -35.08 37.03
CA THR E 116 -23.31 -34.40 37.02
C THR E 116 -23.50 -32.93 36.67
N TRP E 117 -22.39 -32.19 36.68
CA TRP E 117 -22.47 -30.74 36.51
C TRP E 117 -22.92 -30.35 35.11
N LEU E 118 -22.70 -31.20 34.11
CA LEU E 118 -23.07 -30.84 32.73
C LEU E 118 -24.58 -30.63 32.61
N GLN E 119 -25.36 -31.68 32.86
CA GLN E 119 -26.80 -31.56 32.69
C GLN E 119 -27.42 -30.71 33.79
N TRP E 120 -26.77 -30.63 34.95
CA TRP E 120 -27.21 -29.69 35.99
C TRP E 120 -27.14 -28.26 35.47
N ASP E 121 -26.02 -27.89 34.87
CA ASP E 121 -25.90 -26.57 34.25
C ASP E 121 -26.93 -26.42 33.13
N LYS E 122 -27.08 -27.45 32.31
CA LYS E 122 -28.05 -27.39 31.22
C LYS E 122 -29.45 -27.10 31.73
N GLU E 123 -29.83 -27.68 32.86
CA GLU E 123 -31.15 -27.46 33.44
C GLU E 123 -31.21 -26.19 34.29
N ILE E 124 -30.08 -25.53 34.54
CA ILE E 124 -30.08 -24.31 35.33
C ILE E 124 -29.51 -23.12 34.56
N SER E 125 -29.12 -23.30 33.30
CA SER E 125 -28.44 -22.23 32.57
C SER E 125 -29.41 -21.20 31.99
N ASN E 126 -30.31 -20.74 32.88
CA ASN E 126 -31.31 -19.70 32.49
C ASN E 126 -31.45 -18.71 33.66
N TYR E 127 -31.22 -19.15 34.90
CA TYR E 127 -31.34 -18.27 36.06
C TYR E 127 -29.99 -17.74 36.52
N THR E 128 -28.89 -18.21 35.93
CA THR E 128 -27.57 -17.88 36.45
C THR E 128 -27.34 -16.38 36.52
N GLN E 129 -27.98 -15.61 35.62
CA GLN E 129 -27.86 -14.16 35.68
C GLN E 129 -28.51 -13.63 36.97
N ILE E 130 -29.77 -13.99 37.18
CA ILE E 130 -30.47 -13.53 38.38
C ILE E 130 -29.88 -14.18 39.63
N ILE E 131 -29.46 -15.45 39.51
CA ILE E 131 -28.80 -16.11 40.64
C ILE E 131 -27.58 -15.31 41.07
N TYR E 132 -26.71 -15.00 40.11
CA TYR E 132 -25.48 -14.27 40.42
C TYR E 132 -25.79 -12.90 41.00
N GLY E 133 -26.64 -12.14 40.31
CA GLY E 133 -26.94 -10.79 40.78
C GLY E 133 -27.53 -10.77 42.17
N LEU E 134 -28.46 -11.67 42.45
CA LEU E 134 -29.13 -11.67 43.73
C LEU E 134 -28.21 -12.17 44.84
N LEU E 135 -27.50 -13.28 44.63
CA LEU E 135 -26.60 -13.74 45.67
C LEU E 135 -25.43 -12.81 45.88
N GLU E 136 -25.13 -11.94 44.92
CA GLU E 136 -24.07 -10.97 45.13
C GLU E 136 -24.58 -9.74 45.87
N GLU E 137 -25.65 -9.12 45.37
CA GLU E 137 -26.20 -7.93 46.02
C GLU E 137 -26.68 -8.25 47.43
N SER E 138 -27.66 -9.15 47.54
CA SER E 138 -28.26 -9.42 48.84
C SER E 138 -27.26 -9.98 49.84
N GLN E 139 -26.19 -10.63 49.39
CA GLN E 139 -25.16 -11.02 50.34
C GLN E 139 -24.31 -9.81 50.72
N ASN E 140 -23.53 -9.29 49.77
CA ASN E 140 -22.59 -8.21 50.06
C ASN E 140 -23.23 -7.03 50.77
N GLN E 141 -24.14 -6.33 50.08
CA GLN E 141 -24.57 -5.02 50.54
C GLN E 141 -25.41 -5.11 51.81
N GLN E 142 -25.53 -6.31 52.37
CA GLN E 142 -26.14 -6.51 53.67
C GLN E 142 -25.13 -7.03 54.68
N GLU E 143 -24.51 -8.19 54.40
CA GLU E 143 -23.62 -8.81 55.37
C GLU E 143 -22.39 -7.95 55.61
N LYS E 144 -21.80 -7.41 54.54
CA LYS E 144 -20.63 -6.55 54.72
C LYS E 144 -20.99 -5.26 55.45
N ASN E 145 -22.18 -4.72 55.17
CA ASN E 145 -22.58 -3.47 55.83
C ASN E 145 -22.79 -3.68 57.32
N GLU E 146 -23.56 -4.69 57.72
CA GLU E 146 -23.67 -4.92 59.17
C GLU E 146 -22.40 -5.52 59.75
N GLN E 147 -21.47 -6.01 58.94
CA GLN E 147 -20.17 -6.41 59.47
C GLN E 147 -19.35 -5.18 59.85
N ASP E 148 -19.36 -4.16 59.00
CA ASP E 148 -18.75 -2.88 59.36
C ASP E 148 -19.47 -2.26 60.55
N LEU E 149 -20.80 -2.40 60.60
CA LEU E 149 -21.57 -1.84 61.71
C LEU E 149 -21.21 -2.52 63.03
N LEU E 150 -21.13 -3.85 63.04
CA LEU E 150 -20.84 -4.55 64.29
C LEU E 150 -19.41 -4.32 64.74
N ALA E 151 -18.51 -3.96 63.82
CA ALA E 151 -17.17 -3.55 64.17
C ALA E 151 -17.07 -2.05 64.43
N LEU E 152 -18.13 -1.29 64.14
CA LEU E 152 -18.13 0.14 64.40
C LEU E 152 -18.33 0.48 65.87
N ASP E 153 -18.99 -0.39 66.62
CA ASP E 153 -19.29 -0.13 68.03
C ASP E 153 -18.01 0.01 68.86
N LEU F 9 -28.13 2.13 40.67
CA LEU F 9 -28.72 3.06 39.72
C LEU F 9 -27.95 3.06 38.40
N GLY F 10 -27.28 1.94 38.12
CA GLY F 10 -26.44 1.84 36.94
C GLY F 10 -25.04 2.35 37.20
N PHE F 11 -24.22 2.30 36.16
CA PHE F 11 -22.83 2.73 36.26
C PHE F 11 -22.77 4.20 36.68
N LEU F 12 -22.04 4.46 37.76
CA LEU F 12 -21.94 5.81 38.35
C LEU F 12 -23.32 6.35 38.74
N GLY F 13 -24.25 5.45 39.07
CA GLY F 13 -25.63 5.86 39.25
C GLY F 13 -25.81 6.85 40.39
N ALA F 14 -25.24 6.55 41.54
CA ALA F 14 -25.29 7.46 42.69
C ALA F 14 -24.05 8.35 42.75
N ALA F 15 -23.76 9.01 41.63
CA ALA F 15 -22.57 9.86 41.57
C ALA F 15 -22.75 11.11 42.42
N GLY F 16 -23.95 11.68 42.42
CA GLY F 16 -24.26 12.87 43.19
C GLY F 16 -24.98 12.62 44.49
N SER F 17 -25.38 11.38 44.75
CA SER F 17 -26.09 11.06 45.98
C SER F 17 -25.15 11.18 47.19
N THR F 18 -25.75 11.35 48.36
CA THR F 18 -24.96 11.45 49.58
C THR F 18 -24.24 10.14 49.84
N MET F 19 -23.11 10.23 50.55
CA MET F 19 -22.27 9.06 50.77
C MET F 19 -23.00 7.96 51.53
N GLY F 20 -23.81 8.33 52.53
CA GLY F 20 -24.56 7.32 53.25
C GLY F 20 -25.44 6.49 52.34
N ALA F 21 -26.11 7.16 51.39
CA ALA F 21 -26.85 6.43 50.37
C ALA F 21 -25.92 5.81 49.33
N ALA F 22 -24.75 6.42 49.12
CA ALA F 22 -23.78 5.89 48.18
C ALA F 22 -22.98 4.73 48.76
N SER F 23 -23.15 4.42 50.03
CA SER F 23 -22.44 3.29 50.64
C SER F 23 -22.94 1.95 50.14
N MET F 24 -24.12 1.91 49.51
CA MET F 24 -24.68 0.67 49.00
C MET F 24 -24.59 0.53 47.49
N THR F 25 -24.05 1.53 46.79
CA THR F 25 -23.91 1.47 45.33
C THR F 25 -22.49 1.15 44.89
N LEU F 26 -21.62 0.75 45.82
CA LEU F 26 -20.27 0.33 45.45
C LEU F 26 -20.33 -0.80 44.44
N THR F 27 -21.36 -1.64 44.53
CA THR F 27 -21.42 -2.88 43.76
C THR F 27 -21.53 -2.64 42.26
N VAL F 28 -22.38 -1.71 41.84
CA VAL F 28 -22.70 -1.60 40.42
C VAL F 28 -21.45 -1.25 39.61
N GLN F 29 -20.68 -0.29 40.10
CA GLN F 29 -19.45 0.13 39.45
C GLN F 29 -18.24 -0.69 39.86
N ALA F 30 -18.32 -1.51 40.91
CA ALA F 30 -17.33 -2.57 41.06
C ALA F 30 -17.53 -3.63 39.98
N ARG F 31 -18.79 -3.90 39.64
CA ARG F 31 -19.11 -4.92 38.65
C ARG F 31 -18.80 -4.45 37.24
N ASN F 32 -19.15 -3.20 36.91
CA ASN F 32 -19.00 -2.66 35.57
C ASN F 32 -17.59 -2.16 35.28
N LEU F 33 -16.61 -2.56 36.07
CA LEU F 33 -15.24 -2.12 35.86
C LEU F 33 -14.49 -2.96 34.84
N LEU F 34 -15.08 -4.05 34.37
CA LEU F 34 -14.49 -4.85 33.31
C LEU F 34 -15.27 -4.85 32.01
N SER F 35 -16.56 -4.52 32.05
CA SER F 35 -17.42 -4.48 30.86
C SER F 35 -17.39 -5.82 30.11
N GLY F 36 -17.46 -6.90 30.87
CA GLY F 36 -17.45 -8.23 30.31
C GLY F 36 -16.06 -8.85 30.23
N THR F 58 -4.36 -5.01 12.45
CA THR F 58 -5.21 -4.17 11.62
C THR F 58 -5.58 -2.88 12.35
N VAL F 59 -5.31 -1.74 11.73
CA VAL F 59 -5.68 -0.43 12.25
C VAL F 59 -7.20 -0.36 12.29
N TRP F 60 -7.72 0.42 13.25
CA TRP F 60 -9.14 0.57 13.55
C TRP F 60 -9.68 -0.66 14.28
N GLY F 61 -8.88 -1.72 14.40
CA GLY F 61 -9.21 -2.85 15.24
C GLY F 61 -8.16 -3.02 16.32
N ILE F 62 -6.94 -2.53 16.05
CA ILE F 62 -5.89 -2.54 17.07
C ILE F 62 -6.27 -1.64 18.24
N LYS F 63 -7.12 -0.64 17.98
CA LYS F 63 -7.59 0.23 19.06
C LYS F 63 -8.35 -0.58 20.10
N GLN F 64 -9.17 -1.54 19.66
CA GLN F 64 -9.85 -2.42 20.60
C GLN F 64 -8.86 -3.18 21.47
N LEU F 65 -7.82 -3.73 20.85
CA LEU F 65 -6.85 -4.52 21.59
C LEU F 65 -6.13 -3.68 22.63
N GLN F 66 -5.61 -2.52 22.22
CA GLN F 66 -4.89 -1.69 23.18
C GLN F 66 -5.82 -1.14 24.25
N ALA F 67 -7.07 -0.83 23.91
CA ALA F 67 -8.01 -0.35 24.91
C ALA F 67 -8.31 -1.43 25.94
N ARG F 68 -8.51 -2.67 25.51
CA ARG F 68 -8.79 -3.73 26.47
C ARG F 68 -7.56 -4.06 27.31
N VAL F 69 -6.36 -3.97 26.72
CA VAL F 69 -5.14 -4.16 27.52
C VAL F 69 -5.03 -3.07 28.57
N LEU F 70 -5.30 -1.82 28.20
CA LEU F 70 -5.27 -0.74 29.17
C LEU F 70 -6.30 -0.97 30.26
N ALA F 71 -7.49 -1.43 29.89
CA ALA F 71 -8.54 -1.67 30.87
C ALA F 71 -8.13 -2.73 31.87
N VAL F 72 -7.58 -3.85 31.38
CA VAL F 72 -7.19 -4.93 32.29
C VAL F 72 -6.02 -4.49 33.17
N GLU F 73 -5.09 -3.72 32.60
CA GLU F 73 -3.95 -3.25 33.40
C GLU F 73 -4.41 -2.30 34.49
N ARG F 74 -5.35 -1.40 34.19
CA ARG F 74 -5.84 -0.49 35.22
C ARG F 74 -6.63 -1.25 36.27
N TYR F 75 -7.40 -2.26 35.86
CA TYR F 75 -8.12 -3.06 36.84
C TYR F 75 -7.14 -3.75 37.78
N LEU F 76 -6.02 -4.23 37.26
CA LEU F 76 -5.01 -4.83 38.10
C LEU F 76 -4.30 -3.79 38.98
N ARG F 77 -4.12 -2.56 38.49
CA ARG F 77 -3.65 -1.49 39.40
C ARG F 77 -4.56 -1.37 40.60
N ASP F 78 -5.87 -1.28 40.35
CA ASP F 78 -6.82 -1.11 41.44
C ASP F 78 -6.77 -2.31 42.38
N GLN F 79 -6.80 -3.53 41.82
CA GLN F 79 -6.80 -4.72 42.66
C GLN F 79 -5.51 -4.87 43.44
N GLN F 80 -4.37 -4.58 42.81
CA GLN F 80 -3.09 -4.72 43.50
C GLN F 80 -2.95 -3.68 44.59
N LEU F 81 -3.40 -2.44 44.33
CA LEU F 81 -3.39 -1.43 45.38
C LEU F 81 -4.27 -1.84 46.55
N LEU F 82 -5.46 -2.40 46.25
CA LEU F 82 -6.32 -2.85 47.34
C LEU F 82 -5.69 -3.99 48.11
N GLY F 83 -5.13 -4.98 47.40
CA GLY F 83 -4.58 -6.16 48.02
C GLY F 83 -3.35 -5.88 48.86
N ILE F 84 -2.43 -5.06 48.33
CA ILE F 84 -1.22 -4.75 49.06
C ILE F 84 -1.52 -3.95 50.31
N TRP F 85 -2.66 -3.26 50.35
CA TRP F 85 -3.10 -2.60 51.56
C TRP F 85 -3.64 -3.63 52.55
N GLY F 86 -3.85 -3.18 53.78
CA GLY F 86 -4.28 -4.10 54.82
C GLY F 86 -5.76 -4.43 54.77
N CYS F 87 -6.31 -4.61 53.58
CA CYS F 87 -7.72 -4.97 53.44
C CYS F 87 -7.90 -6.36 52.85
N SER F 88 -7.39 -6.60 51.64
CA SER F 88 -7.64 -7.85 50.90
C SER F 88 -9.13 -8.16 50.81
N GLY F 89 -9.96 -7.14 50.95
CA GLY F 89 -11.41 -7.31 50.93
C GLY F 89 -12.04 -6.27 50.04
N LYS F 90 -13.09 -6.69 49.35
CA LYS F 90 -13.65 -5.90 48.26
C LYS F 90 -14.76 -4.98 48.75
N LEU F 91 -14.70 -3.73 48.27
CA LEU F 91 -15.72 -2.71 48.44
C LEU F 91 -15.76 -2.13 49.85
N ILE F 92 -15.08 -2.78 50.78
CA ILE F 92 -15.06 -2.41 52.20
C ILE F 92 -13.83 -3.04 52.82
N CYS F 93 -13.21 -2.33 53.75
CA CYS F 93 -12.23 -2.94 54.64
C CYS F 93 -12.14 -2.07 55.89
N CYS F 94 -11.26 -2.47 56.81
CA CYS F 94 -10.97 -1.68 58.00
C CYS F 94 -9.47 -1.67 58.19
N THR F 95 -9.01 -0.86 59.13
CA THR F 95 -7.58 -0.64 59.26
C THR F 95 -7.30 -0.13 60.67
N ASN F 96 -6.00 0.03 60.97
CA ASN F 96 -5.56 0.39 62.31
C ASN F 96 -4.77 1.69 62.35
N VAL F 97 -4.85 2.50 61.30
CA VAL F 97 -4.12 3.77 61.23
C VAL F 97 -5.07 4.90 61.62
N PRO F 98 -4.67 5.80 62.51
CA PRO F 98 -5.52 6.96 62.83
C PRO F 98 -5.59 7.93 61.67
N TRP F 99 -6.28 9.04 61.91
CA TRP F 99 -6.51 10.06 60.90
C TRP F 99 -5.61 11.26 61.19
N ASN F 100 -4.72 11.45 60.21
CA ASN F 100 -3.83 12.64 60.25
C ASN F 100 -4.72 13.87 60.41
N SER F 101 -4.30 14.76 61.28
CA SER F 101 -5.05 15.96 61.64
C SER F 101 -4.85 17.11 60.70
N SER F 102 -4.35 16.82 59.50
CA SER F 102 -4.22 17.82 58.46
C SER F 102 -5.11 17.54 57.25
N TRP F 103 -5.72 16.37 57.17
CA TRP F 103 -6.55 16.00 56.02
C TRP F 103 -8.00 16.33 56.32
N SER F 104 -8.44 17.53 55.92
CA SER F 104 -9.84 17.93 55.93
C SER F 104 -10.52 17.53 57.25
N ASN F 105 -10.07 18.20 58.32
CA ASN F 105 -10.51 17.86 59.67
C ASN F 105 -11.94 18.33 59.86
N ARG F 106 -12.89 17.39 59.74
CA ARG F 106 -14.30 17.69 59.94
C ARG F 106 -14.93 16.66 60.88
N ASN F 107 -16.25 16.75 61.07
CA ASN F 107 -16.99 15.82 61.92
C ASN F 107 -17.66 14.77 61.06
N LEU F 108 -18.14 13.71 61.72
CA LEU F 108 -18.74 12.59 61.01
C LEU F 108 -19.97 13.01 60.23
N SER F 109 -20.85 13.81 60.85
CA SER F 109 -22.08 14.22 60.19
C SER F 109 -21.79 15.09 58.98
N GLU F 110 -20.96 16.10 59.15
CA GLU F 110 -20.65 17.05 58.07
C GLU F 110 -19.73 16.46 57.00
N ILE F 111 -19.35 15.20 57.09
CA ILE F 111 -18.55 14.55 56.05
C ILE F 111 -19.38 13.45 55.41
N TRP F 112 -20.20 12.78 56.22
CA TRP F 112 -20.96 11.61 55.77
C TRP F 112 -22.37 11.93 55.32
N ASP F 113 -22.85 13.15 55.56
CA ASP F 113 -24.21 13.52 55.17
C ASP F 113 -24.30 14.83 54.40
N ASN F 114 -23.35 15.75 54.58
CA ASN F 114 -23.41 17.07 53.97
C ASN F 114 -22.62 17.12 52.66
N MET F 115 -22.00 16.01 52.25
CA MET F 115 -21.06 16.06 51.15
C MET F 115 -21.16 14.79 50.32
N THR F 116 -20.70 14.89 49.07
CA THR F 116 -20.73 13.79 48.11
C THR F 116 -19.29 13.51 47.67
N TRP F 117 -19.09 12.29 47.15
CA TRP F 117 -17.73 11.80 46.89
C TRP F 117 -16.94 12.72 45.97
N LEU F 118 -17.60 13.35 45.00
CA LEU F 118 -16.87 14.20 44.05
C LEU F 118 -16.22 15.39 44.77
N GLN F 119 -17.00 16.12 45.57
CA GLN F 119 -16.42 17.26 46.27
C GLN F 119 -15.37 16.81 47.29
N TRP F 120 -15.61 15.67 47.93
CA TRP F 120 -14.66 15.19 48.94
C TRP F 120 -13.32 14.83 48.32
N ASP F 121 -13.32 14.00 47.29
CA ASP F 121 -12.05 13.63 46.67
C ASP F 121 -11.48 14.77 45.85
N LYS F 122 -12.26 15.81 45.58
CA LYS F 122 -11.67 17.04 45.07
C LYS F 122 -10.90 17.78 46.15
N GLU F 123 -11.44 17.78 47.37
CA GLU F 123 -10.78 18.51 48.49
C GLU F 123 -9.81 17.58 49.26
N ILE F 124 -9.61 16.33 48.79
CA ILE F 124 -8.75 15.38 49.57
C ILE F 124 -7.56 14.91 48.71
N SER F 125 -7.53 15.28 47.42
CA SER F 125 -6.44 14.81 46.52
C SER F 125 -5.10 15.43 46.95
N ASN F 126 -5.09 16.23 48.02
CA ASN F 126 -3.87 16.92 48.50
C ASN F 126 -2.80 15.93 48.97
N TYR F 127 -3.23 14.82 49.59
CA TYR F 127 -2.23 13.89 50.19
C TYR F 127 -2.49 12.46 49.76
N THR F 128 -3.49 12.22 48.90
CA THR F 128 -3.85 10.85 48.54
C THR F 128 -2.62 9.99 48.30
N GLN F 129 -1.58 10.56 47.68
CA GLN F 129 -0.35 9.81 47.46
C GLN F 129 0.26 9.36 48.78
N ILE F 130 0.43 10.29 49.72
CA ILE F 130 1.03 9.89 50.98
C ILE F 130 -0.01 9.27 51.90
N ILE F 131 -1.30 9.53 51.69
CA ILE F 131 -2.32 8.75 52.37
C ILE F 131 -2.12 7.27 52.07
N TYR F 132 -1.99 6.93 50.78
CA TYR F 132 -1.76 5.54 50.41
C TYR F 132 -0.39 5.07 50.85
N GLY F 133 0.61 5.95 50.79
CA GLY F 133 1.94 5.57 51.22
C GLY F 133 1.99 5.14 52.67
N LEU F 134 1.37 5.92 53.56
CA LEU F 134 1.36 5.55 54.96
C LEU F 134 0.37 4.41 55.22
N LEU F 135 -0.77 4.40 54.52
CA LEU F 135 -1.75 3.33 54.66
C LEU F 135 -1.20 1.99 54.19
N GLU F 136 -0.15 1.98 53.37
CA GLU F 136 0.52 0.74 53.06
C GLU F 136 1.73 0.49 53.95
N GLU F 137 2.55 1.50 54.24
CA GLU F 137 3.71 1.32 55.11
C GLU F 137 3.26 0.89 56.50
N SER F 138 2.60 1.80 57.22
CA SER F 138 2.23 1.56 58.61
C SER F 138 1.15 0.50 58.76
N GLN F 139 0.67 -0.06 57.65
CA GLN F 139 -0.30 -1.18 57.77
C GLN F 139 0.37 -2.49 57.30
N ASN F 140 0.79 -2.56 56.03
CA ASN F 140 1.36 -3.83 55.50
C ASN F 140 2.70 -4.15 56.17
N GLN F 141 3.56 -3.14 56.37
CA GLN F 141 4.91 -3.43 56.92
C GLN F 141 4.96 -3.07 58.41
N GLN F 142 3.79 -2.78 59.01
CA GLN F 142 3.75 -2.52 60.48
C GLN F 142 2.65 -3.42 61.07
N GLU F 143 1.38 -3.10 60.82
CA GLU F 143 0.31 -3.91 61.36
C GLU F 143 0.42 -5.35 60.86
N LYS F 144 0.57 -5.54 59.54
CA LYS F 144 0.78 -6.89 59.04
C LYS F 144 2.14 -7.42 59.48
N ASN F 145 3.06 -6.53 59.82
CA ASN F 145 4.33 -6.98 60.39
C ASN F 145 4.13 -7.67 61.74
N GLU F 146 3.42 -7.01 62.67
CA GLU F 146 3.07 -7.74 63.88
C GLU F 146 2.02 -8.83 63.65
N GLN F 147 1.29 -8.81 62.55
CA GLN F 147 0.53 -10.01 62.18
C GLN F 147 1.48 -11.19 61.97
N ASP F 148 2.51 -10.96 61.15
CA ASP F 148 3.52 -11.98 60.90
C ASP F 148 4.23 -12.40 62.18
N LEU F 149 4.44 -11.45 63.10
CA LEU F 149 5.16 -11.71 64.33
C LEU F 149 4.31 -12.45 65.36
N LEU F 150 3.11 -11.95 65.66
CA LEU F 150 2.19 -12.58 66.59
C LEU F 150 1.56 -13.85 66.02
N ALA F 151 1.75 -14.14 64.73
CA ALA F 151 1.55 -15.49 64.22
C ALA F 151 2.84 -16.29 64.18
N LEU F 152 3.99 -15.61 64.26
CA LEU F 152 5.30 -16.23 64.25
C LEU F 152 5.84 -16.46 65.66
N ASP F 153 5.28 -15.77 66.66
CA ASP F 153 5.76 -15.88 68.03
C ASP F 153 5.60 -17.30 68.57
N VAL G 2 -30.61 -6.89 -9.41
CA VAL G 2 -30.36 -8.18 -10.04
C VAL G 2 -31.05 -8.23 -11.39
N GLN G 3 -30.24 -8.33 -12.44
CA GLN G 3 -30.77 -8.33 -13.81
C GLN G 3 -29.92 -9.27 -14.65
N LEU G 4 -30.57 -9.98 -15.57
CA LEU G 4 -29.91 -10.99 -16.40
C LEU G 4 -30.30 -10.78 -17.86
N VAL G 5 -29.33 -10.35 -18.67
CA VAL G 5 -29.52 -10.26 -20.10
C VAL G 5 -29.24 -11.63 -20.72
N GLN G 6 -30.06 -12.04 -21.68
CA GLN G 6 -29.83 -13.26 -22.42
C GLN G 6 -29.49 -12.94 -23.87
N SER G 7 -28.98 -13.95 -24.57
CA SER G 7 -28.58 -13.77 -25.96
C SER G 7 -29.81 -13.66 -26.87
N GLY G 8 -29.57 -13.20 -28.09
CA GLY G 8 -30.64 -13.07 -29.05
C GLY G 8 -31.09 -14.40 -29.59
N ALA G 9 -32.16 -14.36 -30.38
CA ALA G 9 -32.71 -15.57 -30.97
C ALA G 9 -31.71 -16.18 -31.96
N GLN G 10 -31.70 -17.52 -32.00
CA GLN G 10 -30.82 -18.25 -32.89
C GLN G 10 -31.62 -19.28 -33.67
N VAL G 11 -31.21 -19.53 -34.91
CA VAL G 11 -31.83 -20.52 -35.78
C VAL G 11 -30.80 -21.62 -36.04
N LYS G 12 -31.17 -22.86 -35.74
CA LYS G 12 -30.26 -23.99 -35.86
C LYS G 12 -30.95 -25.14 -36.58
N LYS G 13 -30.14 -26.00 -37.19
CA LYS G 13 -30.48 -27.22 -37.90
C LYS G 13 -30.29 -28.41 -36.97
N PRO G 14 -31.16 -29.43 -37.02
CA PRO G 14 -30.96 -30.58 -36.14
C PRO G 14 -29.62 -31.26 -36.41
N GLY G 15 -28.99 -31.74 -35.32
CA GLY G 15 -27.66 -32.31 -35.40
C GLY G 15 -26.54 -31.32 -35.15
N ALA G 16 -26.84 -30.03 -35.05
CA ALA G 16 -25.82 -29.02 -34.79
C ALA G 16 -25.70 -28.81 -33.27
N SER G 17 -24.95 -27.78 -32.89
CA SER G 17 -24.75 -27.44 -31.48
C SER G 17 -25.14 -25.99 -31.26
N VAL G 18 -25.94 -25.73 -30.23
CA VAL G 18 -26.43 -24.39 -29.91
C VAL G 18 -25.84 -23.98 -28.56
N THR G 19 -25.29 -22.78 -28.51
CA THR G 19 -24.77 -22.22 -27.28
C THR G 19 -25.44 -20.87 -27.03
N VAL G 20 -25.75 -20.60 -25.77
CA VAL G 20 -26.44 -19.37 -25.38
C VAL G 20 -25.68 -18.72 -24.23
N SER G 21 -25.89 -17.43 -24.07
CA SER G 21 -25.23 -16.64 -23.04
C SER G 21 -26.27 -15.99 -22.13
N CYS G 22 -25.86 -15.74 -20.89
CA CYS G 22 -26.75 -15.13 -19.90
C CYS G 22 -25.88 -14.38 -18.91
N THR G 23 -25.81 -13.06 -19.07
CA THR G 23 -24.95 -12.25 -18.20
C THR G 23 -25.54 -12.15 -16.81
N ALA G 24 -24.73 -11.60 -15.90
CA ALA G 24 -25.13 -11.41 -14.50
C ALA G 24 -24.76 -10.01 -14.07
N SER G 25 -25.68 -9.34 -13.39
CA SER G 25 -25.45 -8.00 -12.87
C SER G 25 -26.32 -7.77 -11.66
N GLY G 26 -25.81 -6.99 -10.70
CA GLY G 26 -26.58 -6.62 -9.54
C GLY G 26 -26.36 -7.46 -8.29
N TYR G 27 -25.34 -8.32 -8.28
CA TYR G 27 -25.06 -9.17 -7.13
C TYR G 27 -23.66 -9.73 -7.29
N THR G 28 -23.17 -10.37 -6.23
CA THR G 28 -21.87 -11.04 -6.31
C THR G 28 -21.96 -12.26 -7.21
N PHE G 29 -21.03 -12.37 -8.14
CA PHE G 29 -21.14 -13.38 -9.19
C PHE G 29 -20.87 -14.79 -8.64
N THR G 30 -19.89 -14.92 -7.76
CA THR G 30 -19.38 -16.22 -7.33
C THR G 30 -19.98 -16.67 -6.01
N GLY G 31 -21.25 -16.36 -5.76
CA GLY G 31 -21.87 -16.75 -4.52
C GLY G 31 -23.30 -17.22 -4.64
N TYR G 32 -23.74 -17.52 -5.87
CA TYR G 32 -25.12 -17.94 -6.09
C TYR G 32 -25.15 -18.97 -7.21
N HIS G 33 -25.77 -20.12 -6.95
CA HIS G 33 -25.94 -21.12 -7.99
C HIS G 33 -26.82 -20.55 -9.10
N MET G 34 -26.68 -21.14 -10.30
CA MET G 34 -27.26 -20.55 -11.50
C MET G 34 -27.94 -21.65 -12.31
N HIS G 35 -29.25 -21.82 -12.10
CA HIS G 35 -29.99 -22.85 -12.80
C HIS G 35 -30.19 -22.49 -14.27
N TRP G 36 -30.27 -23.52 -15.10
CA TRP G 36 -30.64 -23.38 -16.51
C TRP G 36 -31.93 -24.12 -16.76
N VAL G 37 -32.91 -23.42 -17.33
CA VAL G 37 -34.27 -23.93 -17.49
C VAL G 37 -34.68 -23.79 -18.95
N ARG G 38 -35.19 -24.87 -19.52
CA ARG G 38 -35.65 -24.89 -20.90
C ARG G 38 -37.15 -25.08 -20.93
N GLN G 39 -37.85 -24.21 -21.66
CA GLN G 39 -39.30 -24.27 -21.78
C GLN G 39 -39.66 -24.44 -23.26
N ALA G 40 -40.18 -25.61 -23.60
CA ALA G 40 -40.68 -25.82 -24.95
C ALA G 40 -42.01 -25.09 -25.12
N PRO G 41 -42.26 -24.52 -26.31
CA PRO G 41 -43.48 -23.70 -26.48
C PRO G 41 -44.73 -24.57 -26.43
N GLY G 42 -45.51 -24.40 -25.35
CA GLY G 42 -46.75 -25.12 -25.18
C GLY G 42 -46.67 -26.38 -24.34
N GLN G 43 -45.50 -26.70 -23.80
CA GLN G 43 -45.31 -27.90 -23.00
C GLN G 43 -44.88 -27.52 -21.58
N GLY G 44 -44.60 -28.55 -20.78
CA GLY G 44 -44.21 -28.35 -19.40
C GLY G 44 -42.83 -27.75 -19.25
N LEU G 45 -42.53 -27.32 -18.03
CA LEU G 45 -41.28 -26.63 -17.74
C LEU G 45 -40.19 -27.65 -17.46
N GLU G 46 -38.99 -27.40 -17.99
CA GLU G 46 -37.92 -28.37 -17.93
C GLU G 46 -36.62 -27.72 -17.47
N TRP G 47 -35.76 -28.52 -16.84
CA TRP G 47 -34.51 -28.07 -16.24
C TRP G 47 -33.33 -28.65 -17.01
N MET G 48 -32.24 -27.87 -17.06
CA MET G 48 -31.03 -28.28 -17.74
C MET G 48 -29.90 -28.57 -16.76
N GLY G 49 -29.55 -27.59 -15.92
CA GLY G 49 -28.48 -27.78 -14.96
C GLY G 49 -28.28 -26.53 -14.14
N TRP G 50 -27.41 -26.65 -13.14
CA TRP G 50 -27.06 -25.52 -12.28
C TRP G 50 -25.54 -25.41 -12.20
N ILE G 51 -25.05 -24.18 -12.20
CA ILE G 51 -23.63 -23.89 -12.15
C ILE G 51 -23.32 -23.31 -10.78
N ASN G 52 -22.25 -23.80 -10.17
CA ASN G 52 -21.66 -23.11 -9.02
C ASN G 52 -20.54 -22.24 -9.56
N PRO G 53 -20.71 -20.91 -9.64
CA PRO G 53 -19.65 -20.08 -10.23
C PRO G 53 -18.32 -20.20 -9.53
N PHE G 54 -18.33 -20.48 -8.23
CA PHE G 54 -17.09 -20.76 -7.51
C PHE G 54 -16.59 -22.15 -7.88
N ARG G 55 -15.44 -22.21 -8.54
CA ARG G 55 -14.80 -23.41 -9.09
C ARG G 55 -15.55 -24.01 -10.26
N GLY G 56 -16.69 -23.45 -10.67
CA GLY G 56 -17.39 -23.95 -11.83
C GLY G 56 -18.01 -25.32 -11.70
N ALA G 57 -18.53 -25.66 -10.52
CA ALA G 57 -19.16 -26.95 -10.33
C ALA G 57 -20.51 -27.00 -11.03
N VAL G 58 -20.78 -28.10 -11.73
CA VAL G 58 -22.00 -28.27 -12.50
C VAL G 58 -22.64 -29.61 -12.17
N LYS G 59 -23.92 -29.73 -12.51
CA LYS G 59 -24.67 -30.96 -12.31
C LYS G 59 -25.84 -30.96 -13.28
N TYR G 60 -25.90 -31.97 -14.15
CA TYR G 60 -26.82 -31.97 -15.27
C TYR G 60 -28.07 -32.80 -14.95
N ALA G 61 -28.93 -32.94 -15.96
CA ALA G 61 -30.15 -33.74 -15.87
C ALA G 61 -29.95 -35.07 -16.59
N GLN G 62 -30.50 -36.13 -16.00
CA GLN G 62 -30.32 -37.47 -16.55
C GLN G 62 -30.78 -37.54 -18.01
N LYS G 63 -31.86 -36.83 -18.35
CA LYS G 63 -32.34 -36.79 -19.72
C LYS G 63 -31.38 -36.03 -20.64
N PHE G 64 -30.52 -35.18 -20.09
CA PHE G 64 -29.65 -34.33 -20.90
C PHE G 64 -28.17 -34.63 -20.72
N ARG G 65 -27.82 -35.68 -19.98
CA ARG G 65 -26.42 -36.02 -19.80
C ARG G 65 -25.84 -36.51 -21.13
N GLY G 66 -24.66 -36.01 -21.48
CA GLY G 66 -24.00 -36.35 -22.72
C GLY G 66 -24.23 -35.38 -23.85
N ARG G 67 -25.18 -34.46 -23.70
CA ARG G 67 -25.46 -33.45 -24.72
C ARG G 67 -25.15 -32.03 -24.25
N VAL G 68 -25.53 -31.70 -23.02
CA VAL G 68 -25.36 -30.34 -22.52
C VAL G 68 -23.96 -30.17 -21.95
N SER G 69 -23.44 -28.95 -22.09
CA SER G 69 -22.16 -28.59 -21.48
C SER G 69 -22.24 -27.10 -21.15
N MET G 70 -22.15 -26.77 -19.87
CA MET G 70 -22.38 -25.43 -19.37
C MET G 70 -21.20 -24.95 -18.56
N THR G 71 -20.72 -23.75 -18.87
CA THR G 71 -19.54 -23.17 -18.25
C THR G 71 -19.80 -21.69 -17.96
N ARG G 72 -18.80 -21.03 -17.40
CA ARG G 72 -18.91 -19.62 -17.05
C ARG G 72 -17.51 -19.01 -17.01
N ASP G 73 -17.47 -17.69 -17.05
CA ASP G 73 -16.23 -16.95 -16.86
C ASP G 73 -16.47 -15.85 -15.84
N THR G 74 -15.67 -15.86 -14.77
CA THR G 74 -15.83 -14.86 -13.71
C THR G 74 -15.43 -13.47 -14.18
N SER G 75 -14.55 -13.38 -15.18
CA SER G 75 -14.04 -12.08 -15.63
C SER G 75 -15.17 -11.20 -16.15
N ILE G 76 -15.86 -11.65 -17.20
CA ILE G 76 -16.96 -10.87 -17.77
C ILE G 76 -18.29 -11.17 -17.09
N GLU G 77 -18.34 -12.19 -16.24
CA GLU G 77 -19.55 -12.58 -15.52
C GLU G 77 -20.64 -13.02 -16.50
N ILE G 78 -20.27 -13.95 -17.39
CA ILE G 78 -21.16 -14.45 -18.42
C ILE G 78 -21.40 -15.93 -18.17
N PHE G 79 -22.65 -16.36 -18.21
CA PHE G 79 -23.02 -17.75 -18.03
C PHE G 79 -23.28 -18.37 -19.40
N TYR G 80 -22.45 -19.36 -19.75
CA TYR G 80 -22.54 -20.01 -21.05
C TYR G 80 -23.21 -21.36 -20.92
N MET G 81 -24.26 -21.58 -21.71
CA MET G 81 -24.94 -22.86 -21.80
C MET G 81 -24.83 -23.34 -23.23
N GLU G 82 -24.20 -24.50 -23.42
CA GLU G 82 -24.01 -25.08 -24.74
C GLU G 82 -24.73 -26.41 -24.84
N LEU G 83 -25.52 -26.58 -25.89
CA LEU G 83 -26.26 -27.81 -26.13
C LEU G 83 -25.92 -28.31 -27.53
N SER G 84 -25.45 -29.54 -27.63
CA SER G 84 -25.04 -30.14 -28.89
C SER G 84 -25.95 -31.33 -29.21
N ARG G 85 -25.71 -31.91 -30.38
CA ARG G 85 -26.50 -33.03 -30.89
C ARG G 85 -27.99 -32.72 -30.84
N LEU G 86 -28.35 -31.64 -31.52
CA LEU G 86 -29.71 -31.10 -31.45
C LEU G 86 -30.71 -32.06 -32.09
N ARG G 87 -31.94 -32.00 -31.60
CA ARG G 87 -33.05 -32.80 -32.10
C ARG G 87 -34.23 -31.88 -32.39
N SER G 88 -35.30 -32.46 -32.95
CA SER G 88 -36.47 -31.68 -33.30
C SER G 88 -37.14 -31.08 -32.06
N ASP G 89 -37.23 -31.86 -30.98
CA ASP G 89 -37.87 -31.40 -29.76
C ASP G 89 -37.07 -30.33 -29.03
N ASP G 90 -35.83 -30.09 -29.42
CA ASP G 90 -35.00 -29.07 -28.77
C ASP G 90 -35.43 -27.65 -29.09
N THR G 91 -36.34 -27.46 -30.05
CA THR G 91 -36.84 -26.12 -30.36
C THR G 91 -37.62 -25.57 -29.19
N ALA G 92 -37.05 -24.58 -28.50
CA ALA G 92 -37.65 -24.08 -27.27
C ALA G 92 -37.08 -22.71 -26.96
N VAL G 93 -37.55 -22.14 -25.86
CA VAL G 93 -36.99 -20.92 -25.29
C VAL G 93 -36.32 -21.28 -23.97
N TYR G 94 -35.08 -20.85 -23.80
CA TYR G 94 -34.26 -21.25 -22.67
C TYR G 94 -34.14 -20.11 -21.67
N TYR G 95 -34.15 -20.46 -20.38
CA TYR G 95 -34.12 -19.48 -19.31
C TYR G 95 -33.01 -19.83 -18.33
N CYS G 96 -32.38 -18.78 -17.80
CA CYS G 96 -31.32 -18.92 -16.80
C CYS G 96 -31.84 -18.34 -15.49
N ALA G 97 -31.76 -19.13 -14.41
CA ALA G 97 -32.42 -18.81 -13.15
C ALA G 97 -31.38 -18.66 -12.05
N ARG G 98 -31.45 -17.54 -11.34
CA ARG G 98 -30.58 -17.31 -10.19
C ARG G 98 -31.32 -17.59 -8.89
N GLU G 99 -30.62 -18.22 -7.95
CA GLU G 99 -31.19 -18.62 -6.67
C GLU G 99 -31.58 -17.41 -5.83
N MET G 100 -32.32 -17.66 -4.75
CA MET G 100 -32.54 -16.61 -3.76
C MET G 100 -31.32 -16.44 -2.86
N PHE G 101 -30.97 -17.48 -2.12
CA PHE G 101 -29.92 -17.41 -1.11
C PHE G 101 -28.56 -17.76 -1.69
N ASP G 102 -27.51 -17.38 -0.95
CA ASP G 102 -26.15 -17.68 -1.34
C ASP G 102 -25.93 -19.19 -1.35
N SER G 103 -24.78 -19.60 -1.89
CA SER G 103 -24.46 -21.01 -2.04
C SER G 103 -24.26 -21.72 -0.70
N SER G 104 -24.14 -20.96 0.39
CA SER G 104 -23.86 -21.55 1.70
C SER G 104 -25.13 -21.85 2.50
N ALA G 105 -26.31 -21.65 1.94
CA ALA G 105 -27.54 -21.94 2.66
C ALA G 105 -27.72 -23.46 2.79
N ASP G 106 -28.66 -23.84 3.67
CA ASP G 106 -28.87 -25.25 3.95
C ASP G 106 -29.34 -26.01 2.71
N TRP G 107 -30.28 -25.44 1.97
CA TRP G 107 -30.80 -26.03 0.73
C TRP G 107 -30.65 -25.04 -0.41
N SER G 108 -29.47 -24.41 -0.50
CA SER G 108 -29.24 -23.37 -1.49
C SER G 108 -29.43 -23.84 -2.92
N PRO G 109 -28.80 -24.94 -3.39
CA PRO G 109 -28.90 -25.27 -4.81
C PRO G 109 -30.27 -25.74 -5.25
N TRP G 110 -31.18 -26.02 -4.32
CA TRP G 110 -32.52 -26.48 -4.65
C TRP G 110 -33.58 -25.56 -4.06
N ARG G 111 -33.30 -24.26 -4.03
CA ARG G 111 -34.25 -23.26 -3.55
C ARG G 111 -35.07 -22.75 -4.73
N GLY G 112 -35.79 -21.64 -4.53
CA GLY G 112 -36.80 -21.20 -5.47
C GLY G 112 -36.29 -20.66 -6.80
N MET G 113 -35.01 -20.25 -6.87
CA MET G 113 -34.43 -19.60 -8.05
C MET G 113 -35.31 -18.44 -8.55
N VAL G 114 -35.36 -17.40 -7.71
CA VAL G 114 -36.29 -16.29 -7.91
C VAL G 114 -35.98 -15.54 -9.20
N ALA G 115 -34.70 -15.22 -9.44
CA ALA G 115 -34.34 -14.33 -10.53
C ALA G 115 -34.27 -15.11 -11.84
N TRP G 116 -34.99 -14.63 -12.85
CA TRP G 116 -35.05 -15.30 -14.14
C TRP G 116 -34.69 -14.31 -15.24
N GLY G 117 -33.91 -14.77 -16.20
CA GLY G 117 -33.55 -13.93 -17.33
C GLY G 117 -34.71 -13.75 -18.29
N GLN G 118 -34.50 -12.86 -19.27
CA GLN G 118 -35.56 -12.57 -20.24
C GLN G 118 -35.90 -13.83 -21.03
N GLY G 119 -34.88 -14.57 -21.47
CA GLY G 119 -35.11 -15.80 -22.20
C GLY G 119 -34.63 -15.72 -23.63
N THR G 120 -34.02 -16.80 -24.11
CA THR G 120 -33.58 -16.90 -25.49
C THR G 120 -34.29 -18.07 -26.15
N LEU G 121 -34.80 -17.85 -27.35
CA LEU G 121 -35.55 -18.86 -28.08
C LEU G 121 -34.70 -19.40 -29.22
N VAL G 122 -34.68 -20.71 -29.38
CA VAL G 122 -33.94 -21.38 -30.44
C VAL G 122 -34.93 -22.14 -31.31
N THR G 123 -34.71 -22.08 -32.62
CA THR G 123 -35.58 -22.74 -33.60
C THR G 123 -34.77 -23.83 -34.29
N VAL G 124 -35.06 -25.08 -33.96
CA VAL G 124 -34.40 -26.23 -34.56
C VAL G 124 -35.44 -26.91 -35.45
N SER G 125 -35.39 -26.63 -36.74
CA SER G 125 -36.37 -27.14 -37.70
C SER G 125 -35.65 -27.84 -38.85
N SER G 126 -36.26 -28.91 -39.34
CA SER G 126 -35.72 -29.60 -40.51
C SER G 126 -35.75 -28.73 -41.75
N ALA G 127 -36.67 -27.77 -41.82
CA ALA G 127 -36.73 -26.85 -42.95
C ALA G 127 -35.56 -25.87 -42.88
N SER G 128 -35.23 -25.31 -44.04
CA SER G 128 -34.14 -24.34 -44.14
C SER G 128 -34.68 -22.94 -44.40
N GLN H 1 16.21 27.69 9.81
CA GLN H 1 16.18 29.15 9.74
C GLN H 1 14.83 29.63 9.20
N VAL H 2 14.57 30.93 9.34
CA VAL H 2 13.34 31.54 8.85
C VAL H 2 13.74 32.72 7.98
N GLN H 3 13.42 32.64 6.68
CA GLN H 3 13.69 33.73 5.75
C GLN H 3 12.48 33.91 4.86
N LEU H 4 11.98 35.13 4.78
CA LEU H 4 10.83 35.47 3.95
C LEU H 4 11.31 36.39 2.83
N VAL H 5 11.79 35.78 1.75
CA VAL H 5 12.29 36.54 0.62
C VAL H 5 11.12 37.00 -0.24
N GLN H 6 11.08 38.28 -0.54
CA GLN H 6 10.04 38.88 -1.37
C GLN H 6 10.58 39.16 -2.76
N SER H 7 9.75 39.78 -3.59
CA SER H 7 10.14 40.14 -4.94
C SER H 7 10.74 41.55 -4.97
N GLY H 8 11.29 41.91 -6.13
CA GLY H 8 11.90 43.21 -6.28
C GLY H 8 10.89 44.33 -6.43
N ALA H 9 11.41 45.55 -6.35
CA ALA H 9 10.55 46.73 -6.42
C ALA H 9 9.87 46.82 -7.79
N GLN H 10 8.64 47.31 -7.79
CA GLN H 10 7.84 47.45 -9.00
C GLN H 10 7.28 48.85 -9.10
N VAL H 11 7.15 49.33 -10.34
CA VAL H 11 6.60 50.64 -10.65
C VAL H 11 5.27 50.45 -11.36
N LYS H 12 4.23 51.10 -10.84
CA LYS H 12 2.88 50.94 -11.37
C LYS H 12 2.23 52.30 -11.55
N LYS H 13 1.23 52.33 -12.43
CA LYS H 13 0.32 53.41 -12.79
C LYS H 13 -1.00 53.27 -12.03
N PRO H 14 -1.54 54.37 -11.49
CA PRO H 14 -2.78 54.27 -10.73
C PRO H 14 -3.91 53.67 -11.56
N GLY H 15 -4.71 52.81 -10.94
CA GLY H 15 -5.76 52.09 -11.62
C GLY H 15 -5.37 50.72 -12.12
N ALA H 16 -4.11 50.33 -11.98
CA ALA H 16 -3.65 49.01 -12.40
C ALA H 16 -3.77 48.03 -11.25
N SER H 17 -3.14 46.86 -11.38
CA SER H 17 -3.12 45.84 -10.33
C SER H 17 -1.69 45.39 -10.11
N VAL H 18 -1.32 45.19 -8.85
CA VAL H 18 0.03 44.79 -8.47
C VAL H 18 -0.04 43.50 -7.66
N THR H 19 0.87 42.58 -7.95
CA THR H 19 1.00 41.34 -7.21
C THR H 19 2.45 41.19 -6.76
N VAL H 20 2.63 40.60 -5.59
CA VAL H 20 3.95 40.43 -4.99
C VAL H 20 4.02 39.04 -4.35
N SER H 21 5.20 38.43 -4.45
CA SER H 21 5.45 37.11 -3.88
C SER H 21 6.26 37.23 -2.60
N CYS H 22 6.09 36.26 -1.70
CA CYS H 22 6.84 36.22 -0.45
C CYS H 22 7.04 34.75 -0.10
N THR H 23 8.18 34.21 -0.49
CA THR H 23 8.48 32.80 -0.26
C THR H 23 8.90 32.56 1.18
N ALA H 24 8.52 31.40 1.71
CA ALA H 24 8.87 30.99 3.06
C ALA H 24 9.82 29.80 3.00
N SER H 25 10.63 29.65 4.05
CA SER H 25 11.63 28.59 4.07
C SER H 25 11.93 28.19 5.51
N GLY H 26 12.33 26.94 5.68
CA GLY H 26 12.91 26.49 6.93
C GLY H 26 11.95 26.30 8.08
N TYR H 27 10.67 26.11 7.79
CA TYR H 27 9.71 25.78 8.84
C TYR H 27 8.50 25.13 8.19
N THR H 28 7.66 24.51 9.03
CA THR H 28 6.45 23.89 8.53
C THR H 28 5.53 24.94 7.91
N PHE H 29 5.23 24.77 6.63
CA PHE H 29 4.55 25.82 5.88
C PHE H 29 3.07 25.89 6.20
N THR H 30 2.45 24.76 6.53
CA THR H 30 1.00 24.68 6.69
C THR H 30 0.58 24.70 8.16
N GLY H 31 1.31 25.41 9.01
CA GLY H 31 0.93 25.48 10.40
C GLY H 31 1.03 26.85 11.03
N TYR H 32 1.59 27.82 10.30
CA TYR H 32 1.82 29.16 10.83
C TYR H 32 1.08 30.17 9.97
N HIS H 33 0.33 31.06 10.62
CA HIS H 33 -0.35 32.13 9.89
C HIS H 33 0.68 33.13 9.36
N MET H 34 0.27 33.86 8.32
CA MET H 34 1.16 34.78 7.63
C MET H 34 0.45 36.13 7.51
N HIS H 35 0.87 37.10 8.31
CA HIS H 35 0.33 38.44 8.23
C HIS H 35 1.03 39.24 7.14
N TRP H 36 0.24 40.00 6.39
CA TRP H 36 0.75 40.89 5.35
C TRP H 36 0.57 42.32 5.83
N VAL H 37 1.67 43.07 5.87
CA VAL H 37 1.73 44.39 6.48
C VAL H 37 2.25 45.38 5.45
N ARG H 38 1.56 46.50 5.30
CA ARG H 38 1.93 47.52 4.32
C ARG H 38 2.42 48.74 5.08
N GLN H 39 3.46 49.39 4.57
CA GLN H 39 4.08 50.55 5.21
C GLN H 39 4.35 51.63 4.18
N ALA H 40 3.60 52.72 4.22
CA ALA H 40 3.96 53.84 3.38
C ALA H 40 5.14 54.59 3.99
N PRO H 41 6.05 55.12 3.17
CA PRO H 41 7.28 55.71 3.73
C PRO H 41 7.00 56.94 4.59
N GLY H 42 7.39 56.87 5.86
CA GLY H 42 7.33 58.00 6.75
C GLY H 42 6.10 58.05 7.65
N GLN H 43 5.12 57.19 7.44
CA GLN H 43 3.90 57.23 8.23
C GLN H 43 3.74 55.90 9.00
N GLY H 44 2.60 55.76 9.66
CA GLY H 44 2.33 54.62 10.53
C GLY H 44 2.28 53.27 9.86
N LEU H 45 1.95 52.24 10.64
CA LEU H 45 1.96 50.86 10.18
C LEU H 45 0.54 50.32 10.12
N GLU H 46 0.20 49.67 9.01
CA GLU H 46 -1.10 49.11 8.74
C GLU H 46 -1.00 47.66 8.25
N TRP H 47 -2.14 47.10 7.83
CA TRP H 47 -2.32 45.65 7.72
C TRP H 47 -3.14 45.29 6.50
N MET H 48 -2.70 44.25 5.77
CA MET H 48 -3.43 43.68 4.65
C MET H 48 -4.37 42.57 5.09
N GLY H 49 -3.83 41.51 5.65
CA GLY H 49 -4.60 40.33 5.97
C GLY H 49 -3.68 39.20 6.39
N TRP H 50 -4.29 38.15 6.93
CA TRP H 50 -3.57 36.96 7.34
C TRP H 50 -4.12 35.75 6.62
N ILE H 51 -3.22 34.91 6.12
CA ILE H 51 -3.57 33.69 5.40
C ILE H 51 -3.29 32.50 6.30
N ASN H 52 -4.28 31.63 6.47
CA ASN H 52 -4.06 30.34 7.06
C ASN H 52 -3.62 29.39 5.95
N PRO H 53 -2.36 28.94 5.93
CA PRO H 53 -1.91 28.09 4.82
C PRO H 53 -2.71 26.81 4.69
N PHE H 54 -3.19 26.25 5.79
CA PHE H 54 -4.09 25.10 5.73
C PHE H 54 -5.42 25.55 5.16
N ARG H 55 -5.74 25.06 3.96
CA ARG H 55 -6.98 25.33 3.23
C ARG H 55 -7.10 26.78 2.76
N GLY H 56 -6.11 27.63 3.00
CA GLY H 56 -6.08 28.95 2.43
C GLY H 56 -7.07 29.94 3.00
N ALA H 57 -7.48 29.78 4.25
CA ALA H 57 -8.39 30.73 4.86
C ALA H 57 -7.72 32.10 5.00
N VAL H 58 -8.47 33.15 4.67
CA VAL H 58 -7.95 34.51 4.69
C VAL H 58 -8.94 35.42 5.43
N LYS H 59 -8.46 36.60 5.80
CA LYS H 59 -9.28 37.60 6.47
C LYS H 59 -8.66 38.96 6.21
N TYR H 60 -9.36 39.81 5.47
CA TYR H 60 -8.82 41.08 5.02
C TYR H 60 -9.16 42.19 6.01
N ALA H 61 -8.76 43.42 5.65
CA ALA H 61 -9.06 44.59 6.44
C ALA H 61 -10.27 45.33 5.86
N GLN H 62 -11.00 46.03 6.73
CA GLN H 62 -12.22 46.70 6.31
C GLN H 62 -11.97 47.68 5.18
N LYS H 63 -10.85 48.40 5.22
CA LYS H 63 -10.57 49.43 4.23
C LYS H 63 -9.84 48.88 3.01
N PHE H 64 -9.55 47.57 2.98
CA PHE H 64 -8.95 46.93 1.82
C PHE H 64 -9.83 45.86 1.18
N ARG H 65 -11.04 45.66 1.67
CA ARG H 65 -11.92 44.66 1.05
C ARG H 65 -12.38 45.16 -0.32
N GLY H 66 -12.27 44.30 -1.33
CA GLY H 66 -12.59 44.66 -2.68
C GLY H 66 -11.39 45.03 -3.53
N ARG H 67 -10.23 45.26 -2.91
CA ARG H 67 -9.01 45.61 -3.62
C ARG H 67 -7.93 44.55 -3.49
N VAL H 68 -7.71 44.03 -2.28
CA VAL H 68 -6.66 43.06 -2.06
C VAL H 68 -7.17 41.66 -2.37
N SER H 69 -6.26 40.79 -2.79
CA SER H 69 -6.58 39.39 -3.04
C SER H 69 -5.33 38.57 -2.78
N MET H 70 -5.37 37.71 -1.77
CA MET H 70 -4.20 36.96 -1.32
C MET H 70 -4.43 35.47 -1.54
N THR H 71 -3.43 34.80 -2.10
CA THR H 71 -3.46 33.37 -2.32
C THR H 71 -2.11 32.78 -1.95
N ARG H 72 -1.97 31.48 -2.10
CA ARG H 72 -0.71 30.80 -1.81
C ARG H 72 -0.65 29.50 -2.60
N ASP H 73 0.56 28.97 -2.73
CA ASP H 73 0.80 27.70 -3.40
C ASP H 73 1.60 26.82 -2.46
N THR H 74 0.93 25.85 -1.84
CA THR H 74 1.57 25.00 -0.83
C THR H 74 2.71 24.19 -1.43
N SER H 75 2.56 23.73 -2.68
CA SER H 75 3.56 22.87 -3.28
C SER H 75 4.91 23.57 -3.37
N ILE H 76 4.93 24.80 -3.90
CA ILE H 76 6.17 25.54 -4.06
C ILE H 76 6.52 26.37 -2.84
N GLU H 77 5.61 26.44 -1.86
CA GLU H 77 5.91 27.05 -0.55
C GLU H 77 6.17 28.55 -0.67
N ILE H 78 5.29 29.26 -1.36
CA ILE H 78 5.39 30.70 -1.51
C ILE H 78 4.03 31.33 -1.24
N PHE H 79 4.04 32.63 -0.97
CA PHE H 79 2.83 33.39 -0.70
C PHE H 79 2.61 34.44 -1.78
N TYR H 80 1.34 34.76 -2.03
CA TYR H 80 0.96 35.70 -3.06
C TYR H 80 0.11 36.81 -2.45
N MET H 81 0.37 38.05 -2.85
CA MET H 81 -0.40 39.21 -2.40
C MET H 81 -0.69 40.06 -3.63
N GLU H 82 -1.91 39.96 -4.14
CA GLU H 82 -2.32 40.72 -5.33
C GLU H 82 -3.21 41.88 -4.90
N LEU H 83 -2.83 43.08 -5.30
CA LEU H 83 -3.59 44.29 -5.00
C LEU H 83 -3.96 44.97 -6.31
N SER H 84 -5.24 45.29 -6.46
CA SER H 84 -5.77 45.89 -7.68
C SER H 84 -6.37 47.25 -7.36
N ARG H 85 -6.76 47.96 -8.43
CA ARG H 85 -7.33 49.30 -8.34
C ARG H 85 -6.42 50.22 -7.54
N LEU H 86 -5.19 50.33 -8.02
CA LEU H 86 -4.15 51.07 -7.30
C LEU H 86 -4.48 52.56 -7.23
N ARG H 87 -4.08 53.17 -6.12
CA ARG H 87 -4.29 54.59 -5.90
C ARG H 87 -2.95 55.24 -5.59
N SER H 88 -2.91 56.58 -5.69
CA SER H 88 -1.66 57.31 -5.49
C SER H 88 -1.10 57.11 -4.09
N ASP H 89 -1.97 56.92 -3.10
CA ASP H 89 -1.51 56.71 -1.72
C ASP H 89 -0.98 55.30 -1.48
N ASP H 90 -1.23 54.37 -2.41
CA ASP H 90 -0.78 53.00 -2.22
C ASP H 90 0.71 52.82 -2.42
N THR H 91 1.42 53.85 -2.89
CA THR H 91 2.87 53.77 -3.05
C THR H 91 3.53 53.53 -1.70
N ALA H 92 4.08 52.33 -1.51
CA ALA H 92 4.55 51.93 -0.19
C ALA H 92 5.45 50.70 -0.34
N VAL H 93 6.01 50.27 0.79
CA VAL H 93 6.75 49.02 0.89
C VAL H 93 5.90 48.04 1.69
N TYR H 94 5.78 46.82 1.18
CA TYR H 94 4.89 45.81 1.74
C TYR H 94 5.70 44.75 2.46
N TYR H 95 5.21 44.34 3.63
CA TYR H 95 5.88 43.37 4.49
C TYR H 95 5.00 42.15 4.69
N CYS H 96 5.59 40.97 4.63
CA CYS H 96 4.93 39.72 4.95
C CYS H 96 5.50 39.20 6.27
N ALA H 97 4.63 38.98 7.25
CA ALA H 97 5.05 38.71 8.63
C ALA H 97 4.58 37.33 9.05
N ARG H 98 5.53 36.40 9.15
CA ARG H 98 5.24 35.09 9.70
C ARG H 98 4.96 35.18 11.20
N GLU H 99 3.98 34.41 11.66
CA GLU H 99 3.62 34.45 13.07
C GLU H 99 4.60 33.62 13.90
N MET H 100 4.45 33.74 15.23
CA MET H 100 5.40 33.11 16.14
C MET H 100 4.96 31.70 16.51
N PHE H 101 3.69 31.53 16.87
CA PHE H 101 3.20 30.25 17.36
C PHE H 101 2.44 29.50 16.26
N ASP H 102 2.18 28.22 16.53
CA ASP H 102 1.41 27.42 15.60
C ASP H 102 -0.03 27.90 15.51
N SER H 103 -0.69 27.56 14.40
CA SER H 103 -2.03 28.05 14.15
C SER H 103 -3.05 27.57 15.17
N SER H 104 -2.73 26.53 15.94
CA SER H 104 -3.66 25.96 16.91
C SER H 104 -3.56 26.61 18.28
N ALA H 105 -2.71 27.62 18.44
CA ALA H 105 -2.58 28.29 19.73
C ALA H 105 -3.86 29.08 20.06
N ASP H 106 -3.94 29.53 21.31
CA ASP H 106 -5.13 30.22 21.77
C ASP H 106 -5.35 31.53 21.01
N TRP H 107 -4.31 32.34 20.89
CA TRP H 107 -4.37 33.61 20.18
C TRP H 107 -3.35 33.63 19.05
N SER H 108 -3.27 32.53 18.31
CA SER H 108 -2.23 32.38 17.30
C SER H 108 -2.29 33.43 16.19
N PRO H 109 -3.44 33.67 15.53
CA PRO H 109 -3.43 34.62 14.42
C PRO H 109 -3.37 36.08 14.85
N TRP H 110 -3.44 36.36 16.15
CA TRP H 110 -3.34 37.72 16.66
C TRP H 110 -2.12 37.89 17.57
N ARG H 111 -1.08 37.11 17.33
CA ARG H 111 0.15 37.17 18.11
C ARG H 111 1.09 38.22 17.51
N GLY H 112 2.34 38.22 17.94
CA GLY H 112 3.29 39.27 17.61
C GLY H 112 3.95 39.19 16.25
N MET H 113 3.76 38.09 15.51
CA MET H 113 4.32 37.91 14.17
C MET H 113 5.81 38.27 14.13
N VAL H 114 6.58 37.44 14.84
CA VAL H 114 7.98 37.72 15.12
C VAL H 114 8.78 37.84 13.83
N ALA H 115 8.58 36.94 12.88
CA ALA H 115 9.39 36.88 11.68
C ALA H 115 8.85 37.83 10.61
N TRP H 116 9.76 38.55 9.96
CA TRP H 116 9.39 39.51 8.92
C TRP H 116 10.29 39.33 7.70
N GLY H 117 9.76 39.71 6.55
CA GLY H 117 10.51 39.65 5.31
C GLY H 117 11.30 40.91 5.03
N GLN H 118 11.99 40.90 3.89
CA GLN H 118 12.82 42.05 3.52
C GLN H 118 11.96 43.23 3.10
N GLY H 119 10.84 42.99 2.41
CA GLY H 119 9.95 44.05 2.03
C GLY H 119 10.11 44.54 0.60
N THR H 120 9.00 44.65 -0.12
CA THR H 120 9.00 45.11 -1.50
C THR H 120 8.34 46.48 -1.59
N LEU H 121 9.09 47.44 -2.13
CA LEU H 121 8.61 48.81 -2.32
C LEU H 121 7.96 48.92 -3.69
N VAL H 122 6.69 49.29 -3.72
CA VAL H 122 5.97 49.51 -4.97
C VAL H 122 5.72 51.00 -5.12
N THR H 123 6.01 51.52 -6.30
CA THR H 123 5.86 52.94 -6.60
C THR H 123 4.68 53.11 -7.55
N VAL H 124 3.63 53.75 -7.05
CA VAL H 124 2.44 54.07 -7.85
C VAL H 124 2.40 55.57 -8.01
N SER H 125 2.93 56.06 -9.12
CA SER H 125 2.99 57.48 -9.41
C SER H 125 2.38 57.77 -10.77
N SER H 126 1.69 58.90 -10.89
CA SER H 126 1.11 59.30 -12.16
C SER H 126 2.17 59.55 -13.22
N ALA H 127 3.41 59.79 -12.81
CA ALA H 127 4.50 59.96 -13.75
C ALA H 127 4.78 58.65 -14.48
N SER H 128 5.25 58.76 -15.71
CA SER H 128 5.54 57.59 -16.53
C SER H 128 7.05 57.39 -16.67
N SER I 2 -44.93 -35.47 -16.18
CA SER I 2 -44.54 -34.81 -14.93
C SER I 2 -44.93 -35.65 -13.72
N ALA I 3 -43.96 -35.89 -12.83
CA ALA I 3 -44.24 -36.66 -11.63
C ALA I 3 -45.17 -35.93 -10.67
N LEU I 4 -45.32 -34.61 -10.81
CA LEU I 4 -46.22 -33.81 -9.98
C LEU I 4 -47.56 -33.72 -10.71
N THR I 5 -48.52 -34.55 -10.31
CA THR I 5 -49.79 -34.68 -11.00
C THR I 5 -50.66 -33.47 -10.67
N GLN I 6 -50.75 -32.53 -11.60
CA GLN I 6 -51.63 -31.38 -11.48
C GLN I 6 -52.84 -31.54 -12.39
N PRO I 7 -54.01 -31.06 -11.98
CA PRO I 7 -55.18 -31.14 -12.85
C PRO I 7 -55.00 -30.26 -14.09
N ALA I 8 -55.77 -30.58 -15.13
CA ALA I 8 -55.56 -29.96 -16.43
C ALA I 8 -55.79 -28.46 -16.39
N SER I 9 -56.95 -28.03 -15.88
CA SER I 9 -57.30 -26.62 -15.92
C SER I 9 -58.33 -26.31 -14.85
N VAL I 10 -58.39 -25.03 -14.47
CA VAL I 10 -59.35 -24.52 -13.50
C VAL I 10 -59.95 -23.23 -14.07
N SER I 11 -61.18 -22.93 -13.68
CA SER I 11 -61.87 -21.73 -14.11
C SER I 11 -62.67 -21.15 -12.95
N GLY I 12 -62.94 -19.86 -13.04
CA GLY I 12 -63.67 -19.19 -11.98
C GLY I 12 -64.00 -17.76 -12.33
N SER I 13 -64.28 -16.99 -11.30
CA SER I 13 -64.68 -15.59 -11.40
C SER I 13 -63.87 -14.79 -10.40
N PRO I 14 -63.72 -13.48 -10.62
CA PRO I 14 -63.00 -12.67 -9.65
C PRO I 14 -63.78 -12.51 -8.35
N GLY I 15 -63.04 -12.38 -7.24
CA GLY I 15 -63.59 -12.03 -5.96
C GLY I 15 -63.54 -13.13 -4.92
N GLN I 16 -63.87 -14.36 -5.29
CA GLN I 16 -63.97 -15.45 -4.32
C GLN I 16 -62.58 -16.02 -4.05
N SER I 17 -62.53 -17.16 -3.38
CA SER I 17 -61.29 -17.87 -3.10
C SER I 17 -61.40 -19.31 -3.57
N ILE I 18 -60.41 -19.76 -4.34
CA ILE I 18 -60.36 -21.11 -4.86
C ILE I 18 -59.00 -21.71 -4.52
N THR I 19 -58.86 -23.01 -4.78
CA THR I 19 -57.64 -23.74 -4.45
C THR I 19 -57.19 -24.58 -5.63
N ILE I 20 -55.88 -24.84 -5.67
CA ILE I 20 -55.28 -25.77 -6.62
C ILE I 20 -54.34 -26.69 -5.86
N SER I 21 -54.31 -27.95 -6.24
CA SER I 21 -53.56 -28.97 -5.54
C SER I 21 -52.47 -29.55 -6.43
N CYS I 22 -51.30 -29.79 -5.85
CA CYS I 22 -50.18 -30.47 -6.49
C CYS I 22 -50.04 -31.83 -5.81
N THR I 23 -50.78 -32.82 -6.30
CA THR I 23 -50.77 -34.16 -5.72
C THR I 23 -49.54 -34.91 -6.21
N GLY I 24 -48.72 -35.38 -5.27
CA GLY I 24 -47.51 -36.11 -5.60
C GLY I 24 -47.39 -37.38 -4.78
N SER I 25 -46.34 -38.13 -5.08
CA SER I 25 -46.08 -39.39 -4.40
C SER I 25 -45.44 -39.11 -3.03
N SER I 26 -44.99 -40.17 -2.37
CA SER I 26 -44.37 -40.05 -1.06
C SER I 26 -42.89 -39.67 -1.12
N ARG I 27 -42.31 -39.55 -2.32
CA ARG I 27 -40.90 -39.26 -2.47
C ARG I 27 -40.61 -37.86 -2.96
N ASP I 28 -41.59 -37.18 -3.57
CA ASP I 28 -41.40 -35.82 -4.06
C ASP I 28 -41.91 -34.78 -3.07
N VAL I 29 -43.18 -34.87 -2.69
CA VAL I 29 -43.78 -33.91 -1.78
C VAL I 29 -43.92 -34.46 -0.36
N GLY I 30 -44.24 -35.74 -0.20
CA GLY I 30 -44.37 -36.32 1.12
C GLY I 30 -43.02 -36.53 1.80
N GLY I 31 -42.03 -36.97 1.03
CA GLY I 31 -40.71 -37.22 1.59
C GLY I 31 -39.89 -35.98 1.88
N PHE I 32 -40.06 -34.92 1.09
CA PHE I 32 -39.25 -33.73 1.24
C PHE I 32 -40.15 -32.50 1.36
N ASP I 33 -39.62 -31.46 2.02
CA ASP I 33 -40.36 -30.24 2.29
C ASP I 33 -39.90 -29.09 1.38
N LEU I 34 -39.30 -29.42 0.24
CA LEU I 34 -38.82 -28.41 -0.71
C LEU I 34 -39.88 -28.00 -1.72
N VAL I 35 -41.14 -28.12 -1.33
CA VAL I 35 -42.26 -27.78 -2.26
C VAL I 35 -42.17 -26.30 -2.69
N SER I 36 -42.78 -25.95 -3.82
CA SER I 36 -42.77 -24.54 -4.30
C SER I 36 -43.88 -24.37 -5.35
N TRP I 37 -44.19 -23.12 -5.73
CA TRP I 37 -45.30 -22.88 -6.68
C TRP I 37 -44.95 -21.73 -7.63
N TYR I 38 -44.29 -22.04 -8.76
CA TYR I 38 -43.91 -20.99 -9.75
C TYR I 38 -45.15 -20.48 -10.46
N GLN I 39 -45.05 -19.28 -11.05
CA GLN I 39 -46.18 -18.71 -11.83
C GLN I 39 -45.63 -18.26 -13.20
N GLN I 40 -45.83 -19.08 -14.23
CA GLN I 40 -45.32 -18.73 -15.58
C GLN I 40 -46.19 -17.59 -16.15
N HIS I 41 -45.55 -16.60 -16.77
CA HIS I 41 -46.31 -15.46 -17.36
C HIS I 41 -46.40 -15.67 -18.88
N PRO I 42 -47.41 -15.11 -19.57
CA PRO I 42 -47.62 -15.33 -21.03
C PRO I 42 -46.28 -15.21 -21.76
N GLY I 43 -45.80 -16.33 -22.32
CA GLY I 43 -44.52 -16.34 -23.04
C GLY I 43 -43.41 -15.71 -22.21
N LYS I 44 -43.35 -16.02 -20.92
CA LYS I 44 -42.34 -15.42 -20.01
C LYS I 44 -41.85 -16.47 -19.01
N ALA I 45 -40.88 -16.10 -18.17
CA ALA I 45 -40.29 -17.05 -17.19
C ALA I 45 -41.26 -17.28 -16.02
N PRO I 46 -41.40 -18.51 -15.51
CA PRO I 46 -42.25 -18.80 -14.32
C PRO I 46 -41.61 -18.22 -13.06
N LYS I 47 -42.37 -17.45 -12.29
CA LYS I 47 -41.85 -16.88 -11.02
C LYS I 47 -42.60 -17.53 -9.84
N LEU I 48 -41.87 -18.21 -8.95
CA LEU I 48 -42.52 -18.92 -7.82
C LEU I 48 -43.33 -17.93 -6.95
N MET I 49 -44.49 -18.35 -6.45
CA MET I 49 -45.31 -17.50 -5.56
C MET I 49 -45.03 -17.90 -4.11
N ILE I 50 -44.72 -19.19 -3.89
CA ILE I 50 -44.32 -19.71 -2.54
C ILE I 50 -42.99 -20.44 -2.73
N TYR I 51 -42.14 -20.54 -1.70
CA TYR I 51 -40.79 -21.15 -1.94
C TYR I 51 -40.51 -22.37 -1.03
N GLU I 52 -41.41 -22.72 -0.11
CA GLU I 52 -41.17 -23.96 0.69
C GLU I 52 -42.52 -24.65 0.96
N VAL I 53 -42.58 -25.49 2.00
CA VAL I 53 -43.85 -26.18 2.37
C VAL I 53 -44.94 -25.10 2.47
N SER I 54 -44.60 -23.95 3.06
CA SER I 54 -45.58 -22.83 3.18
C SER I 54 -44.82 -21.50 3.27
N LYS I 55 -43.59 -21.44 2.75
CA LYS I 55 -42.78 -20.20 2.89
C LYS I 55 -43.02 -19.29 1.69
N ARG I 56 -43.24 -17.98 1.86
CA ARG I 56 -43.23 -17.10 0.64
C ARG I 56 -42.20 -15.93 0.74
N PRO I 57 -41.26 -15.59 -0.22
CA PRO I 57 -40.40 -14.38 -0.07
C PRO I 57 -41.22 -13.11 -0.22
N SER I 58 -40.58 -11.94 -0.10
CA SER I 58 -41.29 -10.66 -0.31
C SER I 58 -41.54 -10.45 -1.81
N GLY I 59 -42.56 -9.66 -2.16
CA GLY I 59 -42.88 -9.41 -3.59
C GLY I 59 -44.06 -10.24 -4.04
N VAL I 60 -45.03 -10.46 -3.16
CA VAL I 60 -46.23 -11.31 -3.49
C VAL I 60 -47.31 -11.04 -2.43
N SER I 61 -48.57 -10.90 -2.85
CA SER I 61 -49.65 -10.59 -1.93
C SER I 61 -49.97 -11.79 -1.05
N ASN I 62 -50.70 -11.53 0.04
CA ASN I 62 -51.06 -12.56 0.99
C ASN I 62 -52.13 -13.51 0.46
N ARG I 63 -52.73 -13.20 -0.69
CA ARG I 63 -53.81 -14.02 -1.23
C ARG I 63 -53.34 -15.41 -1.66
N PHE I 64 -52.03 -15.62 -1.76
CA PHE I 64 -51.49 -16.93 -2.13
C PHE I 64 -51.11 -17.68 -0.86
N SER I 65 -52.02 -18.52 -0.38
CA SER I 65 -51.75 -19.40 0.75
C SER I 65 -51.47 -20.81 0.23
N ALA I 66 -50.30 -21.32 0.53
CA ALA I 66 -49.88 -22.63 0.04
C ALA I 66 -49.43 -23.50 1.20
N SER I 67 -49.76 -24.78 1.13
CA SER I 67 -49.37 -25.75 2.14
C SER I 67 -49.44 -27.14 1.53
N LYS I 68 -48.85 -28.10 2.23
CA LYS I 68 -48.85 -29.50 1.80
C LYS I 68 -49.76 -30.30 2.72
N SER I 69 -50.74 -30.96 2.13
CA SER I 69 -51.65 -31.83 2.88
C SER I 69 -51.17 -33.27 2.72
N GLY I 70 -50.10 -33.59 3.45
CA GLY I 70 -49.50 -34.91 3.32
C GLY I 70 -48.78 -35.04 1.99
N ASN I 71 -49.28 -35.93 1.14
CA ASN I 71 -48.70 -36.16 -0.17
C ASN I 71 -49.32 -35.28 -1.25
N THR I 72 -50.28 -34.43 -0.89
CA THR I 72 -50.99 -33.59 -1.85
C THR I 72 -50.79 -32.13 -1.44
N ALA I 73 -49.76 -31.50 -2.00
CA ALA I 73 -49.54 -30.09 -1.77
C ALA I 73 -50.64 -29.28 -2.45
N SER I 74 -50.93 -28.12 -1.87
CA SER I 74 -52.05 -27.31 -2.36
C SER I 74 -51.66 -25.83 -2.37
N LEU I 75 -52.27 -25.09 -3.29
CA LEU I 75 -52.16 -23.65 -3.37
C LEU I 75 -53.55 -23.05 -3.44
N THR I 76 -53.76 -21.93 -2.75
CA THR I 76 -55.11 -21.31 -2.70
C THR I 76 -55.04 -19.92 -3.30
N ILE I 77 -55.90 -19.64 -4.29
CA ILE I 77 -55.96 -18.27 -4.88
C ILE I 77 -57.12 -17.52 -4.19
N SER I 78 -56.81 -16.43 -3.49
CA SER I 78 -57.86 -15.70 -2.74
C SER I 78 -58.19 -14.36 -3.43
N GLY I 79 -59.41 -13.85 -3.24
CA GLY I 79 -59.79 -12.56 -3.84
C GLY I 79 -59.39 -12.50 -5.30
N LEU I 80 -59.89 -13.43 -6.11
CA LEU I 80 -59.52 -13.49 -7.55
C LEU I 80 -59.71 -12.12 -8.21
N GLN I 81 -58.82 -11.77 -9.15
CA GLN I 81 -58.97 -10.53 -9.89
C GLN I 81 -58.63 -10.76 -11.35
N ALA I 82 -58.63 -9.67 -12.13
CA ALA I 82 -58.40 -9.77 -13.57
C ALA I 82 -56.98 -10.23 -13.90
N GLU I 83 -56.00 -9.71 -13.16
CA GLU I 83 -54.59 -9.98 -13.48
C GLU I 83 -54.20 -11.41 -13.10
N ASP I 84 -55.08 -12.11 -12.39
CA ASP I 84 -54.81 -13.49 -11.98
C ASP I 84 -54.80 -14.47 -13.16
N GLU I 85 -54.96 -13.98 -14.38
CA GLU I 85 -54.99 -14.83 -15.58
C GLU I 85 -53.59 -15.34 -15.88
N ALA I 86 -53.18 -16.36 -15.14
CA ALA I 86 -51.87 -16.97 -15.34
C ALA I 86 -51.92 -18.43 -14.90
N ASP I 87 -51.03 -19.23 -15.47
CA ASP I 87 -50.90 -20.63 -15.08
C ASP I 87 -49.81 -20.79 -14.01
N TYR I 88 -50.05 -21.70 -13.07
CA TYR I 88 -49.21 -21.84 -11.89
C TYR I 88 -48.60 -23.23 -11.90
N TYR I 89 -47.28 -23.30 -11.74
CA TYR I 89 -46.56 -24.57 -11.72
C TYR I 89 -46.13 -24.90 -10.30
N CYS I 90 -46.50 -26.09 -9.83
CA CYS I 90 -45.98 -26.58 -8.57
C CYS I 90 -44.59 -27.19 -8.76
N TYR I 91 -43.71 -26.94 -7.81
CA TYR I 91 -42.33 -27.39 -7.87
C TYR I 91 -41.95 -28.11 -6.59
N SER I 92 -41.30 -29.26 -6.73
CA SER I 92 -40.82 -30.04 -5.60
C SER I 92 -39.52 -30.71 -5.97
N TYR I 93 -38.78 -31.12 -4.95
CA TYR I 93 -37.47 -31.74 -5.13
C TYR I 93 -37.62 -33.24 -4.94
N ALA I 94 -37.76 -33.97 -6.04
CA ALA I 94 -37.89 -35.42 -6.00
C ALA I 94 -36.53 -36.07 -6.28
N ASP I 95 -35.64 -35.90 -5.30
CA ASP I 95 -34.23 -36.25 -5.48
C ASP I 95 -33.67 -35.56 -6.71
N GLY I 96 -34.11 -34.33 -6.91
CA GLY I 96 -33.85 -33.55 -8.10
C GLY I 96 -35.04 -32.67 -8.40
N VAL I 97 -34.80 -31.68 -9.26
CA VAL I 97 -35.85 -30.73 -9.64
C VAL I 97 -36.96 -31.49 -10.37
N ALA I 98 -38.20 -31.10 -10.11
CA ALA I 98 -39.35 -31.64 -10.82
C ALA I 98 -40.42 -30.56 -10.92
N PHE I 99 -41.02 -30.42 -12.10
CA PHE I 99 -42.05 -29.43 -12.34
C PHE I 99 -43.39 -30.08 -12.62
N GLY I 100 -44.45 -29.45 -12.11
CA GLY I 100 -45.79 -29.93 -12.33
C GLY I 100 -46.30 -29.61 -13.73
N GLY I 101 -47.49 -30.15 -14.03
CA GLY I 101 -48.07 -29.96 -15.35
C GLY I 101 -48.60 -28.56 -15.60
N GLY I 102 -48.82 -27.78 -14.54
CA GLY I 102 -49.38 -26.46 -14.68
C GLY I 102 -50.88 -26.48 -14.90
N THR I 103 -51.55 -25.49 -14.31
CA THR I 103 -52.99 -25.41 -14.36
C THR I 103 -53.42 -24.07 -14.95
N LYS I 104 -54.27 -24.12 -15.97
CA LYS I 104 -54.85 -22.93 -16.54
C LYS I 104 -55.88 -22.35 -15.59
N LEU I 105 -55.97 -21.04 -15.54
CA LEU I 105 -56.88 -20.36 -14.63
C LEU I 105 -57.54 -19.18 -15.34
N THR I 106 -58.84 -19.03 -15.15
CA THR I 106 -59.60 -17.99 -15.83
C THR I 106 -60.55 -17.32 -14.85
N VAL I 107 -60.71 -16.01 -15.00
CA VAL I 107 -61.65 -15.24 -14.20
C VAL I 107 -62.58 -14.48 -15.14
N LEU I 108 -63.84 -14.32 -14.71
CA LEU I 108 -64.86 -13.56 -15.44
C LEU I 108 -64.91 -13.94 -16.92
N GLY I 109 -64.56 -15.20 -17.24
CA GLY I 109 -64.49 -15.62 -18.61
C GLY I 109 -64.82 -17.10 -18.75
N GLN I 110 -64.80 -17.56 -20.00
CA GLN I 110 -65.12 -18.94 -20.31
C GLN I 110 -64.02 -19.87 -19.81
N PRO I 111 -64.36 -21.15 -19.55
CA PRO I 111 -63.34 -22.14 -19.18
C PRO I 111 -62.44 -22.53 -20.35
N SER J 2 -4.96 56.33 13.68
CA SER J 2 -4.77 55.04 14.34
C SER J 2 -5.57 54.95 15.63
N ALA J 3 -6.09 53.77 15.92
CA ALA J 3 -6.80 53.55 17.17
C ALA J 3 -5.89 53.73 18.38
N LEU J 4 -4.59 53.50 18.21
CA LEU J 4 -3.61 53.73 19.26
C LEU J 4 -2.94 55.08 19.06
N THR J 5 -2.81 55.84 20.15
CA THR J 5 -2.16 57.14 20.13
C THR J 5 -0.82 57.03 20.83
N GLN J 6 0.22 57.59 20.22
CA GLN J 6 1.58 57.44 20.71
C GLN J 6 2.27 58.80 20.87
N PRO J 7 3.21 58.91 21.79
CA PRO J 7 4.01 60.14 21.87
C PRO J 7 4.89 60.29 20.64
N ALA J 8 5.13 61.54 20.25
CA ALA J 8 5.91 61.81 19.06
C ALA J 8 7.34 61.30 19.22
N SER J 9 8.08 61.85 20.17
CA SER J 9 9.46 61.45 20.38
C SER J 9 9.83 61.65 21.84
N VAL J 10 10.82 60.87 22.30
CA VAL J 10 11.39 61.00 23.63
C VAL J 10 12.88 61.19 23.48
N SER J 11 13.45 62.08 24.31
CA SER J 11 14.84 62.47 24.19
C SER J 11 15.55 62.30 25.53
N GLY J 12 16.85 62.08 25.46
CA GLY J 12 17.65 61.96 26.66
C GLY J 12 19.03 61.42 26.36
N SER J 13 19.72 61.03 27.42
CA SER J 13 21.08 60.51 27.38
C SER J 13 21.04 59.00 27.61
N PRO J 14 22.15 58.29 27.47
CA PRO J 14 22.14 56.86 27.83
C PRO J 14 22.40 56.65 29.32
N GLY J 15 21.89 55.53 29.82
CA GLY J 15 22.11 55.11 31.18
C GLY J 15 20.88 55.17 32.08
N GLN J 16 20.04 56.19 31.94
CA GLN J 16 18.88 56.35 32.78
C GLN J 16 17.74 55.44 32.29
N SER J 17 16.57 55.61 32.88
CA SER J 17 15.39 54.84 32.49
C SER J 17 14.26 55.78 32.11
N ILE J 18 13.58 55.47 31.01
CA ILE J 18 12.46 56.26 30.53
C ILE J 18 11.27 55.32 30.32
N THR J 19 10.11 55.92 30.05
CA THR J 19 8.90 55.16 29.79
C THR J 19 8.25 55.68 28.51
N ILE J 20 7.68 54.76 27.74
CA ILE J 20 6.97 55.09 26.51
C ILE J 20 5.51 54.69 26.71
N SER J 21 4.65 55.69 26.88
CA SER J 21 3.24 55.47 27.21
C SER J 21 2.43 55.28 25.95
N CYS J 22 1.94 54.06 25.73
CA CYS J 22 1.07 53.72 24.61
C CYS J 22 -0.37 53.74 25.12
N THR J 23 -0.90 54.94 25.33
CA THR J 23 -2.28 55.05 25.76
C THR J 23 -3.23 54.73 24.61
N GLY J 24 -4.39 54.19 24.97
CA GLY J 24 -5.38 53.81 23.98
C GLY J 24 -6.79 54.00 24.47
N SER J 25 -7.67 53.06 24.15
CA SER J 25 -9.07 53.12 24.54
C SER J 25 -9.37 52.00 25.53
N SER J 26 -10.57 52.04 26.13
CA SER J 26 -10.98 51.01 27.07
C SER J 26 -11.24 49.67 26.40
N ARG J 27 -11.30 49.63 25.07
CA ARG J 27 -11.56 48.39 24.35
C ARG J 27 -10.33 47.81 23.69
N ASP J 28 -9.16 48.43 23.82
CA ASP J 28 -7.95 47.97 23.14
C ASP J 28 -6.85 47.56 24.10
N VAL J 29 -6.45 48.43 25.03
CA VAL J 29 -5.37 48.13 25.96
C VAL J 29 -5.90 47.54 27.25
N GLY J 30 -6.95 48.13 27.83
CA GLY J 30 -7.56 47.59 29.03
C GLY J 30 -8.54 46.48 28.71
N GLY J 31 -9.09 46.49 27.49
CA GLY J 31 -10.02 45.45 27.10
C GLY J 31 -9.39 44.07 26.98
N PHE J 32 -8.22 43.99 26.36
CA PHE J 32 -7.54 42.72 26.14
C PHE J 32 -6.17 42.76 26.81
N ASP J 33 -5.38 41.72 26.57
CA ASP J 33 -4.04 41.58 27.11
C ASP J 33 -3.06 41.09 26.05
N LEU J 34 -3.17 41.65 24.84
CA LEU J 34 -2.31 41.28 23.73
C LEU J 34 -1.47 42.47 23.25
N VAL J 35 -1.23 43.45 24.12
CA VAL J 35 -0.47 44.62 23.71
C VAL J 35 1.00 44.24 23.54
N SER J 36 1.58 44.66 22.41
CA SER J 36 2.97 44.35 22.11
C SER J 36 3.67 45.60 21.61
N TRP J 37 5.00 45.53 21.55
CA TRP J 37 5.82 46.64 21.12
C TRP J 37 6.83 46.17 20.09
N TYR J 38 7.16 47.06 19.16
CA TYR J 38 7.99 46.73 18.01
C TYR J 38 9.19 47.66 17.95
N GLN J 39 10.19 47.22 17.19
CA GLN J 39 11.43 47.98 17.00
C GLN J 39 11.75 47.98 15.52
N GLN J 40 11.71 49.15 14.90
CA GLN J 40 11.98 49.31 13.47
C GLN J 40 13.20 50.20 13.30
N HIS J 41 14.29 49.62 12.80
CA HIS J 41 15.44 50.42 12.43
C HIS J 41 15.12 51.26 11.21
N PRO J 42 15.76 52.42 11.06
CA PRO J 42 15.52 53.24 9.86
C PRO J 42 15.95 52.51 8.61
N GLY J 43 14.98 52.25 7.73
CA GLY J 43 15.23 51.53 6.50
C GLY J 43 15.30 50.02 6.62
N LYS J 44 14.93 49.47 7.79
CA LYS J 44 15.00 48.04 8.02
C LYS J 44 13.62 47.59 8.53
N ALA J 45 13.24 46.37 8.16
CA ALA J 45 11.92 45.86 8.53
C ALA J 45 11.79 45.78 10.06
N PRO J 46 10.60 46.02 10.60
CA PRO J 46 10.44 46.05 12.05
C PRO J 46 10.74 44.71 12.69
N LYS J 47 11.23 44.77 13.93
CA LYS J 47 11.49 43.59 14.74
C LYS J 47 10.62 43.63 15.99
N LEU J 48 10.39 42.47 16.60
CA LEU J 48 9.59 42.40 17.84
C LEU J 48 10.51 42.66 19.05
N MET J 49 10.51 43.89 19.58
CA MET J 49 11.44 44.23 20.69
C MET J 49 10.94 43.61 22.01
N ILE J 50 9.63 43.36 22.12
CA ILE J 50 9.09 42.70 23.35
C ILE J 50 7.87 41.86 22.97
N TYR J 51 7.56 40.82 23.75
CA TYR J 51 6.45 39.90 23.39
C TYR J 51 5.11 40.57 23.67
N GLU J 52 4.81 40.87 24.93
CA GLU J 52 3.48 41.45 25.29
C GLU J 52 3.57 42.23 26.60
N VAL J 53 2.42 42.73 27.09
CA VAL J 53 2.39 43.51 28.37
C VAL J 53 2.92 42.62 29.50
N SER J 54 3.80 43.17 30.34
CA SER J 54 4.36 42.40 31.49
C SER J 54 4.82 41.01 31.01
N LYS J 55 5.42 40.96 29.81
CA LYS J 55 5.88 39.67 29.24
C LYS J 55 7.10 39.91 28.31
N ARG J 56 8.22 39.23 28.58
CA ARG J 56 9.43 39.39 27.74
C ARG J 56 9.72 38.09 26.99
N PRO J 57 10.03 38.12 25.68
CA PRO J 57 10.34 36.90 24.88
C PRO J 57 11.83 36.61 24.90
N SER J 58 12.27 35.69 24.04
CA SER J 58 13.72 35.37 23.95
C SER J 58 14.34 36.12 22.76
N GLY J 59 15.67 36.27 22.75
CA GLY J 59 16.35 36.98 21.65
C GLY J 59 16.47 38.47 21.93
N VAL J 60 15.81 38.95 22.98
CA VAL J 60 15.90 40.39 23.38
C VAL J 60 16.51 40.46 24.79
N SER J 61 17.12 41.60 25.14
CA SER J 61 17.70 41.74 26.46
C SER J 61 16.62 42.07 27.49
N ASN J 62 16.99 41.96 28.76
CA ASN J 62 16.07 42.26 29.85
C ASN J 62 15.78 43.75 29.93
N ARG J 63 16.54 44.57 29.19
CA ARG J 63 16.42 46.02 29.31
C ARG J 63 15.05 46.55 28.89
N PHE J 64 14.27 45.75 28.18
CA PHE J 64 12.93 46.16 27.75
C PHE J 64 11.91 45.60 28.73
N SER J 65 11.40 46.46 29.62
CA SER J 65 10.36 46.10 30.56
C SER J 65 9.12 46.90 30.26
N ALA J 66 8.04 46.22 29.88
CA ALA J 66 6.83 46.89 29.44
C ALA J 66 5.61 46.27 30.12
N SER J 67 4.57 47.09 30.28
CA SER J 67 3.32 46.67 30.87
C SER J 67 2.22 47.59 30.38
N LYS J 68 1.03 47.41 30.94
CA LYS J 68 -0.11 48.28 30.64
C LYS J 68 -0.68 48.81 31.95
N SER J 69 -0.76 50.13 32.06
CA SER J 69 -1.32 50.78 33.24
C SER J 69 -2.76 51.16 32.93
N GLY J 70 -3.63 50.15 32.92
CA GLY J 70 -5.02 50.36 32.60
C GLY J 70 -5.22 50.83 31.17
N ASN J 71 -5.63 52.09 31.01
CA ASN J 71 -5.87 52.68 29.71
C ASN J 71 -4.58 53.16 29.04
N THR J 72 -3.46 53.17 29.74
CA THR J 72 -2.19 53.67 29.22
C THR J 72 -1.15 52.56 29.29
N ALA J 73 -0.94 51.85 28.18
CA ALA J 73 0.14 50.89 28.11
C ALA J 73 1.48 51.61 28.12
N SER J 74 2.48 50.99 28.72
CA SER J 74 3.77 51.66 28.91
C SER J 74 4.91 50.71 28.55
N LEU J 75 5.91 51.26 27.86
CA LEU J 75 7.14 50.56 27.56
C LEU J 75 8.30 51.30 28.22
N THR J 76 8.99 50.63 29.14
CA THR J 76 10.12 51.20 29.85
C THR J 76 11.39 50.48 29.45
N ILE J 77 12.31 51.21 28.83
CA ILE J 77 13.59 50.67 28.38
C ILE J 77 14.66 51.00 29.39
N SER J 78 15.34 49.98 29.89
CA SER J 78 16.44 50.13 30.84
C SER J 78 17.77 50.09 30.10
N GLY J 79 18.83 50.47 30.81
CA GLY J 79 20.18 50.45 30.26
C GLY J 79 20.28 51.08 28.88
N LEU J 80 19.93 52.36 28.79
CA LEU J 80 19.90 53.05 27.50
C LEU J 80 21.27 53.02 26.85
N GLN J 81 21.32 52.65 25.58
CA GLN J 81 22.56 52.50 24.85
C GLN J 81 22.38 52.98 23.42
N ALA J 82 23.43 52.83 22.62
CA ALA J 82 23.44 53.40 21.27
C ALA J 82 22.56 52.59 20.31
N GLU J 83 22.56 51.26 20.45
CA GLU J 83 21.85 50.43 19.49
C GLU J 83 20.34 50.65 19.54
N ASP J 84 19.85 51.26 20.63
CA ASP J 84 18.42 51.50 20.77
C ASP J 84 17.92 52.57 19.81
N GLU J 85 18.82 53.26 19.12
CA GLU J 85 18.43 54.37 18.24
C GLU J 85 17.67 53.84 17.03
N ALA J 86 16.34 53.92 17.10
CA ALA J 86 15.45 53.47 16.04
C ALA J 86 14.06 54.00 16.34
N ASP J 87 13.08 53.58 15.55
CA ASP J 87 11.69 53.95 15.74
C ASP J 87 10.93 52.76 16.29
N TYR J 88 10.14 53.00 17.34
CA TYR J 88 9.42 51.94 18.04
C TYR J 88 7.92 52.09 17.78
N TYR J 89 7.27 50.98 17.42
CA TYR J 89 5.85 50.99 17.09
C TYR J 89 5.09 50.17 18.11
N CYS J 90 4.09 50.80 18.73
CA CYS J 90 3.23 50.09 19.67
C CYS J 90 2.19 49.28 18.91
N TYR J 91 2.00 48.04 19.34
CA TYR J 91 1.10 47.10 18.68
C TYR J 91 0.14 46.49 19.70
N SER J 92 -1.14 46.76 19.54
CA SER J 92 -2.16 46.22 20.43
C SER J 92 -3.04 45.23 19.68
N TYR J 93 -4.03 44.66 20.36
CA TYR J 93 -4.95 43.74 19.70
C TYR J 93 -6.42 44.03 19.99
N ALA J 94 -7.17 44.35 18.94
CA ALA J 94 -8.61 44.59 19.05
C ALA J 94 -9.21 44.29 17.68
N ASP J 95 -9.77 43.10 17.50
CA ASP J 95 -10.35 42.69 16.21
C ASP J 95 -9.32 42.85 15.10
N GLY J 96 -9.67 43.55 14.02
CA GLY J 96 -8.73 43.75 12.93
C GLY J 96 -7.53 44.51 13.45
N VAL J 97 -6.63 43.96 13.09
CA VAL J 97 -5.32 44.35 13.60
C VAL J 97 -5.07 45.83 13.38
N ALA J 98 -4.57 46.50 14.42
CA ALA J 98 -4.28 47.92 14.36
C ALA J 98 -2.87 48.21 14.85
N PHE J 99 -2.25 49.26 14.32
CA PHE J 99 -0.89 49.61 14.70
C PHE J 99 -0.76 51.06 15.15
N GLY J 100 0.15 51.28 16.10
CA GLY J 100 0.40 52.61 16.64
C GLY J 100 1.07 53.51 15.61
N GLY J 101 0.90 54.81 15.76
CA GLY J 101 1.47 55.76 14.83
C GLY J 101 2.99 55.68 14.80
N GLY J 102 3.59 55.51 15.97
CA GLY J 102 5.04 55.41 16.07
C GLY J 102 5.65 56.27 17.15
N THR J 103 6.62 55.71 17.85
CA THR J 103 7.31 56.43 18.93
C THR J 103 8.78 56.57 18.55
N LYS J 104 9.17 57.77 18.13
CA LYS J 104 10.58 58.06 17.89
C LYS J 104 11.30 58.24 19.23
N LEU J 105 12.61 58.01 19.21
CA LEU J 105 13.44 58.20 20.39
C LEU J 105 14.85 58.59 19.99
N THR J 106 15.51 59.36 20.85
CA THR J 106 16.90 59.76 20.64
C THR J 106 17.71 59.35 21.86
N VAL J 107 18.92 58.86 21.61
CA VAL J 107 19.83 58.43 22.67
C VAL J 107 21.19 59.06 22.43
N LEU J 108 21.84 59.45 23.54
CA LEU J 108 23.18 60.06 23.53
C LEU J 108 23.31 61.17 22.50
N GLY J 109 22.20 61.83 22.18
CA GLY J 109 22.21 62.84 21.14
C GLY J 109 21.24 63.96 21.46
N GLN J 110 21.13 64.88 20.51
CA GLN J 110 20.28 66.05 20.68
C GLN J 110 18.80 65.65 20.69
N PRO J 111 17.95 66.45 21.34
CA PRO J 111 16.50 66.21 21.33
C PRO J 111 15.90 66.36 19.94
N GLN K 1 71.84 44.30 -12.43
CA GLN K 1 70.92 44.50 -13.55
C GLN K 1 71.05 43.35 -14.55
N VAL K 2 69.99 42.54 -14.65
CA VAL K 2 69.96 41.43 -15.60
C VAL K 2 69.40 41.98 -16.90
N GLN K 3 70.28 42.09 -17.90
CA GLN K 3 69.90 42.60 -19.22
C GLN K 3 69.50 41.43 -20.09
N LEU K 4 68.20 41.28 -20.33
CA LEU K 4 67.66 40.19 -21.12
C LEU K 4 67.63 40.60 -22.60
N GLN K 5 68.79 41.05 -23.07
CA GLN K 5 68.90 41.74 -24.36
C GLN K 5 68.59 40.76 -25.50
N GLU K 6 67.95 41.26 -26.53
CA GLU K 6 67.63 40.47 -27.72
C GLU K 6 68.18 41.19 -28.95
N SER K 7 69.33 40.72 -29.44
CA SER K 7 69.94 41.26 -30.65
C SER K 7 69.58 40.32 -31.80
N GLY K 8 68.31 40.39 -32.22
CA GLY K 8 67.82 39.59 -33.31
C GLY K 8 67.89 40.33 -34.62
N PRO K 9 67.91 39.59 -35.73
CA PRO K 9 67.94 40.26 -37.04
C PRO K 9 66.74 41.14 -37.30
N GLY K 10 65.57 40.76 -36.79
CA GLY K 10 64.35 41.52 -37.01
C GLY K 10 63.73 41.32 -38.37
N LEU K 11 64.35 40.54 -39.24
CA LEU K 11 63.85 40.31 -40.60
C LEU K 11 63.91 38.82 -40.89
N VAL K 12 62.80 38.26 -41.36
CA VAL K 12 62.69 36.83 -41.60
C VAL K 12 61.72 36.60 -42.75
N LYS K 13 61.75 35.40 -43.31
CA LYS K 13 60.90 34.96 -44.40
C LYS K 13 59.97 33.86 -43.91
N PRO K 14 58.85 33.62 -44.58
CA PRO K 14 57.94 32.57 -44.13
C PRO K 14 58.59 31.20 -44.14
N SER K 15 58.18 30.37 -43.18
CA SER K 15 58.73 29.02 -43.01
C SER K 15 60.24 29.06 -42.82
N GLU K 16 60.70 29.85 -41.86
CA GLU K 16 62.11 30.01 -41.55
C GLU K 16 62.32 29.90 -40.04
N THR K 17 63.55 29.55 -39.66
CA THR K 17 63.92 29.43 -38.25
C THR K 17 64.29 30.81 -37.72
N LEU K 18 63.68 31.19 -36.60
CA LEU K 18 63.89 32.49 -36.00
C LEU K 18 64.94 32.40 -34.90
N SER K 19 65.66 33.52 -34.69
CA SER K 19 66.79 33.56 -33.75
C SER K 19 66.71 34.83 -32.92
N VAL K 20 66.34 34.68 -31.66
CA VAL K 20 66.35 35.77 -30.68
C VAL K 20 67.06 35.29 -29.43
N THR K 21 67.82 36.18 -28.81
CA THR K 21 68.66 35.85 -27.66
C THR K 21 68.10 36.45 -26.38
N CYS K 22 68.51 35.86 -25.25
CA CYS K 22 68.18 36.37 -23.92
C CYS K 22 69.37 36.04 -23.02
N SER K 23 70.29 37.00 -22.89
CA SER K 23 71.50 36.79 -22.10
C SER K 23 71.29 37.24 -20.66
N VAL K 24 72.33 37.08 -19.85
CA VAL K 24 72.30 37.42 -18.44
C VAL K 24 73.46 38.36 -18.14
N SER K 25 73.24 39.24 -17.16
CA SER K 25 74.28 40.15 -16.68
C SER K 25 73.91 40.60 -15.27
N GLY K 26 74.91 41.11 -14.56
CA GLY K 26 74.69 41.67 -13.24
C GLY K 26 74.26 40.69 -12.17
N ASP K 27 73.95 39.44 -12.51
CA ASP K 27 73.58 38.43 -11.54
C ASP K 27 73.77 37.06 -12.18
N SER K 28 73.80 36.04 -11.34
CA SER K 28 74.08 34.67 -11.78
C SER K 28 72.82 34.05 -12.38
N MET K 29 72.97 32.80 -12.86
CA MET K 29 71.86 32.09 -13.49
C MET K 29 71.33 30.93 -12.67
N ASN K 30 72.09 30.42 -11.71
CA ASN K 30 71.66 29.28 -10.90
C ASN K 30 70.82 29.69 -9.69
N ASN K 31 70.59 30.99 -9.49
CA ASN K 31 69.81 31.43 -8.34
C ASN K 31 68.32 31.24 -8.56
N TYR K 32 67.79 31.71 -9.68
CA TYR K 32 66.38 31.58 -10.00
C TYR K 32 66.22 31.52 -11.52
N TYR K 33 65.07 31.00 -11.94
CA TYR K 33 64.87 30.50 -13.29
C TYR K 33 64.17 31.53 -14.16
N TRP K 34 63.86 31.12 -15.40
CA TRP K 34 63.31 32.03 -16.41
C TRP K 34 62.23 31.37 -17.26
N THR K 35 61.86 32.12 -18.29
CA THR K 35 60.91 31.69 -19.31
C THR K 35 61.02 32.67 -20.48
N TRP K 36 60.23 32.43 -21.52
CA TRP K 36 60.03 33.40 -22.58
C TRP K 36 58.57 33.84 -22.59
N ILE K 37 58.35 35.10 -22.92
CA ILE K 37 57.01 35.71 -22.90
C ILE K 37 56.82 36.51 -24.19
N ARG K 38 55.76 36.19 -24.94
CA ARG K 38 55.55 36.86 -26.25
C ARG K 38 54.29 37.74 -26.19
N GLN K 39 54.40 38.99 -26.66
CA GLN K 39 53.20 39.88 -26.72
C GLN K 39 52.79 40.04 -28.19
N SER K 40 51.55 39.68 -28.53
CA SER K 40 51.07 39.80 -29.93
C SER K 40 50.35 41.14 -30.12
N PRO K 41 50.68 41.95 -31.16
CA PRO K 41 49.97 43.23 -31.45
C PRO K 41 48.49 42.95 -31.72
N GLY K 42 47.61 43.83 -31.22
CA GLY K 42 46.16 43.62 -31.39
C GLY K 42 45.71 42.41 -30.59
N LYS K 43 46.48 42.01 -29.58
CA LYS K 43 46.17 40.82 -28.76
C LYS K 43 46.87 40.96 -27.40
N GLY K 44 46.65 40.01 -26.48
CA GLY K 44 47.34 40.05 -25.18
C GLY K 44 48.71 39.40 -25.27
N LEU K 45 49.37 39.19 -24.13
CA LEU K 45 50.69 38.50 -24.12
C LEU K 45 50.44 36.98 -24.18
N GLU K 46 51.49 36.20 -24.49
CA GLU K 46 51.34 34.72 -24.62
C GLU K 46 52.65 34.03 -24.26
N TRP K 47 52.58 32.92 -23.51
CA TRP K 47 53.77 32.17 -23.14
C TRP K 47 54.30 31.40 -24.35
N ILE K 48 55.62 31.31 -24.44
CA ILE K 48 56.25 30.32 -25.30
C ILE K 48 56.43 29.00 -24.55
N GLY K 49 56.17 29.00 -23.26
CA GLY K 49 56.58 27.95 -22.35
C GLY K 49 57.61 28.47 -21.36
N TYR K 50 58.04 27.57 -20.49
CA TYR K 50 59.02 27.90 -19.47
C TYR K 50 60.12 26.85 -19.42
N ILE K 51 61.30 27.28 -18.98
CA ILE K 51 62.44 26.40 -18.76
C ILE K 51 62.84 26.51 -17.30
N SER K 52 63.39 25.42 -16.78
CA SER K 52 63.88 25.38 -15.41
C SER K 52 65.21 24.65 -15.42
N ASP K 53 65.68 24.28 -14.22
CA ASP K 53 67.00 23.67 -14.09
C ASP K 53 67.05 22.31 -14.80
N ARG K 54 65.93 21.62 -14.93
CA ARG K 54 65.95 20.33 -15.60
C ARG K 54 65.78 20.44 -17.10
N GLU K 55 65.66 21.64 -17.65
CA GLU K 55 65.59 21.91 -19.09
C GLU K 55 64.36 21.29 -19.74
N SER K 56 63.33 20.94 -18.97
CA SER K 56 62.10 20.40 -19.54
C SER K 56 61.27 21.56 -20.09
N ALA K 57 61.37 21.79 -21.39
CA ALA K 57 60.72 22.92 -22.04
C ALA K 57 59.28 22.53 -22.38
N THR K 58 58.36 22.86 -21.48
CA THR K 58 56.94 22.64 -21.74
C THR K 58 56.46 23.65 -22.79
N TYR K 59 55.67 23.18 -23.74
CA TYR K 59 55.26 24.00 -24.87
C TYR K 59 53.78 24.35 -24.80
N ASN K 60 53.39 25.31 -25.62
CA ASN K 60 52.02 25.79 -25.62
C ASN K 60 51.11 24.80 -26.33
N PRO K 61 50.01 24.36 -25.69
CA PRO K 61 48.99 23.60 -26.42
C PRO K 61 48.32 24.39 -27.53
N SER K 62 48.40 25.71 -27.49
CA SER K 62 47.83 26.58 -28.52
C SER K 62 48.82 26.91 -29.62
N LEU K 63 50.02 26.33 -29.58
CA LEU K 63 51.07 26.60 -30.56
C LEU K 63 51.54 25.34 -31.29
N ASN K 64 51.14 24.16 -30.81
CA ASN K 64 51.47 22.87 -31.45
C ASN K 64 52.97 22.57 -31.40
N SER K 65 53.67 23.18 -30.43
CA SER K 65 55.08 22.87 -30.16
C SER K 65 55.95 23.00 -31.40
N ARG K 66 55.75 24.09 -32.15
CA ARG K 66 56.60 24.41 -33.29
C ARG K 66 57.73 25.36 -32.92
N VAL K 67 58.16 25.35 -31.66
CA VAL K 67 59.21 26.23 -31.16
C VAL K 67 60.30 25.38 -30.52
N VAL K 68 61.55 25.77 -30.72
CA VAL K 68 62.70 25.09 -30.15
C VAL K 68 63.33 26.04 -29.14
N ILE K 69 63.06 25.81 -27.85
CA ILE K 69 63.50 26.69 -26.78
C ILE K 69 64.42 25.91 -25.86
N SER K 70 65.56 26.51 -25.51
CA SER K 70 66.57 25.84 -24.69
C SER K 70 67.34 26.89 -23.89
N ARG K 71 68.43 26.45 -23.28
CA ARG K 71 69.25 27.32 -22.45
C ARG K 71 70.68 26.80 -22.41
N ASP K 72 71.64 27.70 -22.49
CA ASP K 72 73.05 27.37 -22.39
C ASP K 72 73.71 28.25 -21.33
N THR K 73 74.66 27.67 -20.61
CA THR K 73 75.32 28.40 -19.54
C THR K 73 76.64 29.03 -19.99
N SER K 74 77.32 28.39 -20.95
CA SER K 74 78.61 28.90 -21.42
C SER K 74 78.45 30.27 -22.06
N LYS K 75 77.43 30.43 -22.91
CA LYS K 75 77.16 31.73 -23.51
C LYS K 75 76.38 32.66 -22.59
N ASN K 76 75.94 32.18 -21.43
CA ASN K 76 75.17 32.96 -20.48
C ASN K 76 73.89 33.50 -21.13
N GLN K 77 73.19 32.60 -21.80
CA GLN K 77 72.10 32.97 -22.70
C GLN K 77 70.91 32.04 -22.48
N LEU K 78 69.72 32.54 -22.82
CA LEU K 78 68.51 31.73 -22.89
C LEU K 78 68.12 31.60 -24.36
N SER K 79 68.13 30.36 -24.85
CA SER K 79 67.98 30.09 -26.28
C SER K 79 66.51 29.94 -26.64
N LEU K 80 66.14 30.47 -27.80
CA LEU K 80 64.77 30.39 -28.31
C LEU K 80 64.82 30.35 -29.83
N LYS K 81 64.42 29.23 -30.42
CA LYS K 81 64.42 29.04 -31.86
C LYS K 81 62.98 28.85 -32.33
N LEU K 82 62.55 29.63 -33.31
CA LEU K 82 61.22 29.52 -33.88
C LEU K 82 61.33 29.18 -35.37
N ASN K 83 61.09 27.91 -35.71
CA ASN K 83 61.05 27.50 -37.09
C ASN K 83 59.60 27.48 -37.59
N SER K 84 59.45 27.50 -38.91
CA SER K 84 58.15 27.52 -39.57
C SER K 84 57.33 28.74 -39.13
N VAL K 85 57.93 29.91 -39.22
CA VAL K 85 57.26 31.15 -38.86
C VAL K 85 56.22 31.50 -39.92
N THR K 86 55.03 31.91 -39.47
CA THR K 86 53.88 32.18 -40.32
C THR K 86 53.54 33.66 -40.28
N PRO K 87 52.88 34.20 -41.33
CA PRO K 87 52.62 35.65 -41.39
C PRO K 87 51.91 36.23 -40.19
N ALA K 88 51.30 35.37 -39.36
CA ALA K 88 50.70 35.82 -38.12
C ALA K 88 51.70 35.93 -36.97
N ASP K 89 52.95 35.54 -37.19
CA ASP K 89 53.97 35.57 -36.14
C ASP K 89 54.62 36.93 -35.96
N THR K 90 54.10 37.97 -36.60
CA THR K 90 54.64 39.32 -36.41
C THR K 90 54.26 39.76 -35.01
N ALA K 91 55.21 39.63 -34.08
CA ALA K 91 54.95 39.89 -32.67
C ALA K 91 56.25 40.19 -31.97
N VAL K 92 56.14 40.79 -30.78
CA VAL K 92 57.30 41.11 -29.97
C VAL K 92 57.55 39.96 -29.00
N TYR K 93 58.83 39.62 -28.81
CA TYR K 93 59.22 38.48 -28.00
C TYR K 93 60.01 38.98 -26.79
N TYR K 94 59.31 39.31 -25.71
CA TYR K 94 60.01 39.64 -24.47
C TYR K 94 60.63 38.38 -23.89
N CYS K 95 61.51 38.58 -22.91
CA CYS K 95 62.08 37.50 -22.14
C CYS K 95 61.85 37.80 -20.66
N ALA K 96 61.57 36.79 -19.86
CA ALA K 96 61.14 37.03 -18.49
C ALA K 96 61.79 36.04 -17.54
N THR K 97 61.50 36.26 -16.25
CA THR K 97 61.90 35.35 -15.19
C THR K 97 60.68 34.54 -14.77
N ALA K 98 60.91 33.52 -13.94
CA ALA K 98 59.82 32.62 -13.54
C ALA K 98 60.17 32.00 -12.19
N ARG K 99 59.37 32.30 -11.17
CA ARG K 99 59.63 31.87 -9.80
C ARG K 99 58.66 30.73 -9.45
N ARG K 100 59.21 29.58 -9.06
CA ARG K 100 58.39 28.49 -8.51
C ARG K 100 57.85 28.88 -7.14
N GLY K 101 56.58 29.28 -7.13
CA GLY K 101 55.82 29.31 -5.91
C GLY K 101 55.01 28.03 -5.72
N GLN K 102 54.73 27.69 -4.46
CA GLN K 102 53.98 26.49 -4.11
C GLN K 102 52.67 26.91 -3.46
N ARG K 103 51.55 26.58 -4.11
CA ARG K 103 50.22 26.89 -3.59
C ARG K 103 49.63 25.61 -3.01
N ILE K 104 49.24 25.67 -1.74
CA ILE K 104 48.66 24.52 -1.05
C ILE K 104 47.24 24.85 -0.63
N TYR K 105 46.34 23.88 -0.79
CA TYR K 105 44.98 23.99 -0.30
C TYR K 105 44.51 22.76 0.44
N GLY K 106 45.25 21.66 0.37
CA GLY K 106 44.90 20.44 1.09
C GLY K 106 46.11 19.77 1.73
N VAL K 107 46.31 18.48 1.43
CA VAL K 107 47.40 17.71 1.99
C VAL K 107 48.66 17.94 1.17
N VAL K 108 49.81 17.60 1.75
CA VAL K 108 51.06 17.60 0.99
C VAL K 108 51.56 16.17 0.82
N SER K 109 51.18 15.28 1.74
CA SER K 109 51.65 13.90 1.68
C SER K 109 51.11 13.17 0.45
N PHE K 110 49.85 13.43 0.08
CA PHE K 110 49.20 12.72 -1.01
C PHE K 110 49.35 13.44 -2.35
N GLY K 111 50.08 14.55 -2.36
CA GLY K 111 50.42 15.21 -3.61
C GLY K 111 49.27 15.84 -4.37
N GLU K 112 48.35 16.48 -3.66
CA GLU K 112 47.28 17.26 -4.30
C GLU K 112 47.41 18.75 -4.01
N PHE K 113 48.65 19.23 -3.86
CA PHE K 113 48.98 20.64 -3.93
C PHE K 113 49.50 20.92 -5.33
N PHE K 114 49.78 22.19 -5.64
CA PHE K 114 50.24 22.52 -6.99
C PHE K 114 51.18 23.72 -6.92
N TYR K 115 51.78 24.02 -8.07
CA TYR K 115 52.75 25.09 -8.20
C TYR K 115 52.19 26.23 -9.03
N TYR K 116 52.51 27.45 -8.63
CA TYR K 116 52.23 28.64 -9.43
C TYR K 116 53.55 29.30 -9.80
N TYR K 117 53.67 29.70 -11.06
CA TYR K 117 54.90 30.29 -11.57
C TYR K 117 54.76 31.81 -11.53
N SER K 118 55.59 32.45 -10.73
CA SER K 118 55.57 33.89 -10.56
C SER K 118 56.68 34.52 -11.39
N MET K 119 56.32 35.53 -12.17
CA MET K 119 57.28 36.27 -12.99
C MET K 119 57.36 37.71 -12.48
N ASP K 120 58.59 38.17 -12.26
CA ASP K 120 58.83 39.46 -11.62
C ASP K 120 59.71 40.39 -12.44
N VAL K 121 60.59 39.85 -13.28
CA VAL K 121 61.50 40.65 -14.09
C VAL K 121 61.31 40.24 -15.54
N TRP K 122 61.20 41.23 -16.43
CA TRP K 122 60.96 41.00 -17.84
C TRP K 122 62.11 41.58 -18.66
N GLY K 123 62.07 41.33 -19.96
CA GLY K 123 63.09 41.87 -20.86
C GLY K 123 62.60 43.07 -21.62
N LYS K 124 63.00 43.20 -22.88
CA LYS K 124 62.57 44.32 -23.72
C LYS K 124 61.85 43.85 -24.97
N GLY K 125 62.30 42.77 -25.58
CA GLY K 125 61.57 42.18 -26.70
C GLY K 125 61.93 42.80 -28.03
N THR K 126 61.73 42.02 -29.10
CA THR K 126 61.95 42.47 -30.46
C THR K 126 60.89 41.86 -31.36
N THR K 127 60.65 42.53 -32.49
CA THR K 127 59.63 42.11 -33.43
C THR K 127 60.27 41.84 -34.80
N VAL K 128 59.89 40.73 -35.41
CA VAL K 128 60.39 40.37 -36.73
C VAL K 128 59.25 40.51 -37.73
N THR K 129 59.60 40.84 -38.97
CA THR K 129 58.65 40.90 -40.06
C THR K 129 58.71 39.57 -40.83
N VAL K 130 57.60 38.85 -40.82
CA VAL K 130 57.54 37.52 -41.43
C VAL K 130 56.75 37.54 -42.73
N SER K 131 57.46 37.71 -43.83
CA SER K 131 56.91 37.72 -45.18
C SER K 131 58.08 37.64 -46.15
N SER K 132 57.80 37.76 -47.45
CA SER K 132 58.87 37.74 -48.44
C SER K 132 59.85 38.88 -48.25
N ALA K 133 59.40 40.01 -47.74
CA ALA K 133 60.29 41.14 -47.47
C ALA K 133 61.25 40.81 -46.34
N SER K 134 62.50 41.20 -46.52
CA SER K 134 63.53 40.98 -45.51
C SER K 134 63.83 42.27 -44.76
N GLN L 1 20.54 -67.28 -48.50
CA GLN L 1 21.15 -66.11 -49.14
C GLN L 1 20.11 -65.20 -49.75
N VAL L 2 19.77 -64.12 -49.04
CA VAL L 2 18.91 -63.09 -49.61
C VAL L 2 19.79 -62.13 -50.41
N GLN L 3 19.96 -62.42 -51.69
CA GLN L 3 20.81 -61.63 -52.57
C GLN L 3 19.91 -60.69 -53.37
N LEU L 4 20.18 -59.39 -53.26
CA LEU L 4 19.30 -58.35 -53.80
C LEU L 4 19.84 -57.91 -55.16
N GLN L 5 19.59 -58.75 -56.17
CA GLN L 5 19.98 -58.42 -57.53
C GLN L 5 19.28 -57.14 -57.99
N GLU L 6 20.05 -56.22 -58.56
CA GLU L 6 19.53 -55.00 -59.15
C GLU L 6 20.03 -54.87 -60.57
N SER L 7 19.14 -54.46 -61.48
CA SER L 7 19.48 -54.29 -62.89
C SER L 7 18.83 -53.00 -63.39
N GLY L 8 19.63 -52.15 -64.02
CA GLY L 8 19.14 -50.92 -64.57
C GLY L 8 19.59 -50.72 -66.00
N PRO L 9 19.03 -49.72 -66.68
CA PRO L 9 19.47 -49.46 -68.06
C PRO L 9 20.93 -49.07 -68.15
N GLY L 10 21.45 -48.37 -67.15
CA GLY L 10 22.83 -47.94 -67.15
C GLY L 10 23.10 -46.67 -67.94
N LEU L 11 22.25 -46.35 -68.90
CA LEU L 11 22.37 -45.12 -69.69
C LEU L 11 21.04 -44.38 -69.63
N VAL L 12 21.10 -43.07 -69.38
CA VAL L 12 19.90 -42.27 -69.22
C VAL L 12 20.22 -40.83 -69.60
N LYS L 13 19.22 -40.13 -70.10
CA LYS L 13 19.28 -38.72 -70.42
C LYS L 13 18.56 -37.89 -69.36
N PRO L 14 18.89 -36.61 -69.23
CA PRO L 14 18.21 -35.78 -68.24
C PRO L 14 16.71 -35.69 -68.49
N SER L 15 15.96 -35.57 -67.39
CA SER L 15 14.51 -35.37 -67.42
C SER L 15 13.79 -36.52 -68.14
N GLU L 16 13.95 -37.72 -67.59
CA GLU L 16 13.22 -38.89 -68.05
C GLU L 16 13.15 -39.88 -66.89
N THR L 17 12.66 -41.08 -67.15
CA THR L 17 12.39 -42.06 -66.12
C THR L 17 13.46 -43.14 -66.08
N LEU L 18 13.96 -43.42 -64.88
CA LEU L 18 14.93 -44.47 -64.64
C LEU L 18 14.25 -45.62 -63.91
N SER L 19 14.68 -46.85 -64.21
CA SER L 19 14.05 -48.05 -63.67
C SER L 19 15.13 -49.02 -63.20
N VAL L 20 15.20 -49.26 -61.89
CA VAL L 20 16.06 -50.27 -61.31
C VAL L 20 15.22 -51.18 -60.43
N THR L 21 15.39 -52.48 -60.59
CA THR L 21 14.65 -53.48 -59.83
C THR L 21 15.49 -54.01 -58.68
N CYS L 22 14.86 -54.82 -57.84
CA CYS L 22 15.55 -55.43 -56.69
C CYS L 22 15.01 -56.86 -56.52
N SER L 23 15.69 -57.81 -57.16
CA SER L 23 15.28 -59.21 -57.11
C SER L 23 15.63 -59.81 -55.75
N VAL L 24 14.64 -60.50 -55.16
CA VAL L 24 14.80 -61.15 -53.87
C VAL L 24 14.72 -62.66 -54.08
N SER L 25 15.65 -63.39 -53.46
CA SER L 25 15.68 -64.83 -53.55
C SER L 25 16.30 -65.40 -52.28
N GLY L 26 16.02 -66.68 -52.03
CA GLY L 26 16.57 -67.36 -50.87
C GLY L 26 15.78 -67.14 -49.60
N ASP L 27 14.92 -66.11 -49.59
CA ASP L 27 14.09 -65.82 -48.44
C ASP L 27 12.75 -65.28 -48.92
N SER L 28 11.73 -65.45 -48.09
CA SER L 28 10.39 -65.02 -48.45
C SER L 28 10.31 -63.49 -48.45
N MET L 29 9.20 -62.98 -48.99
CA MET L 29 9.01 -61.55 -49.15
C MET L 29 7.95 -60.96 -48.23
N ASN L 30 7.19 -61.79 -47.53
CA ASN L 30 6.21 -61.29 -46.56
C ASN L 30 6.72 -61.33 -45.13
N ASN L 31 7.86 -61.96 -44.86
CA ASN L 31 8.33 -62.07 -43.49
C ASN L 31 8.79 -60.73 -42.95
N TYR L 32 9.63 -60.01 -43.70
CA TYR L 32 10.24 -58.77 -43.24
C TYR L 32 9.91 -57.65 -44.23
N TYR L 33 10.58 -56.52 -44.06
CA TYR L 33 10.38 -55.35 -44.91
C TYR L 33 11.68 -54.99 -45.62
N TRP L 34 11.54 -54.42 -46.82
CA TRP L 34 12.66 -54.00 -47.65
C TRP L 34 12.47 -52.56 -48.09
N THR L 35 13.59 -51.90 -48.36
CA THR L 35 13.60 -50.50 -48.73
C THR L 35 14.62 -50.29 -49.84
N TRP L 36 14.87 -49.03 -50.18
CA TRP L 36 15.86 -48.65 -51.17
C TRP L 36 16.85 -47.66 -50.55
N ILE L 37 18.12 -47.84 -50.90
CA ILE L 37 19.20 -47.00 -50.40
C ILE L 37 20.16 -46.75 -51.55
N ARG L 38 20.60 -45.50 -51.69
CA ARG L 38 21.51 -45.14 -52.77
C ARG L 38 22.77 -44.51 -52.20
N GLN L 39 23.64 -44.05 -53.09
CA GLN L 39 24.89 -43.41 -52.69
C GLN L 39 25.46 -42.68 -53.90
N SER L 40 25.82 -41.42 -53.68
CA SER L 40 26.35 -40.61 -54.78
C SER L 40 27.85 -40.47 -54.66
N PRO L 41 28.58 -40.52 -55.78
CA PRO L 41 30.03 -40.29 -55.72
C PRO L 41 30.33 -38.88 -55.24
N GLY L 42 31.15 -38.78 -54.20
CA GLY L 42 31.44 -37.52 -53.55
C GLY L 42 30.54 -37.19 -52.38
N LYS L 43 29.39 -37.85 -52.28
CA LYS L 43 28.46 -37.66 -51.18
C LYS L 43 28.35 -38.95 -50.36
N GLY L 44 27.74 -38.84 -49.19
CA GLY L 44 27.46 -40.00 -48.38
C GLY L 44 26.27 -40.78 -48.91
N LEU L 45 25.94 -41.85 -48.21
CA LEU L 45 24.80 -42.68 -48.60
C LEU L 45 23.50 -41.88 -48.49
N GLU L 46 22.69 -41.99 -49.54
CA GLU L 46 21.40 -41.33 -49.60
C GLU L 46 20.32 -42.40 -49.71
N TRP L 47 19.13 -42.08 -49.22
CA TRP L 47 18.07 -43.06 -49.05
C TRP L 47 16.87 -42.62 -49.87
N ILE L 48 16.37 -43.51 -50.72
CA ILE L 48 15.22 -43.17 -51.55
C ILE L 48 13.94 -43.10 -50.73
N GLY L 49 13.91 -43.77 -49.58
CA GLY L 49 12.76 -43.89 -48.72
C GLY L 49 12.63 -45.29 -48.22
N TYR L 50 11.43 -45.66 -47.78
CA TYR L 50 11.18 -47.02 -47.36
C TYR L 50 9.76 -47.42 -47.71
N ILE L 51 9.60 -48.69 -48.07
CA ILE L 51 8.30 -49.27 -48.39
C ILE L 51 8.07 -50.44 -47.43
N SER L 52 6.88 -50.50 -46.86
CA SER L 52 6.54 -51.53 -45.90
C SER L 52 5.39 -52.37 -46.42
N ASP L 53 4.87 -53.25 -45.54
CA ASP L 53 3.84 -54.19 -45.96
C ASP L 53 2.56 -53.47 -46.37
N ARG L 54 2.22 -52.37 -45.70
CA ARG L 54 1.04 -51.61 -46.04
C ARG L 54 1.17 -50.89 -47.38
N GLU L 55 2.36 -50.86 -47.97
CA GLU L 55 2.64 -50.34 -49.30
C GLU L 55 2.49 -48.83 -49.41
N SER L 56 2.24 -48.12 -48.31
CA SER L 56 2.17 -46.66 -48.34
C SER L 56 3.59 -46.13 -48.38
N ALA L 57 4.08 -45.88 -49.58
CA ALA L 57 5.49 -45.54 -49.78
C ALA L 57 5.81 -44.21 -49.11
N THR L 58 6.53 -44.26 -48.00
CA THR L 58 7.00 -43.05 -47.33
C THR L 58 8.20 -42.51 -48.08
N TYR L 59 8.04 -41.37 -48.73
CA TYR L 59 9.02 -40.86 -49.68
C TYR L 59 9.94 -39.87 -48.98
N ASN L 60 10.87 -39.31 -49.75
CA ASN L 60 11.95 -38.50 -49.21
C ASN L 60 11.60 -37.02 -49.35
N PRO L 61 11.45 -36.28 -48.25
CA PRO L 61 11.34 -34.81 -48.36
C PRO L 61 12.59 -34.16 -48.94
N SER L 62 13.75 -34.80 -48.82
CA SER L 62 14.98 -34.26 -49.40
C SER L 62 15.12 -34.57 -50.88
N LEU L 63 14.27 -35.43 -51.44
CA LEU L 63 14.24 -35.69 -52.87
C LEU L 63 12.95 -35.24 -53.52
N ASN L 64 12.18 -34.37 -52.86
CA ASN L 64 11.02 -33.68 -53.41
C ASN L 64 9.92 -34.68 -53.77
N SER L 65 10.07 -35.95 -53.40
CA SER L 65 9.12 -37.00 -53.78
C SER L 65 8.95 -37.07 -55.30
N ARG L 66 10.04 -36.73 -56.03
CA ARG L 66 10.08 -36.89 -57.48
C ARG L 66 10.53 -38.28 -57.87
N VAL L 67 10.35 -39.26 -56.99
CA VAL L 67 10.75 -40.64 -57.23
C VAL L 67 9.52 -41.52 -57.02
N VAL L 68 9.48 -42.64 -57.73
CA VAL L 68 8.37 -43.58 -57.67
C VAL L 68 8.91 -44.94 -57.26
N ILE L 69 8.55 -45.39 -56.06
CA ILE L 69 8.96 -46.69 -55.58
C ILE L 69 7.72 -47.55 -55.38
N SER L 70 7.89 -48.86 -55.55
CA SER L 70 6.80 -49.82 -55.43
C SER L 70 7.41 -51.21 -55.32
N ARG L 71 6.57 -52.22 -55.42
CA ARG L 71 7.04 -53.60 -55.39
C ARG L 71 6.03 -54.49 -56.10
N ASP L 72 6.52 -55.64 -56.57
CA ASP L 72 5.69 -56.65 -57.22
C ASP L 72 5.95 -57.99 -56.56
N THR L 73 4.87 -58.69 -56.19
CA THR L 73 5.02 -59.96 -55.49
C THR L 73 5.17 -61.13 -56.47
N SER L 74 4.57 -61.02 -57.66
CA SER L 74 4.62 -62.13 -58.62
C SER L 74 6.06 -62.41 -59.05
N LYS L 75 6.71 -61.42 -59.66
CA LYS L 75 8.11 -61.55 -60.02
C LYS L 75 9.03 -61.47 -58.82
N ASN L 76 8.50 -61.09 -57.66
CA ASN L 76 9.26 -61.01 -56.41
C ASN L 76 10.45 -60.05 -56.53
N GLN L 77 10.12 -58.77 -56.73
CA GLN L 77 11.13 -57.74 -56.89
C GLN L 77 10.62 -56.44 -56.27
N LEU L 78 11.56 -55.64 -55.80
CA LEU L 78 11.26 -54.29 -55.33
C LEU L 78 11.46 -53.31 -56.49
N SER L 79 10.50 -52.41 -56.67
CA SER L 79 10.48 -51.53 -57.83
C SER L 79 10.86 -50.11 -57.43
N LEU L 80 11.77 -49.51 -58.21
CA LEU L 80 12.16 -48.13 -58.03
C LEU L 80 12.13 -47.45 -59.39
N LYS L 81 11.29 -46.44 -59.54
CA LYS L 81 11.21 -45.64 -60.76
C LYS L 81 11.65 -44.22 -60.43
N LEU L 82 12.50 -43.65 -61.28
CA LEU L 82 13.01 -42.29 -61.12
C LEU L 82 12.52 -41.46 -62.30
N ASN L 83 11.29 -40.96 -62.21
CA ASN L 83 10.80 -40.07 -63.25
C ASN L 83 11.43 -38.69 -63.13
N SER L 84 11.67 -38.06 -64.28
CA SER L 84 12.35 -36.77 -64.36
C SER L 84 13.75 -36.86 -63.75
N VAL L 85 14.59 -37.67 -64.38
CA VAL L 85 15.95 -37.87 -63.88
C VAL L 85 16.71 -36.56 -63.91
N THR L 86 17.16 -36.12 -62.73
CA THR L 86 18.00 -34.96 -62.55
C THR L 86 19.43 -35.27 -62.98
N PRO L 87 20.15 -34.30 -63.58
CA PRO L 87 21.56 -34.55 -63.91
C PRO L 87 22.43 -34.88 -62.71
N ALA L 88 21.93 -34.72 -61.49
CA ALA L 88 22.67 -35.13 -60.30
C ALA L 88 22.46 -36.59 -59.95
N ASP L 89 21.68 -37.34 -60.74
CA ASP L 89 21.36 -38.72 -60.45
C ASP L 89 22.48 -39.69 -60.83
N THR L 90 23.66 -39.21 -61.17
CA THR L 90 24.81 -40.08 -61.42
C THR L 90 25.25 -40.65 -60.08
N ALA L 91 24.75 -41.83 -59.74
CA ALA L 91 24.98 -42.41 -58.43
C ALA L 91 24.76 -43.91 -58.49
N VAL L 92 25.24 -44.61 -57.46
CA VAL L 92 25.01 -46.04 -57.30
C VAL L 92 23.77 -46.23 -56.44
N TYR L 93 22.98 -47.24 -56.78
CA TYR L 93 21.70 -47.50 -56.12
C TYR L 93 21.71 -48.90 -55.53
N TYR L 94 21.85 -48.99 -54.21
CA TYR L 94 21.77 -50.25 -53.51
C TYR L 94 20.31 -50.62 -53.26
N CYS L 95 20.11 -51.75 -52.58
CA CYS L 95 18.80 -52.18 -52.13
C CYS L 95 18.93 -52.74 -50.73
N ALA L 96 17.98 -52.40 -49.86
CA ALA L 96 18.14 -52.63 -48.43
C ALA L 96 16.88 -53.25 -47.83
N THR L 97 17.07 -53.96 -46.72
CA THR L 97 15.97 -54.45 -45.91
C THR L 97 15.54 -53.35 -44.95
N ALA L 98 14.53 -53.66 -44.11
CA ALA L 98 14.02 -52.68 -43.16
C ALA L 98 13.44 -53.43 -41.97
N ARG L 99 14.14 -53.40 -40.84
CA ARG L 99 13.65 -54.00 -39.61
C ARG L 99 12.85 -52.95 -38.84
N ARG L 100 11.58 -53.24 -38.59
CA ARG L 100 10.68 -52.31 -37.91
C ARG L 100 11.00 -52.35 -36.42
N GLY L 101 12.14 -51.75 -36.07
CA GLY L 101 12.57 -51.75 -34.69
C GLY L 101 11.73 -50.86 -33.81
N GLN L 102 11.62 -51.27 -32.55
CA GLN L 102 10.81 -50.56 -31.55
C GLN L 102 11.74 -49.99 -30.48
N ARG L 103 11.66 -48.68 -30.27
CA ARG L 103 12.47 -47.98 -29.26
C ARG L 103 11.53 -47.18 -28.38
N ILE L 104 11.27 -47.67 -27.18
CA ILE L 104 10.33 -47.04 -26.25
C ILE L 104 11.10 -46.39 -25.12
N TYR L 105 10.84 -45.10 -24.90
CA TYR L 105 11.46 -44.35 -23.81
C TYR L 105 10.49 -43.99 -22.71
N GLY L 106 9.20 -44.33 -22.84
CA GLY L 106 8.22 -44.03 -21.83
C GLY L 106 7.21 -45.13 -21.69
N VAL L 107 5.92 -44.79 -21.74
CA VAL L 107 4.87 -45.79 -21.69
C VAL L 107 4.28 -45.99 -23.08
N VAL L 108 3.78 -47.19 -23.33
CA VAL L 108 3.15 -47.48 -24.62
C VAL L 108 1.72 -46.95 -24.69
N SER L 109 1.07 -46.74 -23.55
CA SER L 109 -0.31 -46.26 -23.54
C SER L 109 -0.42 -44.87 -24.14
N PHE L 110 0.51 -43.98 -23.81
CA PHE L 110 0.43 -42.58 -24.20
C PHE L 110 1.16 -42.29 -25.50
N GLY L 111 1.65 -43.31 -26.21
CA GLY L 111 2.44 -43.06 -27.39
C GLY L 111 3.74 -42.34 -27.06
N GLU L 112 4.42 -42.81 -26.03
CA GLU L 112 5.66 -42.23 -25.55
C GLU L 112 6.87 -42.97 -26.10
N PHE L 113 6.76 -43.44 -27.34
CA PHE L 113 7.76 -44.28 -27.98
C PHE L 113 7.91 -43.86 -29.43
N PHE L 114 8.85 -44.50 -30.12
CA PHE L 114 9.04 -44.29 -31.55
C PHE L 114 9.71 -45.51 -32.14
N TYR L 115 9.62 -45.61 -33.47
CA TYR L 115 10.18 -46.74 -34.20
C TYR L 115 11.48 -46.31 -34.87
N TYR L 116 12.53 -47.10 -34.66
CA TYR L 116 13.81 -46.91 -35.32
C TYR L 116 14.01 -48.00 -36.36
N TYR L 117 14.46 -47.60 -37.54
CA TYR L 117 14.59 -48.51 -38.67
C TYR L 117 15.99 -49.10 -38.71
N SER L 118 16.07 -50.42 -38.54
CA SER L 118 17.34 -51.15 -38.58
C SER L 118 17.48 -51.87 -39.91
N MET L 119 18.68 -51.82 -40.48
CA MET L 119 18.97 -52.44 -41.77
C MET L 119 20.04 -53.50 -41.58
N ASP L 120 19.80 -54.68 -42.15
CA ASP L 120 20.70 -55.81 -41.94
C ASP L 120 21.40 -56.30 -43.20
N VAL L 121 20.67 -56.46 -44.30
CA VAL L 121 21.22 -57.02 -45.53
C VAL L 121 21.04 -56.00 -46.65
N TRP L 122 22.13 -55.73 -47.38
CA TRP L 122 22.15 -54.73 -48.44
C TRP L 122 22.61 -55.37 -49.74
N GLY L 123 22.39 -54.65 -50.85
CA GLY L 123 22.73 -55.11 -52.17
C GLY L 123 24.12 -54.70 -52.61
N LYS L 124 24.33 -54.72 -53.92
CA LYS L 124 25.62 -54.39 -54.51
C LYS L 124 25.61 -53.10 -55.31
N GLY L 125 24.51 -52.76 -55.94
CA GLY L 125 24.35 -51.45 -56.54
C GLY L 125 24.87 -51.38 -57.97
N THR L 126 24.27 -50.49 -58.75
CA THR L 126 24.71 -50.21 -60.10
C THR L 126 24.81 -48.70 -60.29
N THR L 127 25.80 -48.28 -61.08
CA THR L 127 26.06 -46.87 -61.33
C THR L 127 25.55 -46.49 -62.71
N VAL L 128 24.86 -45.35 -62.79
CA VAL L 128 24.27 -44.87 -64.03
C VAL L 128 24.80 -43.47 -64.30
N THR L 129 24.93 -43.13 -65.58
CA THR L 129 25.37 -41.82 -66.01
C THR L 129 24.22 -41.13 -66.75
N VAL L 130 24.01 -39.86 -66.44
CA VAL L 130 22.94 -39.06 -67.05
C VAL L 130 23.60 -37.93 -67.82
N SER L 131 23.65 -38.07 -69.13
CA SER L 131 24.22 -37.08 -70.04
C SER L 131 23.82 -37.49 -71.46
N SER L 132 24.35 -36.76 -72.45
CA SER L 132 24.08 -37.11 -73.85
C SER L 132 24.85 -38.36 -74.28
N ALA L 133 25.80 -38.81 -73.47
CA ALA L 133 26.57 -40.01 -73.82
C ALA L 133 25.70 -41.25 -73.76
N SER L 134 26.00 -42.20 -74.64
CA SER L 134 25.25 -43.45 -74.69
C SER L 134 26.12 -44.59 -75.21
N GLN M 1 -54.70 38.18 -43.70
CA GLN M 1 -53.98 37.69 -44.88
C GLN M 1 -52.67 38.43 -45.08
N VAL M 2 -51.58 37.87 -44.53
CA VAL M 2 -50.24 38.42 -44.74
C VAL M 2 -49.71 37.76 -46.01
N GLN M 3 -50.12 38.29 -47.15
CA GLN M 3 -49.66 37.80 -48.44
C GLN M 3 -48.28 38.38 -48.69
N LEU M 4 -47.24 37.58 -48.43
CA LEU M 4 -45.87 38.05 -48.54
C LEU M 4 -45.49 38.18 -50.02
N GLN M 5 -46.02 39.22 -50.68
CA GLN M 5 -45.82 39.42 -52.10
C GLN M 5 -44.34 39.66 -52.42
N GLU M 6 -43.75 38.74 -53.18
CA GLU M 6 -42.36 38.84 -53.58
C GLU M 6 -42.29 39.32 -55.02
N SER M 7 -41.46 40.33 -55.26
CA SER M 7 -41.30 40.91 -56.59
C SER M 7 -39.83 41.26 -56.81
N GLY M 8 -39.17 40.51 -57.68
CA GLY M 8 -37.79 40.75 -58.02
C GLY M 8 -37.63 41.10 -59.48
N PRO M 9 -36.40 41.48 -59.87
CA PRO M 9 -36.15 41.79 -61.29
C PRO M 9 -36.43 40.62 -62.21
N GLY M 10 -36.15 39.39 -61.77
CA GLY M 10 -36.40 38.21 -62.57
C GLY M 10 -35.31 37.84 -63.54
N LEU M 11 -34.36 38.74 -63.81
CA LEU M 11 -33.25 38.48 -64.72
C LEU M 11 -32.05 39.30 -64.26
N VAL M 12 -30.99 38.61 -63.85
CA VAL M 12 -29.82 39.28 -63.29
C VAL M 12 -28.56 38.73 -63.94
N LYS M 13 -27.48 39.49 -63.83
CA LYS M 13 -26.14 39.15 -64.28
C LYS M 13 -25.23 38.91 -63.08
N PRO M 14 -24.09 38.24 -63.26
CA PRO M 14 -23.22 37.97 -62.11
C PRO M 14 -22.64 39.27 -61.55
N SER M 15 -22.38 39.24 -60.24
CA SER M 15 -21.75 40.36 -59.54
C SER M 15 -22.59 41.64 -59.62
N GLU M 16 -23.89 41.51 -59.34
CA GLU M 16 -24.75 42.66 -59.11
C GLU M 16 -25.71 42.33 -57.97
N THR M 17 -26.74 43.16 -57.81
CA THR M 17 -27.67 43.07 -56.69
C THR M 17 -29.03 42.61 -57.18
N LEU M 18 -29.61 41.64 -56.48
CA LEU M 18 -30.98 41.21 -56.72
C LEU M 18 -31.90 41.85 -55.68
N SER M 19 -33.01 42.43 -56.16
CA SER M 19 -33.90 43.22 -55.33
C SER M 19 -35.29 42.56 -55.34
N VAL M 20 -35.52 41.63 -54.42
CA VAL M 20 -36.82 40.99 -54.24
C VAL M 20 -37.47 41.58 -52.98
N THR M 21 -38.72 41.99 -53.11
CA THR M 21 -39.47 42.58 -52.01
C THR M 21 -40.27 41.51 -51.28
N CYS M 22 -40.90 41.91 -50.18
CA CYS M 22 -41.74 40.99 -49.42
C CYS M 22 -42.78 41.83 -48.69
N SER M 23 -43.97 41.95 -49.28
CA SER M 23 -44.99 42.85 -48.78
C SER M 23 -45.69 42.27 -47.55
N VAL M 24 -46.08 43.17 -46.64
CA VAL M 24 -46.89 42.82 -45.48
C VAL M 24 -48.22 43.57 -45.60
N SER M 25 -49.31 42.84 -45.52
CA SER M 25 -50.64 43.41 -45.67
C SER M 25 -51.63 42.55 -44.91
N GLY M 26 -52.87 43.04 -44.82
CA GLY M 26 -53.91 42.35 -44.07
C GLY M 26 -53.62 42.21 -42.59
N ASP M 27 -52.54 42.80 -42.10
CA ASP M 27 -52.10 42.71 -40.71
C ASP M 27 -50.93 43.65 -40.54
N SER M 28 -50.69 44.05 -39.29
CA SER M 28 -49.61 44.98 -39.01
C SER M 28 -48.25 44.32 -39.24
N MET M 29 -47.21 45.14 -39.27
CA MET M 29 -45.84 44.68 -39.47
C MET M 29 -45.02 44.69 -38.20
N ASN M 30 -45.18 45.71 -37.35
CA ASN M 30 -44.41 45.80 -36.12
C ASN M 30 -44.86 44.80 -35.06
N ASN M 31 -46.04 44.21 -35.20
CA ASN M 31 -46.53 43.26 -34.20
C ASN M 31 -45.68 42.00 -34.18
N TYR M 32 -45.46 41.40 -35.34
CA TYR M 32 -44.68 40.17 -35.47
C TYR M 32 -43.40 40.45 -36.25
N TYR M 33 -42.68 39.39 -36.56
CA TYR M 33 -41.37 39.49 -37.20
C TYR M 33 -41.29 38.57 -38.41
N TRP M 34 -40.58 39.02 -39.43
CA TRP M 34 -40.52 38.33 -40.71
C TRP M 34 -39.07 37.99 -41.06
N THR M 35 -38.90 37.10 -42.04
CA THR M 35 -37.58 36.68 -42.46
C THR M 35 -37.64 36.22 -43.92
N TRP M 36 -36.57 35.57 -44.35
CA TRP M 36 -36.38 35.16 -45.74
C TRP M 36 -35.90 33.71 -45.83
N ILE M 37 -36.33 33.04 -46.89
CA ILE M 37 -35.98 31.65 -47.19
C ILE M 37 -35.63 31.56 -48.68
N ARG M 38 -34.80 30.59 -49.05
CA ARG M 38 -34.48 30.32 -50.44
C ARG M 38 -34.31 28.82 -50.62
N GLN M 39 -34.53 28.34 -51.84
CA GLN M 39 -34.18 26.96 -52.16
C GLN M 39 -33.85 26.88 -53.65
N SER M 40 -33.13 25.82 -54.02
CA SER M 40 -32.65 25.62 -55.37
C SER M 40 -33.12 24.29 -55.93
N PRO M 41 -33.41 24.22 -57.24
CA PRO M 41 -33.75 22.92 -57.83
C PRO M 41 -32.57 21.97 -57.74
N GLY M 42 -32.87 20.69 -57.50
CA GLY M 42 -31.84 19.69 -57.34
C GLY M 42 -31.22 19.67 -55.95
N LYS M 43 -31.31 20.80 -55.25
CA LYS M 43 -30.76 20.93 -53.91
C LYS M 43 -31.88 21.17 -52.90
N GLY M 44 -31.50 21.37 -51.64
CA GLY M 44 -32.44 21.60 -50.57
C GLY M 44 -32.74 23.07 -50.37
N LEU M 45 -33.37 23.37 -49.23
CA LEU M 45 -33.73 24.73 -48.90
C LEU M 45 -32.55 25.45 -48.24
N GLU M 46 -32.49 26.77 -48.44
CA GLU M 46 -31.42 27.58 -47.87
C GLU M 46 -32.00 28.92 -47.45
N TRP M 47 -32.41 28.99 -46.18
CA TRP M 47 -32.63 30.23 -45.46
C TRP M 47 -31.48 31.21 -45.72
N ILE M 48 -31.80 32.49 -45.76
CA ILE M 48 -30.78 33.52 -45.94
C ILE M 48 -30.26 34.07 -44.61
N GLY M 49 -31.11 34.26 -43.62
CA GLY M 49 -30.75 34.85 -42.36
C GLY M 49 -32.00 35.33 -41.64
N TYR M 50 -31.82 36.33 -40.78
CA TYR M 50 -32.94 36.87 -40.02
C TYR M 50 -32.70 38.34 -39.74
N ILE M 51 -33.77 39.12 -39.81
CA ILE M 51 -33.78 40.52 -39.39
C ILE M 51 -34.81 40.65 -38.27
N SER M 52 -34.38 41.17 -37.12
CA SER M 52 -35.23 41.34 -35.96
C SER M 52 -35.44 42.83 -35.67
N ASP M 53 -36.06 43.11 -34.53
CA ASP M 53 -36.38 44.49 -34.17
C ASP M 53 -35.12 45.35 -34.10
N ARG M 54 -34.05 44.84 -33.51
CA ARG M 54 -32.79 45.55 -33.46
C ARG M 54 -32.12 45.69 -34.82
N GLU M 55 -32.69 45.08 -35.86
CA GLU M 55 -32.27 45.24 -37.26
C GLU M 55 -30.85 44.73 -37.53
N SER M 56 -30.18 44.16 -36.53
CA SER M 56 -28.88 43.56 -36.77
C SER M 56 -29.05 42.27 -37.56
N ALA M 57 -28.26 42.11 -38.60
CA ALA M 57 -28.46 41.04 -39.57
C ALA M 57 -27.65 39.82 -39.19
N THR M 58 -28.34 38.72 -38.91
CA THR M 58 -27.71 37.42 -38.72
C THR M 58 -27.52 36.78 -40.09
N TYR M 59 -26.30 36.32 -40.35
CA TYR M 59 -25.90 35.92 -41.69
C TYR M 59 -25.62 34.42 -41.76
N ASN M 60 -25.58 33.92 -42.99
CA ASN M 60 -25.30 32.52 -43.24
C ASN M 60 -23.79 32.29 -43.38
N PRO M 61 -23.17 31.49 -42.50
CA PRO M 61 -21.74 31.20 -42.66
C PRO M 61 -21.40 30.38 -43.89
N SER M 62 -22.36 29.62 -44.45
CA SER M 62 -22.08 28.79 -45.61
C SER M 62 -22.24 29.54 -46.92
N LEU M 63 -22.69 30.79 -46.89
CA LEU M 63 -22.76 31.63 -48.08
C LEU M 63 -21.73 32.75 -48.04
N ASN M 64 -20.76 32.67 -47.13
CA ASN M 64 -19.62 33.58 -47.06
C ASN M 64 -20.02 35.03 -46.83
N SER M 65 -21.24 35.27 -46.33
CA SER M 65 -21.70 36.61 -45.96
C SER M 65 -21.62 37.58 -47.13
N ARG M 66 -22.00 37.12 -48.33
CA ARG M 66 -22.00 37.96 -49.51
C ARG M 66 -23.39 38.43 -49.91
N VAL M 67 -24.27 38.67 -48.94
CA VAL M 67 -25.62 39.15 -49.21
C VAL M 67 -25.84 40.42 -48.41
N VAL M 68 -26.92 41.12 -48.75
CA VAL M 68 -27.32 42.36 -48.08
C VAL M 68 -28.79 42.20 -47.71
N ILE M 69 -29.05 41.77 -46.48
CA ILE M 69 -30.42 41.61 -46.00
C ILE M 69 -30.74 42.75 -45.05
N SER M 70 -31.96 43.29 -45.20
CA SER M 70 -32.39 44.44 -44.41
C SER M 70 -33.91 44.50 -44.44
N ARG M 71 -34.46 45.61 -43.96
CA ARG M 71 -35.90 45.80 -43.91
C ARG M 71 -36.19 47.29 -43.73
N ASP M 72 -37.22 47.77 -44.42
CA ASP M 72 -37.62 49.18 -44.34
C ASP M 72 -39.10 49.24 -44.03
N THR M 73 -39.49 50.17 -43.14
CA THR M 73 -40.86 50.25 -42.67
C THR M 73 -41.73 51.13 -43.57
N SER M 74 -41.12 52.06 -44.31
CA SER M 74 -41.89 53.06 -45.06
C SER M 74 -42.90 52.42 -46.00
N LYS M 75 -42.43 51.65 -46.97
CA LYS M 75 -43.30 50.98 -47.90
C LYS M 75 -43.64 49.56 -47.48
N ASN M 76 -43.50 49.25 -46.19
CA ASN M 76 -43.92 47.97 -45.61
C ASN M 76 -43.27 46.80 -46.34
N GLN M 77 -41.95 46.87 -46.50
CA GLN M 77 -41.21 45.94 -47.34
C GLN M 77 -40.04 45.34 -46.57
N LEU M 78 -39.75 44.09 -46.87
CA LEU M 78 -38.51 43.43 -46.43
C LEU M 78 -37.50 43.57 -47.56
N SER M 79 -36.35 44.15 -47.25
CA SER M 79 -35.36 44.51 -48.26
C SER M 79 -34.19 43.53 -48.21
N LEU M 80 -34.24 42.50 -49.06
CA LEU M 80 -33.16 41.55 -49.21
C LEU M 80 -32.43 41.81 -50.50
N LYS M 81 -31.10 41.88 -50.43
CA LYS M 81 -30.23 42.06 -51.59
C LYS M 81 -29.11 41.05 -51.55
N LEU M 82 -28.58 40.69 -52.72
CA LEU M 82 -27.40 39.85 -52.83
C LEU M 82 -26.36 40.61 -53.64
N ASN M 83 -25.29 41.07 -52.99
CA ASN M 83 -24.18 41.65 -53.73
C ASN M 83 -23.25 40.54 -54.22
N SER M 84 -22.64 40.78 -55.37
CA SER M 84 -21.70 39.83 -55.99
C SER M 84 -22.35 38.45 -56.16
N VAL M 85 -23.39 38.40 -56.99
CA VAL M 85 -24.12 37.16 -57.20
C VAL M 85 -23.29 36.23 -58.08
N THR M 86 -23.05 35.01 -57.60
CA THR M 86 -22.36 33.99 -58.37
C THR M 86 -23.33 33.28 -59.31
N PRO M 87 -22.85 32.76 -60.44
CA PRO M 87 -23.75 32.05 -61.38
C PRO M 87 -24.46 30.85 -60.77
N ALA M 88 -24.00 30.39 -59.61
CA ALA M 88 -24.62 29.25 -58.95
C ALA M 88 -25.97 29.59 -58.30
N ASP M 89 -26.34 30.86 -58.26
CA ASP M 89 -27.54 31.30 -57.54
C ASP M 89 -28.81 31.28 -58.39
N THR M 90 -28.84 30.55 -59.50
CA THR M 90 -30.03 30.49 -60.34
C THR M 90 -31.08 29.63 -59.66
N ALA M 91 -31.97 30.25 -58.91
CA ALA M 91 -32.98 29.52 -58.14
C ALA M 91 -34.08 30.51 -57.73
N VAL M 92 -34.90 30.08 -56.77
CA VAL M 92 -36.07 30.82 -56.32
C VAL M 92 -35.87 31.24 -54.87
N TYR M 93 -36.34 32.45 -54.54
CA TYR M 93 -36.21 33.03 -53.21
C TYR M 93 -37.59 33.09 -52.58
N TYR M 94 -37.69 32.68 -51.32
CA TYR M 94 -38.96 32.63 -50.61
C TYR M 94 -39.06 33.75 -49.57
N CYS M 95 -40.26 33.86 -49.00
CA CYS M 95 -40.51 34.66 -47.80
C CYS M 95 -40.98 33.74 -46.70
N ALA M 96 -40.78 34.16 -45.45
CA ALA M 96 -41.28 33.43 -44.30
C ALA M 96 -41.40 34.36 -43.10
N THR M 97 -42.27 33.98 -42.18
CA THR M 97 -42.40 34.67 -40.91
C THR M 97 -41.43 34.03 -39.91
N ALA M 98 -41.48 34.48 -38.65
CA ALA M 98 -40.61 33.90 -37.63
C ALA M 98 -41.20 34.21 -36.26
N ARG M 99 -41.61 33.16 -35.55
CA ARG M 99 -42.00 33.27 -34.14
C ARG M 99 -40.83 32.80 -33.30
N ARG M 100 -40.34 33.68 -32.42
CA ARG M 100 -39.15 33.40 -31.62
C ARG M 100 -39.57 32.52 -30.44
N GLY M 101 -39.53 31.21 -30.65
CA GLY M 101 -39.91 30.29 -29.61
C GLY M 101 -38.78 30.06 -28.62
N GLN M 102 -39.14 30.07 -27.33
CA GLN M 102 -38.17 29.91 -26.26
C GLN M 102 -38.21 28.46 -25.78
N ARG M 103 -37.19 27.69 -26.14
CA ARG M 103 -37.06 26.31 -25.73
C ARG M 103 -36.41 26.28 -24.35
N ILE M 104 -37.12 25.78 -23.35
CA ILE M 104 -36.56 25.59 -22.02
C ILE M 104 -36.20 24.12 -21.87
N TYR M 105 -34.99 23.86 -21.37
CA TYR M 105 -34.60 22.51 -21.00
C TYR M 105 -33.81 22.44 -19.70
N GLY M 106 -33.41 23.56 -19.13
CA GLY M 106 -32.68 23.59 -17.88
C GLY M 106 -33.23 24.60 -16.90
N VAL M 107 -32.39 25.52 -16.46
CA VAL M 107 -32.79 26.59 -15.56
C VAL M 107 -32.60 27.92 -16.27
N VAL M 108 -33.62 28.79 -16.15
CA VAL M 108 -33.54 30.10 -16.79
C VAL M 108 -32.43 30.94 -16.18
N SER M 109 -32.20 30.79 -14.86
CA SER M 109 -31.28 31.67 -14.15
C SER M 109 -29.84 31.54 -14.63
N PHE M 110 -29.48 30.40 -15.23
CA PHE M 110 -28.10 30.16 -15.64
C PHE M 110 -27.93 30.17 -17.16
N GLY M 111 -28.92 30.68 -17.90
CA GLY M 111 -28.82 30.65 -19.34
C GLY M 111 -28.72 29.24 -19.88
N GLU M 112 -29.52 28.32 -19.34
CA GLU M 112 -29.43 26.90 -19.66
C GLU M 112 -30.55 26.49 -20.60
N PHE M 113 -30.83 27.35 -21.58
CA PHE M 113 -31.86 27.13 -22.58
C PHE M 113 -31.31 27.59 -23.93
N PHE M 114 -32.17 27.59 -24.94
CA PHE M 114 -31.82 28.18 -26.23
C PHE M 114 -33.12 28.56 -26.94
N TYR M 115 -32.98 29.42 -27.94
CA TYR M 115 -34.11 29.95 -28.67
C TYR M 115 -34.22 29.23 -30.02
N TYR M 116 -35.41 28.72 -30.33
CA TYR M 116 -35.70 28.14 -31.61
C TYR M 116 -36.56 29.09 -32.41
N TYR M 117 -36.15 29.38 -33.64
CA TYR M 117 -36.84 30.34 -34.49
C TYR M 117 -37.78 29.60 -35.42
N SER M 118 -39.03 29.43 -34.99
CA SER M 118 -40.04 28.72 -35.75
C SER M 118 -40.70 29.68 -36.74
N MET M 119 -41.05 29.17 -37.91
CA MET M 119 -41.70 29.94 -38.97
C MET M 119 -43.03 29.29 -39.32
N ASP M 120 -44.06 30.11 -39.54
CA ASP M 120 -45.39 29.60 -39.87
C ASP M 120 -45.85 30.00 -41.26
N VAL M 121 -45.88 31.29 -41.58
CA VAL M 121 -46.48 31.79 -42.81
C VAL M 121 -45.37 32.12 -43.79
N TRP M 122 -45.48 31.62 -45.01
CA TRP M 122 -44.46 31.77 -46.04
C TRP M 122 -45.04 32.53 -47.23
N GLY M 123 -44.19 32.73 -48.24
CA GLY M 123 -44.62 33.38 -49.47
C GLY M 123 -44.81 32.40 -50.61
N LYS M 124 -44.60 32.85 -51.84
CA LYS M 124 -44.72 32.02 -53.03
C LYS M 124 -43.38 31.79 -53.72
N GLY M 125 -42.64 32.84 -53.99
CA GLY M 125 -41.30 32.72 -54.53
C GLY M 125 -41.24 33.08 -56.01
N THR M 126 -40.14 33.76 -56.39
CA THR M 126 -39.84 34.07 -57.78
C THR M 126 -38.46 33.54 -58.13
N THR M 127 -38.37 32.88 -59.28
CA THR M 127 -37.14 32.26 -59.73
C THR M 127 -36.39 33.24 -60.62
N VAL M 128 -35.12 33.48 -60.29
CA VAL M 128 -34.26 34.39 -61.05
C VAL M 128 -33.02 33.62 -61.48
N THR M 129 -32.69 33.72 -62.76
CA THR M 129 -31.48 33.10 -63.31
C THR M 129 -30.38 34.16 -63.37
N VAL M 130 -29.15 33.74 -63.09
CA VAL M 130 -27.99 34.63 -63.11
C VAL M 130 -26.95 34.04 -64.05
N SER M 131 -26.56 34.81 -65.06
CA SER M 131 -25.54 34.45 -66.02
C SER M 131 -25.19 35.72 -66.79
N SER M 132 -24.41 35.57 -67.87
CA SER M 132 -24.02 36.73 -68.66
C SER M 132 -25.22 37.51 -69.19
N ALA M 133 -26.37 36.85 -69.36
CA ALA M 133 -27.58 37.53 -69.77
C ALA M 133 -28.18 38.33 -68.62
N SER M 134 -29.04 39.27 -68.95
CA SER M 134 -29.70 40.11 -67.95
C SER M 134 -31.20 40.18 -68.21
N VAL N 2 38.71 42.62 -26.27
CA VAL N 2 39.06 43.60 -25.25
C VAL N 2 37.82 44.39 -24.85
N ARG N 3 37.82 44.92 -23.63
CA ARG N 3 36.72 45.74 -23.12
C ARG N 3 37.22 47.12 -22.72
N PRO N 4 36.88 48.17 -23.46
CA PRO N 4 37.29 49.52 -23.07
C PRO N 4 36.46 50.02 -21.89
N LEU N 5 37.11 50.79 -21.02
CA LEU N 5 36.45 51.40 -19.88
C LEU N 5 36.87 52.86 -19.78
N SER N 6 36.29 53.56 -18.80
CA SER N 6 36.62 54.95 -18.55
C SER N 6 36.41 55.25 -17.07
N VAL N 7 37.16 56.23 -16.56
CA VAL N 7 37.12 56.58 -15.15
C VAL N 7 37.64 58.00 -15.00
N ALA N 8 37.28 58.65 -13.88
CA ALA N 8 37.65 60.02 -13.61
C ALA N 8 39.01 60.08 -12.92
N LEU N 9 39.36 61.26 -12.39
CA LEU N 9 40.65 61.50 -11.78
C LEU N 9 40.50 61.83 -10.30
N GLY N 10 41.52 61.47 -9.53
CA GLY N 10 41.56 61.79 -8.10
C GLY N 10 40.45 61.17 -7.30
N GLU N 11 40.15 59.90 -7.52
CA GLU N 11 39.10 59.20 -6.80
C GLU N 11 39.40 57.71 -6.77
N THR N 12 38.69 56.99 -5.90
CA THR N 12 38.85 55.54 -5.79
C THR N 12 38.04 54.86 -6.87
N ALA N 13 38.68 53.97 -7.63
CA ALA N 13 38.06 53.28 -8.76
C ALA N 13 38.31 51.78 -8.64
N ARG N 14 37.37 51.00 -9.16
CA ARG N 14 37.42 49.54 -9.10
C ARG N 14 37.58 48.97 -10.50
N ILE N 15 38.43 47.95 -10.65
CA ILE N 15 38.68 47.29 -11.92
C ILE N 15 38.61 45.78 -11.66
N SER N 16 37.57 45.14 -12.17
CA SER N 16 37.40 43.71 -12.06
C SER N 16 37.62 43.04 -13.42
N CYS N 17 38.10 41.80 -13.39
CA CYS N 17 38.38 41.05 -14.61
C CYS N 17 37.28 40.03 -14.88
N GLY N 18 37.35 39.44 -16.07
CA GLY N 18 36.24 38.70 -16.64
C GLY N 18 36.00 37.29 -16.14
N ARG N 19 37.02 36.44 -16.17
CA ARG N 19 36.82 35.02 -15.87
C ARG N 19 36.27 34.84 -14.47
N GLN N 20 35.21 34.03 -14.37
CA GLN N 20 34.59 33.79 -13.07
C GLN N 20 35.53 32.98 -12.18
N ALA N 21 35.55 33.33 -10.90
CA ALA N 21 36.42 32.67 -9.93
C ALA N 21 35.78 31.35 -9.50
N LEU N 22 35.90 30.36 -10.36
CA LEU N 22 35.38 29.01 -10.09
C LEU N 22 36.40 28.30 -9.21
N GLY N 23 36.19 28.40 -7.91
CA GLY N 23 37.16 27.95 -6.93
C GLY N 23 37.88 29.11 -6.28
N SER N 24 38.86 28.76 -5.45
CA SER N 24 39.68 29.76 -4.78
C SER N 24 40.62 30.42 -5.79
N ARG N 25 40.65 31.75 -5.80
CA ARG N 25 41.34 32.51 -6.84
C ARG N 25 42.67 33.03 -6.33
N ALA N 26 43.67 33.03 -7.23
CA ALA N 26 44.97 33.64 -7.00
C ALA N 26 45.30 34.49 -8.22
N VAL N 27 45.14 35.81 -8.11
CA VAL N 27 45.20 36.69 -9.27
C VAL N 27 46.56 37.36 -9.34
N GLN N 28 46.95 37.72 -10.57
CA GLN N 28 48.16 38.48 -10.85
C GLN N 28 47.77 39.66 -11.75
N TRP N 29 47.88 40.87 -11.23
CA TRP N 29 47.45 42.06 -11.95
C TRP N 29 48.66 42.81 -12.48
N TYR N 30 48.61 43.13 -13.78
CA TYR N 30 49.73 43.78 -14.47
C TYR N 30 49.25 45.07 -15.13
N GLN N 31 50.21 45.95 -15.41
CA GLN N 31 49.97 47.23 -16.07
C GLN N 31 50.92 47.32 -17.27
N HIS N 32 50.38 47.12 -18.47
CA HIS N 32 51.18 47.19 -19.70
C HIS N 32 51.08 48.62 -20.24
N ARG N 33 52.00 49.48 -19.82
CA ARG N 33 52.01 50.83 -20.32
C ARG N 33 52.32 50.83 -21.82
N PRO N 34 51.48 51.50 -22.62
CA PRO N 34 51.43 51.21 -24.06
C PRO N 34 52.74 51.42 -24.80
N GLY N 35 53.21 50.37 -25.46
CA GLY N 35 54.41 50.44 -26.26
C GLY N 35 55.63 49.89 -25.56
N GLN N 36 55.69 50.03 -24.25
CA GLN N 36 56.85 49.63 -23.47
C GLN N 36 56.49 48.60 -22.40
N ALA N 37 57.46 48.26 -21.56
CA ALA N 37 57.38 47.06 -20.74
C ALA N 37 56.34 47.19 -19.65
N PRO N 38 55.68 46.09 -19.29
CA PRO N 38 54.70 46.09 -18.21
C PRO N 38 55.33 45.86 -16.85
N ILE N 39 54.51 46.05 -15.81
CA ILE N 39 54.93 45.88 -14.42
C ILE N 39 53.87 45.07 -13.69
N LEU N 40 54.26 44.56 -12.52
CA LEU N 40 53.37 43.80 -11.66
C LEU N 40 52.78 44.69 -10.57
N LEU N 41 51.51 44.45 -10.26
CA LEU N 41 50.76 45.34 -9.37
C LEU N 41 50.34 44.65 -8.08
N ILE N 42 49.73 43.47 -8.16
CA ILE N 42 49.30 42.74 -6.98
C ILE N 42 49.32 41.25 -7.30
N TYR N 43 49.82 40.44 -6.37
CA TYR N 43 49.84 39.00 -6.50
C TYR N 43 49.38 38.37 -5.20
N ASN N 44 48.99 37.09 -5.29
CA ASN N 44 48.38 36.35 -4.18
C ASN N 44 47.10 37.00 -3.69
N ASN N 45 46.56 37.93 -4.49
CA ASN N 45 45.32 38.66 -4.27
C ASN N 45 45.44 39.67 -3.14
N GLN N 46 46.52 39.57 -2.36
CA GLN N 46 46.78 40.57 -1.31
C GLN N 46 48.25 40.93 -1.14
N ASP N 47 49.19 40.16 -1.67
CA ASP N 47 50.61 40.41 -1.44
C ASP N 47 51.08 41.51 -2.40
N ARG N 48 51.40 42.67 -1.84
CA ARG N 48 51.68 43.86 -2.64
C ARG N 48 53.17 44.02 -2.85
N PRO N 49 53.66 44.05 -4.09
CA PRO N 49 55.08 44.29 -4.32
C PRO N 49 55.46 45.72 -3.97
N SER N 50 56.73 45.89 -3.61
CA SER N 50 57.25 47.21 -3.31
C SER N 50 57.38 48.04 -4.58
N GLY N 51 57.52 49.35 -4.40
CA GLY N 51 57.61 50.26 -5.53
C GLY N 51 56.29 50.57 -6.20
N ILE N 52 55.17 50.18 -5.58
CA ILE N 52 53.84 50.42 -6.12
C ILE N 52 53.11 51.35 -5.15
N PRO N 53 52.64 52.52 -5.57
CA PRO N 53 51.93 53.42 -4.67
C PRO N 53 50.66 52.75 -4.15
N GLU N 54 50.33 53.00 -2.88
CA GLU N 54 49.20 52.36 -2.22
C GLU N 54 47.86 52.74 -2.87
N ARG N 55 47.91 53.59 -3.89
CA ARG N 55 46.73 53.90 -4.67
C ARG N 55 46.13 52.65 -5.31
N PHE N 56 46.97 51.65 -5.58
CA PHE N 56 46.60 50.51 -6.42
C PHE N 56 46.59 49.26 -5.54
N SER N 57 45.45 48.98 -4.90
CA SER N 57 45.31 47.81 -4.06
C SER N 57 44.37 46.80 -4.73
N GLY N 58 44.30 45.61 -4.15
CA GLY N 58 43.50 44.52 -4.69
C GLY N 58 42.42 44.11 -3.71
N THR N 59 41.89 42.90 -3.91
CA THR N 59 40.88 42.37 -3.01
C THR N 59 41.43 41.14 -2.31
N PRO N 60 41.37 41.13 -0.97
CA PRO N 60 41.86 39.98 -0.21
C PRO N 60 40.99 38.78 -0.51
N ASP N 61 41.58 37.59 -0.58
CA ASP N 61 40.78 36.42 -0.89
C ASP N 61 40.30 35.74 0.38
N ILE N 62 39.02 35.95 0.68
CA ILE N 62 38.39 35.36 1.85
C ILE N 62 37.11 34.68 1.40
N ASN N 63 36.91 33.44 1.82
CA ASN N 63 35.71 32.66 1.47
C ASN N 63 35.51 32.61 -0.05
N PHE N 64 34.30 32.94 -0.49
CA PHE N 64 33.96 32.92 -1.91
C PHE N 64 32.80 33.87 -2.22
N GLY N 65 32.55 34.09 -3.50
CA GLY N 65 31.47 34.97 -3.94
C GLY N 65 31.88 36.42 -4.16
N THR N 66 33.17 36.71 -3.96
CA THR N 66 33.66 38.06 -4.18
C THR N 66 34.53 38.02 -5.43
N ARG N 67 34.15 38.80 -6.44
CA ARG N 67 34.88 38.85 -7.70
C ARG N 67 36.26 39.50 -7.62
N ALA N 68 37.20 38.96 -8.37
CA ALA N 68 38.55 39.49 -8.44
C ALA N 68 38.51 40.91 -9.00
N THR N 69 38.70 41.90 -8.14
CA THR N 69 38.68 43.30 -8.54
C THR N 69 39.96 43.98 -8.09
N LEU N 70 40.38 44.98 -8.86
CA LEU N 70 41.58 45.77 -8.56
C LEU N 70 41.15 47.17 -8.18
N THR N 71 41.44 47.56 -6.94
CA THR N 71 41.06 48.88 -6.44
C THR N 71 42.10 49.90 -6.88
N ILE N 72 41.63 51.03 -7.38
CA ILE N 72 42.47 52.07 -7.96
C ILE N 72 42.05 53.40 -7.36
N SER N 73 43.01 54.20 -6.90
CA SER N 73 42.73 55.47 -6.23
C SER N 73 43.60 56.56 -6.82
N GLY N 74 43.04 57.37 -7.72
CA GLY N 74 43.76 58.54 -8.20
C GLY N 74 44.83 58.26 -9.23
N VAL N 75 44.42 57.83 -10.42
CA VAL N 75 45.37 57.59 -11.50
C VAL N 75 46.08 58.87 -11.89
N GLU N 76 47.16 58.72 -12.67
CA GLU N 76 47.87 59.87 -13.23
C GLU N 76 47.97 59.74 -14.75
N ALA N 77 48.73 60.64 -15.37
CA ALA N 77 48.90 60.59 -16.82
C ALA N 77 49.62 59.32 -17.28
N GLY N 78 50.44 58.72 -16.43
CA GLY N 78 51.13 57.49 -16.77
C GLY N 78 50.33 56.22 -16.55
N ASP N 79 49.10 56.33 -16.05
CA ASP N 79 48.28 55.16 -15.77
C ASP N 79 47.39 54.75 -16.93
N GLU N 80 47.33 55.54 -18.00
CA GLU N 80 46.66 55.08 -19.22
C GLU N 80 47.50 53.96 -19.82
N ALA N 81 46.94 52.75 -19.83
CA ALA N 81 47.71 51.56 -20.16
C ALA N 81 46.75 50.40 -20.40
N ASP N 82 47.32 49.21 -20.53
CA ASP N 82 46.56 47.97 -20.62
C ASP N 82 46.75 47.20 -19.32
N TYR N 83 45.64 46.79 -18.71
CA TYR N 83 45.66 46.12 -17.42
C TYR N 83 45.22 44.67 -17.61
N TYR N 84 45.97 43.76 -17.01
CA TYR N 84 45.79 42.32 -17.21
C TYR N 84 45.46 41.65 -15.88
N CYS N 85 44.46 40.77 -15.90
CA CYS N 85 44.11 39.96 -14.75
C CYS N 85 44.53 38.53 -15.05
N HIS N 86 45.57 38.07 -14.36
CA HIS N 86 46.09 36.70 -14.52
C HIS N 86 45.69 35.92 -13.28
N MET N 87 44.71 35.04 -13.43
CA MET N 87 43.97 34.46 -12.33
C MET N 87 44.23 32.96 -12.25
N TRP N 88 44.61 32.48 -11.07
CA TRP N 88 44.87 31.08 -10.80
C TRP N 88 43.80 30.53 -9.87
N ASP N 89 43.25 29.36 -10.21
CA ASP N 89 42.26 28.70 -9.37
C ASP N 89 42.60 27.22 -9.31
N SER N 90 41.72 26.44 -8.69
CA SER N 90 41.89 25.00 -8.55
C SER N 90 41.00 24.20 -9.50
N ARG N 91 40.22 24.86 -10.34
CA ARG N 91 39.31 24.18 -11.26
C ARG N 91 39.68 24.35 -12.72
N SER N 92 40.25 25.48 -13.10
CA SER N 92 40.64 25.68 -14.49
C SER N 92 41.94 24.96 -14.83
N GLY N 93 42.37 24.03 -14.00
CA GLY N 93 43.66 23.39 -14.23
C GLY N 93 44.76 24.42 -14.14
N PHE N 94 45.64 24.42 -15.14
CA PHE N 94 46.66 25.44 -15.23
C PHE N 94 46.10 26.63 -16.01
N SER N 95 46.22 27.83 -15.43
CA SER N 95 45.78 29.05 -16.10
C SER N 95 46.84 29.43 -17.12
N TRP N 96 46.79 28.76 -18.28
CA TRP N 96 47.85 28.90 -19.27
C TRP N 96 47.80 30.24 -19.99
N SER N 97 46.67 30.93 -19.96
CA SER N 97 46.51 32.20 -20.66
C SER N 97 46.32 33.34 -19.66
N PHE N 98 46.42 34.56 -20.18
CA PHE N 98 46.19 35.76 -19.38
C PHE N 98 44.81 36.35 -19.59
N GLY N 99 44.07 35.87 -20.59
CA GLY N 99 42.78 36.45 -20.92
C GLY N 99 42.92 37.69 -21.77
N GLY N 100 41.78 38.34 -21.99
CA GLY N 100 41.74 39.57 -22.77
C GLY N 100 42.36 40.74 -22.04
N ALA N 101 42.05 41.93 -22.53
CA ALA N 101 42.55 43.17 -21.95
C ALA N 101 41.39 43.96 -21.39
N THR N 102 41.44 44.26 -20.09
CA THR N 102 40.47 45.14 -19.45
C THR N 102 41.01 46.56 -19.58
N ARG N 103 40.75 47.17 -20.73
CA ARG N 103 41.31 48.47 -21.07
C ARG N 103 40.48 49.58 -20.45
N LEU N 104 41.15 50.56 -19.86
CA LEU N 104 40.51 51.75 -19.32
C LEU N 104 41.01 52.97 -20.08
N THR N 105 40.08 53.82 -20.52
CA THR N 105 40.39 55.07 -21.20
C THR N 105 39.99 56.18 -20.24
N VAL N 106 40.96 56.61 -19.42
CA VAL N 106 40.66 57.53 -18.33
C VAL N 106 40.20 58.87 -18.90
N LEU N 107 39.23 59.47 -18.22
CA LEU N 107 38.62 60.71 -18.67
C LEU N 107 38.84 61.84 -17.67
N GLY N 108 38.93 63.06 -18.19
CA GLY N 108 39.09 64.23 -17.36
C GLY N 108 40.39 64.27 -16.61
N GLN N 109 41.50 64.19 -17.34
CA GLN N 109 42.82 64.14 -16.71
C GLN N 109 43.47 65.51 -16.76
N PRO N 110 43.97 66.04 -15.62
CA PRO N 110 44.75 67.28 -15.58
C PRO N 110 46.12 67.12 -16.22
N VAL O 2 33.90 -34.39 -44.15
CA VAL O 2 34.51 -35.66 -43.78
C VAL O 2 35.67 -35.44 -42.82
N ARG O 3 35.90 -36.41 -41.93
CA ARG O 3 36.93 -36.29 -40.90
C ARG O 3 37.95 -37.40 -41.07
N PRO O 4 39.12 -37.13 -41.67
CA PRO O 4 40.15 -38.18 -41.80
C PRO O 4 40.84 -38.41 -40.46
N LEU O 5 40.70 -39.62 -39.94
CA LEU O 5 41.32 -39.97 -38.63
C LEU O 5 42.54 -40.86 -38.87
N SER O 6 43.66 -40.55 -38.24
CA SER O 6 44.88 -41.39 -38.38
C SER O 6 45.11 -42.16 -37.07
N VAL O 7 45.05 -43.49 -37.11
CA VAL O 7 45.24 -44.28 -35.89
C VAL O 7 46.36 -45.31 -35.99
N ALA O 8 47.22 -45.32 -34.98
CA ALA O 8 48.32 -46.27 -34.93
C ALA O 8 47.77 -47.67 -34.69
N LEU O 9 48.43 -48.67 -35.26
CA LEU O 9 47.98 -50.05 -35.10
C LEU O 9 48.07 -50.50 -33.64
N GLY O 10 47.10 -51.30 -33.21
CA GLY O 10 47.05 -51.79 -31.85
C GLY O 10 46.39 -50.84 -30.87
N GLU O 11 46.44 -51.23 -29.60
CA GLU O 11 45.88 -50.47 -28.48
C GLU O 11 44.38 -50.20 -28.65
N THR O 12 43.97 -48.95 -28.43
CA THR O 12 42.56 -48.58 -28.54
C THR O 12 42.35 -47.27 -29.30
N ALA O 13 41.21 -47.16 -29.96
CA ALA O 13 40.84 -45.97 -30.72
C ALA O 13 39.41 -45.58 -30.35
N ARG O 14 39.11 -44.29 -30.33
CA ARG O 14 37.75 -43.83 -29.96
C ARG O 14 37.14 -43.07 -31.15
N ILE O 15 35.98 -43.52 -31.63
CA ILE O 15 35.31 -42.84 -32.75
C ILE O 15 34.02 -42.22 -32.24
N SER O 16 33.99 -40.89 -32.13
CA SER O 16 32.80 -40.15 -31.77
C SER O 16 32.30 -39.38 -33.00
N CYS O 17 30.98 -39.29 -33.14
CA CYS O 17 30.38 -38.67 -34.31
C CYS O 17 29.97 -37.23 -34.03
N GLY O 18 29.42 -36.59 -35.06
CA GLY O 18 29.19 -35.16 -35.04
C GLY O 18 27.92 -34.70 -34.33
N ARG O 19 26.77 -35.23 -34.71
CA ARG O 19 25.51 -34.73 -34.17
C ARG O 19 25.44 -34.97 -32.66
N GLN O 20 25.03 -33.93 -31.94
CA GLN O 20 24.95 -34.03 -30.48
C GLN O 20 23.73 -34.83 -30.07
N ALA O 21 23.88 -35.59 -28.99
CA ALA O 21 22.80 -36.43 -28.51
C ALA O 21 21.73 -35.61 -27.80
N LEU O 22 20.96 -34.85 -28.58
CA LEU O 22 19.88 -34.02 -28.03
C LEU O 22 18.75 -34.94 -27.59
N GLY O 23 18.67 -35.20 -26.29
CA GLY O 23 17.75 -36.19 -25.76
C GLY O 23 18.33 -37.58 -25.79
N SER O 24 17.54 -38.53 -25.32
CA SER O 24 17.96 -39.93 -25.32
C SER O 24 18.18 -40.41 -26.75
N ARG O 25 19.29 -41.11 -26.97
CA ARG O 25 19.74 -41.45 -28.30
C ARG O 25 19.76 -42.96 -28.52
N ALA O 26 19.57 -43.35 -29.77
CA ALA O 26 19.68 -44.74 -30.22
C ALA O 26 20.50 -44.72 -31.51
N VAL O 27 21.80 -44.93 -31.39
CA VAL O 27 22.73 -44.72 -32.50
C VAL O 27 22.88 -46.00 -33.30
N GLN O 28 23.19 -45.83 -34.59
CA GLN O 28 23.51 -46.93 -35.49
C GLN O 28 24.85 -46.64 -36.15
N TRP O 29 25.74 -47.63 -36.16
CA TRP O 29 27.07 -47.48 -36.72
C TRP O 29 27.27 -48.46 -37.87
N TYR O 30 27.79 -47.97 -38.98
CA TYR O 30 27.94 -48.74 -40.21
C TYR O 30 29.40 -48.75 -40.66
N GLN O 31 29.71 -49.71 -41.54
CA GLN O 31 31.06 -49.91 -42.09
C GLN O 31 30.98 -49.89 -43.61
N HIS O 32 31.06 -48.71 -44.20
CA HIS O 32 31.07 -48.57 -45.65
C HIS O 32 32.50 -48.67 -46.16
N ARG O 33 32.92 -49.89 -46.48
CA ARG O 33 34.20 -50.06 -47.13
C ARG O 33 34.16 -49.43 -48.52
N PRO O 34 35.24 -48.79 -48.95
CA PRO O 34 35.22 -48.10 -50.25
C PRO O 34 35.08 -49.07 -51.43
N GLY O 35 33.94 -49.02 -52.11
CA GLY O 35 33.73 -49.86 -53.28
C GLY O 35 32.72 -50.97 -53.09
N GLN O 36 32.73 -51.61 -51.93
CA GLN O 36 31.89 -52.77 -51.65
C GLN O 36 30.77 -52.40 -50.69
N ALA O 37 29.86 -53.35 -50.51
CA ALA O 37 28.65 -53.10 -49.74
C ALA O 37 28.97 -52.90 -48.26
N PRO O 38 28.26 -52.00 -47.57
CA PRO O 38 28.52 -51.76 -46.16
C PRO O 38 27.79 -52.74 -45.27
N ILE O 39 28.12 -52.69 -43.97
CA ILE O 39 27.50 -53.52 -42.95
C ILE O 39 27.22 -52.67 -41.72
N LEU O 40 26.40 -53.22 -40.82
CA LEU O 40 26.09 -52.58 -39.54
C LEU O 40 26.91 -53.22 -38.42
N LEU O 41 27.27 -52.42 -37.43
CA LEU O 41 28.17 -52.86 -36.37
C LEU O 41 27.50 -52.90 -35.01
N ILE O 42 26.92 -51.81 -34.55
CA ILE O 42 26.33 -51.72 -33.22
C ILE O 42 25.00 -50.99 -33.32
N TYR O 43 23.96 -51.57 -32.71
CA TYR O 43 22.64 -50.98 -32.74
C TYR O 43 22.03 -51.02 -31.34
N ASN O 44 21.07 -50.13 -31.11
CA ASN O 44 20.45 -49.93 -29.80
C ASN O 44 21.47 -49.50 -28.73
N ASN O 45 22.62 -49.01 -29.19
CA ASN O 45 23.69 -48.45 -28.36
C ASN O 45 24.41 -49.51 -27.54
N GLN O 46 23.86 -50.72 -27.48
CA GLN O 46 24.56 -51.82 -26.83
C GLN O 46 24.53 -53.13 -27.60
N ASP O 47 23.56 -53.33 -28.49
CA ASP O 47 23.35 -54.63 -29.12
C ASP O 47 24.16 -54.71 -30.40
N ARG O 48 25.12 -55.62 -30.42
CA ARG O 48 25.99 -55.81 -31.58
C ARG O 48 25.62 -57.11 -32.29
N PRO O 49 25.22 -57.05 -33.55
CA PRO O 49 24.77 -58.27 -34.24
C PRO O 49 25.91 -59.26 -34.43
N SER O 50 25.52 -60.52 -34.62
CA SER O 50 26.48 -61.60 -34.80
C SER O 50 27.27 -61.41 -36.09
N GLY O 51 28.41 -62.08 -36.16
CA GLY O 51 29.32 -61.92 -37.28
C GLY O 51 30.19 -60.69 -37.20
N ILE O 52 30.28 -60.05 -36.03
CA ILE O 52 31.07 -58.83 -35.84
C ILE O 52 32.15 -59.16 -34.82
N PRO O 53 33.41 -58.80 -35.09
CA PRO O 53 34.47 -59.06 -34.11
C PRO O 53 34.26 -58.28 -32.83
N GLU O 54 34.75 -58.85 -31.73
CA GLU O 54 34.68 -58.20 -30.42
C GLU O 54 35.55 -56.95 -30.33
N ARG O 55 36.38 -56.71 -31.34
CA ARG O 55 37.26 -55.54 -31.33
C ARG O 55 36.47 -54.23 -31.39
N PHE O 56 35.18 -54.29 -31.71
CA PHE O 56 34.32 -53.12 -31.78
C PHE O 56 33.26 -53.25 -30.69
N SER O 57 33.36 -52.40 -29.66
CA SER O 57 32.42 -52.43 -28.54
C SER O 57 31.54 -51.19 -28.57
N GLY O 58 30.27 -51.38 -28.23
CA GLY O 58 29.32 -50.29 -28.26
C GLY O 58 29.46 -49.35 -27.07
N THR O 59 28.65 -48.30 -27.09
CA THR O 59 28.65 -47.28 -26.03
C THR O 59 27.32 -47.33 -25.31
N PRO O 60 27.23 -47.93 -24.12
CA PRO O 60 25.98 -47.94 -23.38
C PRO O 60 25.55 -46.54 -22.99
N ASP O 61 24.24 -46.36 -22.89
CA ASP O 61 23.64 -45.06 -22.62
C ASP O 61 23.34 -44.95 -21.12
N ILE O 62 23.66 -43.79 -20.55
CA ILE O 62 23.42 -43.54 -19.13
C ILE O 62 22.46 -42.35 -19.10
N ASN O 63 21.74 -42.17 -20.21
CA ASN O 63 20.68 -41.18 -20.39
C ASN O 63 21.22 -39.77 -20.54
N PHE O 64 22.54 -39.61 -20.46
CA PHE O 64 23.18 -38.31 -20.60
C PHE O 64 24.69 -38.54 -20.73
N GLY O 65 25.44 -37.43 -20.78
CA GLY O 65 26.87 -37.51 -20.65
C GLY O 65 27.61 -37.90 -21.90
N THR O 66 28.02 -39.17 -21.97
CA THR O 66 28.80 -39.65 -23.11
C THR O 66 27.98 -39.56 -24.39
N ARG O 67 28.66 -39.28 -25.49
CA ARG O 67 28.03 -39.15 -26.79
C ARG O 67 28.00 -40.50 -27.49
N ALA O 68 27.63 -40.51 -28.77
CA ALA O 68 27.63 -41.73 -29.56
C ALA O 68 29.07 -42.03 -29.98
N THR O 69 29.75 -42.87 -29.20
CA THR O 69 31.16 -43.18 -29.41
C THR O 69 31.31 -44.61 -29.87
N LEU O 70 32.12 -44.81 -30.91
CA LEU O 70 32.49 -46.14 -31.36
C LEU O 70 33.89 -46.45 -30.88
N THR O 71 34.07 -47.63 -30.27
CA THR O 71 35.35 -48.03 -29.71
C THR O 71 36.02 -49.05 -30.62
N ILE O 72 37.27 -48.78 -30.98
CA ILE O 72 38.10 -49.70 -31.74
C ILE O 72 39.15 -50.26 -30.79
N SER O 73 39.11 -51.57 -30.57
CA SER O 73 40.04 -52.25 -29.67
C SER O 73 40.95 -53.13 -30.52
N GLY O 74 42.14 -52.63 -30.83
CA GLY O 74 43.07 -53.39 -31.64
C GLY O 74 42.74 -53.35 -33.12
N VAL O 75 42.83 -52.15 -33.72
CA VAL O 75 42.53 -51.99 -35.14
C VAL O 75 43.43 -52.91 -35.97
N GLU O 76 42.91 -53.35 -37.11
CA GLU O 76 43.63 -54.23 -38.02
C GLU O 76 43.52 -53.68 -39.44
N ALA O 77 44.00 -54.45 -40.41
CA ALA O 77 44.00 -54.01 -41.80
C ALA O 77 42.60 -54.03 -42.41
N GLY O 78 41.64 -54.67 -41.76
CA GLY O 78 40.29 -54.74 -42.27
C GLY O 78 39.38 -53.60 -41.90
N ASP O 79 39.84 -52.64 -41.10
CA ASP O 79 39.00 -51.56 -40.61
C ASP O 79 39.14 -50.27 -41.42
N GLU O 80 39.88 -50.29 -42.53
CA GLU O 80 40.03 -49.12 -43.37
C GLU O 80 38.74 -48.93 -44.17
N ALA O 81 37.80 -48.20 -43.60
CA ALA O 81 36.48 -48.06 -44.21
C ALA O 81 35.82 -46.78 -43.67
N ASP O 82 34.52 -46.68 -43.88
CA ASP O 82 33.74 -45.52 -43.45
C ASP O 82 32.99 -45.86 -42.16
N TYR O 83 33.01 -44.92 -41.23
CA TYR O 83 32.22 -45.03 -40.01
C TYR O 83 31.05 -44.06 -40.10
N TYR O 84 29.84 -44.58 -39.91
CA TYR O 84 28.62 -43.79 -40.06
C TYR O 84 27.87 -43.77 -38.74
N CYS O 85 27.59 -42.57 -38.23
CA CYS O 85 26.84 -42.40 -37.00
C CYS O 85 25.40 -42.03 -37.37
N HIS O 86 24.53 -43.02 -37.33
CA HIS O 86 23.11 -42.84 -37.60
C HIS O 86 22.39 -42.88 -36.26
N MET O 87 22.09 -41.71 -35.71
CA MET O 87 21.61 -41.57 -34.35
C MET O 87 20.13 -41.22 -34.34
N TRP O 88 19.35 -41.95 -33.53
CA TRP O 88 17.88 -41.71 -33.46
C TRP O 88 17.54 -40.94 -32.17
N ASP O 89 18.09 -39.74 -32.01
CA ASP O 89 17.76 -38.91 -30.82
C ASP O 89 16.27 -38.58 -30.84
N SER O 90 15.59 -38.72 -29.70
CA SER O 90 14.12 -38.49 -29.65
C SER O 90 13.78 -37.02 -29.95
N ARG O 91 14.59 -36.09 -29.44
CA ARG O 91 14.30 -34.64 -29.62
C ARG O 91 14.27 -34.31 -31.12
N SER O 92 15.15 -34.90 -31.92
CA SER O 92 15.23 -34.59 -33.36
C SER O 92 14.11 -35.32 -34.12
N GLY O 93 13.25 -36.03 -33.40
CA GLY O 93 12.13 -36.77 -34.05
C GLY O 93 12.65 -37.90 -34.91
N PHE O 94 12.15 -38.02 -36.14
CA PHE O 94 12.55 -39.16 -37.01
C PHE O 94 13.96 -38.91 -37.56
N SER O 95 14.89 -39.84 -37.34
CA SER O 95 16.26 -39.71 -37.89
C SER O 95 16.24 -40.12 -39.37
N TRP O 96 15.58 -39.32 -40.21
CA TRP O 96 15.51 -39.63 -41.66
C TRP O 96 16.91 -39.60 -42.26
N SER O 97 17.77 -38.71 -41.77
CA SER O 97 19.14 -38.56 -42.34
C SER O 97 20.13 -39.54 -41.68
N PHE O 98 21.11 -40.00 -42.45
CA PHE O 98 22.14 -40.88 -41.90
C PHE O 98 23.37 -40.11 -41.41
N GLY O 99 23.35 -38.79 -41.52
CA GLY O 99 24.49 -38.00 -41.11
C GLY O 99 25.60 -37.99 -42.14
N GLY O 100 26.74 -37.44 -41.72
CA GLY O 100 27.89 -37.33 -42.59
C GLY O 100 28.72 -38.61 -42.59
N ALA O 101 29.94 -38.48 -43.11
CA ALA O 101 30.86 -39.59 -43.25
C ALA O 101 32.21 -39.21 -42.67
N THR O 102 32.84 -40.14 -41.94
CA THR O 102 34.19 -39.97 -41.44
C THR O 102 35.02 -41.18 -41.85
N ARG O 103 36.28 -40.95 -42.18
CA ARG O 103 37.19 -42.00 -42.63
C ARG O 103 38.33 -42.15 -41.66
N LEU O 104 38.64 -43.40 -41.30
CA LEU O 104 39.83 -43.72 -40.52
C LEU O 104 40.87 -44.32 -41.44
N THR O 105 42.09 -43.79 -41.36
CA THR O 105 43.21 -44.22 -42.20
C THR O 105 44.33 -44.62 -41.25
N VAL O 106 44.47 -45.92 -41.01
CA VAL O 106 45.41 -46.41 -40.00
C VAL O 106 46.84 -46.12 -40.44
N LEU O 107 47.62 -45.57 -39.51
CA LEU O 107 49.05 -45.35 -39.71
C LEU O 107 49.82 -46.37 -38.89
N GLY O 108 51.14 -46.37 -39.10
CA GLY O 108 51.99 -47.35 -38.44
C GLY O 108 51.59 -48.78 -38.75
N GLN O 109 51.29 -49.06 -40.01
CA GLN O 109 50.76 -50.36 -40.41
C GLN O 109 51.83 -51.14 -41.17
N PRO O 110 52.46 -52.15 -40.55
CA PRO O 110 53.42 -53.02 -41.24
C PRO O 110 52.80 -53.78 -42.40
N VAL P 2 -31.97 12.48 -51.91
CA VAL P 2 -33.30 12.05 -51.50
C VAL P 2 -33.35 10.53 -51.37
N ARG P 3 -34.25 10.04 -50.52
CA ARG P 3 -34.45 8.61 -50.35
C ARG P 3 -35.86 8.26 -50.81
N PRO P 4 -36.04 7.66 -51.98
CA PRO P 4 -37.38 7.26 -52.40
C PRO P 4 -37.93 6.18 -51.49
N LEU P 5 -39.19 6.36 -51.07
CA LEU P 5 -39.85 5.42 -50.17
C LEU P 5 -41.22 5.06 -50.74
N SER P 6 -41.62 3.82 -50.52
CA SER P 6 -42.89 3.32 -51.02
C SER P 6 -43.72 2.77 -49.87
N VAL P 7 -45.02 3.07 -49.90
CA VAL P 7 -45.97 2.62 -48.90
C VAL P 7 -47.30 2.32 -49.61
N ALA P 8 -48.20 1.65 -48.90
CA ALA P 8 -49.51 1.35 -49.42
C ALA P 8 -50.47 2.49 -49.09
N LEU P 9 -51.76 2.28 -49.36
CA LEU P 9 -52.79 3.26 -49.05
C LEU P 9 -53.58 2.83 -47.83
N GLY P 10 -54.12 3.81 -47.12
CA GLY P 10 -54.88 3.53 -45.91
C GLY P 10 -54.06 2.85 -44.84
N GLU P 11 -52.79 3.20 -44.72
CA GLU P 11 -51.88 2.58 -43.76
C GLU P 11 -51.16 3.65 -42.97
N THR P 12 -51.01 3.44 -41.67
CA THR P 12 -50.25 4.35 -40.84
C THR P 12 -48.79 4.37 -41.29
N ALA P 13 -48.24 5.57 -41.45
CA ALA P 13 -46.91 5.73 -41.99
C ALA P 13 -45.96 6.32 -40.95
N ARG P 14 -44.75 5.77 -40.88
CA ARG P 14 -43.71 6.24 -39.98
C ARG P 14 -42.59 6.84 -40.82
N ILE P 15 -42.20 8.07 -40.50
CA ILE P 15 -41.18 8.80 -41.26
C ILE P 15 -40.09 9.24 -40.30
N SER P 16 -38.88 8.71 -40.48
CA SER P 16 -37.73 9.08 -39.68
C SER P 16 -36.64 9.69 -40.57
N CYS P 17 -35.99 10.73 -40.07
CA CYS P 17 -34.95 11.43 -40.80
C CYS P 17 -33.59 10.81 -40.49
N GLY P 18 -32.58 11.24 -41.25
CA GLY P 18 -31.29 10.57 -41.25
C GLY P 18 -30.46 10.71 -40.00
N ARG P 19 -29.95 11.91 -39.74
CA ARG P 19 -29.00 12.09 -38.63
C ARG P 19 -29.70 11.94 -37.28
N GLN P 20 -28.96 11.38 -36.33
CA GLN P 20 -29.53 10.94 -35.07
C GLN P 20 -29.90 12.12 -34.18
N ALA P 21 -30.71 11.83 -33.16
CA ALA P 21 -31.16 12.83 -32.20
C ALA P 21 -30.35 12.72 -30.91
N LEU P 22 -29.17 13.35 -30.92
CA LEU P 22 -28.32 13.40 -29.74
C LEU P 22 -28.70 14.61 -28.90
N GLY P 23 -29.01 14.37 -27.63
CA GLY P 23 -29.55 15.41 -26.78
C GLY P 23 -31.05 15.59 -26.97
N SER P 24 -31.63 16.39 -26.08
CA SER P 24 -33.05 16.71 -26.19
C SER P 24 -33.32 17.44 -27.51
N ARG P 25 -34.35 17.00 -28.22
CA ARG P 25 -34.56 17.41 -29.60
C ARG P 25 -35.92 18.07 -29.77
N ALA P 26 -36.01 18.96 -30.75
CA ALA P 26 -37.24 19.69 -31.07
C ALA P 26 -37.46 19.59 -32.58
N VAL P 27 -38.36 18.70 -32.99
CA VAL P 27 -38.54 18.35 -34.40
C VAL P 27 -39.61 19.22 -35.02
N GLN P 28 -39.37 19.65 -36.27
CA GLN P 28 -40.36 20.32 -37.09
C GLN P 28 -40.49 19.58 -38.41
N TRP P 29 -41.71 19.51 -38.94
CA TRP P 29 -42.02 18.78 -40.15
C TRP P 29 -42.57 19.74 -41.19
N TYR P 30 -42.30 19.47 -42.47
CA TYR P 30 -42.70 20.37 -43.54
C TYR P 30 -43.24 19.59 -44.73
N GLN P 31 -44.16 20.21 -45.46
CA GLN P 31 -44.90 19.58 -46.55
C GLN P 31 -44.51 20.27 -47.86
N HIS P 32 -43.42 19.83 -48.47
CA HIS P 32 -42.98 20.43 -49.72
C HIS P 32 -43.66 19.69 -50.87
N ARG P 33 -44.89 20.09 -51.16
CA ARG P 33 -45.57 19.57 -52.33
C ARG P 33 -44.87 20.07 -53.59
N PRO P 34 -44.71 19.21 -54.60
CA PRO P 34 -43.82 19.54 -55.72
C PRO P 34 -44.34 20.72 -56.53
N GLY P 35 -43.51 21.75 -56.64
CA GLY P 35 -43.81 22.88 -57.50
C GLY P 35 -44.21 24.15 -56.78
N GLN P 36 -45.03 24.03 -55.73
CA GLN P 36 -45.55 25.18 -55.02
C GLN P 36 -45.10 25.16 -53.56
N ALA P 37 -45.57 26.16 -52.81
CA ALA P 37 -44.96 26.50 -51.54
C ALA P 37 -45.20 25.40 -50.50
N PRO P 38 -44.28 25.19 -49.57
CA PRO P 38 -44.47 24.17 -48.54
C PRO P 38 -45.32 24.64 -47.37
N ILE P 39 -45.54 23.76 -46.40
CA ILE P 39 -46.28 24.09 -45.19
C ILE P 39 -45.86 23.09 -44.11
N LEU P 40 -45.95 23.50 -42.85
CA LEU P 40 -45.49 22.67 -41.75
C LEU P 40 -46.59 21.70 -41.29
N LEU P 41 -46.15 20.57 -40.74
CA LEU P 41 -47.06 19.54 -40.24
C LEU P 41 -47.15 19.54 -38.73
N ILE P 42 -46.03 19.37 -38.04
CA ILE P 42 -45.98 19.37 -36.58
C ILE P 42 -44.71 20.07 -36.14
N TYR P 43 -44.85 21.05 -35.26
CA TYR P 43 -43.72 21.71 -34.61
C TYR P 43 -43.77 21.45 -33.12
N ASN P 44 -42.61 21.64 -32.47
CA ASN P 44 -42.43 21.40 -31.04
C ASN P 44 -42.63 19.93 -30.67
N ASN P 45 -42.55 19.04 -31.66
CA ASN P 45 -42.59 17.58 -31.53
C ASN P 45 -43.98 17.08 -31.17
N GLN P 46 -44.88 17.97 -30.77
CA GLN P 46 -46.26 17.58 -30.46
C GLN P 46 -47.31 18.53 -30.98
N ASP P 47 -46.99 19.80 -31.23
CA ASP P 47 -47.99 20.81 -31.51
C ASP P 47 -48.22 20.89 -33.02
N ARG P 48 -49.28 20.25 -33.49
CA ARG P 48 -49.70 20.43 -34.87
C ARG P 48 -50.41 21.77 -35.03
N PRO P 49 -50.02 22.57 -36.03
CA PRO P 49 -50.71 23.85 -36.24
C PRO P 49 -52.14 23.64 -36.71
N SER P 50 -52.93 24.71 -36.56
CA SER P 50 -54.33 24.65 -36.97
C SER P 50 -54.45 24.43 -38.48
N GLY P 51 -55.52 23.75 -38.88
CA GLY P 51 -55.72 23.41 -40.26
C GLY P 51 -55.06 22.12 -40.70
N ILE P 52 -54.43 21.40 -39.79
CA ILE P 52 -53.77 20.12 -40.09
C ILE P 52 -54.69 19.01 -39.58
N PRO P 53 -55.17 18.12 -40.44
CA PRO P 53 -56.05 17.04 -39.98
C PRO P 53 -55.31 16.06 -39.09
N GLU P 54 -56.09 15.26 -38.36
CA GLU P 54 -55.54 14.32 -37.39
C GLU P 54 -54.77 13.18 -38.03
N ARG P 55 -54.84 13.04 -39.36
CA ARG P 55 -54.04 12.02 -40.04
C ARG P 55 -52.55 12.24 -39.83
N PHE P 56 -52.13 13.46 -39.52
CA PHE P 56 -50.74 13.78 -39.20
C PHE P 56 -50.62 13.87 -37.68
N SER P 57 -49.85 12.96 -37.10
CA SER P 57 -49.64 12.90 -35.67
C SER P 57 -48.16 13.05 -35.34
N GLY P 58 -47.86 13.69 -34.21
CA GLY P 58 -46.50 13.91 -33.78
C GLY P 58 -45.95 12.79 -32.93
N THR P 59 -44.68 12.93 -32.55
CA THR P 59 -43.99 11.93 -31.74
C THR P 59 -43.63 12.52 -30.39
N PRO P 60 -44.20 12.02 -29.29
CA PRO P 60 -43.81 12.51 -27.96
C PRO P 60 -42.37 12.12 -27.63
N ASP P 61 -41.81 12.83 -26.66
CA ASP P 61 -40.43 12.62 -26.25
C ASP P 61 -40.38 11.78 -24.96
N ILE P 62 -39.50 10.78 -24.97
CA ILE P 62 -39.27 9.94 -23.80
C ILE P 62 -37.80 10.14 -23.44
N ASN P 63 -37.25 11.27 -23.89
CA ASN P 63 -35.89 11.74 -23.61
C ASN P 63 -34.81 10.90 -24.26
N PHE P 64 -35.16 9.81 -24.93
CA PHE P 64 -34.20 8.91 -25.56
C PHE P 64 -34.99 7.95 -26.46
N GLY P 65 -34.31 6.93 -26.97
CA GLY P 65 -34.99 5.87 -27.67
C GLY P 65 -35.48 6.22 -29.06
N THR P 66 -36.80 6.40 -29.18
CA THR P 66 -37.41 6.63 -30.49
C THR P 66 -36.85 7.88 -31.14
N ARG P 67 -36.54 7.77 -32.43
CA ARG P 67 -35.99 8.86 -33.20
C ARG P 67 -37.10 9.84 -33.59
N ALA P 68 -36.77 10.79 -34.47
CA ALA P 68 -37.75 11.75 -34.98
C ALA P 68 -38.69 11.02 -35.94
N THR P 69 -39.87 10.65 -35.46
CA THR P 69 -40.82 9.87 -36.23
C THR P 69 -42.04 10.72 -36.55
N LEU P 70 -42.46 10.69 -37.80
CA LEU P 70 -43.66 11.40 -38.25
C LEU P 70 -44.78 10.39 -38.49
N THR P 71 -45.72 10.31 -37.56
CA THR P 71 -46.82 9.35 -37.62
C THR P 71 -47.87 9.90 -38.59
N ILE P 72 -48.15 9.13 -39.65
CA ILE P 72 -49.06 9.54 -40.69
C ILE P 72 -50.05 8.40 -40.91
N SER P 73 -51.27 8.57 -40.45
CA SER P 73 -52.31 7.55 -40.56
C SER P 73 -53.25 7.90 -41.71
N GLY P 74 -53.31 7.03 -42.71
CA GLY P 74 -54.24 7.21 -43.80
C GLY P 74 -53.84 8.24 -44.85
N VAL P 75 -52.75 7.96 -45.57
CA VAL P 75 -52.36 8.83 -46.67
C VAL P 75 -53.47 8.85 -47.72
N GLU P 76 -53.60 9.99 -48.40
CA GLU P 76 -54.64 10.20 -49.40
C GLU P 76 -54.03 10.77 -50.66
N ALA P 77 -54.90 11.18 -51.59
CA ALA P 77 -54.46 11.69 -52.88
C ALA P 77 -53.84 13.08 -52.78
N GLY P 78 -53.80 13.67 -51.59
CA GLY P 78 -53.15 14.95 -51.41
C GLY P 78 -51.79 14.90 -50.74
N ASP P 79 -51.27 13.70 -50.47
CA ASP P 79 -50.03 13.56 -49.70
C ASP P 79 -48.82 13.20 -50.56
N GLU P 80 -48.95 13.17 -51.88
CA GLU P 80 -47.77 12.93 -52.71
C GLU P 80 -46.90 14.19 -52.73
N ALA P 81 -45.88 14.23 -51.89
CA ALA P 81 -45.10 15.44 -51.70
C ALA P 81 -43.74 15.05 -51.12
N ASP P 82 -43.02 16.04 -50.58
CA ASP P 82 -41.73 15.83 -49.95
C ASP P 82 -41.83 16.22 -48.48
N TYR P 83 -41.29 15.37 -47.61
CA TYR P 83 -41.37 15.57 -46.17
C TYR P 83 -39.97 15.87 -45.63
N TYR P 84 -39.88 16.90 -44.78
CA TYR P 84 -38.60 17.41 -44.30
C TYR P 84 -38.54 17.34 -42.79
N CYS P 85 -37.40 16.86 -42.29
CA CYS P 85 -37.13 16.75 -40.85
C CYS P 85 -36.22 17.89 -40.44
N HIS P 86 -36.76 18.83 -39.67
CA HIS P 86 -35.99 19.94 -39.12
C HIS P 86 -36.05 19.83 -37.60
N MET P 87 -34.89 19.85 -36.96
CA MET P 87 -34.75 19.47 -35.57
C MET P 87 -33.71 20.34 -34.87
N TRP P 88 -33.99 20.67 -33.60
CA TRP P 88 -33.11 21.49 -32.76
C TRP P 88 -32.68 20.67 -31.56
N ASP P 89 -31.39 20.32 -31.50
CA ASP P 89 -30.86 19.55 -30.37
C ASP P 89 -29.96 20.46 -29.53
N SER P 90 -29.33 19.87 -28.52
CA SER P 90 -28.44 20.61 -27.63
C SER P 90 -26.97 20.38 -27.91
N ARG P 91 -26.63 19.58 -28.92
CA ARG P 91 -25.25 19.38 -29.33
C ARG P 91 -24.91 20.04 -30.65
N SER P 92 -25.86 20.12 -31.58
CA SER P 92 -25.63 20.89 -32.79
C SER P 92 -25.71 22.40 -32.55
N GLY P 93 -25.92 22.81 -31.30
CA GLY P 93 -26.07 24.24 -31.03
C GLY P 93 -27.25 24.78 -31.79
N PHE P 94 -27.03 25.90 -32.48
CA PHE P 94 -28.02 26.41 -33.42
C PHE P 94 -28.08 25.47 -34.61
N SER P 95 -29.20 24.75 -34.75
CA SER P 95 -29.33 23.82 -35.87
C SER P 95 -29.53 24.63 -37.15
N TRP P 96 -28.41 25.11 -37.69
CA TRP P 96 -28.47 26.00 -38.85
C TRP P 96 -29.11 25.29 -40.03
N SER P 97 -28.75 24.04 -40.27
CA SER P 97 -29.16 23.30 -41.44
C SER P 97 -30.55 22.69 -41.28
N PHE P 98 -31.29 22.63 -42.39
CA PHE P 98 -32.54 21.89 -42.45
C PHE P 98 -32.33 20.39 -42.61
N GLY P 99 -31.10 19.95 -42.80
CA GLY P 99 -30.83 18.53 -42.94
C GLY P 99 -31.11 18.01 -44.35
N GLY P 100 -31.06 16.69 -44.45
CA GLY P 100 -31.25 16.03 -45.73
C GLY P 100 -32.70 15.99 -46.16
N ALA P 101 -32.91 15.48 -47.37
CA ALA P 101 -34.23 15.41 -47.98
C ALA P 101 -34.73 13.98 -47.92
N THR P 102 -35.92 13.80 -47.34
CA THR P 102 -36.56 12.48 -47.23
C THR P 102 -37.71 12.44 -48.22
N ARG P 103 -37.68 11.48 -49.14
CA ARG P 103 -38.66 11.37 -50.20
C ARG P 103 -39.59 10.20 -49.93
N LEU P 104 -40.80 10.27 -50.47
CA LEU P 104 -41.74 9.16 -50.46
C LEU P 104 -42.53 9.14 -51.75
N THR P 105 -42.66 7.96 -52.35
CA THR P 105 -43.40 7.77 -53.60
C THR P 105 -44.35 6.60 -53.36
N VAL P 106 -45.63 6.92 -53.11
CA VAL P 106 -46.59 5.91 -52.73
C VAL P 106 -47.02 5.10 -53.96
N LEU P 107 -47.07 3.78 -53.82
CA LEU P 107 -47.56 2.89 -54.85
C LEU P 107 -49.00 2.46 -54.54
N GLY P 108 -49.64 1.89 -55.55
CA GLY P 108 -51.03 1.47 -55.41
C GLY P 108 -51.97 2.62 -55.14
N GLN P 109 -51.67 3.80 -55.68
CA GLN P 109 -52.48 4.98 -55.43
C GLN P 109 -53.65 5.01 -56.41
N PRO P 110 -54.90 4.97 -55.92
CA PRO P 110 -56.10 4.98 -56.77
C PRO P 110 -56.22 6.25 -57.60
C1 NAG Q . 28.67 18.45 -14.92
C2 NAG Q . 29.26 19.74 -14.35
C3 NAG Q . 28.21 20.83 -14.41
C4 NAG Q . 27.69 20.99 -15.84
C5 NAG Q . 27.16 19.66 -16.34
C6 NAG Q . 26.73 19.68 -17.79
C7 NAG Q . 31.06 19.63 -12.72
C8 NAG Q . 31.41 19.98 -11.29
N2 NAG Q . 29.76 19.59 -13.01
O3 NAG Q . 28.77 22.05 -13.93
O4 NAG Q . 26.65 21.96 -15.83
O5 NAG Q . 28.18 18.64 -16.24
O6 NAG Q . 27.83 20.03 -18.65
O7 NAG Q . 31.93 19.41 -13.56
C1 NAG Q . 26.55 22.84 -16.91
C2 NAG Q . 25.34 23.75 -16.70
C3 NAG Q . 25.27 24.74 -17.86
C4 NAG Q . 26.58 25.51 -17.97
C5 NAG Q . 27.73 24.53 -18.12
C6 NAG Q . 29.09 25.20 -18.13
C7 NAG Q . 23.49 22.32 -17.55
C8 NAG Q . 22.05 21.99 -17.30
N2 NAG Q . 24.10 23.01 -16.57
O3 NAG Q . 24.17 25.64 -17.65
O4 NAG Q . 26.53 26.35 -19.12
O5 NAG Q . 27.74 23.58 -17.03
O6 NAG Q . 30.13 24.25 -18.30
O7 NAG Q . 24.07 21.98 -18.57
C1 NAG R . 18.45 10.27 -23.21
C2 NAG R . 19.91 9.91 -23.49
C3 NAG R . 20.33 10.50 -24.83
C4 NAG R . 19.38 10.04 -25.93
C5 NAG R . 17.94 10.39 -25.55
C6 NAG R . 16.94 9.85 -26.54
C7 NAG R . 22.00 9.99 -22.21
C8 NAG R . 22.84 10.87 -21.35
N2 NAG R . 20.75 10.38 -22.40
O3 NAG R . 21.67 10.13 -25.11
O4 NAG R . 19.69 10.70 -27.15
O5 NAG R . 17.60 9.83 -24.27
O6 NAG R . 17.17 10.35 -27.85
O7 NAG R . 22.44 8.95 -22.71
C1 NAG R . 20.55 10.13 -28.09
C2 NAG R . 20.65 11.10 -29.26
C3 NAG R . 21.60 10.53 -30.31
C4 NAG R . 22.95 10.22 -29.69
C5 NAG R . 22.76 9.28 -28.50
C6 NAG R . 24.04 9.01 -27.75
C7 NAG R . 18.76 12.58 -29.71
C8 NAG R . 17.46 12.74 -30.43
N2 NAG R . 19.36 11.39 -29.84
O3 NAG R . 21.72 11.44 -31.39
O4 NAG R . 23.78 9.58 -30.65
O5 NAG R . 21.83 9.86 -27.56
O6 NAG R . 23.82 8.12 -26.66
O7 NAG R . 19.26 13.49 -29.05
C1 NAG S . 25.07 -6.54 -10.15
C2 NAG S . 25.63 -7.93 -10.45
C3 NAG S . 27.02 -8.06 -9.83
C4 NAG S . 27.92 -6.96 -10.34
C5 NAG S . 27.28 -5.60 -10.06
C6 NAG S . 28.04 -4.42 -10.63
C7 NAG S . 24.02 -9.74 -10.75
C8 NAG S . 23.11 -10.71 -10.07
N2 NAG S . 24.74 -8.97 -9.95
O3 NAG S . 27.55 -9.34 -10.13
O4 NAG S . 29.17 -7.07 -9.68
O5 NAG S . 25.96 -5.53 -10.63
O6 NAG S . 28.19 -4.54 -12.03
O7 NAG S . 24.09 -9.66 -11.97
C1 NAG S . 30.34 -6.65 -10.31
C2 NAG S . 31.52 -6.78 -9.35
C3 NAG S . 32.80 -6.34 -10.05
C4 NAG S . 32.99 -7.15 -11.32
C5 NAG S . 31.76 -7.00 -12.21
C6 NAG S . 31.82 -7.87 -13.45
C7 NAG S . 31.27 -4.70 -8.01
C8 NAG S . 31.40 -4.16 -6.61
N2 NAG S . 31.30 -6.02 -8.12
O3 NAG S . 33.90 -6.50 -9.17
O4 NAG S . 34.13 -6.66 -12.02
O5 NAG S . 30.57 -7.39 -11.50
O6 NAG S . 30.65 -7.71 -14.25
O7 NAG S . 31.14 -3.95 -8.97
C1 NAG T . 29.74 10.56 18.40
C2 NAG T . 29.22 10.82 16.99
C3 NAG T . 29.62 12.22 16.55
C4 NAG T . 29.16 13.26 17.56
C5 NAG T . 29.69 12.90 18.95
C6 NAG T . 29.15 13.79 20.03
C7 NAG T . 28.91 8.94 15.46
C8 NAG T . 29.59 7.95 14.55
N2 NAG T . 29.71 9.84 16.04
O3 NAG T . 29.09 12.49 15.26
O4 NAG T . 29.72 14.53 17.20
O5 NAG T . 29.30 11.55 19.30
O6 NAG T . 29.59 15.14 19.87
O7 NAG T . 27.70 8.92 15.65
C1 NAG T . 28.90 15.52 16.67
C2 NAG T . 29.79 16.71 16.33
C3 NAG T . 28.94 17.82 15.71
C4 NAG T . 28.17 17.30 14.52
C5 NAG T . 27.34 16.08 14.92
C6 NAG T . 26.67 15.38 13.76
C7 NAG T . 29.98 17.82 18.55
C8 NAG T . 30.95 18.48 19.48
N2 NAG T . 30.52 17.20 17.49
O3 NAG T . 29.79 18.90 15.34
O4 NAG T . 27.35 18.40 14.12
O5 NAG T . 28.19 15.08 15.53
O6 NAG T . 26.08 14.15 14.17
O7 NAG T . 28.77 17.83 18.76
C1 MAN T . 26.71 18.55 12.89
C2 MAN T . 25.20 18.44 13.07
C3 MAN T . 24.46 18.63 11.77
C4 MAN T . 25.03 17.71 10.70
C5 MAN T . 26.56 17.84 10.57
C6 MAN T . 27.03 19.16 10.00
O2 MAN T . 24.76 19.38 14.05
O3 MAN T . 24.52 20.00 11.36
O4 MAN T . 24.71 16.36 11.03
O5 MAN T . 27.20 17.69 11.87
O6 MAN T . 28.44 19.21 9.90
C1 BMA T . 23.72 20.29 10.25
C2 BMA T . 22.28 20.08 10.60
C3 BMA T . 21.39 20.41 9.42
C4 BMA T . 21.66 21.83 8.96
C5 BMA T . 23.15 22.00 8.65
C6 BMA T . 23.52 23.42 8.31
O2 BMA T . 21.92 20.85 11.74
O3 BMA T . 20.02 20.27 9.79
O4 BMA T . 20.91 22.12 7.79
O5 BMA T . 23.94 21.63 9.80
O6 BMA T . 23.12 24.32 9.34
C1 NAG U . 28.82 26.76 0.09
C2 NAG U . 29.19 27.78 1.15
C3 NAG U . 27.97 28.64 1.47
C4 NAG U . 27.45 29.31 0.21
C5 NAG U . 27.14 28.21 -0.82
C6 NAG U . 26.71 28.72 -2.17
C7 NAG U . 30.99 27.28 2.73
C8 NAG U . 31.35 26.65 4.03
N2 NAG U . 29.71 27.17 2.36
O3 NAG U . 28.31 29.60 2.47
O4 NAG U . 26.29 30.05 0.57
O5 NAG U . 28.32 27.42 -1.06
O6 NAG U . 27.67 29.61 -2.73
O7 NAG U . 31.82 27.86 2.03
C1 NAG U . 25.86 31.25 -0.01
C2 NAG U . 26.96 32.31 -0.02
C3 NAG U . 26.41 33.60 -0.62
C4 NAG U . 25.82 33.34 -2.00
C5 NAG U . 24.77 32.23 -1.92
C6 NAG U . 24.25 31.83 -3.26
C7 NAG U . 28.72 32.40 1.70
C8 NAG U . 29.03 32.79 3.12
N2 NAG U . 27.47 32.63 1.31
O3 NAG U . 27.45 34.57 -0.69
O4 NAG U . 25.20 34.53 -2.48
O5 NAG U . 25.33 31.06 -1.31
O6 NAG U . 25.29 31.32 -4.09
O7 NAG U . 29.57 31.93 0.96
C1 NAG V . 44.79 3.43 3.35
C2 NAG V . 44.66 3.43 1.83
C3 NAG V . 45.63 2.39 1.25
C4 NAG V . 47.04 2.67 1.72
C5 NAG V . 47.08 2.70 3.24
C6 NAG V . 48.43 3.08 3.80
C7 NAG V . 42.79 3.42 0.22
C8 NAG V . 43.31 4.64 -0.48
N2 NAG V . 43.30 3.18 1.43
O3 NAG V . 45.56 2.37 -0.18
O4 NAG V . 47.92 1.66 1.24
O5 NAG V . 46.13 3.67 3.74
O6 NAG V . 48.81 4.38 3.36
O7 NAG V . 41.94 2.69 -0.28
C1 NAG V . 49.02 2.08 0.51
C2 NAG V . 49.94 0.89 0.26
C3 NAG V . 51.14 1.34 -0.58
C4 NAG V . 50.65 1.99 -1.86
C5 NAG V . 49.70 3.14 -1.53
C6 NAG V . 49.09 3.77 -2.75
C7 NAG V . 51.17 0.80 2.42
C8 NAG V . 51.57 -0.11 3.53
N2 NAG V . 50.36 0.26 1.50
O3 NAG V . 51.96 0.21 -0.87
O4 NAG V . 51.77 2.50 -2.58
O5 NAG V . 48.62 2.67 -0.71
O6 NAG V . 50.10 4.28 -3.64
O7 NAG V . 51.54 1.96 2.37
C1 NAG W . 42.99 17.42 8.93
C2 NAG W . 42.16 18.63 9.38
C3 NAG W . 41.76 19.46 8.17
C4 NAG W . 42.99 19.86 7.36
C5 NAG W . 43.78 18.61 6.99
C6 NAG W . 45.09 18.92 6.30
C7 NAG W . 39.83 17.75 9.83
C8 NAG W . 39.83 16.84 8.63
N2 NAG W . 41.00 18.30 10.19
O3 NAG W . 41.04 20.60 8.61
O4 NAG W . 42.54 20.49 6.17
O5 NAG W . 44.11 17.85 8.17
O6 NAG W . 45.92 19.75 7.12
O7 NAG W . 38.80 17.97 10.47
C1 NAG W . 42.98 21.75 5.77
C2 NAG W . 42.41 22.98 6.46
C3 NAG W . 42.49 24.16 5.50
C4 NAG W . 43.89 24.32 4.92
C5 NAG W . 44.38 23.02 4.30
C6 NAG W . 45.83 23.06 3.90
C7 NAG W . 40.37 23.54 7.74
C8 NAG W . 38.91 23.24 7.86
N2 NAG W . 41.06 22.75 6.91
O3 NAG W . 42.08 25.35 6.16
O4 NAG W . 43.74 25.34 3.94
O5 NAG W . 44.28 21.92 5.23
O6 NAG W . 46.68 23.32 5.01
O7 NAG W . 40.91 24.43 8.37
C1 BMA W . 44.75 25.94 3.20
C2 BMA W . 44.12 27.04 2.38
C3 BMA W . 45.18 27.78 1.57
C4 BMA W . 46.26 28.30 2.51
C5 BMA W . 46.84 27.16 3.33
C6 BMA W . 47.83 27.61 4.37
O2 BMA W . 43.36 27.88 3.24
O3 BMA W . 44.64 28.83 0.77
O4 BMA W . 47.32 28.89 1.76
O5 BMA W . 45.77 26.47 4.04
O6 BMA W . 48.96 28.24 3.76
C1 BMA W . 44.40 30.08 1.37
C2 BMA W . 44.13 31.07 0.27
C3 BMA W . 43.85 32.45 0.85
C4 BMA W . 42.72 32.36 1.84
C5 BMA W . 43.03 31.31 2.92
C6 BMA W . 41.88 31.09 3.87
O2 BMA W . 43.04 30.63 -0.54
O3 BMA W . 43.54 33.36 -0.19
O4 BMA W . 42.52 33.62 2.48
O5 BMA W . 43.30 30.05 2.29
O6 BMA W . 42.16 30.02 4.77
C1 NAG X . 13.69 -22.30 -27.64
C2 NAG X . 14.55 -23.55 -27.50
C3 NAG X . 15.97 -23.13 -27.11
C4 NAG X . 16.52 -22.12 -28.10
C5 NAG X . 15.56 -20.93 -28.21
C6 NAG X . 15.95 -19.93 -29.27
C7 NAG X . 13.53 -25.67 -26.88
C8 NAG X . 13.42 -26.68 -25.78
N2 NAG X . 14.04 -24.49 -26.53
O3 NAG X . 16.80 -24.28 -27.05
O4 NAG X . 17.79 -21.68 -27.60
O5 NAG X . 14.24 -21.37 -28.56
O6 NAG X . 16.00 -20.54 -30.56
O7 NAG X . 13.16 -25.92 -28.02
C1 NAG X . 18.78 -21.32 -28.51
C2 NAG X . 19.99 -20.81 -27.72
C3 NAG X . 21.12 -20.49 -28.69
C4 NAG X . 21.44 -21.71 -29.54
C5 NAG X . 20.18 -22.18 -30.25
C6 NAG X . 20.39 -23.45 -31.03
C7 NAG X . 19.37 -18.45 -27.33
C8 NAG X . 19.50 -17.34 -26.31
N2 NAG X . 19.67 -19.67 -26.89
O3 NAG X . 22.27 -20.06 -27.96
O4 NAG X . 22.43 -21.36 -30.51
O5 NAG X . 19.13 -22.44 -29.30
O6 NAG X . 19.19 -23.87 -31.68
O7 NAG X . 19.02 -18.23 -28.48
C1 NAG Y . 11.80 -7.00 -29.17
C2 NAG Y . 10.66 -7.35 -30.12
C3 NAG Y . 11.16 -7.35 -31.55
C4 NAG Y . 11.79 -6.00 -31.88
C5 NAG Y . 12.89 -5.69 -30.87
C6 NAG Y . 13.48 -4.31 -31.04
C7 NAG Y . 8.90 -8.80 -29.23
C8 NAG Y . 8.55 -10.19 -28.78
N2 NAG Y . 10.10 -8.65 -29.78
O3 NAG Y . 10.08 -7.64 -32.42
O4 NAG Y . 12.39 -6.02 -33.18
O5 NAG Y . 12.36 -5.74 -29.52
O6 NAG Y . 14.05 -4.15 -32.33
O7 NAG Y . 8.12 -7.86 -29.10
C1 NAG Y . 11.66 -5.68 -34.32
C2 NAG Y . 12.61 -5.75 -35.52
C3 NAG Y . 11.85 -5.39 -36.78
C4 NAG Y . 10.65 -6.31 -36.95
C5 NAG Y . 9.78 -6.22 -35.70
C6 NAG Y . 8.61 -7.18 -35.73
C7 NAG Y . 14.99 -5.36 -35.14
C8 NAG Y . 16.10 -4.34 -35.13
N2 NAG Y . 13.77 -4.88 -35.34
O3 NAG Y . 12.73 -5.50 -37.90
O4 NAG Y . 9.89 -5.90 -38.09
O5 NAG Y . 10.54 -6.54 -34.52
O6 NAG Y . 7.83 -7.08 -34.54
O7 NAG Y . 15.21 -6.55 -34.98
C1 NAG Z . -9.32 -12.02 -19.99
C2 NAG Z . -10.73 -11.72 -20.52
C3 NAG Z . -11.54 -13.01 -20.56
C4 NAG Z . -10.81 -14.06 -21.38
C5 NAG Z . -9.41 -14.27 -20.82
C6 NAG Z . -8.57 -15.21 -21.65
C7 NAG Z . -11.68 -9.50 -20.18
C8 NAG Z . -12.58 -8.66 -19.32
N2 NAG Z . -11.42 -10.72 -19.73
O3 NAG Z . -12.83 -12.74 -21.09
O4 NAG Z . -11.51 -15.29 -21.32
O5 NAG Z . -8.69 -13.02 -20.79
O6 NAG Z . -8.40 -14.72 -22.97
O7 NAG Z . -11.23 -9.08 -21.24
C1 NAG Z . -12.32 -15.64 -22.40
C2 NAG Z . -12.97 -17.00 -22.14
C3 NAG Z . -13.81 -17.41 -23.35
C4 NAG Z . -14.83 -16.31 -23.67
C5 NAG Z . -14.10 -14.99 -23.86
C6 NAG Z . -15.05 -13.83 -24.08
C7 NAG Z . -11.06 -18.51 -22.62
C8 NAG Z . -10.26 -19.65 -22.07
N2 NAG Z . -11.99 -18.01 -21.80
O3 NAG Z . -14.45 -18.64 -23.06
O4 NAG Z . -15.52 -16.60 -24.88
O5 NAG Z . -13.30 -14.66 -22.71
O6 NAG Z . -14.34 -12.62 -24.31
O7 NAG Z . -10.85 -18.06 -23.74
C1 BMA Z . -16.64 -17.43 -24.94
C2 BMA Z . -17.18 -17.32 -26.34
C3 BMA Z . -18.40 -18.22 -26.54
C4 BMA Z . -18.06 -19.64 -26.15
C5 BMA Z . -17.48 -19.68 -24.74
C6 BMA Z . -16.99 -21.06 -24.34
O2 BMA Z . -16.17 -17.64 -27.28
O3 BMA Z . -18.75 -18.09 -27.92
O4 BMA Z . -19.21 -20.48 -26.16
O5 BMA Z . -16.36 -18.79 -24.61
O6 BMA Z . -18.05 -22.00 -24.32
C1 MAN Z . -19.82 -18.82 -28.44
C2 MAN Z . -19.95 -18.47 -29.90
C3 MAN Z . -20.46 -17.05 -30.07
C4 MAN Z . -21.75 -16.87 -29.31
C5 MAN Z . -21.59 -17.26 -27.85
C6 MAN Z . -22.90 -17.25 -27.09
O2 MAN Z . -20.80 -19.40 -30.56
O3 MAN Z . -20.66 -16.78 -31.46
O4 MAN Z . -22.17 -15.50 -29.38
O5 MAN Z . -21.06 -18.60 -27.75
O6 MAN Z . -22.75 -17.85 -25.81
C1 NAG AA . 2.20 -36.47 1.02
C2 NAG AA . 2.77 -35.41 0.09
C3 NAG AA . 3.98 -35.98 -0.65
C4 NAG AA . 5.00 -36.50 0.36
C5 NAG AA . 4.34 -37.53 1.28
C6 NAG AA . 5.27 -38.00 2.37
C7 NAG AA . 1.27 -33.72 -0.81
C8 NAG AA . 0.15 -33.44 -1.77
N2 NAG AA . 1.78 -34.95 -0.87
O3 NAG AA . 4.55 -34.97 -1.46
O4 NAG AA . 6.06 -37.13 -0.36
O5 NAG AA . 3.19 -36.95 1.93
O6 NAG AA . 5.70 -36.92 3.19
O7 NAG AA . 1.69 -32.87 -0.05
C1 NAG AA . 7.30 -36.52 -0.23
C2 NAG AA . 8.33 -37.22 -1.12
C3 NAG AA . 9.68 -36.53 -0.97
C4 NAG AA . 9.55 -35.04 -1.27
C5 NAG AA . 8.47 -34.42 -0.38
C6 NAG AA . 8.15 -32.98 -0.69
C7 NAG AA . 8.93 -39.16 0.29
C8 NAG AA . 9.29 -40.62 0.23
N2 NAG AA . 8.43 -38.64 -0.82
O3 NAG AA . 10.61 -37.14 -1.84
O4 NAG AA . 10.81 -34.45 -1.02
O5 NAG AA . 7.23 -35.13 -0.52
O6 NAG AA . 7.71 -32.83 -2.03
O7 NAG AA . 9.09 -38.51 1.32
C1 MAN AA . 11.30 -33.38 -1.76
C2 MAN AA . 11.48 -32.17 -0.87
C3 MAN AA . 11.93 -30.96 -1.65
C4 MAN AA . 11.01 -30.72 -2.85
C5 MAN AA . 10.84 -31.98 -3.70
C6 MAN AA . 12.09 -32.40 -4.46
O2 MAN AA . 12.39 -32.48 0.19
O3 MAN AA . 13.29 -31.12 -2.07
O4 MAN AA . 9.73 -30.31 -2.38
O5 MAN AA . 10.45 -33.11 -2.89
O6 MAN AA . 11.84 -33.56 -5.26
C1 BMA AA . 13.87 -30.00 -2.63
C2 BMA AA . 13.92 -28.90 -1.58
C3 BMA AA . 14.60 -27.67 -2.13
C4 BMA AA . 15.97 -28.04 -2.64
C5 BMA AA . 15.87 -29.15 -3.68
C6 BMA AA . 17.23 -29.64 -4.14
O2 BMA AA . 14.59 -29.38 -0.42
O3 BMA AA . 14.69 -26.68 -1.10
O4 BMA AA . 16.59 -26.90 -3.25
O5 BMA AA . 15.19 -30.29 -3.11
O6 BMA AA . 18.04 -30.05 -3.04
C1 NAG BA . -31.13 -34.58 6.09
C2 NAG BA . -32.49 -33.87 6.08
C3 NAG BA . -33.43 -34.56 7.04
C4 NAG BA . -33.54 -36.04 6.71
C5 NAG BA . -32.16 -36.66 6.71
C6 NAG BA . -32.17 -38.11 6.25
C7 NAG BA . -32.03 -31.92 7.56
C8 NAG BA . -32.21 -30.44 7.68
N2 NAG BA . -32.37 -32.46 6.37
O3 NAG BA . -34.70 -33.92 6.96
O4 NAG BA . -34.34 -36.72 7.68
O5 NAG BA . -31.29 -35.96 5.80
O6 NAG BA . -32.71 -38.23 4.95
O7 NAG BA . -31.60 -32.60 8.48
C1 NAG BA . -35.59 -37.19 7.28
C2 NAG BA . -36.69 -36.20 7.69
C3 NAG BA . -38.04 -36.70 7.16
C4 NAG BA . -37.96 -36.93 5.66
C5 NAG BA . -36.82 -37.88 5.34
C6 NAG BA . -36.60 -38.05 3.86
C7 NAG BA . -36.40 -34.86 9.71
C8 NAG BA . -36.39 -34.89 11.21
N2 NAG BA . -36.74 -36.01 9.12
O3 NAG BA . -39.05 -35.75 7.50
O4 NAG BA . -39.19 -37.50 5.22
O5 NAG BA . -35.58 -37.38 5.88
O6 NAG BA . -35.50 -38.92 3.58
O7 NAG BA . -36.13 -33.86 9.08
C1 NAG CA . 19.00 -33.24 -15.59
C2 NAG CA . 19.45 -34.30 -14.57
C3 NAG CA . 20.92 -34.07 -14.20
C4 NAG CA . 21.77 -34.07 -15.46
C5 NAG CA . 21.24 -33.02 -16.43
C6 NAG CA . 21.97 -33.04 -17.75
C7 NAG CA . 17.80 -35.30 -13.08
C8 NAG CA . 17.24 -35.28 -11.69
N2 NAG CA . 18.63 -34.30 -13.38
O3 NAG CA . 21.34 -35.08 -13.29
O4 NAG CA . 23.13 -33.80 -15.11
O5 NAG CA . 19.85 -33.27 -16.72
O6 NAG CA . 21.87 -34.31 -18.37
O7 NAG CA . 17.51 -36.17 -13.89
C1 NAG CA . 23.48 -32.72 -14.30
C2 NAG CA . 24.96 -32.91 -13.95
C3 NAG CA . 25.42 -31.76 -13.06
C4 NAG CA . 25.16 -30.44 -13.76
C5 NAG CA . 23.68 -30.33 -14.11
C6 NAG CA . 23.35 -29.09 -14.91
C7 NAG CA . 25.83 -35.18 -13.90
C8 NAG CA . 25.99 -36.44 -13.09
N2 NAG CA . 25.18 -34.18 -13.30
O3 NAG CA . 26.80 -31.91 -12.77
O4 NAG CA . 25.50 -29.37 -12.88
O5 NAG CA . 23.28 -31.45 -14.92
O6 NAG CA . 24.04 -29.09 -16.15
O7 NAG CA . 26.25 -35.10 -15.05
C1 NAG DA . 4.52 -45.04 -13.87
C2 NAG DA . 5.94 -45.55 -13.81
C3 NAG DA . 6.06 -46.92 -14.48
C4 NAG DA . 5.41 -46.93 -15.86
C5 NAG DA . 3.98 -46.36 -15.83
C6 NAG DA . 3.00 -47.29 -15.15
C7 NAG DA . 7.72 -43.87 -13.71
C8 NAG DA . 7.76 -44.13 -12.24
N2 NAG DA . 6.86 -44.60 -14.42
O3 NAG DA . 5.50 -47.92 -13.64
O4 NAG DA . 6.18 -46.11 -16.73
O5 NAG DA . 3.93 -45.08 -15.16
O6 NAG DA . 2.98 -48.57 -15.76
O7 NAG DA . 8.44 -43.03 -14.24
C1 NAG DA . 7.49 -46.50 -17.00
C2 NAG DA . 7.55 -47.19 -18.36
C3 NAG DA . 9.00 -47.54 -18.68
C4 NAG DA . 9.86 -46.28 -18.63
C5 NAG DA . 9.71 -45.64 -17.26
C6 NAG DA . 10.45 -44.32 -17.16
C7 NAG DA . 6.86 -49.51 -17.79
C8 NAG DA . 5.92 -50.61 -18.18
N2 NAG DA . 6.69 -48.35 -18.44
O3 NAG DA . 9.03 -48.14 -19.97
O4 NAG DA . 11.25 -46.58 -18.78
O5 NAG DA . 8.32 -45.35 -16.99
O6 NAG DA . 10.33 -43.76 -15.86
O7 NAG DA . 7.71 -49.66 -16.91
C1 BMA DA . 11.83 -46.88 -20.02
C2 BMA DA . 13.32 -46.73 -19.83
C3 BMA DA . 14.06 -47.09 -21.10
C4 BMA DA . 13.66 -48.49 -21.55
C5 BMA DA . 12.15 -48.58 -21.69
C6 BMA DA . 11.67 -49.99 -22.00
O2 BMA DA . 13.75 -47.56 -18.74
O3 BMA DA . 15.46 -47.02 -20.90
O4 BMA DA . 14.27 -48.79 -22.80
O5 BMA DA . 11.51 -48.21 -20.46
O6 BMA DA . 12.34 -50.51 -23.15
C1 MAN DA . 15.95 -45.77 -20.51
C2 MAN DA . 15.59 -44.74 -21.57
C3 MAN DA . 16.28 -45.05 -22.87
C4 MAN DA . 17.78 -45.13 -22.65
C5 MAN DA . 18.09 -46.16 -21.56
C6 MAN DA . 19.55 -46.21 -21.20
O2 MAN DA . 15.91 -43.44 -21.10
O3 MAN DA . 15.97 -44.03 -23.82
O4 MAN DA . 18.43 -45.52 -23.86
O5 MAN DA . 17.37 -45.83 -20.35
O6 MAN DA . 20.04 -44.92 -20.83
C1 NAG EA . -7.22 -37.30 -19.49
C2 NAG EA . -8.20 -36.44 -20.30
C3 NAG EA . -9.21 -37.36 -20.97
C4 NAG EA . -8.49 -38.40 -21.82
C5 NAG EA . -7.52 -39.18 -20.94
C6 NAG EA . -6.69 -40.16 -21.72
C7 NAG EA . -9.50 -34.38 -19.95
C8 NAG EA . -10.10 -33.48 -18.92
N2 NAG EA . -8.82 -35.43 -19.48
O3 NAG EA . -10.13 -36.62 -21.76
O4 NAG EA . -9.42 -39.29 -22.40
O5 NAG EA . -6.59 -38.26 -20.31
O6 NAG EA . -5.91 -39.51 -22.74
O7 NAG EA . -9.62 -34.16 -21.15
C1 NAG EA . -9.64 -39.14 -23.77
C2 NAG EA . -10.55 -40.24 -24.30
C3 NAG EA . -10.73 -40.06 -25.80
C4 NAG EA . -11.25 -38.66 -26.10
C5 NAG EA . -10.31 -37.62 -25.50
C6 NAG EA . -10.82 -36.21 -25.66
C7 NAG EA . -8.95 -42.13 -24.44
C8 NAG EA . -8.76 -43.57 -24.08
N2 NAG EA . -10.06 -41.56 -23.96
O3 NAG EA . -11.62 -41.04 -26.30
O4 NAG EA . -11.32 -38.47 -27.51
O5 NAG EA . -10.15 -37.85 -24.09
O6 NAG EA . -9.92 -35.27 -25.07
O7 NAG EA . -8.14 -41.52 -25.12
C1 NAG FA . -15.18 -36.57 -17.95
C2 NAG FA . -13.75 -36.85 -18.42
C3 NAG FA . -13.40 -35.93 -19.58
C4 NAG FA . -14.41 -36.09 -20.71
C5 NAG FA . -15.81 -35.83 -20.17
C6 NAG FA . -16.91 -36.10 -21.17
C7 NAG FA . -12.26 -35.66 -16.75
C8 NAG FA . -13.18 -34.49 -16.59
N2 NAG FA . -12.74 -36.74 -17.38
O3 NAG FA . -12.08 -36.22 -20.03
O4 NAG FA . -14.02 -35.19 -21.74
O5 NAG FA . -16.08 -36.71 -19.05
O6 NAG FA . -18.19 -35.81 -20.61
O7 NAG FA . -11.12 -35.64 -16.29
C1 NAG FA . -14.29 -35.39 -23.09
C2 NAG FA . -14.23 -36.86 -23.52
C3 NAG FA . -14.44 -36.94 -25.03
C4 NAG FA . -15.74 -36.26 -25.42
C5 NAG FA . -15.73 -34.81 -24.92
C6 NAG FA . -17.04 -34.09 -25.17
C7 NAG FA . -13.00 -38.55 -22.26
C8 NAG FA . -14.26 -39.35 -22.16
N2 NAG FA . -13.02 -37.55 -23.15
O3 NAG FA . -14.44 -38.30 -25.44
O4 NAG FA . -15.85 -36.25 -26.85
O5 NAG FA . -15.51 -34.78 -23.50
O6 NAG FA . -16.99 -32.75 -24.69
O7 NAG FA . -12.02 -38.80 -21.58
C1 NAG GA . -14.97 13.07 -27.18
C2 NAG GA . -16.47 12.98 -27.44
C3 NAG GA . -16.82 11.60 -27.96
C4 NAG GA . -15.98 11.25 -29.18
C5 NAG GA . -14.49 11.41 -28.86
C6 NAG GA . -13.59 11.24 -30.06
C7 NAG GA . -18.00 14.38 -26.16
C8 NAG GA . -19.08 14.35 -25.13
N2 NAG GA . -17.26 13.28 -26.26
O3 NAG GA . -18.20 11.53 -28.25
O4 NAG GA . -16.29 9.91 -29.52
O5 NAG GA . -14.22 12.73 -28.34
O6 NAG GA . -13.89 12.20 -31.06
O7 NAG GA . -17.80 15.36 -26.88
C1 NAG GA . -16.11 9.43 -30.82
C2 NAG GA . -16.48 7.96 -30.85
C3 NAG GA . -16.34 7.43 -32.28
C4 NAG GA . -17.16 8.27 -33.24
C5 NAG GA . -16.75 9.74 -33.11
C6 NAG GA . -17.60 10.65 -33.95
C7 NAG GA . -14.41 6.90 -29.99
C8 NAG GA . -13.92 5.79 -29.12
N2 NAG GA . -15.72 7.17 -29.91
O3 NAG GA . -16.74 6.06 -32.28
O4 NAG GA . -16.92 7.88 -34.58
O5 NAG GA . -16.88 10.18 -31.75
O6 NAG GA . -17.17 12.01 -33.82
O7 NAG GA . -13.65 7.54 -30.72
C1 MAN GA . -17.44 6.68 -35.08
C2 MAN GA . -17.01 6.52 -36.52
C3 MAN GA . -17.62 5.28 -37.14
C4 MAN GA . -19.14 5.29 -36.94
C5 MAN GA . -19.53 5.49 -35.47
C6 MAN GA . -19.15 4.33 -34.57
O2 MAN GA . -15.59 6.49 -36.61
O3 MAN GA . -17.04 4.10 -36.58
O4 MAN GA . -19.71 6.35 -37.70
O5 MAN GA . -18.86 6.67 -34.93
O6 MAN GA . -19.75 3.12 -35.02
C1 NAG HA . -0.10 8.69 -28.33
C2 NAG HA . -0.66 10.02 -28.80
C3 NAG HA . -0.44 10.17 -30.30
C4 NAG HA . 1.04 10.01 -30.63
C5 NAG HA . 1.53 8.67 -30.09
C6 NAG HA . 3.02 8.49 -30.27
C7 NAG HA . -2.75 11.26 -28.45
C8 NAG HA . -4.20 11.16 -28.05
N2 NAG HA . -2.06 10.13 -28.42
O3 NAG HA . -0.94 11.42 -30.74
O4 NAG HA . 1.25 10.03 -32.04
O5 NAG HA . 1.28 8.58 -28.67
O6 NAG HA . 3.39 8.54 -31.65
O7 NAG HA . -2.24 12.33 -28.77
C1 NAG HA . 1.51 11.22 -32.70
C2 NAG HA . 1.71 10.91 -34.18
C3 NAG HA . 1.98 12.20 -34.94
C4 NAG HA . 0.87 13.20 -34.71
C5 NAG HA . 0.71 13.43 -33.20
C6 NAG HA . -0.47 14.32 -32.88
C7 NAG HA . 2.54 8.70 -34.80
C8 NAG HA . 3.76 7.86 -35.06
N2 NAG HA . 2.77 9.95 -34.39
O3 NAG HA . 2.14 11.92 -36.32
O4 NAG HA . 1.20 14.44 -35.34
O5 NAG HA . 0.47 12.18 -32.54
O6 NAG HA . -0.61 14.50 -31.47
O7 NAG HA . 1.40 8.26 -34.95
C1 NAG IA . 2.29 21.81 -9.60
C2 NAG IA . 3.20 23.00 -9.29
C3 NAG IA . 2.34 24.21 -8.92
C4 NAG IA . 1.36 24.50 -10.04
C5 NAG IA . 0.52 23.26 -10.32
C6 NAG IA . -0.42 23.43 -11.49
C7 NAG IA . 5.46 22.58 -8.48
C8 NAG IA . 6.35 22.56 -7.28
N2 NAG IA . 4.15 22.72 -8.24
O3 NAG IA . 3.18 25.32 -8.66
O4 NAG IA . 0.49 25.58 -9.69
O5 NAG IA . 1.38 22.15 -10.63
O6 NAG IA . 0.29 23.71 -12.68
O7 NAG IA . 5.90 22.49 -9.62
C1 NAG IA . 0.81 26.84 -10.19
C2 NAG IA . -0.37 27.79 -10.03
C3 NAG IA . -0.01 29.13 -10.66
C4 NAG IA . 1.28 29.67 -10.05
C5 NAG IA . 2.39 28.64 -10.21
C6 NAG IA . 3.67 29.06 -9.52
C7 NAG IA . -1.82 26.99 -11.88
C8 NAG IA . -3.22 26.55 -12.21
N2 NAG IA . -1.58 27.23 -10.59
O3 NAG IA . -1.09 30.03 -10.48
O4 NAG IA . 1.68 30.86 -10.74
O5 NAG IA . 1.99 27.38 -9.62
O6 NAG IA . 4.68 28.06 -9.66
O7 NAG IA . -0.96 27.11 -12.74
C1 BMA IA . 1.31 32.12 -10.27
C2 BMA IA . 1.92 33.16 -11.16
C3 BMA IA . 1.55 34.56 -10.64
C4 BMA IA . 0.05 34.69 -10.54
C5 BMA IA . -0.51 33.57 -9.66
C6 BMA IA . -2.02 33.56 -9.61
O2 BMA IA . 1.53 32.92 -12.50
O3 BMA IA . 2.13 35.60 -11.44
O4 BMA IA . -0.31 35.95 -9.96
O5 BMA IA . -0.11 32.29 -10.18
O6 BMA IA . -2.53 34.79 -9.07
C1 MAN IA . 1.67 35.82 -12.75
C2 MAN IA . 2.79 36.47 -13.54
C3 MAN IA . 3.01 37.89 -13.08
C4 MAN IA . 1.71 38.66 -13.17
C5 MAN IA . 0.62 37.96 -12.37
C6 MAN IA . -0.74 38.60 -12.53
O2 MAN IA . 2.49 36.41 -14.94
O3 MAN IA . 4.01 38.50 -13.90
O4 MAN IA . 1.88 39.99 -12.65
O5 MAN IA . 0.48 36.60 -12.84
O6 MAN IA . -0.74 39.93 -11.98
C1 NAG JA . -28.13 12.80 4.07
C2 NAG JA . -27.11 12.56 2.96
C3 NAG JA . -27.84 12.38 1.63
C4 NAG JA . -28.86 11.25 1.74
C5 NAG JA . -29.81 11.55 2.90
C6 NAG JA . -30.79 10.41 3.17
C7 NAG JA . -24.87 13.49 3.22
C8 NAG JA . -23.98 14.67 3.00
N2 NAG JA . -26.15 13.64 2.87
O3 NAG JA . -26.90 12.11 0.60
O4 NAG JA . -29.58 11.19 0.52
O5 NAG JA . -29.07 11.73 4.12
O6 NAG JA . -30.10 9.21 3.50
O7 NAG JA . -24.44 12.43 3.70
C1 NAG JA . -29.89 9.93 0.01
C2 NAG JA . -30.39 10.09 -1.42
C3 NAG JA . -30.59 8.72 -2.05
C4 NAG JA . -29.29 7.92 -1.97
C5 NAG JA . -28.82 7.85 -0.53
C6 NAG JA . -27.47 7.19 -0.36
C7 NAG JA . -32.82 10.41 -1.11
C8 NAG JA . -33.99 10.81 -1.95
N2 NAG JA . -31.63 10.85 -1.51
O3 NAG JA . -31.02 8.88 -3.40
O4 NAG JA . -29.55 6.63 -2.50
O5 NAG JA . -28.69 9.17 0.03
O6 NAG JA . -26.46 7.92 -1.06
O7 NAG JA . -32.97 9.70 -0.11
C1 BMA JA . -28.52 5.93 -3.14
C2 BMA JA . -29.07 4.61 -3.60
C3 BMA JA . -28.01 3.85 -4.41
C4 BMA JA . -27.52 4.73 -5.56
C5 BMA JA . -27.02 6.07 -5.02
C6 BMA JA . -26.65 7.03 -6.12
O2 BMA JA . -30.28 4.82 -4.32
O3 BMA JA . -28.49 2.60 -4.90
O4 BMA JA . -26.44 4.09 -6.24
O5 BMA JA . -28.06 6.70 -4.25
O6 BMA JA . -27.76 7.32 -6.95
C1 BMA JA . -29.17 2.55 -6.10
C2 BMA JA . -29.36 1.10 -6.49
C3 BMA JA . -30.11 1.00 -7.80
C4 BMA JA . -31.43 1.73 -7.69
C5 BMA JA . -31.19 3.17 -7.28
C6 BMA JA . -32.47 3.94 -7.04
O2 BMA JA . -30.04 0.40 -5.45
O3 BMA JA . -30.32 -0.37 -8.12
O4 BMA JA . -32.10 1.71 -8.96
O5 BMA JA . -30.45 3.21 -6.04
O6 BMA JA . -32.20 5.25 -6.52
C1 NAG KA . -11.95 34.99 25.93
C2 NAG KA . -10.54 35.47 26.25
C3 NAG KA . -10.59 36.48 27.39
C4 NAG KA . -11.54 37.61 27.05
C5 NAG KA . -12.92 37.04 26.72
C6 NAG KA . -13.90 38.09 26.26
C7 NAG KA . -9.68 33.60 27.63
C8 NAG KA . -8.49 32.71 27.84
N2 NAG KA . -9.65 34.38 26.55
O3 NAG KA . -9.28 36.96 27.64
O4 NAG KA . -11.66 38.47 28.18
O5 NAG KA . -12.81 36.08 25.65
O6 NAG KA . -15.18 37.52 25.99
O7 NAG KA . -10.64 33.59 28.40
C1 NAG KA . -10.83 39.60 28.21
C2 NAG KA . -10.75 40.07 29.66
C3 NAG KA . -12.13 40.50 30.15
C4 NAG KA . -12.70 41.56 29.21
C5 NAG KA . -12.71 41.03 27.78
C6 NAG KA . -13.15 42.06 26.77
C7 NAG KA . -9.00 39.11 31.08
C8 NAG KA . -8.58 37.94 31.90
N2 NAG KA . -10.21 39.03 30.52
O3 NAG KA . -12.00 40.98 31.47
O4 NAG KA . -14.06 41.85 29.56
O5 NAG KA . -11.39 40.61 27.38
O6 NAG KA . -13.15 41.53 25.45
O7 NAG KA . -8.27 40.08 30.91
C1 MAN KA . -14.38 42.74 30.58
C2 MAN KA . -13.72 44.08 30.28
C3 MAN KA . -13.98 45.09 31.37
C4 MAN KA . -13.62 44.51 32.72
C5 MAN KA . -14.29 43.15 32.98
C6 MAN KA . -15.78 43.22 33.14
O2 MAN KA . -14.17 44.55 29.01
O3 MAN KA . -15.36 45.50 31.33
O4 MAN KA . -12.21 44.34 32.80
O5 MAN KA . -14.02 42.26 31.88
O6 MAN KA . -16.35 41.93 33.39
C1 NAG LA . -28.69 7.50 -18.93
C2 NAG LA . -29.98 7.00 -18.29
C3 NAG LA . -30.17 5.52 -18.60
C4 NAG LA . -30.15 5.28 -20.10
C5 NAG LA . -28.84 5.85 -20.68
C6 NAG LA . -28.78 5.78 -22.18
C7 NAG LA . -30.76 8.11 -16.25
C8 NAG LA . -30.76 8.07 -14.76
N2 NAG LA . -29.98 7.21 -16.85
O3 NAG LA . -31.39 5.08 -18.02
O4 NAG LA . -30.21 3.88 -20.33
O5 NAG LA . -28.70 7.24 -20.33
O6 NAG LA . -29.88 6.46 -22.78
O7 NAG LA . -31.42 8.92 -16.88
C1 NAG LA . -31.14 3.32 -21.22
C2 NAG LA . -32.57 3.51 -20.73
C3 NAG LA . -33.52 2.82 -21.69
C4 NAG LA . -33.30 3.35 -23.11
C5 NAG LA . -31.84 3.16 -23.51
C6 NAG LA . -31.52 3.78 -24.85
C7 NAG LA . -33.78 3.25 -18.60
C8 NAG LA . -33.86 2.44 -17.34
N2 NAG LA . -32.72 3.01 -19.38
O3 NAG LA . -34.87 3.02 -21.30
O4 NAG LA . -34.12 2.62 -24.02
O5 NAG LA . -30.98 3.81 -22.54
O6 NAG LA . -31.74 5.18 -24.83
O7 NAG LA . -34.63 4.08 -18.90
C1 NAG MA . -18.35 36.96 -4.13
C2 NAG MA . -17.72 35.78 -4.88
C3 NAG MA . -16.67 36.31 -5.85
C4 NAG MA . -17.31 37.32 -6.80
C5 NAG MA . -17.96 38.43 -5.98
C6 NAG MA . -18.72 39.43 -6.84
C7 NAG MA . -17.63 33.61 -3.76
C8 NAG MA . -16.82 32.70 -2.90
N2 NAG MA . -17.13 34.83 -3.97
O3 NAG MA . -16.09 35.23 -6.58
O4 NAG MA . -16.31 37.86 -7.67
O5 NAG MA . -18.91 37.88 -5.06
O6 NAG MA . -19.30 40.46 -6.04
O7 NAG MA . -18.71 33.27 -4.23
C1 NAG MA . -16.59 37.79 -9.03
C2 NAG MA . -15.41 38.41 -9.79
C3 NAG MA . -15.66 38.28 -11.29
C4 NAG MA . -15.90 36.82 -11.66
C5 NAG MA . -17.06 36.28 -10.83
C6 NAG MA . -17.30 34.80 -11.05
C7 NAG MA . -14.15 40.19 -8.70
C8 NAG MA . -14.09 41.66 -8.39
N2 NAG MA . -15.20 39.79 -9.42
O3 NAG MA . -14.55 38.81 -12.00
O4 NAG MA . -16.24 36.74 -13.04
O5 NAG MA . -16.79 36.44 -9.42
O6 NAG MA . -16.16 34.03 -10.65
O7 NAG MA . -13.29 39.41 -8.31
C1 NAG NA . -21.68 32.13 -6.12
C2 NAG NA . -22.84 32.65 -6.97
C3 NAG NA . -22.43 32.68 -8.44
C4 NAG NA . -21.15 33.49 -8.60
C5 NAG NA . -20.07 32.93 -7.69
C6 NAG NA . -18.79 33.74 -7.73
C7 NAG NA . -25.16 32.35 -6.26
C8 NAG NA . -25.27 33.84 -6.17
N2 NAG NA . -24.05 31.88 -6.80
O3 NAG NA . -23.49 33.20 -9.21
O4 NAG NA . -20.67 33.45 -9.95
O5 NAG NA . -20.51 32.91 -6.32
O6 NAG NA . -17.76 33.12 -6.97
O7 NAG NA . -26.06 31.61 -5.87
C1 NAG NA . -21.24 34.17 -11.00
C2 NAG NA . -21.05 35.68 -10.83
C3 NAG NA . -21.53 36.40 -12.09
C4 NAG NA . -20.80 35.85 -13.31
C5 NAG NA . -21.01 34.34 -13.39
C6 NAG NA . -20.21 33.71 -14.51
C7 NAG NA . -21.09 36.75 -8.64
C8 NAG NA . -21.94 37.12 -7.46
N2 NAG NA . -21.75 36.26 -9.69
O3 NAG NA . -21.32 37.79 -11.95
O4 NAG NA . -21.34 36.46 -14.48
O5 NAG NA . -20.56 33.72 -12.16
O6 NAG NA . -20.42 32.30 -14.55
O7 NAG NA . -19.87 36.89 -8.64
C1 NAG OA . -34.33 24.74 -8.48
C2 NAG OA . -35.78 24.26 -8.37
C3 NAG OA . -36.35 24.03 -9.77
C4 NAG OA . -36.21 25.31 -10.61
C5 NAG OA . -34.74 25.75 -10.63
C6 NAG OA . -34.55 27.09 -11.31
C7 NAG OA . -35.45 21.87 -7.78
C8 NAG OA . -35.85 20.80 -6.81
N2 NAG OA . -35.91 23.09 -7.53
O3 NAG OA . -37.70 23.63 -9.68
O4 NAG OA . -36.67 25.11 -11.94
O5 NAG OA . -34.25 25.91 -9.28
O6 NAG OA . -35.06 27.11 -12.63
O7 NAG OA . -34.74 21.62 -8.76
C1 NAG OA . -36.16 24.22 -12.88
C2 NAG OA . -36.77 22.83 -12.75
C3 NAG OA . -38.17 22.77 -13.35
C4 NAG OA . -38.24 23.39 -14.75
C5 NAG OA . -37.55 24.76 -14.83
C6 NAG OA . -38.37 25.93 -14.28
C7 NAG OA . -35.27 20.91 -12.66
C8 NAG OA . -34.46 19.93 -13.47
N2 NAG OA . -35.94 21.83 -13.36
O3 NAG OA . -39.09 23.41 -12.47
O4 NAG OA . -37.63 22.50 -15.69
O5 NAG OA . -36.24 24.76 -14.20
O6 NAG OA . -38.80 25.77 -12.93
O7 NAG OA . -35.31 20.87 -11.43
C1 BMA OA . -37.97 22.72 -17.02
C2 BMA OA . -37.58 21.49 -17.82
C3 BMA OA . -38.11 21.57 -19.25
C4 BMA OA . -39.62 21.82 -19.23
C5 BMA OA . -39.95 23.03 -18.38
C6 BMA OA . -41.43 23.25 -18.21
O2 BMA OA . -38.06 20.32 -17.17
O3 BMA OA . -37.77 20.35 -19.90
O4 BMA OA . -40.12 22.06 -20.53
O5 BMA OA . -39.39 22.91 -17.05
O6 BMA OA . -41.69 24.48 -17.54
C1 MAN OA . -37.81 20.28 -21.29
C2 MAN OA . -39.03 19.47 -21.72
C3 MAN OA . -38.94 18.06 -21.16
C4 MAN OA . -37.64 17.42 -21.62
C5 MAN OA . -36.45 18.28 -21.20
C6 MAN OA . -35.13 17.75 -21.70
O2 MAN OA . -39.13 19.49 -23.14
O3 MAN OA . -40.05 17.27 -21.57
O4 MAN OA . -37.50 16.13 -21.03
O5 MAN OA . -36.61 19.61 -21.73
O6 MAN OA . -34.06 18.63 -21.35
C1 BMA OA . -40.39 19.55 -23.73
C2 BMA OA . -40.21 19.60 -25.22
C3 BMA OA . -41.54 19.64 -25.94
C4 BMA OA . -42.39 18.46 -25.51
C5 BMA OA . -42.53 18.44 -23.99
C6 BMA OA . -43.26 17.22 -23.48
O2 BMA OA . -39.43 18.47 -25.65
O3 BMA OA . -41.34 19.61 -27.36
O4 BMA OA . -43.69 18.54 -26.10
O5 BMA OA . -41.22 18.44 -23.38
O6 BMA OA . -43.25 17.17 -22.05
C1 BMA OA . -43.05 24.70 -17.30
C2 BMA OA . -43.54 23.61 -16.36
C3 BMA OA . -44.98 23.87 -15.97
C4 BMA OA . -45.10 25.26 -15.35
C5 BMA OA . -44.57 26.31 -16.32
C6 BMA OA . -44.55 27.70 -15.73
O2 BMA OA . -42.70 23.55 -15.22
O3 BMA OA . -45.41 22.88 -15.03
O4 BMA OA . -46.47 25.55 -15.07
O5 BMA OA . -43.21 25.99 -16.69
O6 BMA OA . -43.95 28.63 -16.63
C1 NAG PA . 55.19 6.41 20.61
C2 NAG PA . 55.95 6.25 19.31
C3 NAG PA . 57.30 5.60 19.58
C4 NAG PA . 58.07 6.40 20.62
C5 NAG PA . 57.22 6.55 21.88
C6 NAG PA . 57.87 7.43 22.92
C7 NAG PA . 54.65 6.01 17.25
C8 NAG PA . 53.90 5.07 16.37
N2 NAG PA . 55.20 5.47 18.35
O3 NAG PA . 58.04 5.49 18.37
O4 NAG PA . 59.27 5.72 20.95
O5 NAG PA . 55.95 7.14 21.56
O6 NAG PA . 57.06 7.53 24.09
O7 NAG PA . 54.75 7.21 17.01
C1 NAG QA . 24.69 -8.85 54.19
C2 NAG QA . 23.44 -8.07 54.59
C3 NAG QA . 23.31 -8.05 56.10
C4 NAG QA . 23.31 -9.48 56.65
C5 NAG QA . 24.57 -10.20 56.17
C6 NAG QA . 24.61 -11.65 56.57
C7 NAG QA . 22.73 -6.30 53.04
C8 NAG QA . 22.68 -4.82 52.82
N2 NAG QA . 23.49 -6.71 54.06
O3 NAG QA . 22.11 -7.37 56.47
O4 NAG QA . 23.30 -9.44 58.06
O5 NAG QA . 24.66 -10.16 54.73
O6 NAG QA . 24.53 -11.81 57.99
O7 NAG QA . 22.12 -7.09 52.32
C1 NAG RA . 38.73 9.14 -15.90
C2 NAG RA . 39.93 9.38 -14.98
C3 NAG RA . 40.62 8.05 -14.69
C4 NAG RA . 39.62 7.05 -14.13
C5 NAG RA . 38.44 6.91 -15.08
C6 NAG RA . 37.35 6.02 -14.53
C7 NAG RA . 41.64 10.20 -16.60
C8 NAG RA . 42.66 11.26 -16.82
N2 NAG RA . 40.86 10.35 -15.53
O3 NAG RA . 41.71 8.25 -13.80
O4 NAG RA . 40.25 5.79 -13.98
O5 NAG RA . 37.84 8.19 -15.34
O6 NAG RA . 37.83 4.71 -14.23
O7 NAG RA . 41.51 9.24 -17.37
C1 NAG SA . 36.81 -13.74 32.03
C2 NAG SA . 37.81 -13.98 30.91
C3 NAG SA . 37.29 -15.10 30.00
C4 NAG SA . 37.01 -16.35 30.82
C5 NAG SA . 36.04 -16.02 31.94
C6 NAG SA . 35.78 -17.17 32.87
C7 NAG SA . 39.06 -12.57 29.32
C8 NAG SA . 39.02 -11.27 28.56
N2 NAG SA . 38.06 -12.75 30.18
O3 NAG SA . 38.22 -15.38 28.97
O4 NAG SA . 36.43 -17.35 29.98
O5 NAG SA . 36.57 -14.94 32.75
O6 NAG SA . 34.85 -16.83 33.89
O7 NAG SA . 39.95 -13.40 29.16
C1 NAG TA . 39.79 -21.85 21.95
C2 NAG TA . 39.51 -22.31 20.53
C3 NAG TA . 39.84 -23.79 20.39
C4 NAG TA . 41.27 -24.07 20.83
C5 NAG TA . 41.47 -23.55 22.25
C6 NAG TA . 42.90 -23.66 22.72
C7 NAG TA . 37.09 -22.75 20.51
C8 NAG TA . 36.37 -22.20 21.71
N2 NAG TA . 38.15 -22.06 20.10
O3 NAG TA . 39.63 -24.21 19.04
O4 NAG TA . 41.52 -25.47 20.81
O5 NAG TA . 41.13 -22.14 22.34
O6 NAG TA . 43.35 -25.02 22.69
O7 NAG TA . 36.70 -23.76 19.93
C1 NAG UA . 39.49 18.10 17.67
C2 NAG UA . 40.95 18.54 17.70
C3 NAG UA . 41.31 19.02 19.11
C4 NAG UA . 40.34 20.11 19.55
C5 NAG UA . 38.90 19.60 19.45
C6 NAG UA . 37.89 20.69 19.75
C7 NAG UA . 43.12 17.61 16.95
C8 NAG UA . 43.86 16.33 16.68
N2 NAG UA . 41.84 17.47 17.29
O3 NAG UA . 42.64 19.48 19.16
O4 NAG UA . 40.61 20.45 20.90
O5 NAG UA . 38.63 19.14 18.12
O6 NAG UA . 38.00 21.76 18.82
O7 NAG UA . 43.65 18.70 16.86
C1 NAG VA . 53.41 3.12 9.60
C2 NAG VA . 53.51 4.26 8.58
C3 NAG VA . 54.33 3.79 7.39
C4 NAG VA . 55.68 3.28 7.84
C5 NAG VA . 55.50 2.19 8.89
C6 NAG VA . 56.81 1.71 9.48
C7 NAG VA . 51.72 5.92 8.51
C8 NAG VA . 50.46 6.34 7.80
N2 NAG VA . 52.21 4.73 8.15
O3 NAG VA . 54.47 4.86 6.46
O4 NAG VA . 56.39 2.75 6.73
O5 NAG VA . 54.69 2.67 9.98
O6 NAG VA . 57.67 1.20 8.47
O7 NAG VA . 52.27 6.63 9.35
C1 NAG WA . 33.64 12.24 24.39
C2 NAG WA . 33.85 12.84 25.78
C3 NAG WA . 32.53 13.36 26.32
C4 NAG WA . 31.92 14.35 25.34
C5 NAG WA . 31.77 13.69 23.97
C6 NAG WA . 31.29 14.65 22.90
C7 NAG WA . 34.98 12.18 27.86
C8 NAG WA . 35.18 11.03 28.81
N2 NAG WA . 34.46 11.87 26.68
O3 NAG WA . 32.71 13.96 27.59
O4 NAG WA . 30.63 14.74 25.80
O5 NAG WA . 33.05 13.20 23.52
O6 NAG WA . 30.01 15.19 23.24
O7 NAG WA . 35.29 13.33 28.17
C1 NAG XA . 46.67 -3.80 4.31
C2 NAG XA . 45.62 -3.95 3.21
C3 NAG XA . 46.14 -4.88 2.13
C4 NAG XA . 47.47 -4.35 1.60
C5 NAG XA . 48.45 -4.18 2.75
C6 NAG XA . 49.75 -3.55 2.32
C7 NAG XA . 43.28 -3.66 3.81
C8 NAG XA . 42.05 -4.30 4.40
N2 NAG XA . 44.36 -4.43 3.74
O3 NAG XA . 45.18 -5.01 1.09
O4 NAG XA . 48.00 -5.28 0.65
O5 NAG XA . 47.88 -3.32 3.75
O6 NAG XA . 49.52 -2.27 1.73
O7 NAG XA . 43.29 -2.50 3.43
C1 NAG YA . -12.24 -55.60 -9.18
C2 NAG YA . -12.76 -55.44 -10.61
C3 NAG YA . -13.96 -56.37 -10.81
C4 NAG YA . -13.56 -57.80 -10.48
C5 NAG YA . -13.01 -57.86 -9.05
C6 NAG YA . -12.49 -59.23 -8.69
C7 NAG YA . -12.44 -53.28 -11.70
C8 NAG YA . -12.96 -51.88 -11.86
N2 NAG YA . -13.14 -54.08 -10.89
O3 NAG YA . -14.42 -56.27 -12.16
O4 NAG YA . -14.71 -58.64 -10.56
O5 NAG YA . -11.91 -56.94 -8.91
O6 NAG YA . -12.01 -59.25 -7.35
O7 NAG YA . -11.44 -53.68 -12.29
C1 NAG ZA . -19.56 -43.75 35.82
C2 NAG ZA . -18.41 -43.51 36.79
C3 NAG ZA . -18.15 -44.77 37.60
C4 NAG ZA . -19.42 -45.21 38.30
C5 NAG ZA . -20.53 -45.40 37.27
C6 NAG ZA . -21.87 -45.73 37.89
C7 NAG ZA . -16.74 -41.83 36.19
C8 NAG ZA . -15.50 -41.54 35.42
N2 NAG ZA . -17.21 -43.08 36.10
O3 NAG ZA . -17.10 -44.53 38.53
O4 NAG ZA . -19.19 -46.45 38.96
O5 NAG ZA . -20.73 -44.19 36.51
O6 NAG ZA . -21.80 -46.93 38.66
O7 NAG ZA . -17.31 -40.97 36.87
C1 NAG AB . -25.07 -39.67 11.75
C2 NAG AB . -25.67 -38.58 10.86
C3 NAG AB . -26.91 -38.00 11.53
C4 NAG AB . -27.90 -39.11 11.85
C5 NAG AB . -27.22 -40.17 12.70
C6 NAG AB . -28.10 -41.37 12.97
C7 NAG AB . -24.10 -37.35 9.41
C8 NAG AB . -23.10 -36.25 9.36
N2 NAG AB . -24.69 -37.54 10.61
O3 NAG AB . -27.49 -37.02 10.68
O4 NAG AB . -29.00 -38.57 12.58
O5 NAG AB . -26.04 -40.67 12.04
O6 NAG AB . -27.44 -42.33 13.78
O7 NAG AB . -24.37 -38.05 8.44
C1 NAG BB . 6.07 -46.03 -5.46
C2 NAG BB . 5.57 -47.42 -5.84
C3 NAG BB . 6.07 -48.44 -4.82
C4 NAG BB . 7.59 -48.36 -4.70
C5 NAG BB . 7.99 -46.93 -4.35
C6 NAG BB . 9.50 -46.73 -4.33
C7 NAG BB . 3.48 -47.74 -7.11
C8 NAG BB . 2.00 -47.79 -7.02
N2 NAG BB . 4.13 -47.53 -5.95
O3 NAG BB . 5.66 -49.74 -5.20
O4 NAG BB . 8.01 -49.22 -3.65
O5 NAG BB . 7.47 -46.01 -5.32
O6 NAG BB . 9.84 -45.40 -3.99
O7 NAG BB . 4.09 -47.85 -8.17
C1 NAG CB . -13.28 -47.54 -17.43
C2 NAG CB . -12.34 -47.40 -18.63
C3 NAG CB . -13.15 -47.57 -19.91
C4 NAG CB . -13.90 -48.89 -19.88
C5 NAG CB . -14.78 -48.97 -18.64
C6 NAG CB . -15.47 -50.31 -18.48
C7 NAG CB . -10.61 -45.78 -19.31
C8 NAG CB . -10.13 -44.37 -19.15
N2 NAG CB . -11.66 -46.12 -18.57
O3 NAG CB . -12.30 -47.50 -21.05
O4 NAG CB . -14.73 -48.99 -21.04
O5 NAG CB . -13.97 -48.78 -17.45
O6 NAG CB . -16.29 -50.60 -19.60
O7 NAG CB . -10.05 -46.57 -20.06
C1 NAG DB . 0.72 -42.82 4.57
C2 NAG DB . 1.04 -43.87 5.63
C3 NAG DB . 1.76 -43.21 6.81
C4 NAG DB . 2.98 -42.46 6.32
C5 NAG DB . 2.58 -41.45 5.24
C6 NAG DB . 3.76 -40.74 4.62
C7 NAG DB . -0.18 -45.69 6.77
C8 NAG DB . -1.50 -46.03 7.40
N2 NAG DB . -0.16 -44.56 6.04
O3 NAG DB . 2.11 -44.17 7.78
O4 NAG DB . 3.56 -41.75 7.41
O5 NAG DB . 1.90 -42.13 4.17
O6 NAG DB . 4.50 -40.01 5.59
O7 NAG DB . 0.81 -46.38 6.91
C1 NAG EB . 2.28 -25.29 -32.22
C2 NAG EB . 1.32 -26.15 -31.40
C3 NAG EB . -0.04 -26.15 -32.07
C4 NAG EB . -0.54 -24.73 -32.24
C5 NAG EB . 0.49 -23.92 -33.03
C6 NAG EB . 0.12 -22.47 -33.16
C7 NAG EB . 1.98 -28.43 -32.13
C8 NAG EB . 2.21 -29.82 -31.63
N2 NAG EB . 1.83 -27.49 -31.18
O3 NAG EB . -0.95 -26.92 -31.28
O4 NAG EB . -1.77 -24.74 -32.97
O5 NAG EB . 1.77 -23.98 -32.38
O6 NAG EB . 1.11 -21.75 -33.89
O7 NAG EB . 1.92 -28.18 -33.32
C1 NAG FB . -37.15 37.30 4.69
C2 NAG FB . -36.80 38.14 3.47
C3 NAG FB . -37.02 39.62 3.79
C4 NAG FB . -38.46 39.84 4.26
C5 NAG FB . -38.74 38.93 5.45
C6 NAG FB . -40.18 39.00 5.90
C7 NAG FB . -35.11 37.25 1.94
C8 NAG FB . -33.66 37.10 1.65
N2 NAG FB . -35.43 37.91 3.05
O3 NAG FB . -36.73 40.40 2.64
O4 NAG FB . -38.62 41.19 4.65
O5 NAG FB . -38.48 37.55 5.11
O6 NAG FB . -40.41 38.15 7.03
O7 NAG FB . -35.97 36.79 1.20
C1 NAG GB . -29.54 13.30 44.60
C2 NAG GB . -29.50 11.79 44.82
C3 NAG GB . -30.77 11.37 45.56
C4 NAG GB . -30.91 12.13 46.86
C5 NAG GB . -30.90 13.63 46.56
C6 NAG GB . -30.92 14.48 47.81
C7 NAG GB . -28.42 11.05 42.71
C8 NAG GB . -28.68 10.35 41.41
N2 NAG GB . -29.39 10.98 43.62
O3 NAG GB . -30.73 9.96 45.80
O4 NAG GB . -32.15 11.79 47.47
O5 NAG GB . -29.70 13.98 45.84
O6 NAG GB . -32.07 14.21 48.60
O7 NAG GB . -27.36 11.62 42.93
C1 NAG HB . -11.96 26.23 -25.52
C2 NAG HB . -13.09 27.15 -25.06
C3 NAG HB . -12.49 28.44 -24.54
C4 NAG HB . -11.48 28.16 -23.45
C5 NAG HB . -10.41 27.20 -23.97
C6 NAG HB . -9.43 26.77 -22.91
C7 NAG HB . -13.87 28.09 -27.23
C8 NAG HB . -15.10 28.37 -28.03
N2 NAG HB . -14.06 27.39 -26.11
O3 NAG HB . -13.53 29.29 -24.07
O4 NAG HB . -10.85 29.38 -23.06
O5 NAG HB . -11.03 25.99 -24.48
O6 NAG HB . -8.76 27.90 -22.34
O7 NAG HB . -12.76 28.45 -27.59
C1 NAG IB . -21.64 29.90 28.67
C2 NAG IB . -20.90 30.49 27.48
C3 NAG IB . -21.02 32.02 27.52
C4 NAG IB . -22.47 32.43 27.59
C5 NAG IB . -23.15 31.76 28.79
C6 NAG IB . -24.64 32.03 28.86
C7 NAG IB . -19.01 29.31 26.47
C8 NAG IB . -17.58 29.58 26.08
N2 NAG IB . -19.51 30.11 27.42
O3 NAG IB . -20.39 32.57 26.38
O4 NAG IB . -22.55 33.85 27.76
O5 NAG IB . -23.00 30.33 28.72
O6 NAG IB . -25.23 31.40 29.98
O7 NAG IB . -19.66 28.41 25.96
C1 NAG JB . -36.38 18.01 -2.44
C2 NAG JB . -37.47 18.92 -1.86
C3 NAG JB . -38.29 18.14 -0.85
C4 NAG JB . -38.84 16.86 -1.49
C5 NAG JB . -37.70 16.03 -2.07
C6 NAG JB . -38.18 14.82 -2.83
C7 NAG JB . -37.59 21.21 -0.91
C8 NAG JB . -36.80 22.27 -0.21
N2 NAG JB . -36.90 20.11 -1.26
O3 NAG JB . -39.35 18.93 -0.34
O4 NAG JB . -39.51 16.10 -0.49
O5 NAG JB . -36.94 16.83 -3.00
O6 NAG JB . -38.98 15.20 -3.95
O7 NAG JB . -38.78 21.33 -1.17
C1 NAG KB . -28.04 39.33 -2.44
C2 NAG KB . -28.46 39.10 -3.90
C3 NAG KB . -27.82 40.17 -4.77
C4 NAG KB . -28.19 41.55 -4.27
C5 NAG KB . -27.78 41.68 -2.79
C6 NAG KB . -28.22 42.99 -2.18
C7 NAG KB . -29.01 36.83 -4.60
C8 NAG KB . -28.48 35.55 -5.18
N2 NAG KB . -28.10 37.77 -4.35
O3 NAG KB . -28.23 40.00 -6.12
O4 NAG KB . -27.48 42.53 -5.03
O5 NAG KB . -28.39 40.64 -2.02
O6 NAG KB . -27.66 44.11 -2.87
O7 NAG KB . -30.20 37.00 -4.39
C1 NAG LB . -32.86 15.13 8.54
C2 NAG LB . -34.30 15.57 8.74
C3 NAG LB . -35.23 14.41 8.39
C4 NAG LB . -34.94 13.91 6.99
C5 NAG LB . -33.46 13.52 6.87
C6 NAG LB . -33.06 13.14 5.46
C7 NAG LB . -35.39 15.72 10.98
C8 NAG LB . -34.89 15.12 12.26
N2 NAG LB . -34.45 16.07 10.09
O3 NAG LB . -36.58 14.82 8.49
O4 NAG LB . -35.73 12.75 6.72
O5 NAG LB . -32.62 14.65 7.23
O6 NAG LB . -31.67 12.86 5.38
O7 NAG LB . -36.58 15.91 10.78
C1 NAG MB . 9.48 -36.22 50.44
C2 NAG MB . 9.48 -37.56 51.19
C3 NAG MB . 10.65 -38.41 50.71
C4 NAG MB . 10.61 -38.56 49.20
C5 NAG MB . 10.57 -37.19 48.54
C6 NAG MB . 10.39 -37.27 47.04
C7 NAG MB . 10.48 -36.94 53.39
C8 NAG MB . 10.22 -36.90 54.86
N2 NAG MB . 9.48 -37.40 52.62
O3 NAG MB . 10.62 -39.67 51.36
O4 NAG MB . 11.77 -39.27 48.76
O5 NAG MB . 9.46 -36.42 49.04
O6 NAG MB . 10.22 -35.97 46.48
O7 NAG MB . 11.55 -36.56 52.90
C1 NAG NB . 19.19 -30.16 40.65
C2 NAG NB . 19.42 -28.99 41.60
C3 NAG NB . 20.90 -28.59 41.58
C4 NAG NB . 21.78 -29.80 41.88
C5 NAG NB . 21.46 -30.93 40.90
C6 NAG NB . 22.20 -32.21 41.23
C7 NAG NB . 18.65 -26.91 40.38
C8 NAG NB . 19.20 -27.35 39.07
N2 NAG NB . 18.59 -27.82 41.37
O3 NAG NB . 21.13 -27.56 42.52
O4 NAG NB . 23.15 -29.42 41.72
O5 NAG NB . 20.06 -31.25 40.95
O6 NAG NB . 23.62 -32.01 41.20
O7 NAG NB . 18.24 -25.77 40.57
C1 NAG OB . -36.09 -16.71 45.43
C2 NAG OB . -36.24 -16.84 43.91
C3 NAG OB . -35.71 -15.58 43.24
C4 NAG OB . -36.42 -14.36 43.80
C5 NAG OB . -36.26 -14.31 45.31
C6 NAG OB . -37.05 -13.19 45.95
C7 NAG OB . -35.68 -19.25 43.71
C8 NAG OB . -36.99 -19.89 43.39
N2 NAG OB . -35.54 -17.98 43.34
O3 NAG OB . -35.89 -15.68 41.84
O4 NAG OB . -35.86 -13.17 43.23
O5 NAG OB . -36.74 -15.54 45.89
O6 NAG OB . -38.45 -13.33 45.69
O7 NAG OB . -34.77 -19.88 44.25
C1 NAG PB . -35.15 -21.58 32.02
C2 NAG PB . -35.38 -22.73 31.02
C3 NAG PB . -36.49 -22.34 30.05
C4 NAG PB . -37.75 -21.97 30.82
C5 NAG PB . -37.43 -20.85 31.81
C6 NAG PB . -38.61 -20.49 32.69
C7 NAG PB . -33.47 -24.19 30.51
C8 NAG PB . -34.06 -25.16 31.49
N2 NAG PB . -34.16 -23.06 30.31
O3 NAG PB . -36.73 -23.43 29.16
O4 NAG PB . -38.74 -21.50 29.90
O5 NAG PB . -36.36 -21.24 32.69
O6 NAG PB . -39.00 -21.61 33.49
O7 NAG PB . -32.42 -24.41 29.92
C1 NAG QB . -0.57 13.59 60.45
C2 NAG QB . 0.31 13.70 61.70
C3 NAG QB . 0.62 15.17 61.98
C4 NAG QB . 1.27 15.80 60.75
C5 NAG QB . 0.35 15.61 59.54
C6 NAG QB . 0.98 16.11 58.26
C7 NAG QB . -1.44 13.46 63.46
C8 NAG QB . -1.80 12.71 64.71
N2 NAG QB . -0.33 13.06 62.84
O3 NAG QB . 1.46 15.27 63.12
O4 NAG QB . 1.44 17.19 60.99
O5 NAG QB . 0.07 14.21 59.35
O6 NAG QB . 1.27 17.51 58.34
O7 NAG QB . -2.13 14.37 63.04
C1 NAG RB . -6.58 19.18 47.30
C2 NAG RB . -7.18 20.58 47.15
C3 NAG RB . -7.88 20.69 45.80
C4 NAG RB . -6.90 20.34 44.68
C5 NAG RB . -6.32 18.95 44.92
C6 NAG RB . -5.26 18.59 43.92
C7 NAG RB . -7.88 21.78 49.18
C8 NAG RB . -6.60 22.56 49.04
N2 NAG RB . -8.11 20.87 48.22
O3 NAG RB . -8.38 22.01 45.64
O4 NAG RB . -7.61 20.33 43.44
O5 NAG RB . -5.70 18.89 46.23
O6 NAG RB . -4.15 19.48 43.98
O7 NAG RB . -8.65 21.95 50.11
#